data_2JMR
#
_entry.id   2JMR
#
_cell.length_a   1.000
_cell.length_b   1.000
_cell.length_c   1.000
_cell.angle_alpha   90.00
_cell.angle_beta   90.00
_cell.angle_gamma   90.00
#
_symmetry.space_group_name_H-M   'P 1'
#
_entity_poly.entity_id   1
_entity_poly.type   'polypeptide(L)'
_entity_poly.pdbx_seq_one_letter_code
;MADSTITIRGYVRDNGCSVAAESTNFTVDLMENAAKQFNNIGATTPVVPFRILLSPCGNAVSAVKVGFTGVADSHNANLL
ALENTVSAASGLGIQLLNEQQNQIPLNAPSSALSWTTLTPGKPNTLNFYARLMATQVPVTAGHINATATFTLEYQDNHHH
HHHKQADSTITIRGYVRDN
;
_entity_poly.pdbx_strand_id   A
#
# COMPACT_ATOMS: atom_id res chain seq x y z
N MET A 1 -20.88 -14.40 3.74
CA MET A 1 -21.61 -13.39 2.96
C MET A 1 -20.96 -12.02 3.17
N ALA A 2 -21.43 -10.98 2.49
CA ALA A 2 -20.90 -9.63 2.58
C ALA A 2 -22.08 -8.68 2.80
N ASP A 3 -22.29 -8.22 4.03
CA ASP A 3 -23.34 -7.26 4.39
C ASP A 3 -22.75 -6.18 5.30
N SER A 4 -23.21 -4.93 5.19
CA SER A 4 -22.66 -3.79 5.91
C SER A 4 -23.77 -2.77 6.23
N THR A 5 -23.49 -1.87 7.18
CA THR A 5 -24.38 -0.80 7.56
C THR A 5 -24.20 0.35 6.58
N ILE A 6 -25.28 0.72 5.90
CA ILE A 6 -25.31 1.80 4.91
C ILE A 6 -26.67 2.48 5.05
N THR A 7 -26.71 3.81 5.01
CA THR A 7 -27.93 4.64 5.11
C THR A 7 -28.83 4.31 6.33
N ILE A 8 -28.29 3.62 7.34
CA ILE A 8 -28.95 3.02 8.49
C ILE A 8 -28.23 3.55 9.76
N ARG A 9 -28.72 3.17 10.94
CA ARG A 9 -28.10 3.45 12.24
C ARG A 9 -26.66 2.95 12.30
N GLY A 10 -25.98 3.38 13.37
CA GLY A 10 -24.74 2.81 13.87
C GLY A 10 -23.67 2.95 12.81
N TYR A 11 -23.21 4.18 12.60
CA TYR A 11 -22.22 4.55 11.65
C TYR A 11 -21.28 5.47 12.42
N VAL A 12 -20.00 5.23 12.21
CA VAL A 12 -18.81 5.96 12.62
C VAL A 12 -18.83 7.42 12.15
N ARG A 13 -17.71 8.14 12.08
CA ARG A 13 -17.75 9.47 11.46
C ARG A 13 -18.01 9.30 9.97
N ASP A 14 -18.99 10.04 9.45
CA ASP A 14 -19.28 10.21 8.02
C ASP A 14 -18.01 10.51 7.24
N ASN A 15 -17.42 11.71 7.32
CA ASN A 15 -16.16 12.02 6.66
C ASN A 15 -15.02 11.21 7.29
N GLY A 16 -14.75 10.03 6.72
CA GLY A 16 -13.69 9.13 7.14
C GLY A 16 -14.12 7.69 6.86
N CYS A 17 -13.45 6.73 7.49
CA CYS A 17 -13.84 5.33 7.58
C CYS A 17 -13.10 4.76 8.81
N SER A 18 -13.34 3.49 9.16
CA SER A 18 -12.61 2.82 10.24
C SER A 18 -11.26 2.24 9.80
N VAL A 19 -11.15 1.79 8.54
CA VAL A 19 -10.14 0.83 8.07
C VAL A 19 -10.41 -0.52 8.76
N ALA A 20 -10.60 -1.57 7.95
CA ALA A 20 -10.90 -2.89 8.48
C ALA A 20 -9.63 -3.50 9.06
N ALA A 21 -9.80 -4.51 9.92
CA ALA A 21 -8.69 -5.37 10.32
C ALA A 21 -8.04 -6.03 9.10
N GLU A 22 -8.82 -6.30 8.05
CA GLU A 22 -8.37 -6.94 6.80
C GLU A 22 -7.41 -6.06 5.99
N SER A 23 -7.16 -4.82 6.43
CA SER A 23 -6.37 -3.85 5.69
C SER A 23 -5.34 -3.15 6.58
N THR A 24 -5.72 -2.71 7.79
CA THR A 24 -4.77 -2.14 8.74
C THR A 24 -3.81 -3.22 9.27
N ASN A 25 -4.19 -4.51 9.22
CA ASN A 25 -3.59 -5.53 10.06
C ASN A 25 -3.47 -6.86 9.31
N PHE A 26 -2.70 -6.86 8.21
CA PHE A 26 -2.55 -8.03 7.36
C PHE A 26 -1.12 -8.14 6.79
N THR A 27 -0.89 -9.16 5.98
CA THR A 27 0.36 -9.47 5.31
C THR A 27 0.11 -9.68 3.81
N VAL A 28 0.87 -9.02 2.95
CA VAL A 28 0.88 -9.29 1.52
C VAL A 28 1.77 -10.52 1.30
N ASP A 29 1.19 -11.57 0.71
CA ASP A 29 1.93 -12.68 0.11
C ASP A 29 2.40 -12.24 -1.27
N LEU A 30 3.55 -11.57 -1.26
CA LEU A 30 4.48 -11.67 -2.36
C LEU A 30 4.98 -13.09 -2.21
N MET A 31 4.67 -13.90 -3.21
CA MET A 31 5.27 -15.21 -3.42
C MET A 31 6.82 -15.09 -3.51
N GLU A 32 7.48 -16.17 -3.93
CA GLU A 32 8.89 -16.12 -4.33
C GLU A 32 9.13 -15.00 -5.35
N ASN A 33 10.39 -14.59 -5.47
CA ASN A 33 10.79 -13.47 -6.30
C ASN A 33 11.96 -13.74 -7.23
N ALA A 34 12.74 -14.82 -7.05
CA ALA A 34 13.88 -15.19 -7.91
C ALA A 34 14.97 -14.11 -8.05
N ALA A 35 16.20 -14.39 -7.63
CA ALA A 35 17.34 -13.55 -7.95
C ALA A 35 17.47 -13.48 -9.47
N LYS A 36 17.38 -14.64 -10.11
CA LYS A 36 17.83 -14.84 -11.46
C LYS A 36 17.00 -14.07 -12.50
N GLN A 37 15.91 -13.42 -12.14
CA GLN A 37 15.07 -12.66 -13.07
C GLN A 37 15.30 -11.16 -13.02
N PHE A 38 16.10 -10.66 -12.07
CA PHE A 38 16.25 -9.23 -11.84
C PHE A 38 17.62 -8.79 -12.33
N ASN A 39 17.71 -8.60 -13.63
CA ASN A 39 18.93 -8.34 -14.37
C ASN A 39 18.84 -7.05 -15.18
N ASN A 40 18.17 -6.03 -14.61
CA ASN A 40 18.12 -4.62 -14.94
C ASN A 40 16.90 -3.96 -14.31
N ILE A 41 16.90 -2.63 -14.29
CA ILE A 41 15.95 -1.78 -13.60
C ILE A 41 14.51 -1.94 -14.14
N GLY A 42 14.32 -2.35 -15.40
CA GLY A 42 12.99 -2.57 -15.96
C GLY A 42 12.31 -3.84 -15.44
N ALA A 43 13.07 -4.75 -14.81
CA ALA A 43 12.58 -6.05 -14.39
C ALA A 43 11.44 -5.94 -13.38
N THR A 44 10.26 -6.44 -13.75
CA THR A 44 8.99 -6.29 -13.05
C THR A 44 8.25 -7.64 -13.04
N THR A 45 8.10 -8.24 -11.85
CA THR A 45 7.52 -9.55 -11.57
C THR A 45 5.99 -9.62 -11.81
N PRO A 46 5.31 -10.79 -11.67
CA PRO A 46 3.86 -10.92 -11.90
C PRO A 46 3.04 -10.29 -10.77
N VAL A 47 2.82 -8.99 -10.87
CA VAL A 47 2.20 -8.07 -9.91
C VAL A 47 0.98 -8.65 -9.19
N VAL A 48 1.12 -8.97 -7.89
CA VAL A 48 0.14 -9.72 -7.12
C VAL A 48 -1.04 -8.79 -6.78
N PRO A 49 -2.31 -9.26 -6.83
CA PRO A 49 -3.47 -8.45 -6.49
C PRO A 49 -3.47 -8.15 -4.99
N PHE A 50 -3.71 -6.89 -4.65
CA PHE A 50 -3.64 -6.35 -3.30
C PHE A 50 -4.75 -5.30 -3.16
N ARG A 51 -5.36 -5.17 -1.99
CA ARG A 51 -6.29 -4.08 -1.70
C ARG A 51 -6.25 -3.68 -0.24
N ILE A 52 -6.81 -2.50 0.03
CA ILE A 52 -7.04 -1.91 1.32
C ILE A 52 -8.56 -1.79 1.40
N LEU A 53 -9.21 -2.74 2.05
CA LEU A 53 -10.64 -2.71 2.31
C LEU A 53 -10.91 -1.68 3.41
N LEU A 54 -11.69 -0.64 3.12
CA LEU A 54 -12.10 0.33 4.15
C LEU A 54 -13.53 0.00 4.57
N SER A 55 -13.76 -0.33 5.85
CA SER A 55 -15.08 -0.56 6.44
C SER A 55 -14.93 -0.68 7.98
N PRO A 56 -16.02 -0.47 8.76
CA PRO A 56 -17.22 0.21 8.33
C PRO A 56 -16.89 1.67 8.04
N CYS A 57 -17.69 2.31 7.19
CA CYS A 57 -17.59 3.73 6.93
C CYS A 57 -18.93 4.37 7.29
N GLY A 58 -18.96 5.69 7.32
CA GLY A 58 -20.16 6.46 7.54
C GLY A 58 -20.89 6.72 6.22
N ASN A 59 -21.63 7.84 6.16
CA ASN A 59 -22.63 8.05 5.13
C ASN A 59 -22.41 9.28 4.25
N ALA A 60 -21.32 10.04 4.46
CA ALA A 60 -21.02 11.23 3.68
C ALA A 60 -19.51 11.29 3.47
N VAL A 61 -19.07 10.98 2.27
CA VAL A 61 -17.69 11.04 1.83
C VAL A 61 -17.67 11.56 0.38
N SER A 62 -16.54 12.16 -0.05
CA SER A 62 -16.41 12.68 -1.41
C SER A 62 -15.18 12.15 -2.16
N ALA A 63 -14.22 11.55 -1.45
CA ALA A 63 -13.03 10.81 -1.84
C ALA A 63 -12.03 10.93 -0.68
N VAL A 64 -10.86 10.37 -0.85
CA VAL A 64 -9.70 10.60 0.01
C VAL A 64 -8.52 10.92 -0.89
N LYS A 65 -7.32 11.00 -0.33
CA LYS A 65 -6.07 10.84 -1.09
C LYS A 65 -5.27 9.79 -0.34
N VAL A 66 -4.43 8.99 -0.97
CA VAL A 66 -3.59 8.07 -0.20
C VAL A 66 -2.40 8.85 0.35
N GLY A 67 -1.66 8.26 1.28
CA GLY A 67 -0.37 8.73 1.75
C GLY A 67 0.45 7.55 2.20
N PHE A 68 1.11 6.84 1.28
CA PHE A 68 1.96 5.72 1.66
C PHE A 68 3.26 6.31 2.17
N THR A 69 3.79 5.83 3.31
CA THR A 69 5.12 6.25 3.72
C THR A 69 5.84 5.15 4.49
N GLY A 70 7.12 4.99 4.18
CA GLY A 70 7.98 3.90 4.60
C GLY A 70 9.43 4.36 4.56
N VAL A 71 10.38 3.47 4.85
CA VAL A 71 11.79 3.67 4.54
C VAL A 71 11.93 3.61 3.01
N ALA A 72 12.29 4.72 2.37
CA ALA A 72 12.52 4.79 0.93
C ALA A 72 13.96 4.39 0.57
N ASP A 73 14.12 3.61 -0.51
CA ASP A 73 15.42 3.06 -0.95
C ASP A 73 16.33 4.15 -1.52
N SER A 74 17.65 4.05 -1.34
CA SER A 74 18.61 5.03 -1.85
C SER A 74 18.55 5.18 -3.38
N HIS A 75 18.29 4.09 -4.10
CA HIS A 75 18.41 4.06 -5.55
C HIS A 75 17.31 4.88 -6.17
N ASN A 76 16.06 4.46 -5.98
CA ASN A 76 14.87 5.10 -6.47
C ASN A 76 13.97 5.10 -5.26
N ALA A 77 13.99 6.21 -4.52
CA ALA A 77 13.29 6.36 -3.25
C ALA A 77 11.77 6.24 -3.40
N ASN A 78 11.25 6.19 -4.62
CA ASN A 78 9.85 5.85 -4.89
C ASN A 78 9.54 4.39 -4.53
N LEU A 79 10.56 3.54 -4.34
CA LEU A 79 10.39 2.15 -3.95
C LEU A 79 10.67 2.01 -2.45
N LEU A 80 9.87 1.16 -1.83
CA LEU A 80 9.88 0.88 -0.40
C LEU A 80 11.08 -0.04 -0.13
N ALA A 81 12.06 0.43 0.65
CA ALA A 81 13.28 -0.30 0.98
C ALA A 81 12.96 -1.48 1.88
N LEU A 82 13.85 -2.45 1.98
CA LEU A 82 13.60 -3.66 2.77
C LEU A 82 13.98 -3.37 4.23
N GLU A 83 13.96 -4.39 5.10
CA GLU A 83 14.33 -4.21 6.49
C GLU A 83 15.78 -3.72 6.66
N ASN A 84 16.60 -3.82 5.61
CA ASN A 84 18.00 -3.40 5.58
C ASN A 84 18.79 -4.13 6.66
N THR A 85 18.98 -5.41 6.39
CA THR A 85 19.77 -6.35 7.15
C THR A 85 20.52 -7.19 6.11
N VAL A 86 21.63 -7.81 6.48
CA VAL A 86 22.44 -8.72 5.66
C VAL A 86 21.61 -9.77 4.89
N SER A 87 20.60 -10.33 5.53
CA SER A 87 19.76 -11.41 5.05
C SER A 87 18.60 -10.91 4.17
N ALA A 88 18.35 -9.59 4.13
CA ALA A 88 17.43 -8.98 3.19
C ALA A 88 18.23 -8.69 1.92
N ALA A 89 17.65 -9.03 0.78
CA ALA A 89 18.37 -8.93 -0.47
C ALA A 89 18.70 -7.47 -0.80
N SER A 90 19.65 -7.27 -1.70
CA SER A 90 20.10 -5.98 -2.16
C SER A 90 19.25 -5.58 -3.37
N GLY A 91 19.36 -4.32 -3.81
CA GLY A 91 18.89 -3.78 -5.09
C GLY A 91 17.51 -4.24 -5.57
N LEU A 92 16.61 -4.56 -4.64
CA LEU A 92 15.31 -5.17 -4.89
C LEU A 92 14.31 -4.45 -3.98
N GLY A 93 13.83 -3.28 -4.39
CA GLY A 93 12.85 -2.55 -3.61
C GLY A 93 11.47 -3.19 -3.75
N ILE A 94 10.57 -2.95 -2.82
CA ILE A 94 9.18 -3.37 -2.93
C ILE A 94 8.49 -2.37 -3.87
N GLN A 95 7.71 -2.91 -4.81
CA GLN A 95 6.99 -2.19 -5.85
C GLN A 95 5.51 -2.23 -5.47
N LEU A 96 5.03 -1.22 -4.73
CA LEU A 96 3.62 -1.03 -4.43
C LEU A 96 3.05 -0.09 -5.50
N LEU A 97 1.99 -0.50 -6.21
CA LEU A 97 1.40 0.27 -7.31
C LEU A 97 -0.11 0.25 -7.15
N ASN A 98 -0.81 1.19 -7.79
CA ASN A 98 -2.26 1.09 -8.01
C ASN A 98 -2.60 0.19 -9.20
N GLU A 99 -3.88 -0.06 -9.49
CA GLU A 99 -4.33 -0.89 -10.63
C GLU A 99 -3.82 -0.38 -11.99
N GLN A 100 -3.47 0.90 -12.07
CA GLN A 100 -2.91 1.53 -13.26
C GLN A 100 -1.42 1.19 -13.40
N GLN A 101 -0.89 0.29 -12.55
CA GLN A 101 0.47 -0.21 -12.52
C GLN A 101 1.50 0.93 -12.49
N ASN A 102 1.09 2.06 -11.92
CA ASN A 102 1.83 3.29 -11.85
C ASN A 102 2.60 3.33 -10.53
N GLN A 103 3.90 3.59 -10.60
CA GLN A 103 4.82 3.69 -9.47
C GLN A 103 4.27 4.74 -8.50
N ILE A 104 4.05 4.33 -7.26
CA ILE A 104 3.54 5.16 -6.18
C ILE A 104 4.71 5.43 -5.22
N PRO A 105 5.13 6.70 -5.06
CA PRO A 105 6.19 7.08 -4.13
C PRO A 105 5.71 6.96 -2.68
N LEU A 106 6.65 7.13 -1.74
CA LEU A 106 6.35 7.07 -0.32
C LEU A 106 6.24 8.52 0.15
N ASN A 107 7.38 9.10 0.53
CA ASN A 107 7.58 10.41 1.15
C ASN A 107 7.08 11.62 0.35
N ALA A 108 6.38 11.41 -0.76
CA ALA A 108 5.47 12.39 -1.32
C ALA A 108 4.43 12.77 -0.24
N PRO A 109 3.85 13.97 -0.30
CA PRO A 109 2.61 14.25 0.39
C PRO A 109 1.46 13.60 -0.40
N SER A 110 0.26 13.71 0.14
CA SER A 110 -0.99 13.23 -0.43
C SER A 110 -1.32 13.86 -1.81
N SER A 111 -0.59 14.86 -2.27
CA SER A 111 -0.84 15.55 -3.54
C SER A 111 -0.36 14.81 -4.78
N ALA A 112 0.61 13.89 -4.70
CA ALA A 112 1.21 13.31 -5.91
C ALA A 112 0.41 12.10 -6.45
N LEU A 113 -0.66 11.71 -5.75
CA LEU A 113 -1.51 10.58 -6.01
C LEU A 113 -2.93 10.95 -5.54
N SER A 114 -3.90 10.05 -5.68
CA SER A 114 -5.31 10.35 -5.52
C SER A 114 -6.04 9.14 -4.92
N TRP A 115 -7.38 9.15 -4.96
CA TRP A 115 -8.21 8.00 -4.65
C TRP A 115 -9.57 8.14 -5.35
N THR A 116 -10.37 7.08 -5.26
CA THR A 116 -11.70 6.98 -5.80
C THR A 116 -12.72 7.66 -4.87
N THR A 117 -13.85 8.08 -5.45
CA THR A 117 -15.07 8.46 -4.75
C THR A 117 -15.60 7.30 -3.91
N LEU A 118 -15.37 7.37 -2.60
CA LEU A 118 -15.80 6.37 -1.62
C LEU A 118 -17.32 6.25 -1.70
N THR A 119 -17.82 5.01 -1.75
CA THR A 119 -19.20 4.68 -1.43
C THR A 119 -19.36 4.81 0.10
N PRO A 120 -20.53 5.20 0.62
CA PRO A 120 -20.75 5.15 2.05
C PRO A 120 -20.85 3.68 2.50
N GLY A 121 -20.59 3.42 3.78
CA GLY A 121 -21.05 2.23 4.49
C GLY A 121 -20.83 0.87 3.80
N LYS A 122 -19.71 0.66 3.10
CA LYS A 122 -19.44 -0.59 2.40
C LYS A 122 -17.97 -0.97 2.54
N PRO A 123 -17.57 -2.21 2.16
CA PRO A 123 -16.18 -2.65 2.10
C PRO A 123 -15.50 -1.99 0.91
N ASN A 124 -15.24 -0.69 1.04
CA ASN A 124 -14.71 0.14 -0.03
C ASN A 124 -13.35 -0.39 -0.41
N THR A 125 -13.31 -1.02 -1.58
CA THR A 125 -12.19 -1.75 -2.11
C THR A 125 -11.92 -1.17 -3.50
N LEU A 126 -10.83 -0.42 -3.61
CA LEU A 126 -10.11 -0.19 -4.85
C LEU A 126 -9.26 -1.44 -5.09
N ASN A 127 -8.58 -1.49 -6.23
CA ASN A 127 -7.72 -2.60 -6.62
C ASN A 127 -6.32 -2.01 -6.79
N PHE A 128 -5.31 -2.67 -6.24
CA PHE A 128 -3.92 -2.26 -6.24
C PHE A 128 -3.06 -3.48 -6.57
N TYR A 129 -1.75 -3.30 -6.65
CA TYR A 129 -0.81 -4.40 -6.80
C TYR A 129 0.39 -4.20 -5.88
N ALA A 130 1.02 -5.31 -5.49
CA ALA A 130 2.31 -5.32 -4.83
C ALA A 130 3.19 -6.32 -5.56
N ARG A 131 4.46 -5.98 -5.78
CA ARG A 131 5.48 -6.91 -6.24
C ARG A 131 6.85 -6.33 -5.89
N LEU A 132 7.90 -6.70 -6.62
CA LEU A 132 9.28 -6.56 -6.19
C LEU A 132 10.03 -6.00 -7.40
N MET A 133 10.59 -4.80 -7.25
CA MET A 133 11.25 -3.99 -8.25
C MET A 133 12.75 -4.25 -8.22
N ALA A 134 13.39 -4.49 -9.36
CA ALA A 134 14.83 -4.30 -9.44
C ALA A 134 15.18 -2.81 -9.47
N THR A 135 16.06 -2.39 -8.57
CA THR A 135 16.71 -1.09 -8.64
C THR A 135 18.17 -1.22 -9.13
N GLN A 136 18.71 -2.44 -9.20
CA GLN A 136 20.07 -2.79 -9.62
C GLN A 136 20.06 -4.21 -10.20
N VAL A 137 21.23 -4.82 -10.41
CA VAL A 137 21.44 -6.22 -10.79
C VAL A 137 22.38 -6.87 -9.74
N PRO A 138 22.01 -6.94 -8.43
CA PRO A 138 22.84 -7.54 -7.40
C PRO A 138 22.76 -9.07 -7.36
N VAL A 139 21.60 -9.63 -7.68
CA VAL A 139 21.20 -11.03 -7.65
C VAL A 139 21.71 -11.86 -6.44
N THR A 140 21.89 -11.19 -5.30
CA THR A 140 22.18 -11.76 -4.01
C THR A 140 20.84 -12.24 -3.45
N ALA A 141 20.72 -13.55 -3.26
CA ALA A 141 19.59 -14.16 -2.57
C ALA A 141 19.44 -13.65 -1.13
N GLY A 142 18.25 -13.85 -0.57
CA GLY A 142 17.82 -13.27 0.70
C GLY A 142 16.30 -13.36 0.79
N HIS A 143 15.71 -12.70 1.78
CA HIS A 143 14.27 -12.70 2.02
C HIS A 143 13.68 -11.30 1.86
N ILE A 144 12.35 -11.24 1.77
CA ILE A 144 11.56 -10.03 1.53
C ILE A 144 10.88 -9.70 2.85
N ASN A 145 11.09 -8.47 3.33
CA ASN A 145 10.69 -7.99 4.65
C ASN A 145 10.70 -6.48 4.50
N ALA A 146 9.56 -5.83 4.67
CA ALA A 146 9.42 -4.40 4.54
C ALA A 146 8.37 -3.92 5.53
N THR A 147 8.24 -2.61 5.65
CA THR A 147 7.26 -1.97 6.50
C THR A 147 6.98 -0.56 5.96
N ALA A 148 5.70 -0.24 5.80
CA ALA A 148 5.20 1.10 5.56
C ALA A 148 3.84 1.23 6.23
N THR A 149 3.21 2.39 6.12
CA THR A 149 1.78 2.52 6.31
C THR A 149 1.22 3.30 5.14
N PHE A 150 -0.03 3.02 4.77
CA PHE A 150 -0.88 3.98 4.08
C PHE A 150 -1.55 4.83 5.13
N THR A 151 -1.60 6.13 4.90
CA THR A 151 -2.69 6.94 5.41
C THR A 151 -3.72 7.09 4.30
N LEU A 152 -4.95 7.46 4.67
CA LEU A 152 -5.94 8.01 3.78
C LEU A 152 -6.14 9.42 4.31
N GLU A 153 -5.84 10.41 3.48
CA GLU A 153 -6.12 11.80 3.71
C GLU A 153 -7.61 12.02 3.38
N TYR A 154 -8.48 11.60 4.29
CA TYR A 154 -9.92 11.71 4.14
C TYR A 154 -10.30 13.15 3.80
N GLN A 155 -11.19 13.37 2.82
CA GLN A 155 -11.57 14.73 2.43
C GLN A 155 -12.62 15.30 3.39
N ASP A 156 -12.26 15.33 4.67
CA ASP A 156 -12.82 16.15 5.74
C ASP A 156 -12.28 17.58 5.60
N ASN A 157 -12.88 18.55 6.27
CA ASN A 157 -12.52 19.98 6.18
C ASN A 157 -11.18 20.35 6.84
N HIS A 158 -10.44 19.39 7.43
CA HIS A 158 -9.10 19.55 7.98
C HIS A 158 -8.97 20.69 9.01
N HIS A 159 -10.00 20.92 9.83
CA HIS A 159 -10.03 21.93 10.88
C HIS A 159 -8.89 21.73 11.90
N HIS A 160 -8.57 20.49 12.27
CA HIS A 160 -7.40 20.19 13.10
C HIS A 160 -6.24 19.78 12.20
N HIS A 161 -4.99 20.01 12.65
CA HIS A 161 -3.78 19.79 11.86
C HIS A 161 -3.68 18.31 11.47
N HIS A 162 -3.24 17.98 10.25
CA HIS A 162 -3.17 16.59 9.81
C HIS A 162 -2.16 15.79 10.64
N HIS A 163 -2.32 14.47 10.64
CA HIS A 163 -1.34 13.51 11.15
C HIS A 163 -1.42 12.26 10.26
N LYS A 164 -0.80 11.16 10.68
CA LYS A 164 -1.19 9.83 10.25
C LYS A 164 -2.64 9.58 10.70
N GLN A 165 -3.40 8.86 9.88
CA GLN A 165 -4.69 8.30 10.29
C GLN A 165 -4.50 7.20 11.32
N ALA A 166 -3.47 6.38 11.15
CA ALA A 166 -3.30 5.11 11.83
C ALA A 166 -1.82 4.74 11.77
N ASP A 167 -1.49 3.56 12.29
CA ASP A 167 -0.22 2.87 12.07
C ASP A 167 -0.48 1.55 11.34
N SER A 168 -1.47 1.54 10.44
CA SER A 168 -1.85 0.49 9.48
C SER A 168 -0.62 -0.12 8.81
N THR A 169 0.02 -1.10 9.45
CA THR A 169 1.35 -1.52 9.07
C THR A 169 1.20 -2.51 7.92
N ILE A 170 1.71 -2.11 6.76
CA ILE A 170 1.83 -2.93 5.57
C ILE A 170 3.08 -3.78 5.80
N THR A 171 2.92 -5.10 5.77
CA THR A 171 4.00 -6.07 5.83
C THR A 171 3.87 -6.90 4.58
N ILE A 172 4.99 -7.14 3.91
CA ILE A 172 5.06 -7.99 2.73
C ILE A 172 6.10 -9.07 3.04
N ARG A 173 5.84 -10.33 2.67
CA ARG A 173 6.81 -11.44 2.77
C ARG A 173 7.27 -11.80 1.36
N GLY A 174 8.03 -12.87 1.18
CA GLY A 174 8.51 -13.34 -0.11
C GLY A 174 9.92 -13.88 0.06
N TYR A 175 10.52 -14.36 -1.02
CA TYR A 175 11.83 -14.99 -0.92
C TYR A 175 12.59 -14.84 -2.24
N VAL A 176 13.80 -14.31 -2.18
CA VAL A 176 14.69 -14.31 -3.34
C VAL A 176 15.27 -15.71 -3.37
N ARG A 177 14.89 -16.46 -4.41
CA ARG A 177 15.55 -17.72 -4.66
C ARG A 177 16.88 -17.37 -5.33
N ASP A 178 17.86 -18.24 -5.21
CA ASP A 178 19.16 -18.12 -5.88
C ASP A 178 19.15 -18.66 -7.31
N ASN A 179 17.98 -19.03 -7.82
CA ASN A 179 17.66 -19.39 -9.19
C ASN A 179 16.30 -18.74 -9.40
N MET A 1 -19.09 5.02 -9.48
CA MET A 1 -20.41 5.10 -8.82
C MET A 1 -20.71 6.53 -8.38
N ALA A 2 -21.85 6.79 -7.73
CA ALA A 2 -22.18 8.08 -7.12
C ALA A 2 -22.67 7.85 -5.69
N ASP A 3 -22.89 8.93 -4.95
CA ASP A 3 -22.78 8.92 -3.50
C ASP A 3 -24.17 9.06 -2.92
N SER A 4 -24.69 7.98 -2.34
CA SER A 4 -26.07 7.89 -1.84
C SER A 4 -26.11 6.93 -0.66
N THR A 5 -27.17 7.05 0.11
CA THR A 5 -27.44 6.19 1.24
C THR A 5 -27.58 4.77 0.76
N ILE A 6 -27.10 3.87 1.61
CA ILE A 6 -27.14 2.44 1.47
C ILE A 6 -27.39 1.88 2.87
N THR A 7 -27.94 0.66 2.96
CA THR A 7 -28.24 0.04 4.23
C THR A 7 -26.94 -0.16 5.01
N ILE A 8 -26.82 0.63 6.08
CA ILE A 8 -25.94 0.42 7.20
C ILE A 8 -26.81 0.25 8.46
N ARG A 9 -26.24 -0.18 9.58
CA ARG A 9 -26.92 -0.25 10.88
C ARG A 9 -25.97 0.29 11.96
N GLY A 10 -24.98 -0.49 12.40
CA GLY A 10 -23.83 0.00 13.15
C GLY A 10 -22.75 0.39 12.14
N TYR A 11 -21.99 1.46 12.42
CA TYR A 11 -21.07 2.02 11.44
C TYR A 11 -19.75 2.55 12.02
N VAL A 12 -19.74 2.94 13.30
CA VAL A 12 -18.63 3.45 14.11
C VAL A 12 -17.99 4.76 13.61
N ARG A 13 -17.85 4.99 12.31
CA ARG A 13 -17.11 6.10 11.75
C ARG A 13 -17.93 6.69 10.60
N ASP A 14 -18.46 7.89 10.78
CA ASP A 14 -19.34 8.52 9.80
C ASP A 14 -18.58 9.21 8.68
N ASN A 15 -17.65 10.09 9.05
CA ASN A 15 -16.81 10.83 8.11
C ASN A 15 -15.46 10.13 8.08
N GLY A 16 -15.25 9.30 7.08
CA GLY A 16 -14.13 8.37 7.02
C GLY A 16 -14.60 7.05 7.63
N CYS A 17 -13.87 5.96 7.39
CA CYS A 17 -14.28 4.62 7.78
C CYS A 17 -13.38 4.10 8.91
N SER A 18 -13.61 2.90 9.41
CA SER A 18 -12.74 2.33 10.44
C SER A 18 -11.34 1.94 9.91
N VAL A 19 -11.19 1.67 8.60
CA VAL A 19 -10.11 0.85 8.02
C VAL A 19 -10.24 -0.56 8.60
N ALA A 20 -10.70 -1.52 7.79
CA ALA A 20 -10.88 -2.85 8.32
C ALA A 20 -9.51 -3.46 8.66
N ALA A 21 -9.50 -4.34 9.66
CA ALA A 21 -8.34 -5.08 10.12
C ALA A 21 -7.76 -6.01 9.05
N GLU A 22 -8.56 -6.32 8.02
CA GLU A 22 -8.16 -7.02 6.80
C GLU A 22 -7.17 -6.18 5.97
N SER A 23 -6.86 -4.95 6.41
CA SER A 23 -5.82 -4.10 5.86
C SER A 23 -4.93 -3.50 6.96
N THR A 24 -5.47 -2.90 8.02
CA THR A 24 -4.69 -2.41 9.15
C THR A 24 -3.81 -3.54 9.73
N ASN A 25 -2.49 -3.47 9.51
CA ASN A 25 -1.47 -4.34 10.11
C ASN A 25 -1.53 -5.77 9.57
N PHE A 26 -2.21 -5.99 8.45
CA PHE A 26 -2.30 -7.32 7.88
C PHE A 26 -1.00 -7.64 7.14
N THR A 27 -0.85 -8.88 6.70
CA THR A 27 0.33 -9.35 5.99
C THR A 27 -0.04 -9.54 4.52
N VAL A 28 0.69 -8.88 3.62
CA VAL A 28 0.59 -9.14 2.19
C VAL A 28 1.54 -10.30 1.92
N ASP A 29 1.01 -11.43 1.43
CA ASP A 29 1.85 -12.40 0.76
C ASP A 29 2.07 -11.87 -0.66
N LEU A 30 3.29 -12.05 -1.16
CA LEU A 30 3.73 -11.62 -2.47
C LEU A 30 4.34 -12.76 -3.25
N MET A 31 4.25 -14.01 -2.77
CA MET A 31 4.94 -15.18 -3.33
C MET A 31 6.45 -14.90 -3.40
N GLU A 32 7.18 -15.64 -4.20
CA GLU A 32 8.59 -15.43 -4.48
C GLU A 32 8.78 -15.32 -5.98
N ASN A 33 10.02 -15.21 -6.43
CA ASN A 33 10.33 -15.36 -7.84
C ASN A 33 11.66 -16.11 -7.92
N ALA A 34 12.74 -15.45 -8.30
CA ALA A 34 14.11 -15.89 -8.23
C ALA A 34 14.99 -14.64 -8.35
N ALA A 35 16.28 -14.75 -8.01
CA ALA A 35 17.21 -13.65 -8.16
C ALA A 35 17.45 -13.34 -9.63
N LYS A 36 17.69 -14.37 -10.46
CA LYS A 36 18.37 -14.20 -11.76
C LYS A 36 17.44 -13.76 -12.89
N GLN A 37 16.16 -13.53 -12.59
CA GLN A 37 15.25 -12.82 -13.47
C GLN A 37 15.34 -11.31 -13.27
N PHE A 38 15.86 -10.82 -12.14
CA PHE A 38 16.10 -9.42 -11.90
C PHE A 38 17.54 -9.18 -12.24
N ASN A 39 17.75 -8.74 -13.47
CA ASN A 39 19.01 -8.12 -13.79
C ASN A 39 18.79 -6.62 -13.64
N ASN A 40 18.76 -5.90 -14.76
CA ASN A 40 18.65 -4.48 -15.02
C ASN A 40 17.38 -3.91 -14.44
N ILE A 41 17.34 -2.60 -14.36
CA ILE A 41 16.35 -1.92 -13.57
C ILE A 41 14.98 -1.98 -14.27
N GLY A 42 14.90 -2.45 -15.52
CA GLY A 42 13.64 -2.71 -16.21
C GLY A 42 13.04 -4.06 -15.83
N ALA A 43 13.79 -4.91 -15.11
CA ALA A 43 13.32 -6.18 -14.61
C ALA A 43 12.27 -5.97 -13.52
N THR A 44 11.02 -6.03 -13.94
CA THR A 44 9.85 -6.05 -13.11
C THR A 44 9.49 -7.51 -12.81
N THR A 45 8.43 -7.71 -12.04
CA THR A 45 7.79 -9.01 -11.83
C THR A 45 6.28 -9.04 -12.13
N PRO A 46 5.68 -10.24 -12.29
CA PRO A 46 4.24 -10.40 -12.46
C PRO A 46 3.57 -9.92 -11.18
N VAL A 47 2.78 -8.86 -11.24
CA VAL A 47 2.12 -8.30 -10.06
C VAL A 47 1.22 -9.31 -9.32
N VAL A 48 0.84 -8.95 -8.10
CA VAL A 48 -0.02 -9.69 -7.19
C VAL A 48 -1.07 -8.70 -6.69
N PRO A 49 -2.34 -9.10 -6.58
CA PRO A 49 -3.42 -8.22 -6.16
C PRO A 49 -3.23 -7.80 -4.70
N PHE A 50 -3.60 -6.56 -4.42
CA PHE A 50 -3.63 -5.97 -3.09
C PHE A 50 -4.88 -5.09 -3.02
N ARG A 51 -5.39 -4.82 -1.81
CA ARG A 51 -6.32 -3.72 -1.58
C ARG A 51 -6.27 -3.31 -0.13
N ILE A 52 -6.80 -2.12 0.12
CA ILE A 52 -7.07 -1.62 1.46
C ILE A 52 -8.60 -1.62 1.54
N LEU A 53 -9.13 -2.35 2.51
CA LEU A 53 -10.57 -2.52 2.70
C LEU A 53 -11.00 -1.46 3.71
N LEU A 54 -11.85 -0.52 3.32
CA LEU A 54 -12.34 0.48 4.26
C LEU A 54 -13.78 0.16 4.65
N SER A 55 -13.97 -0.29 5.89
CA SER A 55 -15.26 -0.43 6.56
C SER A 55 -15.05 -0.80 8.03
N PRO A 56 -16.07 -0.71 8.88
CA PRO A 56 -17.38 -0.11 8.58
C PRO A 56 -17.25 1.40 8.31
N CYS A 57 -18.23 1.97 7.63
CA CYS A 57 -18.34 3.41 7.34
C CYS A 57 -19.79 3.82 7.54
N GLY A 58 -20.02 5.11 7.76
CA GLY A 58 -21.34 5.70 7.90
C GLY A 58 -21.83 6.19 6.55
N ASN A 59 -22.21 7.47 6.44
CA ASN A 59 -22.90 7.98 5.26
C ASN A 59 -22.16 9.12 4.57
N ALA A 60 -21.13 9.67 5.23
CA ALA A 60 -20.81 11.09 5.09
C ALA A 60 -19.42 11.30 4.46
N VAL A 61 -19.23 10.75 3.26
CA VAL A 61 -17.94 10.65 2.60
C VAL A 61 -18.02 11.14 1.15
N SER A 62 -16.87 11.31 0.50
CA SER A 62 -16.79 11.79 -0.89
C SER A 62 -15.54 11.20 -1.59
N ALA A 63 -14.35 11.42 -1.03
CA ALA A 63 -13.06 10.92 -1.48
C ALA A 63 -12.09 10.92 -0.29
N VAL A 64 -10.84 10.45 -0.49
CA VAL A 64 -9.71 10.68 0.40
C VAL A 64 -8.49 11.07 -0.44
N LYS A 65 -7.32 11.15 0.18
CA LYS A 65 -6.01 11.05 -0.44
C LYS A 65 -5.23 9.97 0.31
N VAL A 66 -4.02 9.70 -0.14
CA VAL A 66 -3.21 8.59 0.29
C VAL A 66 -1.81 9.14 0.57
N GLY A 67 -1.35 9.00 1.81
CA GLY A 67 0.06 9.13 2.16
C GLY A 67 0.58 7.72 2.36
N PHE A 68 1.45 7.22 1.49
CA PHE A 68 2.28 6.06 1.79
C PHE A 68 3.57 6.58 2.38
N THR A 69 4.00 6.06 3.52
CA THR A 69 5.07 6.66 4.30
C THR A 69 5.88 5.57 4.99
N GLY A 70 7.18 5.79 5.17
CA GLY A 70 8.12 4.75 5.59
C GLY A 70 9.49 4.99 4.97
N VAL A 71 10.25 3.91 4.79
CA VAL A 71 11.66 3.92 4.42
C VAL A 71 11.83 3.77 2.90
N ALA A 72 12.44 4.75 2.23
CA ALA A 72 12.79 4.68 0.81
C ALA A 72 14.07 3.86 0.57
N ASP A 73 14.17 3.23 -0.61
CA ASP A 73 15.39 2.56 -1.09
C ASP A 73 16.46 3.57 -1.51
N SER A 74 17.72 3.20 -1.34
CA SER A 74 18.87 4.04 -1.63
C SER A 74 19.05 4.38 -3.12
N HIS A 75 18.42 3.62 -4.02
CA HIS A 75 18.79 3.62 -5.44
C HIS A 75 17.70 4.31 -6.25
N ASN A 76 16.47 3.78 -6.22
CA ASN A 76 15.27 4.40 -6.76
C ASN A 76 14.38 4.63 -5.55
N ALA A 77 14.50 5.82 -4.94
CA ALA A 77 13.89 6.10 -3.64
C ALA A 77 12.36 6.04 -3.65
N ASN A 78 11.75 6.05 -4.82
CA ASN A 78 10.30 5.88 -4.94
C ASN A 78 9.85 4.49 -4.49
N LEU A 79 10.75 3.51 -4.40
CA LEU A 79 10.43 2.16 -3.97
C LEU A 79 10.71 2.03 -2.48
N LEU A 80 9.86 1.27 -1.78
CA LEU A 80 10.07 0.87 -0.39
C LEU A 80 11.41 0.12 -0.31
N ALA A 81 12.21 0.47 0.70
CA ALA A 81 13.31 -0.35 1.17
C ALA A 81 12.79 -1.70 1.69
N LEU A 82 13.72 -2.58 2.05
CA LEU A 82 13.41 -3.87 2.67
C LEU A 82 13.70 -3.72 4.18
N GLU A 83 13.76 -4.82 4.93
CA GLU A 83 14.04 -4.80 6.35
C GLU A 83 15.51 -4.49 6.66
N ASN A 84 16.29 -4.04 5.67
CA ASN A 84 17.61 -3.44 5.78
C ASN A 84 18.56 -4.29 6.62
N THR A 85 18.66 -5.57 6.28
CA THR A 85 19.51 -6.51 6.99
C THR A 85 20.26 -7.38 5.97
N VAL A 86 21.26 -8.12 6.45
CA VAL A 86 22.10 -8.99 5.64
C VAL A 86 21.30 -10.10 4.93
N SER A 87 20.27 -10.62 5.60
CA SER A 87 19.36 -11.61 5.07
C SER A 87 18.27 -10.98 4.20
N ALA A 88 18.22 -9.67 4.05
CA ALA A 88 17.37 -9.03 3.06
C ALA A 88 18.15 -9.03 1.74
N ALA A 89 17.41 -8.98 0.63
CA ALA A 89 18.06 -8.92 -0.66
C ALA A 89 18.64 -7.51 -0.87
N SER A 90 19.67 -7.42 -1.69
CA SER A 90 20.20 -6.16 -2.18
C SER A 90 19.30 -5.70 -3.34
N GLY A 91 19.32 -4.40 -3.65
CA GLY A 91 18.87 -3.81 -4.92
C GLY A 91 17.51 -4.27 -5.47
N LEU A 92 16.61 -4.74 -4.60
CA LEU A 92 15.31 -5.29 -4.95
C LEU A 92 14.29 -4.57 -4.08
N GLY A 93 14.06 -3.29 -4.37
CA GLY A 93 13.07 -2.50 -3.66
C GLY A 93 11.68 -3.06 -3.93
N ILE A 94 10.81 -2.96 -2.93
CA ILE A 94 9.41 -3.32 -3.05
C ILE A 94 8.79 -2.35 -4.05
N GLN A 95 7.90 -2.83 -4.91
CA GLN A 95 7.26 -2.05 -5.95
C GLN A 95 5.77 -2.10 -5.72
N LEU A 96 5.24 -1.07 -5.07
CA LEU A 96 3.83 -0.85 -4.83
C LEU A 96 3.32 0.13 -5.87
N LEU A 97 2.17 -0.19 -6.46
CA LEU A 97 1.55 0.63 -7.48
C LEU A 97 0.04 0.41 -7.46
N ASN A 98 -0.66 1.35 -8.08
CA ASN A 98 -2.10 1.33 -8.24
C ASN A 98 -2.47 0.38 -9.38
N GLU A 99 -3.77 0.21 -9.63
CA GLU A 99 -4.35 -0.57 -10.72
C GLU A 99 -3.59 -0.40 -12.05
N GLN A 100 -3.28 0.83 -12.43
CA GLN A 100 -2.59 1.19 -13.68
C GLN A 100 -1.07 0.95 -13.62
N GLN A 101 -0.60 0.23 -12.61
CA GLN A 101 0.76 -0.21 -12.37
C GLN A 101 1.76 0.93 -12.52
N ASN A 102 1.40 2.07 -11.91
CA ASN A 102 2.08 3.34 -11.98
C ASN A 102 2.77 3.49 -10.63
N GLN A 103 4.11 3.57 -10.65
CA GLN A 103 4.95 3.58 -9.47
C GLN A 103 4.47 4.65 -8.50
N ILE A 104 4.25 4.28 -7.24
CA ILE A 104 3.71 5.19 -6.21
C ILE A 104 4.81 5.44 -5.17
N PRO A 105 5.35 6.67 -5.06
CA PRO A 105 6.39 6.99 -4.09
C PRO A 105 5.88 7.03 -2.65
N LEU A 106 6.80 6.90 -1.71
CA LEU A 106 6.63 7.15 -0.28
C LEU A 106 6.89 8.64 -0.02
N ASN A 107 6.42 9.11 1.13
CA ASN A 107 6.70 10.43 1.71
C ASN A 107 6.45 11.56 0.71
N ALA A 108 5.41 11.43 -0.11
CA ALA A 108 5.14 12.27 -1.27
C ALA A 108 3.89 13.14 -1.03
N PRO A 109 3.78 14.31 -1.69
CA PRO A 109 2.61 15.17 -1.61
C PRO A 109 1.44 14.50 -2.32
N SER A 110 0.22 14.98 -2.05
CA SER A 110 -0.96 14.27 -2.51
C SER A 110 -1.19 14.40 -4.02
N SER A 111 -0.37 15.15 -4.76
CA SER A 111 -0.40 15.18 -6.22
C SER A 111 0.09 13.85 -6.80
N ALA A 112 1.03 13.17 -6.10
CA ALA A 112 1.78 12.04 -6.60
C ALA A 112 0.93 10.76 -6.75
N LEU A 113 -0.36 10.82 -6.41
CA LEU A 113 -1.28 9.70 -6.25
C LEU A 113 -2.69 10.28 -6.13
N SER A 114 -3.71 9.45 -6.22
CA SER A 114 -5.11 9.85 -6.32
C SER A 114 -6.01 8.85 -5.56
N TRP A 115 -7.33 9.08 -5.56
CA TRP A 115 -8.30 8.15 -4.99
C TRP A 115 -9.50 8.03 -5.93
N THR A 116 -10.64 7.57 -5.39
CA THR A 116 -11.88 7.34 -6.10
C THR A 116 -13.05 7.89 -5.27
N THR A 117 -14.25 7.85 -5.84
CA THR A 117 -15.52 8.07 -5.19
C THR A 117 -15.67 7.15 -3.97
N LEU A 118 -15.45 7.68 -2.77
CA LEU A 118 -15.58 6.94 -1.53
C LEU A 118 -17.03 6.45 -1.42
N THR A 119 -17.26 5.13 -1.44
CA THR A 119 -18.59 4.59 -1.17
C THR A 119 -18.82 4.71 0.34
N PRO A 120 -20.04 5.02 0.82
CA PRO A 120 -20.29 5.20 2.25
C PRO A 120 -20.41 3.85 2.96
N GLY A 121 -21.61 3.36 3.19
CA GLY A 121 -21.89 2.15 3.96
C GLY A 121 -21.64 0.86 3.18
N LYS A 122 -20.42 0.62 2.72
CA LYS A 122 -20.00 -0.59 2.01
C LYS A 122 -18.48 -0.74 2.19
N PRO A 123 -17.93 -1.97 2.21
CA PRO A 123 -16.51 -2.24 2.30
C PRO A 123 -15.81 -1.80 1.03
N ASN A 124 -15.19 -0.61 1.04
CA ASN A 124 -14.45 -0.12 -0.11
C ASN A 124 -13.31 -1.10 -0.40
N THR A 125 -12.85 -1.13 -1.64
CA THR A 125 -11.83 -2.01 -2.18
C THR A 125 -11.45 -1.42 -3.53
N LEU A 126 -10.37 -0.67 -3.49
CA LEU A 126 -9.61 -0.26 -4.64
C LEU A 126 -8.72 -1.45 -5.04
N ASN A 127 -8.59 -1.70 -6.33
CA ASN A 127 -7.53 -2.54 -6.89
C ASN A 127 -6.20 -1.82 -6.71
N PHE A 128 -5.39 -2.26 -5.75
CA PHE A 128 -3.96 -2.00 -5.72
C PHE A 128 -3.24 -3.24 -6.23
N TYR A 129 -1.94 -3.13 -6.49
CA TYR A 129 -1.06 -4.25 -6.78
C TYR A 129 0.24 -4.02 -6.00
N ALA A 130 1.02 -5.08 -5.84
CA ALA A 130 2.41 -4.97 -5.43
C ALA A 130 3.22 -6.05 -6.14
N ARG A 131 4.54 -5.84 -6.25
CA ARG A 131 5.53 -6.88 -6.52
C ARG A 131 6.93 -6.33 -6.17
N LEU A 132 7.98 -6.83 -6.82
CA LEU A 132 9.34 -6.34 -6.65
C LEU A 132 9.73 -5.43 -7.81
N MET A 133 10.81 -4.67 -7.62
CA MET A 133 11.52 -3.98 -8.66
C MET A 133 13.01 -4.21 -8.44
N ALA A 134 13.72 -4.57 -9.51
CA ALA A 134 15.16 -4.40 -9.57
C ALA A 134 15.49 -2.92 -9.52
N THR A 135 15.96 -2.41 -8.39
CA THR A 135 16.55 -1.08 -8.36
C THR A 135 18.03 -1.18 -8.77
N GLN A 136 18.67 -2.35 -8.69
CA GLN A 136 20.01 -2.65 -9.20
C GLN A 136 20.06 -4.10 -9.68
N VAL A 137 21.22 -4.57 -10.12
CA VAL A 137 21.45 -5.94 -10.58
C VAL A 137 22.41 -6.67 -9.61
N PRO A 138 22.14 -6.73 -8.29
CA PRO A 138 23.08 -7.33 -7.33
C PRO A 138 22.96 -8.86 -7.24
N VAL A 139 21.80 -9.40 -7.65
CA VAL A 139 21.44 -10.82 -7.67
C VAL A 139 21.96 -11.61 -6.47
N THR A 140 21.37 -11.31 -5.31
CA THR A 140 21.64 -11.90 -4.01
C THR A 140 20.28 -12.21 -3.35
N ALA A 141 19.97 -13.48 -3.09
CA ALA A 141 18.78 -13.87 -2.33
C ALA A 141 18.80 -13.31 -0.91
N GLY A 142 17.68 -13.44 -0.20
CA GLY A 142 17.56 -13.05 1.19
C GLY A 142 16.17 -13.43 1.71
N HIS A 143 15.20 -12.54 1.49
CA HIS A 143 13.76 -12.71 1.64
C HIS A 143 13.11 -11.38 1.28
N ILE A 144 11.79 -11.35 1.29
CA ILE A 144 10.97 -10.16 1.10
C ILE A 144 10.35 -9.92 2.47
N ASN A 145 10.62 -8.75 3.01
CA ASN A 145 10.17 -8.23 4.29
C ASN A 145 10.44 -6.74 4.18
N ALA A 146 9.41 -5.91 4.33
CA ALA A 146 9.46 -4.45 4.32
C ALA A 146 8.32 -3.92 5.19
N THR A 147 8.28 -2.61 5.39
CA THR A 147 7.34 -1.99 6.30
C THR A 147 7.10 -0.53 5.87
N ALA A 148 5.83 -0.11 5.84
CA ALA A 148 5.36 1.26 5.64
C ALA A 148 4.01 1.40 6.33
N THR A 149 3.47 2.61 6.37
CA THR A 149 2.11 2.91 6.79
C THR A 149 1.36 3.51 5.60
N PHE A 150 0.06 3.22 5.50
CA PHE A 150 -0.82 3.83 4.50
C PHE A 150 -1.79 4.77 5.23
N THR A 151 -1.39 6.02 5.42
CA THR A 151 -2.19 7.03 6.09
C THR A 151 -3.20 7.62 5.11
N LEU A 152 -4.48 7.27 5.27
CA LEU A 152 -5.54 7.85 4.44
C LEU A 152 -5.88 9.25 4.95
N GLU A 153 -6.28 10.10 4.04
CA GLU A 153 -6.40 11.54 4.22
C GLU A 153 -7.78 12.00 3.77
N TYR A 154 -8.77 11.89 4.65
CA TYR A 154 -10.18 12.08 4.33
C TYR A 154 -10.48 13.46 3.75
N GLN A 155 -11.66 13.64 3.15
CA GLN A 155 -12.09 14.96 2.73
C GLN A 155 -12.30 15.81 4.00
N ASP A 156 -11.91 17.08 3.94
CA ASP A 156 -11.37 17.78 5.09
C ASP A 156 -12.34 17.87 6.29
N ASN A 157 -12.07 17.15 7.38
CA ASN A 157 -13.01 16.99 8.49
C ASN A 157 -12.98 18.13 9.49
N HIS A 158 -12.12 19.15 9.32
CA HIS A 158 -11.85 20.21 10.32
C HIS A 158 -11.86 19.68 11.77
N HIS A 159 -11.02 18.69 12.08
CA HIS A 159 -10.73 18.36 13.48
C HIS A 159 -9.86 19.47 14.07
N HIS A 160 -9.88 19.67 15.39
CA HIS A 160 -8.91 20.53 16.06
C HIS A 160 -7.49 19.97 15.90
N HIS A 161 -7.23 18.79 16.46
CA HIS A 161 -5.92 18.14 16.48
C HIS A 161 -5.98 16.92 15.57
N HIS A 162 -4.88 16.57 14.90
CA HIS A 162 -4.67 15.24 14.33
C HIS A 162 -3.19 14.87 14.55
N HIS A 163 -2.67 13.79 13.96
CA HIS A 163 -1.25 13.47 13.92
C HIS A 163 -0.98 12.31 12.95
N LYS A 164 -1.82 11.27 12.96
CA LYS A 164 -1.93 10.29 11.89
C LYS A 164 -3.38 9.81 11.83
N GLN A 165 -3.80 9.25 10.70
CA GLN A 165 -5.14 8.68 10.52
C GLN A 165 -5.32 7.54 11.52
N ALA A 166 -4.35 6.64 11.56
CA ALA A 166 -4.21 5.41 12.30
C ALA A 166 -2.73 5.03 12.16
N ASP A 167 -2.36 3.84 12.61
CA ASP A 167 -1.04 3.24 12.42
C ASP A 167 -1.26 1.94 11.65
N SER A 168 -1.79 2.08 10.43
CA SER A 168 -2.12 0.97 9.54
C SER A 168 -0.86 0.63 8.75
N THR A 169 0.03 -0.13 9.39
CA THR A 169 1.23 -0.66 8.77
C THR A 169 0.87 -1.68 7.69
N ILE A 170 1.83 -1.88 6.78
CA ILE A 170 1.84 -2.72 5.60
C ILE A 170 3.06 -3.63 5.77
N THR A 171 2.91 -4.96 5.71
CA THR A 171 4.03 -5.90 5.83
C THR A 171 3.94 -6.91 4.68
N ILE A 172 4.66 -6.64 3.59
CA ILE A 172 4.76 -7.52 2.43
C ILE A 172 5.82 -8.60 2.72
N ARG A 173 5.51 -9.87 2.46
CA ARG A 173 6.39 -11.03 2.62
C ARG A 173 6.57 -11.74 1.30
N GLY A 174 7.55 -12.64 1.23
CA GLY A 174 7.88 -13.43 0.07
C GLY A 174 9.33 -13.84 0.18
N TYR A 175 9.86 -14.42 -0.89
CA TYR A 175 11.22 -14.95 -0.89
C TYR A 175 11.97 -14.55 -2.18
N VAL A 176 13.25 -14.88 -2.26
CA VAL A 176 14.07 -14.83 -3.46
C VAL A 176 14.83 -16.16 -3.56
N ARG A 177 14.58 -16.95 -4.61
CA ARG A 177 15.33 -18.16 -4.88
C ARG A 177 16.64 -17.69 -5.49
N ASP A 178 17.79 -18.18 -5.06
CA ASP A 178 19.09 -17.56 -5.31
C ASP A 178 19.60 -17.73 -6.74
N ASN A 179 19.07 -18.71 -7.49
CA ASN A 179 19.19 -18.80 -8.94
C ASN A 179 17.89 -19.38 -9.44
N MET A 1 -28.73 16.11 -0.28
CA MET A 1 -29.50 16.22 0.96
C MET A 1 -29.71 14.81 1.50
N ALA A 2 -30.83 14.16 1.18
CA ALA A 2 -30.74 12.75 0.79
C ALA A 2 -29.82 12.70 -0.42
N ASP A 3 -29.03 11.64 -0.56
CA ASP A 3 -27.89 11.59 -1.46
C ASP A 3 -27.87 10.26 -2.21
N SER A 4 -28.03 9.14 -1.52
CA SER A 4 -28.34 7.85 -2.11
C SER A 4 -29.09 7.00 -1.09
N THR A 5 -29.73 5.93 -1.52
CA THR A 5 -30.65 5.13 -0.74
C THR A 5 -30.04 3.75 -0.60
N ILE A 6 -29.45 3.50 0.57
CA ILE A 6 -28.54 2.42 0.88
C ILE A 6 -28.88 2.02 2.32
N THR A 7 -29.17 0.75 2.58
CA THR A 7 -29.39 0.28 3.93
C THR A 7 -28.05 0.28 4.67
N ILE A 8 -27.78 1.39 5.35
CA ILE A 8 -26.61 1.60 6.17
C ILE A 8 -26.70 0.63 7.35
N ARG A 9 -25.71 -0.25 7.52
CA ARG A 9 -25.67 -1.19 8.65
C ARG A 9 -25.37 -0.49 9.99
N GLY A 10 -25.02 0.80 10.01
CA GLY A 10 -25.06 1.67 11.18
C GLY A 10 -24.57 3.07 10.79
N TYR A 11 -24.84 4.08 11.62
CA TYR A 11 -24.27 5.43 11.45
C TYR A 11 -22.77 5.45 11.61
N VAL A 12 -22.23 4.43 12.27
CA VAL A 12 -20.97 4.39 12.96
C VAL A 12 -19.98 5.44 12.42
N ARG A 13 -19.76 6.46 13.26
CA ARG A 13 -18.87 7.61 13.14
C ARG A 13 -18.91 8.34 11.79
N ASP A 14 -20.09 8.42 11.18
CA ASP A 14 -20.39 8.73 9.78
C ASP A 14 -19.35 9.57 9.01
N ASN A 15 -18.79 10.59 9.65
CA ASN A 15 -17.71 11.47 9.23
C ASN A 15 -16.34 10.74 9.14
N GLY A 16 -16.26 9.45 8.84
CA GLY A 16 -15.04 8.85 8.29
C GLY A 16 -15.23 7.37 7.98
N CYS A 17 -14.12 6.65 7.83
CA CYS A 17 -14.11 5.20 7.82
C CYS A 17 -13.16 4.69 8.91
N SER A 18 -13.43 3.51 9.45
CA SER A 18 -12.33 2.65 9.85
C SER A 18 -11.90 1.87 8.61
N VAL A 19 -10.62 1.59 8.53
CA VAL A 19 -10.13 0.44 7.80
C VAL A 19 -10.60 -0.82 8.54
N ALA A 20 -10.78 -1.93 7.83
CA ALA A 20 -11.15 -3.19 8.46
C ALA A 20 -9.95 -3.82 9.16
N ALA A 21 -10.25 -4.76 10.06
CA ALA A 21 -9.31 -5.65 10.73
C ALA A 21 -8.55 -6.58 9.76
N GLU A 22 -8.80 -6.50 8.45
CA GLU A 22 -8.03 -7.23 7.44
C GLU A 22 -7.05 -6.32 6.67
N SER A 23 -6.95 -5.05 7.08
CA SER A 23 -6.03 -4.08 6.49
C SER A 23 -5.56 -3.05 7.55
N THR A 24 -5.47 -3.44 8.82
CA THR A 24 -4.76 -2.66 9.83
C THR A 24 -3.46 -3.37 10.19
N ASN A 25 -3.46 -4.69 10.21
CA ASN A 25 -2.33 -5.56 10.49
C ASN A 25 -2.62 -6.76 9.60
N PHE A 26 -1.91 -6.86 8.49
CA PHE A 26 -1.96 -8.05 7.67
C PHE A 26 -0.62 -8.21 6.98
N THR A 27 -0.08 -9.42 7.05
CA THR A 27 1.08 -9.77 6.26
C THR A 27 0.55 -10.08 4.87
N VAL A 28 1.30 -9.71 3.85
CA VAL A 28 1.01 -10.10 2.49
C VAL A 28 2.26 -10.75 1.94
N ASP A 29 2.27 -12.07 1.89
CA ASP A 29 3.20 -12.74 0.98
C ASP A 29 2.59 -12.68 -0.40
N LEU A 30 3.44 -12.53 -1.41
CA LEU A 30 3.02 -12.41 -2.80
C LEU A 30 3.38 -13.67 -3.57
N MET A 31 4.54 -14.26 -3.27
CA MET A 31 5.26 -15.37 -3.89
C MET A 31 6.72 -15.20 -3.56
N GLU A 32 7.40 -16.28 -3.84
CA GLU A 32 8.83 -16.36 -3.73
C GLU A 32 9.39 -15.78 -5.03
N ASN A 33 10.53 -15.13 -4.95
CA ASN A 33 11.32 -14.66 -6.08
C ASN A 33 12.55 -15.55 -6.22
N ALA A 34 13.18 -15.48 -7.39
CA ALA A 34 14.55 -15.91 -7.59
C ALA A 34 15.40 -14.67 -7.75
N ALA A 35 16.67 -14.75 -7.36
CA ALA A 35 17.72 -13.81 -7.71
C ALA A 35 17.78 -13.68 -9.24
N LYS A 36 17.62 -14.81 -9.95
CA LYS A 36 18.09 -15.04 -11.31
C LYS A 36 17.33 -14.32 -12.43
N GLN A 37 16.36 -13.47 -12.09
CA GLN A 37 15.52 -12.79 -13.06
C GLN A 37 15.59 -11.27 -12.96
N PHE A 38 16.31 -10.73 -11.97
CA PHE A 38 16.48 -9.30 -11.78
C PHE A 38 17.91 -8.94 -12.18
N ASN A 39 18.05 -8.23 -13.29
CA ASN A 39 19.31 -8.11 -14.00
C ASN A 39 19.35 -6.83 -14.86
N ASN A 40 18.69 -5.81 -14.34
CA ASN A 40 18.52 -4.41 -14.72
C ASN A 40 17.25 -3.91 -14.03
N ILE A 41 17.09 -2.60 -14.01
CA ILE A 41 16.06 -1.92 -13.24
C ILE A 41 14.69 -2.12 -13.91
N GLY A 42 14.68 -2.36 -15.23
CA GLY A 42 13.46 -2.66 -15.97
C GLY A 42 12.92 -4.07 -15.71
N ALA A 43 13.61 -4.90 -14.92
CA ALA A 43 13.17 -6.25 -14.58
C ALA A 43 11.97 -6.19 -13.64
N THR A 44 10.76 -6.26 -14.21
CA THR A 44 9.50 -6.25 -13.48
C THR A 44 8.93 -7.67 -13.41
N THR A 45 8.55 -8.10 -12.21
CA THR A 45 7.92 -9.37 -11.87
C THR A 45 6.44 -9.41 -12.32
N PRO A 46 5.75 -10.57 -12.33
CA PRO A 46 4.30 -10.63 -12.44
C PRO A 46 3.68 -10.00 -11.18
N VAL A 47 3.03 -8.85 -11.33
CA VAL A 47 2.40 -8.13 -10.22
C VAL A 47 1.30 -8.97 -9.56
N VAL A 48 0.96 -8.66 -8.31
CA VAL A 48 -0.06 -9.38 -7.54
C VAL A 48 -1.09 -8.35 -7.03
N PRO A 49 -2.40 -8.68 -7.02
CA PRO A 49 -3.47 -7.76 -6.66
C PRO A 49 -3.48 -7.45 -5.15
N PHE A 50 -3.85 -6.23 -4.80
CA PHE A 50 -3.88 -5.66 -3.46
C PHE A 50 -5.06 -4.68 -3.38
N ARG A 51 -5.47 -4.30 -2.16
CA ARG A 51 -6.50 -3.30 -1.89
C ARG A 51 -6.42 -2.88 -0.43
N ILE A 52 -6.95 -1.72 -0.09
CA ILE A 52 -7.35 -1.43 1.29
C ILE A 52 -8.83 -1.85 1.38
N LEU A 53 -9.31 -2.32 2.53
CA LEU A 53 -10.73 -2.58 2.71
C LEU A 53 -11.21 -1.62 3.79
N LEU A 54 -12.00 -0.62 3.41
CA LEU A 54 -12.50 0.39 4.34
C LEU A 54 -13.92 0.02 4.71
N SER A 55 -14.10 -0.61 5.87
CA SER A 55 -15.41 -0.68 6.50
C SER A 55 -15.25 -0.60 8.01
N PRO A 56 -16.24 -0.06 8.74
CA PRO A 56 -17.35 0.72 8.19
C PRO A 56 -16.83 2.10 7.78
N CYS A 57 -17.12 2.50 6.54
CA CYS A 57 -17.29 3.91 6.20
C CYS A 57 -18.70 4.33 6.63
N GLY A 58 -18.90 5.63 6.85
CA GLY A 58 -20.22 6.22 6.98
C GLY A 58 -20.85 6.45 5.60
N ASN A 59 -21.65 7.52 5.52
CA ASN A 59 -22.07 8.12 4.26
C ASN A 59 -21.56 9.57 4.14
N ALA A 60 -20.98 10.14 5.20
CA ALA A 60 -20.58 11.54 5.32
C ALA A 60 -19.12 11.71 4.89
N VAL A 61 -18.75 11.02 3.82
CA VAL A 61 -17.42 10.96 3.26
C VAL A 61 -17.61 11.02 1.74
N SER A 62 -16.67 11.59 1.01
CA SER A 62 -16.75 11.85 -0.42
C SER A 62 -15.46 11.41 -1.11
N ALA A 63 -14.27 11.80 -0.61
CA ALA A 63 -12.98 11.39 -1.13
C ALA A 63 -11.92 11.38 -0.02
N VAL A 64 -10.73 10.85 -0.26
CA VAL A 64 -9.63 10.83 0.73
C VAL A 64 -8.34 11.33 0.07
N LYS A 65 -7.30 11.59 0.86
CA LYS A 65 -5.92 11.67 0.36
C LYS A 65 -5.19 10.44 0.90
N VAL A 66 -4.48 9.71 0.05
CA VAL A 66 -3.63 8.62 0.50
C VAL A 66 -2.33 9.21 1.04
N GLY A 67 -1.66 8.50 1.95
CA GLY A 67 -0.28 8.74 2.31
C GLY A 67 0.39 7.37 2.43
N PHE A 68 1.54 7.20 1.78
CA PHE A 68 2.32 5.97 1.79
C PHE A 68 3.75 6.33 2.16
N THR A 69 4.19 5.88 3.33
CA THR A 69 5.49 6.22 3.90
C THR A 69 6.08 4.97 4.52
N GLY A 70 7.36 4.73 4.25
CA GLY A 70 8.20 3.64 4.67
C GLY A 70 9.65 4.06 4.36
N VAL A 71 10.62 3.15 4.43
CA VAL A 71 11.99 3.46 4.02
C VAL A 71 12.02 3.58 2.49
N ALA A 72 12.44 4.70 1.95
CA ALA A 72 12.67 4.88 0.52
C ALA A 72 14.10 4.47 0.13
N ASP A 73 14.29 3.86 -1.03
CA ASP A 73 15.62 3.43 -1.51
C ASP A 73 16.51 4.65 -1.83
N SER A 74 17.83 4.53 -1.70
CA SER A 74 18.81 5.41 -2.30
C SER A 74 18.73 5.33 -3.83
N HIS A 75 18.66 4.12 -4.38
CA HIS A 75 18.76 3.89 -5.83
C HIS A 75 17.63 4.61 -6.54
N ASN A 76 16.39 4.27 -6.20
CA ASN A 76 15.18 4.72 -6.86
C ASN A 76 14.25 5.06 -5.73
N ALA A 77 14.31 6.30 -5.23
CA ALA A 77 13.60 6.68 -4.01
C ALA A 77 12.08 6.56 -4.12
N ASN A 78 11.55 6.35 -5.33
CA ASN A 78 10.15 6.01 -5.55
C ASN A 78 9.80 4.60 -5.03
N LEU A 79 10.78 3.73 -4.78
CA LEU A 79 10.58 2.31 -4.46
C LEU A 79 10.95 2.07 -3.01
N LEU A 80 10.19 1.19 -2.37
CA LEU A 80 10.14 1.01 -0.93
C LEU A 80 11.24 0.02 -0.56
N ALA A 81 12.23 0.46 0.22
CA ALA A 81 13.37 -0.34 0.63
C ALA A 81 12.96 -1.44 1.61
N LEU A 82 13.73 -2.52 1.65
CA LEU A 82 13.46 -3.71 2.45
C LEU A 82 13.84 -3.44 3.92
N GLU A 83 13.81 -4.47 4.77
CA GLU A 83 14.35 -4.39 6.14
C GLU A 83 15.87 -4.04 6.14
N ASN A 84 16.53 -4.05 4.98
CA ASN A 84 17.91 -3.57 4.76
C ASN A 84 18.87 -4.23 5.74
N THR A 85 18.92 -5.55 5.64
CA THR A 85 19.50 -6.51 6.57
C THR A 85 20.31 -7.48 5.71
N VAL A 86 21.41 -8.02 6.22
CA VAL A 86 22.25 -8.98 5.48
C VAL A 86 21.48 -10.15 4.88
N SER A 87 20.49 -10.70 5.60
CA SER A 87 19.67 -11.78 5.10
C SER A 87 18.55 -11.28 4.19
N ALA A 88 18.19 -10.00 4.25
CA ALA A 88 17.31 -9.43 3.25
C ALA A 88 18.06 -9.44 1.92
N ALA A 89 17.31 -9.41 0.82
CA ALA A 89 17.91 -9.14 -0.47
C ALA A 89 18.36 -7.67 -0.54
N SER A 90 19.06 -7.34 -1.62
CA SER A 90 19.56 -6.02 -1.95
C SER A 90 19.07 -5.68 -3.36
N GLY A 91 19.07 -4.40 -3.72
CA GLY A 91 18.79 -3.93 -5.08
C GLY A 91 17.41 -4.37 -5.58
N LEU A 92 16.48 -4.65 -4.67
CA LEU A 92 15.18 -5.25 -4.94
C LEU A 92 14.12 -4.61 -4.04
N GLY A 93 13.82 -3.34 -4.24
CA GLY A 93 12.78 -2.68 -3.46
C GLY A 93 11.41 -3.30 -3.72
N ILE A 94 10.50 -3.10 -2.79
CA ILE A 94 9.08 -3.35 -2.94
C ILE A 94 8.54 -2.31 -3.93
N GLN A 95 7.68 -2.79 -4.82
CA GLN A 95 6.90 -2.00 -5.76
C GLN A 95 5.43 -2.06 -5.29
N LEU A 96 4.79 -0.89 -5.18
CA LEU A 96 3.41 -0.69 -4.77
C LEU A 96 2.80 0.26 -5.80
N LEU A 97 1.56 -0.02 -6.21
CA LEU A 97 0.97 0.61 -7.38
C LEU A 97 -0.55 0.71 -7.19
N ASN A 98 -1.16 1.66 -7.90
CA ASN A 98 -2.60 1.85 -7.98
C ASN A 98 -3.17 1.11 -9.19
N GLU A 99 -4.48 1.21 -9.45
CA GLU A 99 -5.25 0.63 -10.56
C GLU A 99 -4.57 0.82 -11.93
N GLN A 100 -4.05 2.01 -12.22
CA GLN A 100 -3.27 2.35 -13.43
C GLN A 100 -1.91 1.69 -13.47
N GLN A 101 -1.52 0.99 -12.41
CA GLN A 101 -0.26 0.29 -12.29
C GLN A 101 0.89 1.29 -12.43
N ASN A 102 0.63 2.52 -11.96
CA ASN A 102 1.55 3.65 -11.94
C ASN A 102 2.48 3.47 -10.75
N GLN A 103 3.71 3.95 -10.87
CA GLN A 103 4.67 4.03 -9.78
C GLN A 103 4.12 5.03 -8.76
N ILE A 104 3.45 4.55 -7.71
CA ILE A 104 3.14 5.41 -6.57
C ILE A 104 4.47 5.71 -5.87
N PRO A 105 4.73 6.97 -5.53
CA PRO A 105 5.90 7.37 -4.75
C PRO A 105 5.74 7.04 -3.26
N LEU A 106 6.78 7.33 -2.47
CA LEU A 106 6.85 7.23 -1.03
C LEU A 106 7.35 8.57 -0.50
N ASN A 107 6.94 8.94 0.72
CA ASN A 107 7.29 10.22 1.33
C ASN A 107 6.97 11.40 0.37
N ALA A 108 5.77 11.40 -0.21
CA ALA A 108 5.39 12.25 -1.34
C ALA A 108 4.28 13.24 -0.97
N PRO A 109 3.98 14.23 -1.83
CA PRO A 109 2.80 15.07 -1.71
C PRO A 109 1.57 14.35 -2.26
N SER A 110 0.37 14.82 -1.91
CA SER A 110 -0.84 14.21 -2.41
C SER A 110 -1.04 14.43 -3.91
N SER A 111 -0.35 15.38 -4.54
CA SER A 111 -0.55 15.66 -5.95
C SER A 111 -0.14 14.48 -6.85
N ALA A 112 0.72 13.58 -6.36
CA ALA A 112 1.18 12.41 -7.11
C ALA A 112 0.18 11.24 -7.08
N LEU A 113 -0.92 11.34 -6.34
CA LEU A 113 -1.94 10.31 -6.25
C LEU A 113 -3.34 10.91 -6.17
N SER A 114 -4.34 10.06 -6.31
CA SER A 114 -5.75 10.37 -6.23
C SER A 114 -6.41 9.27 -5.39
N TRP A 115 -7.73 9.34 -5.28
CA TRP A 115 -8.55 8.29 -4.72
C TRP A 115 -9.89 8.29 -5.43
N THR A 116 -10.77 7.38 -5.05
CA THR A 116 -12.07 7.24 -5.68
C THR A 116 -13.12 7.99 -4.87
N THR A 117 -14.29 8.09 -5.47
CA THR A 117 -15.54 8.61 -4.96
C THR A 117 -16.10 7.60 -3.95
N LEU A 118 -15.93 7.85 -2.64
CA LEU A 118 -16.26 6.94 -1.54
C LEU A 118 -17.75 6.60 -1.58
N THR A 119 -18.12 5.42 -2.07
CA THR A 119 -19.50 4.95 -2.10
C THR A 119 -19.96 4.76 -0.64
N PRO A 120 -21.11 5.32 -0.25
CA PRO A 120 -21.52 5.30 1.15
C PRO A 120 -21.86 3.87 1.58
N GLY A 121 -21.54 3.53 2.83
CA GLY A 121 -21.93 2.27 3.45
C GLY A 121 -21.51 1.03 2.65
N LYS A 122 -20.28 1.02 2.11
CA LYS A 122 -19.71 -0.07 1.30
C LYS A 122 -18.23 -0.26 1.70
N PRO A 123 -17.59 -1.39 1.37
CA PRO A 123 -16.27 -1.76 1.87
C PRO A 123 -15.11 -1.04 1.16
N ASN A 124 -15.44 -0.11 0.25
CA ASN A 124 -14.57 0.74 -0.58
C ASN A 124 -13.22 0.10 -0.86
N THR A 125 -13.30 -1.05 -1.51
CA THR A 125 -12.21 -1.79 -2.07
C THR A 125 -11.87 -1.11 -3.40
N LEU A 126 -10.71 -0.47 -3.46
CA LEU A 126 -10.09 -0.02 -4.71
C LEU A 126 -9.23 -1.17 -5.25
N ASN A 127 -8.71 -1.03 -6.46
CA ASN A 127 -8.09 -2.09 -7.24
C ASN A 127 -6.61 -1.74 -7.36
N PHE A 128 -5.75 -2.25 -6.48
CA PHE A 128 -4.35 -1.88 -6.42
C PHE A 128 -3.46 -3.11 -6.64
N TYR A 129 -2.14 -2.90 -6.66
CA TYR A 129 -1.18 -3.94 -6.98
C TYR A 129 0.09 -3.77 -6.16
N ALA A 130 0.84 -4.84 -5.92
CA ALA A 130 2.18 -4.79 -5.33
C ALA A 130 3.04 -5.93 -5.90
N ARG A 131 4.37 -5.81 -5.77
CA ARG A 131 5.34 -6.87 -6.06
C ARG A 131 6.74 -6.43 -5.59
N LEU A 132 7.80 -7.08 -6.08
CA LEU A 132 9.19 -6.71 -5.84
C LEU A 132 9.74 -6.22 -7.17
N MET A 133 10.60 -5.22 -7.18
CA MET A 133 11.05 -4.51 -8.37
C MET A 133 12.55 -4.32 -8.23
N ALA A 134 13.28 -4.41 -9.33
CA ALA A 134 14.71 -4.16 -9.28
C ALA A 134 15.02 -2.70 -8.96
N THR A 135 16.19 -2.49 -8.38
CA THR A 135 16.92 -1.23 -8.41
C THR A 135 18.41 -1.46 -8.72
N GLN A 136 18.97 -2.66 -8.54
CA GLN A 136 20.31 -3.06 -8.99
C GLN A 136 20.32 -4.56 -9.35
N VAL A 137 21.46 -5.07 -9.82
CA VAL A 137 21.69 -6.47 -10.17
C VAL A 137 22.66 -7.08 -9.10
N PRO A 138 22.40 -7.01 -7.78
CA PRO A 138 23.33 -7.62 -6.82
C PRO A 138 23.14 -9.14 -6.80
N VAL A 139 21.95 -9.62 -7.17
CA VAL A 139 21.52 -11.03 -7.25
C VAL A 139 21.94 -11.84 -6.01
N THR A 140 21.93 -11.18 -4.85
CA THR A 140 22.21 -11.72 -3.54
C THR A 140 20.94 -12.47 -3.11
N ALA A 141 21.07 -13.77 -2.95
CA ALA A 141 20.13 -14.61 -2.21
C ALA A 141 19.80 -13.96 -0.87
N GLY A 142 18.57 -14.16 -0.39
CA GLY A 142 18.06 -13.45 0.77
C GLY A 142 16.56 -13.72 0.90
N HIS A 143 15.84 -12.82 1.57
CA HIS A 143 14.39 -12.90 1.72
C HIS A 143 13.77 -11.51 1.63
N ILE A 144 12.45 -11.43 1.51
CA ILE A 144 11.73 -10.17 1.40
C ILE A 144 11.03 -9.95 2.74
N ASN A 145 11.22 -8.74 3.26
CA ASN A 145 10.57 -8.14 4.41
C ASN A 145 10.64 -6.65 4.09
N ALA A 146 9.53 -5.93 4.22
CA ALA A 146 9.50 -4.47 4.19
C ALA A 146 8.34 -4.02 5.08
N THR A 147 8.21 -2.71 5.28
CA THR A 147 7.16 -2.13 6.10
C THR A 147 6.86 -0.72 5.58
N ALA A 148 5.64 -0.25 5.82
CA ALA A 148 5.18 1.09 5.54
C ALA A 148 3.86 1.27 6.30
N THR A 149 3.25 2.44 6.15
CA THR A 149 1.90 2.73 6.63
C THR A 149 1.09 3.30 5.47
N PHE A 150 -0.19 2.95 5.34
CA PHE A 150 -1.12 3.62 4.43
C PHE A 150 -2.12 4.44 5.24
N THR A 151 -1.85 5.72 5.45
CA THR A 151 -2.71 6.55 6.28
C THR A 151 -3.69 7.29 5.35
N LEU A 152 -4.96 6.85 5.31
CA LEU A 152 -5.99 7.48 4.51
C LEU A 152 -6.48 8.70 5.27
N GLU A 153 -6.14 9.87 4.76
CA GLU A 153 -6.57 11.14 5.29
C GLU A 153 -7.94 11.46 4.68
N TYR A 154 -8.99 10.85 5.26
CA TYR A 154 -10.39 11.02 4.91
C TYR A 154 -10.77 12.50 4.94
N GLN A 155 -11.10 13.08 3.80
CA GLN A 155 -11.52 14.48 3.74
C GLN A 155 -12.84 14.59 4.52
N ASP A 156 -13.04 15.63 5.31
CA ASP A 156 -14.11 15.73 6.30
C ASP A 156 -14.62 17.17 6.42
N ASN A 157 -15.91 17.31 6.70
CA ASN A 157 -16.58 18.61 6.90
C ASN A 157 -16.25 19.25 8.25
N HIS A 158 -15.41 18.58 9.04
CA HIS A 158 -14.93 19.00 10.35
C HIS A 158 -13.47 19.47 10.21
N HIS A 159 -12.89 20.06 11.25
CA HIS A 159 -11.48 20.48 11.29
C HIS A 159 -10.90 20.11 12.67
N HIS A 160 -9.59 20.26 12.86
CA HIS A 160 -8.79 19.64 13.92
C HIS A 160 -9.03 18.13 13.97
N HIS A 161 -8.49 17.40 12.99
CA HIS A 161 -8.65 15.94 12.93
C HIS A 161 -7.82 15.24 14.01
N HIS A 162 -7.76 13.90 13.94
CA HIS A 162 -6.74 13.09 14.61
C HIS A 162 -5.34 13.62 14.22
N HIS A 163 -4.27 13.24 14.93
CA HIS A 163 -2.92 13.64 14.53
C HIS A 163 -2.64 13.14 13.11
N LYS A 164 -2.58 11.82 12.89
CA LYS A 164 -2.69 11.21 11.56
C LYS A 164 -3.73 10.09 11.65
N GLN A 165 -3.98 9.35 10.57
CA GLN A 165 -4.80 8.15 10.66
C GLN A 165 -4.10 7.15 11.61
N ALA A 166 -4.74 6.04 11.92
CA ALA A 166 -4.04 4.86 12.38
C ALA A 166 -3.04 4.40 11.32
N ASP A 167 -2.02 3.70 11.79
CA ASP A 167 -0.75 3.48 11.12
C ASP A 167 -0.66 2.04 10.59
N SER A 168 -1.73 1.55 9.91
CA SER A 168 -1.85 0.27 9.21
C SER A 168 -0.51 -0.25 8.68
N THR A 169 0.07 -1.19 9.42
CA THR A 169 1.37 -1.76 9.14
C THR A 169 1.27 -2.55 7.82
N ILE A 170 2.04 -2.16 6.80
CA ILE A 170 2.27 -3.02 5.65
C ILE A 170 3.33 -4.04 6.09
N THR A 171 3.25 -5.29 5.63
CA THR A 171 4.36 -6.23 5.69
C THR A 171 4.34 -7.17 4.50
N ILE A 172 5.10 -6.82 3.46
CA ILE A 172 5.19 -7.63 2.25
C ILE A 172 6.33 -8.64 2.40
N ARG A 173 6.12 -9.87 1.90
CA ARG A 173 7.03 -11.01 2.04
C ARG A 173 7.37 -11.61 0.68
N GLY A 174 8.16 -12.67 0.73
CA GLY A 174 8.71 -13.42 -0.39
C GLY A 174 10.07 -13.95 0.06
N TYR A 175 10.76 -14.65 -0.84
CA TYR A 175 12.10 -15.16 -0.58
C TYR A 175 12.93 -14.90 -1.85
N VAL A 176 14.25 -14.90 -1.78
CA VAL A 176 15.12 -14.73 -2.94
C VAL A 176 15.99 -15.98 -3.05
N ARG A 177 15.61 -16.85 -3.98
CA ARG A 177 16.33 -18.08 -4.26
C ARG A 177 17.53 -17.72 -5.10
N ASP A 178 18.73 -18.15 -4.72
CA ASP A 178 19.93 -18.04 -5.54
C ASP A 178 19.74 -18.70 -6.92
N ASN A 179 18.87 -19.71 -7.03
CA ASN A 179 18.53 -20.41 -8.25
C ASN A 179 17.25 -21.19 -8.01
N MET A 1 -34.62 -5.29 -4.98
CA MET A 1 -33.67 -4.67 -4.04
C MET A 1 -33.59 -5.51 -2.76
N ALA A 2 -32.97 -4.99 -1.70
CA ALA A 2 -32.94 -5.58 -0.37
C ALA A 2 -33.05 -4.42 0.64
N ASP A 3 -32.57 -4.64 1.85
CA ASP A 3 -32.14 -3.61 2.80
C ASP A 3 -31.10 -2.68 2.15
N SER A 4 -30.67 -1.63 2.84
CA SER A 4 -29.34 -1.08 2.60
C SER A 4 -28.63 -0.80 3.92
N THR A 5 -27.34 -0.49 3.83
CA THR A 5 -26.56 0.02 4.94
C THR A 5 -26.34 1.53 4.78
N ILE A 6 -26.51 2.08 3.57
CA ILE A 6 -26.53 3.51 3.30
C ILE A 6 -27.52 4.18 4.28
N THR A 7 -28.70 3.58 4.47
CA THR A 7 -29.77 4.10 5.31
C THR A 7 -29.54 3.86 6.83
N ILE A 8 -28.34 3.47 7.26
CA ILE A 8 -28.03 3.18 8.68
C ILE A 8 -28.47 4.32 9.60
N ARG A 9 -29.13 3.92 10.69
CA ARG A 9 -29.60 4.75 11.80
C ARG A 9 -28.49 5.32 12.69
N GLY A 10 -27.24 4.88 12.53
CA GLY A 10 -26.15 5.11 13.46
C GLY A 10 -24.85 5.28 12.70
N TYR A 11 -24.68 6.46 12.12
CA TYR A 11 -23.72 6.89 11.11
C TYR A 11 -22.24 6.51 11.19
N VAL A 12 -21.76 6.04 12.34
CA VAL A 12 -20.36 5.83 12.64
C VAL A 12 -19.43 6.88 11.99
N ARG A 13 -19.62 8.16 12.35
CA ARG A 13 -18.83 9.27 11.84
C ARG A 13 -18.63 9.17 10.34
N ASP A 14 -19.75 9.08 9.63
CA ASP A 14 -19.91 9.03 8.18
C ASP A 14 -18.86 9.80 7.40
N ASN A 15 -18.48 11.01 7.83
CA ASN A 15 -17.51 11.92 7.20
C ASN A 15 -16.06 11.37 7.26
N GLY A 16 -15.90 10.08 7.49
CA GLY A 16 -14.88 9.22 6.92
C GLY A 16 -15.38 7.79 7.10
N CYS A 17 -15.23 6.92 6.10
CA CYS A 17 -15.51 5.50 6.28
C CYS A 17 -14.58 4.95 7.37
N SER A 18 -14.96 3.88 8.09
CA SER A 18 -13.99 3.14 8.87
C SER A 18 -12.98 2.48 7.92
N VAL A 19 -11.82 2.13 8.45
CA VAL A 19 -10.88 1.22 7.83
C VAL A 19 -11.18 -0.15 8.45
N ALA A 20 -11.15 -1.23 7.67
CA ALA A 20 -11.31 -2.56 8.24
C ALA A 20 -10.04 -3.01 8.98
N ALA A 21 -10.14 -4.10 9.75
CA ALA A 21 -8.99 -4.70 10.45
C ALA A 21 -7.89 -5.05 9.47
N GLU A 22 -8.26 -5.57 8.29
CA GLU A 22 -7.41 -5.86 7.14
C GLU A 22 -6.79 -4.60 6.50
N SER A 23 -7.05 -3.42 7.03
CA SER A 23 -6.45 -2.15 6.64
C SER A 23 -5.89 -1.39 7.87
N THR A 24 -5.60 -2.09 8.97
CA THR A 24 -4.96 -1.56 10.15
C THR A 24 -3.82 -2.49 10.62
N ASN A 25 -3.94 -3.82 10.48
CA ASN A 25 -2.87 -4.77 10.75
C ASN A 25 -3.04 -5.95 9.81
N PHE A 26 -2.19 -6.09 8.78
CA PHE A 26 -2.26 -7.21 7.85
C PHE A 26 -0.88 -7.51 7.26
N THR A 27 -0.79 -8.55 6.45
CA THR A 27 0.41 -8.94 5.73
C THR A 27 0.11 -8.91 4.23
N VAL A 28 1.17 -8.83 3.42
CA VAL A 28 1.14 -9.08 1.99
C VAL A 28 2.03 -10.30 1.76
N ASP A 29 1.43 -11.38 1.27
CA ASP A 29 2.15 -12.56 0.80
C ASP A 29 2.66 -12.24 -0.60
N LEU A 30 3.95 -12.44 -0.86
CA LEU A 30 4.59 -11.99 -2.08
C LEU A 30 5.20 -13.20 -2.79
N MET A 31 4.36 -14.17 -3.15
CA MET A 31 4.59 -15.61 -2.96
C MET A 31 6.08 -15.95 -2.82
N GLU A 32 6.82 -15.97 -3.93
CA GLU A 32 8.26 -16.02 -3.95
C GLU A 32 8.77 -15.14 -5.09
N ASN A 33 10.09 -15.00 -5.19
CA ASN A 33 10.79 -14.23 -6.20
C ASN A 33 11.98 -15.08 -6.63
N ALA A 34 12.58 -14.80 -7.79
CA ALA A 34 13.90 -15.32 -8.11
C ALA A 34 14.88 -14.17 -8.17
N ALA A 35 16.16 -14.48 -7.93
CA ALA A 35 17.25 -13.53 -8.10
C ALA A 35 17.45 -13.23 -9.59
N LYS A 36 17.79 -14.27 -10.35
CA LYS A 36 18.58 -14.15 -11.58
C LYS A 36 17.80 -13.46 -12.70
N GLN A 37 16.48 -13.51 -12.60
CA GLN A 37 15.54 -12.92 -13.54
C GLN A 37 15.62 -11.39 -13.59
N PHE A 38 16.27 -10.74 -12.62
CA PHE A 38 16.26 -9.30 -12.43
C PHE A 38 17.60 -8.74 -12.87
N ASN A 39 17.79 -8.59 -14.19
CA ASN A 39 19.06 -8.16 -14.78
C ASN A 39 19.00 -6.75 -15.38
N ASN A 40 17.94 -6.00 -15.11
CA ASN A 40 17.65 -4.63 -15.57
C ASN A 40 16.50 -4.08 -14.75
N ILE A 41 16.43 -2.77 -14.67
CA ILE A 41 15.62 -2.04 -13.71
C ILE A 41 14.13 -2.07 -14.13
N GLY A 42 13.86 -2.27 -15.42
CA GLY A 42 12.51 -2.48 -15.94
C GLY A 42 11.97 -3.89 -15.66
N ALA A 43 12.72 -4.76 -14.98
CA ALA A 43 12.24 -6.10 -14.64
C ALA A 43 11.21 -6.04 -13.50
N THR A 44 10.04 -6.62 -13.70
CA THR A 44 8.92 -6.58 -12.77
C THR A 44 8.36 -8.00 -12.55
N THR A 45 8.13 -8.38 -11.30
CA THR A 45 7.52 -9.66 -10.92
C THR A 45 5.98 -9.63 -11.03
N PRO A 46 5.29 -10.80 -11.00
CA PRO A 46 3.86 -10.93 -11.26
C PRO A 46 3.05 -10.30 -10.13
N VAL A 47 2.51 -9.11 -10.38
CA VAL A 47 1.80 -8.28 -9.41
C VAL A 47 0.77 -9.03 -8.55
N VAL A 48 1.07 -9.13 -7.25
CA VAL A 48 0.20 -9.72 -6.23
C VAL A 48 -0.98 -8.80 -5.98
N PRO A 49 -2.20 -9.34 -5.84
CA PRO A 49 -3.41 -8.56 -5.56
C PRO A 49 -3.38 -8.04 -4.12
N PHE A 50 -3.32 -6.72 -3.95
CA PHE A 50 -3.34 -6.04 -2.67
C PHE A 50 -4.52 -5.05 -2.73
N ARG A 51 -5.16 -4.74 -1.60
CA ARG A 51 -6.11 -3.64 -1.51
C ARG A 51 -6.29 -3.19 -0.07
N ILE A 52 -6.95 -2.05 0.07
CA ILE A 52 -7.38 -1.44 1.29
C ILE A 52 -8.91 -1.45 1.23
N LEU A 53 -9.51 -2.24 2.11
CA LEU A 53 -10.95 -2.38 2.32
C LEU A 53 -11.38 -1.25 3.26
N LEU A 54 -12.24 -0.33 2.80
CA LEU A 54 -12.84 0.70 3.64
C LEU A 54 -14.30 0.33 3.85
N SER A 55 -14.68 -0.01 5.07
CA SER A 55 -16.02 -0.36 5.49
C SER A 55 -15.95 -0.71 7.00
N PRO A 56 -17.03 -0.60 7.80
CA PRO A 56 -18.31 0.01 7.45
C PRO A 56 -18.15 1.51 7.19
N CYS A 57 -18.98 2.08 6.32
CA CYS A 57 -19.07 3.53 6.12
C CYS A 57 -20.43 4.01 6.59
N GLY A 58 -20.57 5.34 6.71
CA GLY A 58 -21.84 6.02 6.74
C GLY A 58 -22.29 6.32 5.30
N ASN A 59 -22.94 7.46 5.08
CA ASN A 59 -23.46 7.85 3.77
C ASN A 59 -22.91 9.16 3.22
N ALA A 60 -22.08 9.90 3.97
CA ALA A 60 -21.73 11.28 3.69
C ALA A 60 -20.21 11.38 3.54
N VAL A 61 -19.71 11.39 2.31
CA VAL A 61 -18.27 11.30 2.06
C VAL A 61 -17.92 11.82 0.65
N SER A 62 -16.67 12.27 0.47
CA SER A 62 -16.05 12.50 -0.84
C SER A 62 -15.09 11.38 -1.21
N ALA A 63 -13.97 11.23 -0.50
CA ALA A 63 -12.89 10.31 -0.87
C ALA A 63 -11.96 10.07 0.31
N VAL A 64 -11.00 9.19 0.09
CA VAL A 64 -9.81 8.96 0.92
C VAL A 64 -8.63 9.70 0.25
N LYS A 65 -7.53 9.91 0.98
CA LYS A 65 -6.18 10.20 0.49
C LYS A 65 -5.25 9.26 1.25
N VAL A 66 -4.00 9.12 0.82
CA VAL A 66 -3.30 7.85 1.02
C VAL A 66 -1.79 8.10 1.22
N GLY A 67 -1.36 8.17 2.48
CA GLY A 67 0.02 8.49 2.86
C GLY A 67 0.77 7.22 3.21
N PHE A 68 1.35 6.60 2.17
CA PHE A 68 2.29 5.49 2.27
C PHE A 68 3.68 6.04 2.57
N THR A 69 4.22 5.77 3.76
CA THR A 69 5.48 6.35 4.19
C THR A 69 6.35 5.35 4.94
N GLY A 70 7.63 5.29 4.62
CA GLY A 70 8.57 4.30 5.12
C GLY A 70 9.97 4.56 4.59
N VAL A 71 10.90 3.63 4.79
CA VAL A 71 12.27 3.77 4.32
C VAL A 71 12.30 3.72 2.78
N ALA A 72 12.79 4.77 2.12
CA ALA A 72 13.01 4.79 0.67
C ALA A 72 14.30 4.06 0.28
N ASP A 73 14.31 3.34 -0.85
CA ASP A 73 15.49 2.67 -1.42
C ASP A 73 16.42 3.69 -2.08
N SER A 74 17.71 3.67 -1.75
CA SER A 74 18.69 4.64 -2.21
C SER A 74 18.84 4.69 -3.74
N HIS A 75 18.50 3.61 -4.48
CA HIS A 75 18.63 3.60 -5.92
C HIS A 75 17.42 4.29 -6.53
N ASN A 76 16.22 3.86 -6.14
CA ASN A 76 14.97 4.40 -6.64
C ASN A 76 14.17 4.79 -5.41
N ALA A 77 14.38 6.01 -4.91
CA ALA A 77 13.82 6.52 -3.66
C ALA A 77 12.30 6.64 -3.71
N ASN A 78 11.71 6.46 -4.88
CA ASN A 78 10.28 6.28 -5.08
C ASN A 78 9.82 4.98 -4.39
N LEU A 79 10.63 3.91 -4.44
CA LEU A 79 10.28 2.59 -3.93
C LEU A 79 10.74 2.43 -2.48
N LEU A 80 10.14 1.44 -1.81
CA LEU A 80 10.31 1.12 -0.40
C LEU A 80 11.53 0.20 -0.28
N ALA A 81 12.48 0.52 0.58
CA ALA A 81 13.65 -0.32 0.82
C ALA A 81 13.27 -1.60 1.58
N LEU A 82 14.23 -2.48 1.79
CA LEU A 82 14.04 -3.72 2.54
C LEU A 82 14.28 -3.44 4.02
N GLU A 83 14.24 -4.48 4.85
CA GLU A 83 14.75 -4.52 6.23
C GLU A 83 16.22 -4.08 6.33
N ASN A 84 16.90 -4.01 5.17
CA ASN A 84 18.29 -3.62 4.97
C ASN A 84 19.22 -4.34 5.96
N THR A 85 18.98 -5.64 6.17
CA THR A 85 19.80 -6.48 7.00
C THR A 85 20.86 -7.15 6.10
N VAL A 86 21.94 -7.65 6.69
CA VAL A 86 23.07 -8.26 5.99
C VAL A 86 22.70 -9.42 5.05
N SER A 87 21.59 -10.13 5.30
CA SER A 87 21.09 -11.22 4.46
C SER A 87 19.69 -10.92 3.90
N ALA A 88 19.26 -9.65 3.94
CA ALA A 88 18.25 -9.15 3.03
C ALA A 88 18.83 -9.22 1.61
N ALA A 89 17.95 -9.33 0.62
CA ALA A 89 18.34 -9.13 -0.77
C ALA A 89 18.80 -7.68 -1.00
N SER A 90 19.33 -7.40 -2.19
CA SER A 90 19.86 -6.10 -2.60
C SER A 90 19.34 -5.73 -3.98
N GLY A 91 19.37 -4.42 -4.31
CA GLY A 91 18.93 -3.86 -5.58
C GLY A 91 17.51 -4.24 -5.95
N LEU A 92 16.67 -4.56 -4.96
CA LEU A 92 15.35 -5.11 -5.12
C LEU A 92 14.47 -4.37 -4.13
N GLY A 93 13.93 -3.23 -4.52
CA GLY A 93 13.06 -2.47 -3.63
C GLY A 93 11.65 -3.04 -3.71
N ILE A 94 10.93 -2.94 -2.61
CA ILE A 94 9.53 -3.25 -2.52
C ILE A 94 8.77 -2.17 -3.30
N GLN A 95 7.92 -2.61 -4.21
CA GLN A 95 7.06 -1.79 -5.05
C GLN A 95 5.61 -2.09 -4.66
N LEU A 96 4.76 -1.06 -4.67
CA LEU A 96 3.38 -1.05 -4.21
C LEU A 96 2.59 -0.17 -5.19
N LEU A 97 1.98 -0.74 -6.22
CA LEU A 97 1.37 0.02 -7.31
C LEU A 97 -0.13 0.18 -7.05
N ASN A 98 -0.72 1.23 -7.63
CA ASN A 98 -2.18 1.38 -7.68
C ASN A 98 -2.79 0.52 -8.79
N GLU A 99 -4.12 0.50 -8.93
CA GLU A 99 -4.91 -0.17 -9.98
C GLU A 99 -4.26 -0.07 -11.37
N GLN A 100 -3.86 1.14 -11.77
CA GLN A 100 -3.25 1.40 -13.08
C GLN A 100 -1.88 0.76 -13.26
N GLN A 101 -1.36 0.09 -12.25
CA GLN A 101 -0.05 -0.54 -12.20
C GLN A 101 1.04 0.49 -12.52
N ASN A 102 0.75 1.75 -12.20
CA ASN A 102 1.65 2.88 -12.23
C ASN A 102 2.31 2.96 -10.85
N GLN A 103 3.57 3.38 -10.80
CA GLN A 103 4.37 3.38 -9.58
C GLN A 103 3.82 4.41 -8.59
N ILE A 104 4.14 4.28 -7.30
CA ILE A 104 3.79 5.23 -6.23
C ILE A 104 5.09 5.62 -5.51
N PRO A 105 5.45 6.92 -5.46
CA PRO A 105 6.58 7.40 -4.70
C PRO A 105 6.24 7.46 -3.20
N LEU A 106 7.01 6.76 -2.38
CA LEU A 106 7.00 6.83 -0.93
C LEU A 106 7.36 8.25 -0.48
N ASN A 107 6.80 8.67 0.66
CA ASN A 107 7.11 9.91 1.36
C ASN A 107 6.80 11.18 0.56
N ALA A 108 6.13 11.05 -0.58
CA ALA A 108 5.63 12.12 -1.43
C ALA A 108 4.47 12.88 -0.75
N PRO A 109 4.08 14.08 -1.22
CA PRO A 109 3.00 14.83 -0.61
C PRO A 109 1.65 14.24 -1.01
N SER A 110 0.58 14.62 -0.31
CA SER A 110 -0.77 14.16 -0.55
C SER A 110 -1.35 14.63 -1.89
N SER A 111 -0.61 15.39 -2.70
CA SER A 111 -0.94 15.73 -4.08
C SER A 111 -0.59 14.58 -5.04
N ALA A 112 0.43 13.77 -4.75
CA ALA A 112 1.15 13.02 -5.78
C ALA A 112 0.50 11.67 -6.12
N LEU A 113 -0.56 11.33 -5.38
CA LEU A 113 -1.38 10.14 -5.41
C LEU A 113 -2.82 10.58 -5.14
N SER A 114 -3.80 9.71 -5.38
CA SER A 114 -5.21 10.09 -5.36
C SER A 114 -6.11 8.86 -5.18
N TRP A 115 -7.37 9.06 -4.83
CA TRP A 115 -8.35 8.02 -4.59
C TRP A 115 -9.60 8.26 -5.44
N THR A 116 -10.49 7.27 -5.46
CA THR A 116 -11.73 7.28 -6.21
C THR A 116 -12.85 7.96 -5.40
N THR A 117 -13.99 8.22 -6.05
CA THR A 117 -15.22 8.72 -5.46
C THR A 117 -15.76 7.65 -4.49
N LEU A 118 -15.50 7.79 -3.18
CA LEU A 118 -15.96 6.82 -2.20
C LEU A 118 -17.50 6.76 -2.25
N THR A 119 -18.03 5.56 -2.37
CA THR A 119 -19.44 5.23 -2.35
C THR A 119 -19.92 5.22 -0.89
N PRO A 120 -21.18 5.61 -0.63
CA PRO A 120 -21.78 5.45 0.68
C PRO A 120 -21.93 3.95 0.99
N GLY A 121 -21.66 3.54 2.23
CA GLY A 121 -21.94 2.20 2.75
C GLY A 121 -21.53 1.05 1.83
N LYS A 122 -20.27 1.02 1.37
CA LYS A 122 -19.74 -0.01 0.47
C LYS A 122 -18.27 -0.31 0.81
N PRO A 123 -17.64 -1.37 0.25
CA PRO A 123 -16.31 -1.81 0.65
C PRO A 123 -15.19 -0.97 0.04
N ASN A 124 -15.50 -0.11 -0.96
CA ASN A 124 -14.64 0.96 -1.49
C ASN A 124 -13.21 0.53 -1.85
N THR A 125 -13.05 -0.76 -2.14
CA THR A 125 -11.81 -1.46 -2.41
C THR A 125 -11.18 -0.94 -3.70
N LEU A 126 -10.06 -0.25 -3.54
CA LEU A 126 -9.22 0.14 -4.66
C LEU A 126 -8.38 -1.05 -5.04
N ASN A 127 -8.52 -1.52 -6.27
CA ASN A 127 -7.64 -2.55 -6.81
C ASN A 127 -6.21 -2.02 -6.72
N PHE A 128 -5.30 -2.72 -6.06
CA PHE A 128 -3.93 -2.31 -5.88
C PHE A 128 -3.04 -3.54 -6.04
N TYR A 129 -1.72 -3.33 -6.04
CA TYR A 129 -0.77 -4.38 -6.29
C TYR A 129 0.48 -4.20 -5.47
N ALA A 130 1.20 -5.29 -5.23
CA ALA A 130 2.55 -5.29 -4.70
C ALA A 130 3.35 -6.31 -5.50
N ARG A 131 4.64 -6.07 -5.71
CA ARG A 131 5.64 -7.09 -6.04
C ARG A 131 7.00 -6.43 -5.98
N LEU A 132 8.07 -7.20 -6.13
CA LEU A 132 9.42 -6.64 -6.01
C LEU A 132 9.76 -5.91 -7.30
N MET A 133 10.59 -4.87 -7.18
CA MET A 133 11.08 -4.05 -8.26
C MET A 133 12.61 -4.06 -8.25
N ALA A 134 13.21 -4.43 -9.37
CA ALA A 134 14.64 -4.34 -9.61
C ALA A 134 15.00 -2.86 -9.63
N THR A 135 15.64 -2.36 -8.57
CA THR A 135 16.20 -1.02 -8.58
C THR A 135 17.67 -1.07 -9.03
N GLN A 136 18.32 -2.25 -8.97
CA GLN A 136 19.56 -2.57 -9.67
C GLN A 136 19.51 -4.02 -10.18
N VAL A 137 20.64 -4.53 -10.67
CA VAL A 137 20.74 -5.88 -11.23
C VAL A 137 21.80 -6.69 -10.44
N PRO A 138 21.75 -6.78 -9.09
CA PRO A 138 22.83 -7.37 -8.33
C PRO A 138 22.69 -8.88 -8.19
N VAL A 139 21.49 -9.41 -8.44
CA VAL A 139 21.05 -10.80 -8.34
C VAL A 139 21.59 -11.55 -7.11
N THR A 140 21.65 -10.82 -6.01
CA THR A 140 22.02 -11.23 -4.68
C THR A 140 20.76 -11.79 -4.01
N ALA A 141 20.71 -13.10 -3.80
CA ALA A 141 19.64 -13.78 -3.04
C ALA A 141 19.50 -13.26 -1.61
N GLY A 142 18.50 -13.75 -0.89
CA GLY A 142 18.09 -13.28 0.43
C GLY A 142 16.61 -13.57 0.64
N HIS A 143 16.08 -13.23 1.81
CA HIS A 143 14.65 -13.10 2.08
C HIS A 143 14.21 -11.67 1.80
N ILE A 144 12.89 -11.48 1.69
CA ILE A 144 12.24 -10.19 1.46
C ILE A 144 11.38 -9.95 2.70
N ASN A 145 11.66 -8.86 3.40
CA ASN A 145 10.99 -8.37 4.58
C ASN A 145 11.20 -6.86 4.52
N ALA A 146 10.15 -6.08 4.75
CA ALA A 146 10.17 -4.62 4.70
C ALA A 146 9.22 -4.06 5.75
N THR A 147 9.10 -2.74 5.85
CA THR A 147 8.26 -2.05 6.81
C THR A 147 7.99 -0.62 6.35
N ALA A 148 6.72 -0.21 6.43
CA ALA A 148 6.22 1.14 6.21
C ALA A 148 4.85 1.22 6.89
N THR A 149 4.19 2.36 6.77
CA THR A 149 2.79 2.51 7.16
C THR A 149 2.00 3.13 6.02
N PHE A 150 0.67 2.99 6.04
CA PHE A 150 -0.24 3.42 4.96
C PHE A 150 -1.41 4.22 5.54
N THR A 151 -1.12 5.43 6.01
CA THR A 151 -2.09 6.24 6.74
C THR A 151 -3.08 6.92 5.81
N LEU A 152 -4.30 6.38 5.78
CA LEU A 152 -5.40 6.77 4.92
C LEU A 152 -6.08 7.98 5.53
N GLU A 153 -5.70 9.16 5.05
CA GLU A 153 -6.17 10.44 5.53
C GLU A 153 -7.51 10.77 4.86
N TYR A 154 -8.59 10.85 5.61
CA TYR A 154 -9.91 11.25 5.08
C TYR A 154 -9.95 12.77 4.91
N GLN A 155 -11.00 13.28 4.25
CA GLN A 155 -11.15 14.72 4.07
C GLN A 155 -11.41 15.42 5.41
N ASP A 156 -11.28 16.74 5.45
CA ASP A 156 -11.51 17.54 6.66
C ASP A 156 -12.98 17.49 7.08
N ASN A 157 -13.29 17.89 8.32
CA ASN A 157 -14.59 18.45 8.65
C ASN A 157 -14.39 19.95 8.87
N HIS A 158 -14.02 20.38 10.08
CA HIS A 158 -13.98 21.81 10.41
C HIS A 158 -12.57 22.39 10.55
N HIS A 159 -11.51 21.59 10.55
CA HIS A 159 -10.13 22.06 10.78
C HIS A 159 -9.13 20.94 10.56
N HIS A 160 -9.43 19.74 11.07
CA HIS A 160 -8.74 18.53 10.67
C HIS A 160 -9.78 17.40 10.58
N HIS A 161 -9.37 16.33 9.91
CA HIS A 161 -10.11 15.11 9.63
C HIS A 161 -10.48 14.39 10.92
N HIS A 162 -11.06 13.18 10.79
CA HIS A 162 -10.87 12.06 11.71
C HIS A 162 -9.40 11.98 12.18
N HIS A 163 -9.15 11.21 13.26
CA HIS A 163 -7.80 10.92 13.74
C HIS A 163 -6.94 10.31 12.62
N LYS A 164 -5.62 10.24 12.80
CA LYS A 164 -4.76 9.47 11.88
C LYS A 164 -5.35 8.07 11.78
N GLN A 165 -5.43 7.52 10.57
CA GLN A 165 -5.73 6.10 10.42
C GLN A 165 -4.48 5.36 10.91
N ALA A 166 -4.49 4.97 12.20
CA ALA A 166 -3.58 4.14 12.99
C ALA A 166 -2.08 4.39 12.89
N ASP A 167 -1.51 4.50 11.70
CA ASP A 167 -0.14 4.14 11.33
C ASP A 167 -0.07 2.61 11.16
N SER A 168 -1.09 2.07 10.46
CA SER A 168 -1.29 0.70 9.99
C SER A 168 0.01 0.15 9.41
N THR A 169 0.66 -0.81 10.07
CA THR A 169 1.93 -1.36 9.60
C THR A 169 1.75 -2.16 8.31
N ILE A 170 2.70 -2.05 7.40
CA ILE A 170 2.76 -2.81 6.16
C ILE A 170 3.95 -3.75 6.27
N THR A 171 3.74 -5.02 5.91
CA THR A 171 4.70 -6.10 6.06
C THR A 171 4.55 -7.01 4.86
N ILE A 172 5.52 -6.96 3.95
CA ILE A 172 5.50 -7.73 2.72
C ILE A 172 6.53 -8.86 2.85
N ARG A 173 6.10 -10.11 2.67
CA ARG A 173 6.88 -11.32 2.94
C ARG A 173 7.23 -12.02 1.63
N GLY A 174 8.50 -12.12 1.27
CA GLY A 174 8.97 -12.82 0.06
C GLY A 174 10.24 -13.61 0.34
N TYR A 175 10.75 -14.30 -0.68
CA TYR A 175 12.02 -15.00 -0.62
C TYR A 175 12.66 -14.96 -1.99
N VAL A 176 13.99 -14.83 -2.06
CA VAL A 176 14.71 -14.85 -3.32
C VAL A 176 15.30 -16.24 -3.56
N ARG A 177 14.78 -16.94 -4.57
CA ARG A 177 15.34 -18.18 -5.07
C ARG A 177 16.52 -17.80 -5.95
N ASP A 178 17.71 -18.36 -5.74
CA ASP A 178 18.84 -18.12 -6.66
C ASP A 178 18.83 -19.07 -7.87
N ASN A 179 17.62 -19.54 -8.23
CA ASN A 179 17.21 -20.31 -9.41
C ASN A 179 17.39 -21.80 -9.12
N MET A 1 -29.65 6.41 -5.37
CA MET A 1 -28.92 5.36 -6.10
C MET A 1 -28.66 4.16 -5.20
N ALA A 2 -27.86 4.33 -4.13
CA ALA A 2 -27.69 3.31 -3.09
C ALA A 2 -29.03 3.05 -2.39
N ASP A 3 -29.10 1.97 -1.61
CA ASP A 3 -30.37 1.35 -1.17
C ASP A 3 -30.55 1.46 0.34
N SER A 4 -31.65 0.93 0.86
CA SER A 4 -31.94 0.89 2.28
C SER A 4 -30.93 0.03 3.02
N THR A 5 -30.88 0.22 4.35
CA THR A 5 -30.21 -0.61 5.34
C THR A 5 -28.69 -0.67 5.20
N ILE A 6 -28.12 0.21 4.38
CA ILE A 6 -26.69 0.27 4.11
C ILE A 6 -25.94 0.52 5.42
N THR A 7 -25.15 -0.46 5.88
CA THR A 7 -24.35 -0.40 7.11
C THR A 7 -25.17 -0.26 8.40
N ILE A 8 -26.50 -0.34 8.36
CA ILE A 8 -27.35 -0.10 9.53
C ILE A 8 -27.00 -1.02 10.71
N ARG A 9 -26.54 -2.25 10.47
CA ARG A 9 -26.15 -3.15 11.55
C ARG A 9 -24.79 -2.78 12.15
N GLY A 10 -24.02 -1.87 11.57
CA GLY A 10 -22.67 -1.52 12.01
C GLY A 10 -22.30 -0.16 11.45
N TYR A 11 -22.71 0.90 12.13
CA TYR A 11 -22.67 2.29 11.74
C TYR A 11 -22.09 3.02 12.94
N VAL A 12 -20.86 3.51 12.77
CA VAL A 12 -20.16 4.25 13.80
C VAL A 12 -20.22 5.75 13.48
N ARG A 13 -20.06 6.12 12.20
CA ARG A 13 -20.12 7.52 11.79
C ARG A 13 -20.36 7.62 10.28
N ASP A 14 -21.08 8.66 9.90
CA ASP A 14 -21.11 9.27 8.58
C ASP A 14 -20.22 10.51 8.67
N ASN A 15 -18.94 10.34 8.35
CA ASN A 15 -17.94 11.44 8.29
C ASN A 15 -16.66 10.98 7.59
N GLY A 16 -16.26 9.70 7.71
CA GLY A 16 -15.11 9.09 7.05
C GLY A 16 -15.29 7.58 7.03
N CYS A 17 -14.39 6.85 6.38
CA CYS A 17 -14.51 5.41 6.14
C CYS A 17 -13.22 4.73 6.56
N SER A 18 -13.22 4.24 7.79
CA SER A 18 -12.08 3.61 8.45
C SER A 18 -11.51 2.46 7.63
N VAL A 19 -10.27 2.14 7.94
CA VAL A 19 -9.54 0.96 7.51
C VAL A 19 -10.02 -0.20 8.38
N ALA A 20 -10.44 -1.30 7.74
CA ALA A 20 -10.91 -2.48 8.45
C ALA A 20 -9.76 -3.16 9.20
N ALA A 21 -10.08 -4.05 10.14
CA ALA A 21 -9.13 -4.76 11.00
C ALA A 21 -8.11 -5.54 10.16
N GLU A 22 -8.60 -6.14 9.08
CA GLU A 22 -7.86 -6.88 8.05
C GLU A 22 -6.87 -6.02 7.25
N SER A 23 -6.73 -4.72 7.59
CA SER A 23 -5.83 -3.77 6.94
C SER A 23 -5.00 -2.97 7.96
N THR A 24 -5.43 -2.80 9.23
CA THR A 24 -4.55 -2.18 10.23
C THR A 24 -3.36 -3.09 10.52
N ASN A 25 -3.59 -4.38 10.79
CA ASN A 25 -2.51 -5.28 11.20
C ASN A 25 -2.62 -6.57 10.41
N PHE A 26 -1.96 -6.61 9.25
CA PHE A 26 -2.15 -7.67 8.26
C PHE A 26 -0.82 -7.95 7.55
N THR A 27 -0.84 -8.82 6.54
CA THR A 27 0.33 -9.19 5.75
C THR A 27 -0.02 -9.08 4.26
N VAL A 28 0.98 -8.86 3.42
CA VAL A 28 0.89 -9.01 1.97
C VAL A 28 1.88 -10.12 1.60
N ASP A 29 1.37 -11.22 1.08
CA ASP A 29 2.14 -12.34 0.54
C ASP A 29 2.63 -11.99 -0.86
N LEU A 30 3.93 -11.85 -1.03
CA LEU A 30 4.59 -11.97 -2.32
C LEU A 30 5.23 -13.35 -2.30
N MET A 31 4.56 -14.34 -2.90
CA MET A 31 5.15 -15.62 -3.32
C MET A 31 6.55 -15.45 -3.94
N GLU A 32 7.30 -16.54 -4.05
CA GLU A 32 8.72 -16.46 -4.40
C GLU A 32 8.92 -15.83 -5.76
N ASN A 33 10.15 -15.41 -6.05
CA ASN A 33 10.59 -15.36 -7.44
C ASN A 33 11.92 -16.09 -7.60
N ALA A 34 13.03 -15.38 -7.79
CA ALA A 34 14.32 -15.87 -8.25
C ALA A 34 15.19 -14.64 -8.47
N ALA A 35 16.47 -14.72 -8.10
CA ALA A 35 17.43 -13.64 -8.26
C ALA A 35 17.77 -13.45 -9.74
N LYS A 36 17.90 -14.56 -10.48
CA LYS A 36 18.54 -14.63 -11.81
C LYS A 36 17.65 -14.11 -12.96
N GLN A 37 16.72 -13.23 -12.65
CA GLN A 37 15.90 -12.46 -13.58
C GLN A 37 16.12 -10.95 -13.38
N PHE A 38 16.67 -10.53 -12.23
CA PHE A 38 16.80 -9.12 -11.89
C PHE A 38 18.16 -8.61 -12.33
N ASN A 39 18.34 -8.49 -13.64
CA ASN A 39 19.59 -8.08 -14.28
C ASN A 39 19.34 -6.82 -15.12
N ASN A 40 18.56 -5.90 -14.57
CA ASN A 40 18.25 -4.54 -15.01
C ASN A 40 17.02 -4.05 -14.27
N ILE A 41 16.89 -2.73 -14.16
CA ILE A 41 15.78 -2.07 -13.47
C ILE A 41 14.45 -2.32 -14.21
N GLY A 42 14.49 -2.61 -15.51
CA GLY A 42 13.32 -3.03 -16.28
C GLY A 42 12.73 -4.38 -15.90
N ALA A 43 13.30 -5.10 -14.92
CA ALA A 43 12.80 -6.37 -14.42
C ALA A 43 11.57 -6.14 -13.51
N THR A 44 10.45 -5.71 -14.08
CA THR A 44 9.17 -5.65 -13.41
C THR A 44 8.55 -7.05 -13.40
N THR A 45 8.50 -7.66 -12.21
CA THR A 45 8.00 -9.00 -11.95
C THR A 45 6.48 -9.14 -12.19
N PRO A 46 5.95 -10.38 -12.21
CA PRO A 46 4.52 -10.65 -12.31
C PRO A 46 3.82 -10.24 -11.01
N VAL A 47 3.15 -9.09 -10.99
CA VAL A 47 2.54 -8.46 -9.81
C VAL A 47 1.49 -9.30 -9.06
N VAL A 48 1.36 -9.11 -7.74
CA VAL A 48 0.30 -9.67 -6.90
C VAL A 48 -0.85 -8.65 -6.81
N PRO A 49 -2.12 -9.07 -6.85
CA PRO A 49 -3.25 -8.17 -6.67
C PRO A 49 -3.46 -7.86 -5.18
N PHE A 50 -3.93 -6.66 -4.86
CA PHE A 50 -4.07 -6.11 -3.52
C PHE A 50 -5.22 -5.10 -3.51
N ARG A 51 -5.74 -4.73 -2.33
CA ARG A 51 -6.53 -3.52 -2.11
C ARG A 51 -6.45 -3.17 -0.63
N ILE A 52 -6.57 -1.88 -0.29
CA ILE A 52 -6.98 -1.49 1.05
C ILE A 52 -8.49 -1.80 1.12
N LEU A 53 -8.99 -2.21 2.28
CA LEU A 53 -10.41 -2.44 2.53
C LEU A 53 -10.84 -1.35 3.51
N LEU A 54 -11.71 -0.44 3.06
CA LEU A 54 -12.20 0.63 3.93
C LEU A 54 -13.59 0.25 4.38
N SER A 55 -13.71 -0.29 5.60
CA SER A 55 -14.99 -0.38 6.28
C SER A 55 -14.81 -0.25 7.81
N PRO A 56 -15.87 0.07 8.57
CA PRO A 56 -17.18 0.48 8.10
C PRO A 56 -17.09 1.86 7.47
N CYS A 57 -18.09 2.22 6.68
CA CYS A 57 -18.14 3.47 5.96
C CYS A 57 -19.44 4.17 6.32
N GLY A 58 -19.65 5.38 5.80
CA GLY A 58 -20.70 6.25 6.30
C GLY A 58 -21.51 6.85 5.17
N ASN A 59 -22.73 7.31 5.47
CA ASN A 59 -23.63 7.93 4.52
C ASN A 59 -23.02 9.18 3.87
N ALA A 60 -22.23 9.95 4.62
CA ALA A 60 -21.72 11.26 4.23
C ALA A 60 -20.19 11.24 4.34
N VAL A 61 -19.54 10.73 3.29
CA VAL A 61 -18.13 10.91 3.03
C VAL A 61 -18.01 11.12 1.51
N SER A 62 -16.97 11.81 1.05
CA SER A 62 -16.68 11.95 -0.38
C SER A 62 -15.43 11.18 -0.75
N ALA A 63 -14.24 11.61 -0.30
CA ALA A 63 -12.97 11.04 -0.76
C ALA A 63 -11.92 11.06 0.33
N VAL A 64 -10.83 10.34 0.08
CA VAL A 64 -9.62 10.29 0.90
C VAL A 64 -8.41 10.69 0.05
N LYS A 65 -7.20 10.69 0.64
CA LYS A 65 -5.97 10.45 -0.15
C LYS A 65 -5.02 9.53 0.59
N VAL A 66 -4.17 8.80 -0.14
CA VAL A 66 -3.21 7.88 0.47
C VAL A 66 -1.84 8.52 0.65
N GLY A 67 -1.29 8.44 1.86
CA GLY A 67 0.12 8.58 2.13
C GLY A 67 0.68 7.19 2.37
N PHE A 68 1.32 6.57 1.37
CA PHE A 68 2.16 5.41 1.61
C PHE A 68 3.47 5.98 2.13
N THR A 69 3.66 5.93 3.45
CA THR A 69 4.75 6.63 4.10
C THR A 69 5.49 5.67 5.04
N GLY A 70 6.80 5.84 5.04
CA GLY A 70 7.79 4.94 5.59
C GLY A 70 9.14 5.31 4.98
N VAL A 71 10.16 4.49 5.24
CA VAL A 71 11.51 4.65 4.72
C VAL A 71 11.47 4.54 3.18
N ALA A 72 11.77 5.65 2.51
CA ALA A 72 12.06 5.73 1.09
C ALA A 72 13.51 5.30 0.86
N ASP A 73 13.78 4.53 -0.21
CA ASP A 73 15.01 3.75 -0.34
C ASP A 73 16.21 4.50 -0.94
N SER A 74 17.42 4.10 -0.52
CA SER A 74 18.73 4.53 -1.01
C SER A 74 18.87 4.60 -2.54
N HIS A 75 18.33 3.62 -3.27
CA HIS A 75 18.61 3.45 -4.69
C HIS A 75 17.65 4.30 -5.52
N ASN A 76 16.36 4.10 -5.33
CA ASN A 76 15.28 4.81 -6.00
C ASN A 76 14.33 5.11 -4.87
N ALA A 77 14.28 6.36 -4.40
CA ALA A 77 13.53 6.72 -3.21
C ALA A 77 12.03 6.41 -3.32
N ASN A 78 11.54 6.20 -4.53
CA ASN A 78 10.18 5.78 -4.83
C ASN A 78 9.86 4.43 -4.17
N LEU A 79 10.82 3.50 -4.11
CA LEU A 79 10.57 2.09 -3.78
C LEU A 79 10.87 1.86 -2.30
N LEU A 80 10.31 0.77 -1.77
CA LEU A 80 10.20 0.54 -0.33
C LEU A 80 11.53 -0.06 0.15
N ALA A 81 12.14 0.53 1.18
CA ALA A 81 13.19 -0.14 1.93
C ALA A 81 12.62 -1.32 2.70
N LEU A 82 12.97 -2.53 2.24
CA LEU A 82 12.93 -3.76 3.03
C LEU A 82 13.68 -3.60 4.35
N GLU A 83 13.61 -4.61 5.23
CA GLU A 83 14.51 -4.67 6.36
C GLU A 83 15.90 -4.81 5.75
N ASN A 84 16.65 -3.71 5.75
CA ASN A 84 17.81 -3.53 4.89
C ASN A 84 18.98 -4.23 5.57
N THR A 85 19.09 -5.52 5.32
CA THR A 85 19.96 -6.41 6.07
C THR A 85 20.53 -7.44 5.10
N VAL A 86 21.69 -8.01 5.40
CA VAL A 86 22.37 -9.07 4.63
C VAL A 86 21.53 -10.33 4.36
N SER A 87 20.48 -10.58 5.12
CA SER A 87 19.58 -11.69 4.86
C SER A 87 18.61 -11.36 3.74
N ALA A 88 18.31 -10.08 3.55
CA ALA A 88 17.42 -9.62 2.51
C ALA A 88 18.14 -9.71 1.16
N ALA A 89 17.38 -9.80 0.07
CA ALA A 89 17.97 -9.87 -1.25
C ALA A 89 18.32 -8.44 -1.64
N SER A 90 19.57 -8.18 -2.01
CA SER A 90 20.02 -6.81 -2.26
C SER A 90 19.40 -6.28 -3.54
N GLY A 91 19.39 -4.96 -3.72
CA GLY A 91 18.98 -4.26 -4.93
C GLY A 91 17.58 -4.62 -5.41
N LEU A 92 16.73 -5.14 -4.52
CA LEU A 92 15.36 -5.58 -4.79
C LEU A 92 14.45 -4.96 -3.74
N GLY A 93 14.21 -3.65 -3.83
CA GLY A 93 13.21 -3.01 -3.00
C GLY A 93 11.82 -3.45 -3.43
N ILE A 94 10.81 -3.22 -2.59
CA ILE A 94 9.45 -3.63 -2.91
C ILE A 94 8.79 -2.51 -3.73
N GLN A 95 7.89 -2.90 -4.63
CA GLN A 95 7.18 -2.03 -5.57
C GLN A 95 5.69 -2.22 -5.30
N LEU A 96 5.10 -1.30 -4.53
CA LEU A 96 3.65 -1.15 -4.37
C LEU A 96 3.14 -0.27 -5.50
N LEU A 97 2.10 -0.72 -6.18
CA LEU A 97 1.53 -0.01 -7.31
C LEU A 97 0.02 0.07 -7.13
N ASN A 98 -0.61 0.78 -8.05
CA ASN A 98 -2.05 0.85 -8.24
C ASN A 98 -2.45 -0.03 -9.42
N GLU A 99 -3.75 -0.18 -9.71
CA GLU A 99 -4.37 -0.85 -10.85
C GLU A 99 -3.59 -0.69 -12.17
N GLN A 100 -3.31 0.56 -12.56
CA GLN A 100 -2.62 0.90 -13.81
C GLN A 100 -1.12 0.64 -13.75
N GLN A 101 -0.65 0.23 -12.58
CA GLN A 101 0.71 -0.14 -12.23
C GLN A 101 1.64 1.00 -12.62
N ASN A 102 1.31 2.16 -12.10
CA ASN A 102 2.15 3.33 -12.13
C ASN A 102 2.74 3.47 -10.74
N GLN A 103 4.06 3.53 -10.69
CA GLN A 103 4.91 3.57 -9.51
C GLN A 103 4.46 4.70 -8.59
N ILE A 104 4.36 4.43 -7.29
CA ILE A 104 3.73 5.29 -6.30
C ILE A 104 4.79 5.71 -5.27
N PRO A 105 5.40 6.90 -5.40
CA PRO A 105 6.51 7.31 -4.54
C PRO A 105 6.06 7.54 -3.09
N LEU A 106 7.06 7.68 -2.20
CA LEU A 106 6.89 7.77 -0.76
C LEU A 106 7.10 9.21 -0.32
N ASN A 107 6.52 9.53 0.85
CA ASN A 107 6.55 10.88 1.42
C ASN A 107 5.96 11.91 0.43
N ALA A 108 5.21 11.44 -0.57
CA ALA A 108 4.81 12.17 -1.76
C ALA A 108 3.74 13.22 -1.41
N PRO A 109 3.45 14.18 -2.31
CA PRO A 109 2.37 15.13 -2.11
C PRO A 109 1.02 14.40 -2.23
N SER A 110 -0.07 15.14 -2.07
CA SER A 110 -1.37 14.70 -2.54
C SER A 110 -1.40 14.79 -4.06
N SER A 111 -0.85 15.86 -4.63
CA SER A 111 -0.72 16.09 -6.07
C SER A 111 0.26 15.14 -6.80
N ALA A 112 0.24 13.83 -6.49
CA ALA A 112 0.83 12.80 -7.36
C ALA A 112 -0.07 11.56 -7.49
N LEU A 113 -1.16 11.44 -6.72
CA LEU A 113 -2.15 10.37 -6.77
C LEU A 113 -3.53 10.93 -6.38
N SER A 114 -4.61 10.23 -6.69
CA SER A 114 -5.96 10.66 -6.35
C SER A 114 -6.81 9.45 -5.92
N TRP A 115 -8.12 9.63 -5.73
CA TRP A 115 -9.03 8.61 -5.21
C TRP A 115 -10.45 8.89 -5.70
N THR A 116 -11.38 7.99 -5.39
CA THR A 116 -12.74 7.99 -5.90
C THR A 116 -13.76 8.38 -4.82
N THR A 117 -15.01 8.50 -5.22
CA THR A 117 -16.18 8.54 -4.37
C THR A 117 -16.28 7.28 -3.50
N LEU A 118 -15.93 7.40 -2.22
CA LEU A 118 -16.17 6.38 -1.20
C LEU A 118 -17.69 6.16 -1.16
N THR A 119 -18.17 5.03 -1.71
CA THR A 119 -19.57 4.61 -1.67
C THR A 119 -20.00 4.54 -0.19
N PRO A 120 -21.22 4.96 0.16
CA PRO A 120 -21.64 5.01 1.54
C PRO A 120 -21.75 3.61 2.11
N GLY A 121 -21.38 3.45 3.38
CA GLY A 121 -21.78 2.32 4.21
C GLY A 121 -21.43 0.92 3.66
N LYS A 122 -20.41 0.79 2.81
CA LYS A 122 -20.03 -0.48 2.16
C LYS A 122 -18.52 -0.67 2.30
N PRO A 123 -18.00 -1.89 2.16
CA PRO A 123 -16.57 -2.15 2.12
C PRO A 123 -16.02 -1.61 0.81
N ASN A 124 -15.52 -0.39 0.88
CA ASN A 124 -14.84 0.23 -0.24
C ASN A 124 -13.50 -0.47 -0.41
N THR A 125 -12.98 -0.42 -1.63
CA THR A 125 -11.80 -1.15 -2.02
C THR A 125 -11.24 -0.46 -3.25
N LEU A 126 -9.92 -0.54 -3.38
CA LEU A 126 -9.15 0.22 -4.34
C LEU A 126 -8.10 -0.72 -4.88
N ASN A 127 -8.33 -1.18 -6.10
CA ASN A 127 -7.56 -2.25 -6.72
C ASN A 127 -6.14 -1.74 -6.92
N PHE A 128 -5.22 -2.33 -6.17
CA PHE A 128 -3.81 -2.02 -6.14
C PHE A 128 -3.03 -3.31 -6.43
N TYR A 129 -1.71 -3.22 -6.52
CA TYR A 129 -0.83 -4.35 -6.72
C TYR A 129 0.41 -4.21 -5.83
N ALA A 130 1.17 -5.28 -5.62
CA ALA A 130 2.51 -5.24 -5.04
C ALA A 130 3.39 -6.29 -5.71
N ARG A 131 4.69 -6.05 -5.82
CA ARG A 131 5.71 -7.04 -6.22
C ARG A 131 7.08 -6.47 -5.86
N LEU A 132 8.17 -7.01 -6.40
CA LEU A 132 9.49 -6.41 -6.26
C LEU A 132 9.75 -5.45 -7.42
N MET A 133 10.85 -4.72 -7.34
CA MET A 133 11.45 -4.01 -8.45
C MET A 133 12.95 -4.14 -8.28
N ALA A 134 13.66 -4.54 -9.33
CA ALA A 134 15.10 -4.38 -9.38
C ALA A 134 15.41 -2.89 -9.31
N THR A 135 16.05 -2.46 -8.24
CA THR A 135 16.72 -1.16 -8.18
C THR A 135 18.15 -1.27 -8.68
N GLN A 136 18.74 -2.48 -8.69
CA GLN A 136 20.09 -2.79 -9.17
C GLN A 136 20.14 -4.25 -9.64
N VAL A 137 21.32 -4.73 -10.04
CA VAL A 137 21.55 -6.10 -10.47
C VAL A 137 22.56 -6.83 -9.56
N PRO A 138 22.37 -6.88 -8.22
CA PRO A 138 23.33 -7.54 -7.34
C PRO A 138 23.14 -9.05 -7.34
N VAL A 139 21.99 -9.54 -7.84
CA VAL A 139 21.56 -10.92 -7.96
C VAL A 139 22.02 -11.79 -6.78
N THR A 140 21.69 -11.27 -5.60
CA THR A 140 21.90 -11.88 -4.31
C THR A 140 20.52 -12.34 -3.85
N ALA A 141 20.37 -13.65 -3.62
CA ALA A 141 19.18 -14.28 -3.08
C ALA A 141 18.92 -13.78 -1.65
N GLY A 142 17.76 -14.14 -1.10
CA GLY A 142 17.38 -13.69 0.23
C GLY A 142 15.86 -13.68 0.37
N HIS A 143 15.40 -13.70 1.61
CA HIS A 143 14.01 -13.42 1.93
C HIS A 143 13.66 -11.97 1.59
N ILE A 144 12.36 -11.69 1.50
CA ILE A 144 11.77 -10.36 1.50
C ILE A 144 11.04 -10.24 2.84
N ASN A 145 11.11 -9.05 3.41
CA ASN A 145 10.44 -8.53 4.59
C ASN A 145 10.67 -7.02 4.49
N ALA A 146 9.71 -6.18 4.87
CA ALA A 146 9.83 -4.72 4.83
C ALA A 146 8.84 -4.10 5.83
N THR A 147 8.84 -2.77 5.92
CA THR A 147 8.00 -2.02 6.84
C THR A 147 7.71 -0.63 6.27
N ALA A 148 6.41 -0.29 6.18
CA ALA A 148 5.86 1.01 5.81
C ALA A 148 4.44 1.06 6.38
N THR A 149 3.68 2.13 6.11
CA THR A 149 2.26 2.18 6.38
C THR A 149 1.55 2.88 5.21
N PHE A 150 0.23 2.66 5.03
CA PHE A 150 -0.61 3.66 4.37
C PHE A 150 -1.08 4.65 5.44
N THR A 151 -1.67 5.76 5.04
CA THR A 151 -2.37 6.74 5.87
C THR A 151 -3.47 7.32 4.98
N LEU A 152 -4.63 7.68 5.55
CA LEU A 152 -5.81 8.10 4.81
C LEU A 152 -6.17 9.51 5.25
N GLU A 153 -5.88 10.49 4.40
CA GLU A 153 -6.24 11.88 4.61
C GLU A 153 -7.71 12.07 4.20
N TYR A 154 -8.64 11.88 5.13
CA TYR A 154 -10.06 12.10 4.84
C TYR A 154 -10.29 13.58 4.49
N GLN A 155 -11.06 13.83 3.43
CA GLN A 155 -11.38 15.17 2.92
C GLN A 155 -10.13 15.95 2.49
N ASP A 156 -9.17 15.26 1.86
CA ASP A 156 -7.96 15.80 1.22
C ASP A 156 -8.21 17.11 0.44
N ASN A 157 -9.36 17.24 -0.22
CA ASN A 157 -9.70 18.40 -1.03
C ASN A 157 -9.93 19.69 -0.25
N HIS A 158 -9.97 19.66 1.09
CA HIS A 158 -10.02 20.85 1.93
C HIS A 158 -8.82 20.85 2.89
N HIS A 159 -8.69 21.85 3.77
CA HIS A 159 -7.52 21.91 4.66
C HIS A 159 -7.51 20.70 5.58
N HIS A 160 -6.33 20.07 5.74
CA HIS A 160 -6.19 18.90 6.62
C HIS A 160 -6.63 19.22 8.05
N HIS A 161 -6.87 18.17 8.83
CA HIS A 161 -7.43 18.22 10.17
C HIS A 161 -6.61 17.40 11.17
N HIS A 162 -5.81 16.42 10.74
CA HIS A 162 -5.11 15.49 11.63
C HIS A 162 -3.79 15.07 10.94
N HIS A 163 -3.16 13.94 11.34
CA HIS A 163 -1.89 13.50 10.76
C HIS A 163 -1.69 11.99 10.89
N LYS A 164 -1.40 11.47 12.09
CA LYS A 164 -1.37 10.02 12.26
C LYS A 164 -2.82 9.58 12.27
N GLN A 165 -3.30 8.98 11.19
CA GLN A 165 -4.62 8.36 11.17
C GLN A 165 -4.66 7.19 12.14
N ALA A 166 -3.73 6.27 11.98
CA ALA A 166 -3.58 4.97 12.61
C ALA A 166 -2.12 4.57 12.37
N ASP A 167 -1.78 3.31 12.63
CA ASP A 167 -0.48 2.73 12.32
C ASP A 167 -0.77 1.41 11.63
N SER A 168 -1.14 1.51 10.36
CA SER A 168 -1.49 0.37 9.52
C SER A 168 -0.21 -0.29 9.01
N THR A 169 0.35 -1.20 9.80
CA THR A 169 1.68 -1.75 9.65
C THR A 169 1.73 -2.68 8.45
N ILE A 170 2.27 -2.19 7.33
CA ILE A 170 2.35 -2.94 6.08
C ILE A 170 3.55 -3.85 6.26
N THR A 171 3.34 -5.16 6.10
CA THR A 171 4.40 -6.15 6.18
C THR A 171 4.27 -7.04 4.96
N ILE A 172 5.04 -6.71 3.92
CA ILE A 172 5.11 -7.49 2.71
C ILE A 172 6.21 -8.53 2.94
N ARG A 173 5.86 -9.81 2.85
CA ARG A 173 6.80 -10.94 2.97
C ARG A 173 7.12 -11.46 1.59
N GLY A 174 8.20 -12.23 1.44
CA GLY A 174 8.47 -12.95 0.22
C GLY A 174 9.82 -13.66 0.25
N TYR A 175 10.25 -14.16 -0.91
CA TYR A 175 11.50 -14.88 -1.04
C TYR A 175 12.09 -14.74 -2.44
N VAL A 176 13.42 -14.79 -2.51
CA VAL A 176 14.22 -14.80 -3.71
C VAL A 176 15.04 -16.08 -3.62
N ARG A 177 14.79 -16.96 -4.59
CA ARG A 177 15.58 -18.15 -4.79
C ARG A 177 16.83 -17.63 -5.51
N ASP A 178 17.98 -18.25 -5.38
CA ASP A 178 19.14 -17.91 -6.22
C ASP A 178 18.86 -18.16 -7.71
N ASN A 179 18.20 -19.26 -8.03
CA ASN A 179 17.67 -19.56 -9.34
C ASN A 179 16.42 -20.40 -9.14
N MET A 1 -36.99 1.76 -1.55
CA MET A 1 -37.13 1.44 -0.11
C MET A 1 -37.14 2.73 0.68
N ALA A 2 -35.98 3.33 0.98
CA ALA A 2 -35.88 4.68 1.52
C ALA A 2 -34.99 5.49 0.59
N ASP A 3 -35.21 6.80 0.52
CA ASP A 3 -34.72 7.69 -0.53
C ASP A 3 -33.21 7.80 -0.47
N SER A 4 -32.66 7.96 0.72
CA SER A 4 -31.24 7.85 1.02
C SER A 4 -31.05 7.69 2.51
N THR A 5 -30.78 6.47 2.96
CA THR A 5 -29.96 6.28 4.14
C THR A 5 -29.19 4.98 3.95
N ILE A 6 -27.89 5.00 4.27
CA ILE A 6 -27.05 3.83 4.12
C ILE A 6 -27.22 2.89 5.33
N THR A 7 -27.79 3.39 6.42
CA THR A 7 -27.83 2.75 7.73
C THR A 7 -26.41 2.40 8.18
N ILE A 8 -25.71 3.40 8.71
CA ILE A 8 -24.38 3.29 9.30
C ILE A 8 -24.45 2.17 10.35
N ARG A 9 -23.48 1.25 10.34
CA ARG A 9 -23.44 0.16 11.31
C ARG A 9 -23.33 0.70 12.74
N GLY A 10 -22.69 1.85 12.91
CA GLY A 10 -22.67 2.56 14.17
C GLY A 10 -22.40 4.03 13.92
N TYR A 11 -21.18 4.47 14.17
CA TYR A 11 -20.84 5.89 14.22
C TYR A 11 -19.51 6.22 13.53
N VAL A 12 -18.75 5.21 13.07
CA VAL A 12 -17.49 5.40 12.35
C VAL A 12 -17.65 6.56 11.38
N ARG A 13 -16.87 7.63 11.63
CA ARG A 13 -17.18 8.97 11.17
C ARG A 13 -17.44 8.94 9.68
N ASP A 14 -18.67 9.30 9.31
CA ASP A 14 -19.21 9.24 7.95
C ASP A 14 -18.18 9.68 6.93
N ASN A 15 -17.61 10.86 7.22
CA ASN A 15 -16.74 11.68 6.42
C ASN A 15 -15.41 11.01 6.06
N GLY A 16 -15.16 9.77 6.47
CA GLY A 16 -13.87 9.12 6.36
C GLY A 16 -13.97 7.67 6.82
N CYS A 17 -14.36 6.78 5.91
CA CYS A 17 -14.43 5.33 6.13
C CYS A 17 -13.16 4.82 6.79
N SER A 18 -13.25 4.20 7.98
CA SER A 18 -12.09 3.59 8.61
C SER A 18 -11.53 2.48 7.71
N VAL A 19 -10.23 2.23 7.83
CA VAL A 19 -9.65 0.97 7.34
C VAL A 19 -10.22 -0.17 8.17
N ALA A 20 -10.48 -1.31 7.52
CA ALA A 20 -10.98 -2.49 8.20
C ALA A 20 -9.87 -3.18 9.00
N ALA A 21 -10.30 -4.06 9.88
CA ALA A 21 -9.46 -4.89 10.73
C ALA A 21 -8.55 -5.74 9.87
N GLU A 22 -9.08 -6.34 8.80
CA GLU A 22 -8.35 -7.18 7.83
C GLU A 22 -7.35 -6.40 6.95
N SER A 23 -6.93 -5.22 7.37
CA SER A 23 -5.98 -4.35 6.68
C SER A 23 -5.06 -3.62 7.69
N THR A 24 -5.52 -3.32 8.90
CA THR A 24 -4.66 -2.74 9.92
C THR A 24 -3.72 -3.83 10.46
N ASN A 25 -2.40 -3.58 10.43
CA ASN A 25 -1.35 -4.52 10.85
C ASN A 25 -1.61 -5.92 10.28
N PHE A 26 -1.99 -5.97 9.00
CA PHE A 26 -2.18 -7.22 8.28
C PHE A 26 -0.83 -7.77 7.83
N THR A 27 -0.77 -8.66 6.85
CA THR A 27 0.46 -8.94 6.11
C THR A 27 0.07 -9.36 4.70
N VAL A 28 0.97 -9.12 3.73
CA VAL A 28 0.87 -9.59 2.36
C VAL A 28 1.82 -10.79 2.21
N ASP A 29 1.26 -11.87 1.67
CA ASP A 29 1.95 -13.00 1.07
C ASP A 29 2.36 -12.60 -0.34
N LEU A 30 3.67 -12.37 -0.52
CA LEU A 30 4.35 -12.38 -1.81
C LEU A 30 5.15 -13.69 -1.88
N MET A 31 4.62 -14.64 -2.64
CA MET A 31 5.10 -15.99 -2.92
C MET A 31 6.62 -16.11 -2.72
N GLU A 32 7.37 -15.41 -3.56
CA GLU A 32 8.81 -15.24 -3.71
C GLU A 32 9.03 -14.77 -5.15
N ASN A 33 10.27 -14.79 -5.63
CA ASN A 33 10.66 -14.45 -6.97
C ASN A 33 12.08 -14.98 -7.18
N ALA A 34 12.50 -15.19 -8.42
CA ALA A 34 13.88 -15.49 -8.75
C ALA A 34 14.78 -14.28 -8.49
N ALA A 35 16.05 -14.51 -8.17
CA ALA A 35 17.13 -13.54 -8.26
C ALA A 35 17.40 -13.17 -9.71
N LYS A 36 17.74 -14.16 -10.56
CA LYS A 36 18.45 -13.88 -11.81
C LYS A 36 17.58 -13.22 -12.88
N GLN A 37 16.28 -13.10 -12.67
CA GLN A 37 15.42 -12.32 -13.55
C GLN A 37 15.71 -10.81 -13.49
N PHE A 38 16.32 -10.33 -12.40
CA PHE A 38 16.44 -8.91 -12.11
C PHE A 38 17.74 -8.37 -12.71
N ASN A 39 17.91 -8.51 -14.02
CA ASN A 39 19.15 -8.18 -14.74
C ASN A 39 19.08 -6.80 -15.42
N ASN A 40 18.29 -5.88 -14.87
CA ASN A 40 18.11 -4.47 -15.23
C ASN A 40 17.09 -3.86 -14.28
N ILE A 41 16.81 -2.56 -14.40
CA ILE A 41 15.82 -1.86 -13.56
C ILE A 41 14.39 -2.17 -14.01
N GLY A 42 14.15 -2.42 -15.30
CA GLY A 42 12.81 -2.67 -15.83
C GLY A 42 12.21 -4.00 -15.38
N ALA A 43 12.97 -4.83 -14.65
CA ALA A 43 12.59 -6.15 -14.19
C ALA A 43 11.55 -6.05 -13.07
N THR A 44 10.29 -5.86 -13.43
CA THR A 44 9.15 -6.03 -12.54
C THR A 44 8.82 -7.51 -12.42
N THR A 45 8.43 -7.94 -11.23
CA THR A 45 7.86 -9.27 -10.96
C THR A 45 6.33 -9.29 -11.19
N PRO A 46 5.68 -10.47 -11.21
CA PRO A 46 4.27 -10.62 -11.57
C PRO A 46 3.35 -10.05 -10.49
N VAL A 47 2.88 -8.81 -10.69
CA VAL A 47 2.13 -7.96 -9.78
C VAL A 47 0.99 -8.70 -9.08
N VAL A 48 1.12 -8.91 -7.77
CA VAL A 48 0.18 -9.72 -7.00
C VAL A 48 -1.08 -8.90 -6.73
N PRO A 49 -2.27 -9.51 -6.81
CA PRO A 49 -3.53 -8.85 -6.49
C PRO A 49 -3.57 -8.51 -5.00
N PHE A 50 -3.67 -7.23 -4.65
CA PHE A 50 -3.77 -6.78 -3.27
C PHE A 50 -4.67 -5.54 -3.23
N ARG A 51 -5.40 -5.33 -2.13
CA ARG A 51 -6.16 -4.11 -1.92
C ARG A 51 -6.24 -3.72 -0.46
N ILE A 52 -6.63 -2.48 -0.20
CA ILE A 52 -7.03 -1.98 1.09
C ILE A 52 -8.56 -2.06 1.10
N LEU A 53 -9.12 -2.48 2.23
CA LEU A 53 -10.55 -2.57 2.43
C LEU A 53 -10.91 -1.48 3.44
N LEU A 54 -11.76 -0.51 3.07
CA LEU A 54 -12.24 0.49 4.02
C LEU A 54 -13.67 0.14 4.39
N SER A 55 -13.89 -0.27 5.65
CA SER A 55 -15.20 -0.33 6.29
C SER A 55 -14.94 -0.44 7.80
N PRO A 56 -15.86 0.01 8.68
CA PRO A 56 -17.15 0.62 8.38
C PRO A 56 -17.06 1.99 7.70
N CYS A 57 -18.18 2.49 7.20
CA CYS A 57 -18.34 3.87 6.77
C CYS A 57 -19.77 4.35 7.00
N GLY A 58 -19.99 5.67 6.95
CA GLY A 58 -21.30 6.28 7.01
C GLY A 58 -21.75 6.73 5.62
N ASN A 59 -22.64 7.72 5.54
CA ASN A 59 -23.28 8.12 4.29
C ASN A 59 -22.83 9.49 3.78
N ALA A 60 -22.31 10.37 4.64
CA ALA A 60 -21.87 11.71 4.27
C ALA A 60 -20.37 11.66 3.97
N VAL A 61 -20.01 11.15 2.79
CA VAL A 61 -18.63 10.87 2.43
C VAL A 61 -18.34 11.53 1.08
N SER A 62 -17.08 11.90 0.84
CA SER A 62 -16.66 12.55 -0.39
C SER A 62 -15.44 11.82 -0.94
N ALA A 63 -14.26 12.13 -0.42
CA ALA A 63 -12.99 11.67 -0.97
C ALA A 63 -11.94 11.51 0.14
N VAL A 64 -10.76 11.08 -0.29
CA VAL A 64 -9.63 10.79 0.56
C VAL A 64 -8.36 10.98 -0.29
N LYS A 65 -7.21 11.11 0.36
CA LYS A 65 -5.91 11.39 -0.23
C LYS A 65 -4.96 10.34 0.35
N VAL A 66 -4.48 9.44 -0.49
CA VAL A 66 -3.74 8.26 -0.09
C VAL A 66 -2.28 8.64 0.21
N GLY A 67 -1.72 8.11 1.29
CA GLY A 67 -0.37 8.40 1.77
C GLY A 67 0.35 7.11 2.16
N PHE A 68 1.07 6.51 1.21
CA PHE A 68 2.02 5.43 1.48
C PHE A 68 3.30 6.06 2.01
N THR A 69 3.69 5.71 3.23
CA THR A 69 4.72 6.42 3.98
C THR A 69 5.55 5.43 4.80
N GLY A 70 6.86 5.41 4.58
CA GLY A 70 7.79 4.48 5.19
C GLY A 70 9.21 4.91 4.86
N VAL A 71 10.15 4.00 5.13
CA VAL A 71 11.57 4.14 4.84
C VAL A 71 11.82 3.96 3.34
N ALA A 72 12.41 4.97 2.70
CA ALA A 72 12.69 4.97 1.27
C ALA A 72 13.94 4.13 0.98
N ASP A 73 13.96 3.42 -0.16
CA ASP A 73 15.11 2.63 -0.56
C ASP A 73 16.25 3.51 -1.07
N SER A 74 17.47 3.16 -0.68
CA SER A 74 18.73 3.79 -1.03
C SER A 74 18.94 4.06 -2.54
N HIS A 75 18.41 3.22 -3.42
CA HIS A 75 18.64 3.36 -4.86
C HIS A 75 17.50 4.15 -5.48
N ASN A 76 16.26 3.67 -5.34
CA ASN A 76 15.09 4.27 -5.94
C ASN A 76 14.19 4.58 -4.76
N ALA A 77 14.37 5.76 -4.15
CA ALA A 77 13.70 6.22 -2.94
C ALA A 77 12.17 6.27 -3.04
N ASN A 78 11.65 6.07 -4.25
CA ASN A 78 10.24 5.92 -4.54
C ASN A 78 9.73 4.59 -3.98
N LEU A 79 10.55 3.55 -4.01
CA LEU A 79 10.22 2.21 -3.55
C LEU A 79 10.64 2.07 -2.09
N LEU A 80 10.06 1.07 -1.42
CA LEU A 80 10.31 0.77 -0.02
C LEU A 80 11.67 0.09 0.10
N ALA A 81 12.44 0.47 1.11
CA ALA A 81 13.57 -0.32 1.58
C ALA A 81 13.08 -1.69 2.08
N LEU A 82 13.95 -2.70 2.02
CA LEU A 82 13.75 -3.96 2.72
C LEU A 82 14.18 -3.76 4.18
N GLU A 83 14.31 -4.84 4.97
CA GLU A 83 14.87 -4.85 6.32
C GLU A 83 16.37 -4.50 6.34
N ASN A 84 16.94 -4.15 5.17
CA ASN A 84 18.28 -3.66 4.86
C ASN A 84 19.44 -4.52 5.38
N THR A 85 19.14 -5.73 5.86
CA THR A 85 20.15 -6.61 6.44
C THR A 85 20.93 -7.28 5.28
N VAL A 86 22.05 -7.91 5.61
CA VAL A 86 22.92 -8.63 4.67
C VAL A 86 22.20 -9.78 3.95
N SER A 87 21.25 -10.42 4.64
CA SER A 87 20.43 -11.54 4.18
C SER A 87 19.08 -11.06 3.62
N ALA A 88 18.84 -9.73 3.58
CA ALA A 88 17.82 -9.18 2.71
C ALA A 88 18.36 -9.20 1.29
N ALA A 89 17.48 -8.98 0.33
CA ALA A 89 17.87 -8.82 -1.06
C ALA A 89 18.66 -7.52 -1.25
N SER A 90 19.39 -7.42 -2.37
CA SER A 90 20.49 -6.47 -2.49
C SER A 90 20.17 -5.20 -3.26
N GLY A 91 19.29 -5.28 -4.26
CA GLY A 91 18.91 -4.16 -5.11
C GLY A 91 17.45 -4.29 -5.45
N LEU A 92 16.69 -4.86 -4.51
CA LEU A 92 15.32 -5.28 -4.74
C LEU A 92 14.35 -4.65 -3.74
N GLY A 93 14.10 -3.35 -3.89
CA GLY A 93 13.08 -2.67 -3.10
C GLY A 93 11.68 -3.17 -3.44
N ILE A 94 10.71 -2.74 -2.64
CA ILE A 94 9.32 -3.19 -2.67
C ILE A 94 8.49 -2.16 -3.45
N GLN A 95 7.62 -2.64 -4.35
CA GLN A 95 6.91 -1.82 -5.32
C GLN A 95 5.40 -2.07 -5.27
N LEU A 96 4.67 -1.08 -4.75
CA LEU A 96 3.23 -1.10 -4.47
C LEU A 96 2.62 -0.03 -5.38
N LEU A 97 1.59 -0.39 -6.14
CA LEU A 97 1.01 0.49 -7.13
C LEU A 97 -0.46 0.22 -7.35
N ASN A 98 -1.14 1.19 -7.96
CA ASN A 98 -2.56 1.06 -8.30
C ASN A 98 -2.71 0.20 -9.55
N GLU A 99 -3.96 -0.05 -9.96
CA GLU A 99 -4.41 -0.79 -11.15
C GLU A 99 -3.75 -0.37 -12.48
N GLN A 100 -3.07 0.77 -12.49
CA GLN A 100 -2.42 1.40 -13.61
C GLN A 100 -0.91 1.19 -13.53
N GLN A 101 -0.48 0.41 -12.54
CA GLN A 101 0.86 -0.06 -12.27
C GLN A 101 1.88 1.08 -12.09
N ASN A 102 1.38 2.24 -11.69
CA ASN A 102 2.10 3.49 -11.60
C ASN A 102 2.80 3.57 -10.25
N GLN A 103 4.08 3.89 -10.24
CA GLN A 103 4.94 3.82 -9.08
C GLN A 103 4.59 4.91 -8.07
N ILE A 104 3.62 4.63 -7.21
CA ILE A 104 3.28 5.40 -6.02
C ILE A 104 4.54 5.55 -5.15
N PRO A 105 5.14 6.76 -5.05
CA PRO A 105 6.29 6.98 -4.19
C PRO A 105 5.89 6.95 -2.72
N LEU A 106 6.83 6.51 -1.89
CA LEU A 106 6.83 6.79 -0.46
C LEU A 106 6.89 8.30 -0.25
N ASN A 107 6.12 8.78 0.73
CA ASN A 107 6.17 10.16 1.22
C ASN A 107 5.95 11.18 0.09
N ALA A 108 5.21 10.77 -0.95
CA ALA A 108 4.76 11.62 -2.03
C ALA A 108 3.79 12.68 -1.48
N PRO A 109 3.63 13.81 -2.16
CA PRO A 109 2.59 14.76 -1.81
C PRO A 109 1.24 14.15 -2.20
N SER A 110 0.19 14.66 -1.58
CA SER A 110 -1.17 14.30 -1.92
C SER A 110 -1.60 14.80 -3.31
N SER A 111 -0.72 15.48 -4.05
CA SER A 111 -0.95 15.96 -5.40
C SER A 111 -0.54 14.96 -6.48
N ALA A 112 0.27 13.93 -6.20
CA ALA A 112 0.82 13.06 -7.25
C ALA A 112 -0.01 11.78 -7.45
N LEU A 113 -0.98 11.57 -6.57
CA LEU A 113 -1.92 10.46 -6.53
C LEU A 113 -3.27 11.04 -6.09
N SER A 114 -4.33 10.26 -6.19
CA SER A 114 -5.66 10.65 -5.75
C SER A 114 -6.41 9.41 -5.26
N TRP A 115 -7.72 9.54 -5.09
CA TRP A 115 -8.62 8.43 -4.78
C TRP A 115 -9.92 8.68 -5.52
N THR A 116 -10.94 7.91 -5.19
CA THR A 116 -12.24 7.97 -5.85
C THR A 116 -13.28 8.51 -4.88
N THR A 117 -14.48 8.71 -5.39
CA THR A 117 -15.69 9.05 -4.66
C THR A 117 -16.00 7.90 -3.70
N LEU A 118 -15.69 8.07 -2.42
CA LEU A 118 -15.76 7.04 -1.40
C LEU A 118 -17.19 6.51 -1.31
N THR A 119 -17.40 5.22 -1.56
CA THR A 119 -18.72 4.62 -1.59
C THR A 119 -19.28 4.63 -0.15
N PRO A 120 -20.51 5.10 0.07
CA PRO A 120 -21.04 5.18 1.42
C PRO A 120 -21.35 3.77 1.93
N GLY A 121 -21.22 3.60 3.25
CA GLY A 121 -21.47 2.41 4.05
C GLY A 121 -21.25 1.08 3.33
N LYS A 122 -20.04 0.82 2.81
CA LYS A 122 -19.71 -0.44 2.13
C LYS A 122 -18.26 -0.80 2.39
N PRO A 123 -17.86 -2.07 2.22
CA PRO A 123 -16.46 -2.49 2.15
C PRO A 123 -15.85 -1.93 0.86
N ASN A 124 -15.47 -0.66 0.90
CA ASN A 124 -14.77 0.01 -0.19
C ASN A 124 -13.48 -0.76 -0.46
N THR A 125 -13.03 -0.73 -1.70
CA THR A 125 -11.83 -1.40 -2.18
C THR A 125 -11.41 -0.66 -3.43
N LEU A 126 -10.10 -0.60 -3.68
CA LEU A 126 -9.47 -0.01 -4.86
C LEU A 126 -8.60 -1.07 -5.49
N ASN A 127 -8.56 -1.06 -6.82
CA ASN A 127 -7.77 -2.00 -7.59
C ASN A 127 -6.30 -1.56 -7.47
N PHE A 128 -5.47 -2.37 -6.82
CA PHE A 128 -4.04 -2.19 -6.60
C PHE A 128 -3.31 -3.53 -6.82
N TYR A 129 -1.98 -3.48 -6.84
CA TYR A 129 -1.09 -4.63 -6.88
C TYR A 129 0.15 -4.35 -6.01
N ALA A 130 0.91 -5.40 -5.65
CA ALA A 130 2.22 -5.28 -5.01
C ALA A 130 3.16 -6.34 -5.58
N ARG A 131 4.46 -6.05 -5.66
CA ARG A 131 5.52 -6.99 -5.99
C ARG A 131 6.87 -6.35 -5.66
N LEU A 132 7.97 -6.89 -6.19
CA LEU A 132 9.33 -6.46 -5.92
C LEU A 132 9.88 -5.76 -7.16
N MET A 133 10.80 -4.81 -7.01
CA MET A 133 11.32 -4.02 -8.12
C MET A 133 12.83 -3.94 -8.03
N ALA A 134 13.49 -4.35 -9.11
CA ALA A 134 14.91 -4.10 -9.29
C ALA A 134 15.19 -2.60 -9.34
N THR A 135 16.19 -2.21 -8.56
CA THR A 135 16.89 -0.95 -8.70
C THR A 135 18.31 -1.19 -9.22
N GLN A 136 18.81 -2.43 -9.09
CA GLN A 136 20.14 -2.84 -9.51
C GLN A 136 20.11 -4.27 -10.06
N VAL A 137 21.24 -4.75 -10.58
CA VAL A 137 21.43 -6.13 -11.07
C VAL A 137 22.38 -6.95 -10.18
N PRO A 138 22.16 -7.04 -8.84
CA PRO A 138 23.07 -7.77 -7.95
C PRO A 138 22.81 -9.28 -8.02
N VAL A 139 21.56 -9.64 -8.34
CA VAL A 139 21.01 -10.98 -8.48
C VAL A 139 21.52 -11.93 -7.40
N THR A 140 21.23 -11.56 -6.16
CA THR A 140 21.57 -12.26 -4.94
C THR A 140 20.26 -12.51 -4.20
N ALA A 141 20.16 -13.70 -3.62
CA ALA A 141 19.04 -14.15 -2.81
C ALA A 141 18.82 -13.28 -1.57
N GLY A 142 17.73 -13.54 -0.86
CA GLY A 142 17.40 -12.95 0.42
C GLY A 142 15.92 -13.08 0.69
N HIS A 143 15.55 -13.21 1.96
CA HIS A 143 14.17 -13.06 2.42
C HIS A 143 13.68 -11.64 2.15
N ILE A 144 12.45 -11.52 1.68
CA ILE A 144 11.74 -10.25 1.58
C ILE A 144 11.08 -10.03 2.94
N ASN A 145 11.29 -8.84 3.47
CA ASN A 145 10.75 -8.32 4.72
C ASN A 145 10.95 -6.81 4.57
N ALA A 146 9.88 -6.03 4.68
CA ALA A 146 9.89 -4.57 4.61
C ALA A 146 8.83 -4.02 5.57
N THR A 147 8.73 -2.70 5.75
CA THR A 147 7.80 -2.11 6.69
C THR A 147 7.48 -0.67 6.28
N ALA A 148 6.23 -0.25 6.45
CA ALA A 148 5.75 1.11 6.27
C ALA A 148 4.38 1.25 6.95
N THR A 149 3.72 2.39 6.75
CA THR A 149 2.33 2.64 7.10
C THR A 149 1.62 3.26 5.91
N PHE A 150 0.66 2.53 5.34
CA PHE A 150 -0.26 3.08 4.35
C PHE A 150 -1.30 3.84 5.16
N THR A 151 -1.50 5.13 4.87
CA THR A 151 -2.41 6.00 5.61
C THR A 151 -3.27 6.80 4.64
N LEU A 152 -4.34 7.42 5.13
CA LEU A 152 -5.43 7.97 4.35
C LEU A 152 -5.88 9.26 5.03
N GLU A 153 -5.64 10.43 4.44
CA GLU A 153 -6.26 11.68 4.90
C GLU A 153 -7.59 11.85 4.19
N TYR A 154 -8.70 11.80 4.93
CA TYR A 154 -10.02 12.12 4.41
C TYR A 154 -10.12 13.61 4.11
N GLN A 155 -11.19 14.03 3.45
CA GLN A 155 -11.54 15.39 3.08
C GLN A 155 -11.96 16.26 4.30
N ASP A 156 -11.32 16.03 5.45
CA ASP A 156 -11.38 16.87 6.64
C ASP A 156 -10.69 18.19 6.32
N ASN A 157 -11.40 19.31 6.39
CA ASN A 157 -10.78 20.63 6.46
C ASN A 157 -10.06 20.83 7.80
N HIS A 158 -10.43 20.02 8.82
CA HIS A 158 -10.09 20.14 10.24
C HIS A 158 -8.70 20.72 10.52
N HIS A 159 -7.67 20.17 9.88
CA HIS A 159 -6.34 20.75 9.86
C HIS A 159 -5.71 20.30 8.55
N HIS A 160 -4.65 20.98 8.09
CA HIS A 160 -4.02 20.67 6.80
C HIS A 160 -2.68 19.92 6.97
N HIS A 161 -2.28 19.63 8.22
CA HIS A 161 -1.14 18.75 8.48
C HIS A 161 -1.54 17.31 8.18
N HIS A 162 -0.59 16.53 7.65
CA HIS A 162 -0.63 15.08 7.60
C HIS A 162 -0.44 14.51 9.01
N HIS A 163 -0.77 13.23 9.21
CA HIS A 163 -0.58 12.44 10.42
C HIS A 163 -0.81 10.97 10.06
N LYS A 164 -0.53 10.04 10.98
CA LYS A 164 -0.86 8.63 10.74
C LYS A 164 -2.37 8.45 10.68
N GLN A 165 -2.81 7.29 10.20
CA GLN A 165 -4.19 6.85 10.23
C GLN A 165 -4.12 5.42 10.74
N ALA A 166 -4.81 5.12 11.84
CA ALA A 166 -5.08 3.79 12.40
C ALA A 166 -3.87 2.92 12.74
N ASP A 167 -2.66 3.47 12.55
CA ASP A 167 -1.43 2.74 12.29
C ASP A 167 -1.67 1.50 11.43
N SER A 168 -2.15 1.69 10.20
CA SER A 168 -2.19 0.61 9.23
C SER A 168 -0.77 0.30 8.73
N THR A 169 -0.02 -0.47 9.55
CA THR A 169 1.24 -1.09 9.22
C THR A 169 1.08 -1.93 7.94
N ILE A 170 2.04 -1.82 7.03
CA ILE A 170 2.19 -2.65 5.86
C ILE A 170 3.41 -3.58 6.11
N THR A 171 3.28 -4.86 5.82
CA THR A 171 4.25 -5.94 6.02
C THR A 171 4.10 -6.83 4.79
N ILE A 172 5.19 -7.09 4.08
CA ILE A 172 5.19 -7.87 2.85
C ILE A 172 6.39 -8.83 2.93
N ARG A 173 6.09 -10.13 2.97
CA ARG A 173 7.06 -11.21 3.19
C ARG A 173 7.35 -11.89 1.85
N GLY A 174 8.43 -12.64 1.73
CA GLY A 174 8.76 -13.39 0.52
C GLY A 174 10.17 -13.96 0.58
N TYR A 175 10.67 -14.46 -0.55
CA TYR A 175 12.05 -14.90 -0.73
C TYR A 175 12.58 -14.44 -2.08
N VAL A 176 13.91 -14.51 -2.28
CA VAL A 176 14.53 -14.40 -3.59
C VAL A 176 15.28 -15.71 -3.88
N ARG A 177 14.89 -16.46 -4.90
CA ARG A 177 15.47 -17.76 -5.25
C ARG A 177 16.78 -17.49 -5.98
N ASP A 178 17.90 -17.80 -5.36
CA ASP A 178 19.25 -17.49 -5.84
C ASP A 178 19.52 -17.93 -7.28
N ASN A 179 18.90 -19.04 -7.70
CA ASN A 179 18.84 -19.47 -9.08
C ASN A 179 17.44 -19.97 -9.35
N MET A 1 -27.83 -4.03 -4.29
CA MET A 1 -27.60 -2.59 -4.13
C MET A 1 -28.77 -1.91 -3.40
N ALA A 2 -30.04 -2.04 -3.82
CA ALA A 2 -31.16 -1.38 -3.14
C ALA A 2 -31.48 -1.99 -1.76
N ASP A 3 -31.00 -3.21 -1.46
CA ASP A 3 -31.28 -3.95 -0.24
C ASP A 3 -31.00 -3.10 1.00
N SER A 4 -29.82 -2.49 1.09
CA SER A 4 -29.35 -1.82 2.30
C SER A 4 -29.69 -0.32 2.25
N THR A 5 -29.77 0.31 3.43
CA THR A 5 -29.99 1.74 3.54
C THR A 5 -28.77 2.47 2.98
N ILE A 6 -28.99 3.44 2.09
CA ILE A 6 -27.91 4.14 1.39
C ILE A 6 -28.27 5.63 1.18
N THR A 7 -29.12 6.14 2.07
CA THR A 7 -29.65 7.50 2.15
C THR A 7 -29.48 8.05 3.57
N ILE A 8 -28.54 7.49 4.35
CA ILE A 8 -28.18 7.97 5.67
C ILE A 8 -27.35 9.26 5.49
N ARG A 9 -26.82 9.83 6.56
CA ARG A 9 -25.83 10.90 6.51
C ARG A 9 -24.53 10.38 7.13
N GLY A 10 -24.27 10.66 8.40
CA GLY A 10 -23.23 10.01 9.17
C GLY A 10 -23.82 8.82 9.91
N TYR A 11 -22.97 7.84 10.27
CA TYR A 11 -23.35 6.63 10.99
C TYR A 11 -22.33 6.26 12.10
N VAL A 12 -21.19 6.96 12.12
CA VAL A 12 -19.91 6.75 12.82
C VAL A 12 -18.88 7.59 12.09
N ARG A 13 -19.05 7.64 10.76
CA ARG A 13 -18.10 8.21 9.84
C ARG A 13 -18.89 9.02 8.84
N ASP A 14 -18.50 10.27 8.66
CA ASP A 14 -19.28 11.21 7.85
C ASP A 14 -18.42 12.25 7.12
N ASN A 15 -17.11 11.99 7.01
CA ASN A 15 -16.19 12.78 6.18
C ASN A 15 -15.27 11.89 5.34
N GLY A 16 -15.39 10.57 5.45
CA GLY A 16 -14.35 9.60 5.14
C GLY A 16 -14.74 8.29 5.80
N CYS A 17 -13.81 7.32 5.82
CA CYS A 17 -14.04 5.97 6.35
C CYS A 17 -13.01 5.66 7.44
N SER A 18 -13.15 4.52 8.09
CA SER A 18 -12.07 3.88 8.84
C SER A 18 -11.48 2.78 7.96
N VAL A 19 -10.47 2.06 8.44
CA VAL A 19 -9.85 0.97 7.71
C VAL A 19 -10.20 -0.34 8.40
N ALA A 20 -10.31 -1.42 7.61
CA ALA A 20 -10.87 -2.67 8.09
C ALA A 20 -9.92 -3.53 8.91
N ALA A 21 -10.54 -4.48 9.61
CA ALA A 21 -9.96 -5.61 10.32
C ALA A 21 -9.34 -6.67 9.38
N GLU A 22 -9.36 -6.47 8.05
CA GLU A 22 -8.56 -7.23 7.10
C GLU A 22 -7.32 -6.45 6.64
N SER A 23 -7.19 -5.17 6.98
CA SER A 23 -6.19 -4.28 6.41
C SER A 23 -5.24 -3.67 7.43
N THR A 24 -5.64 -3.29 8.65
CA THR A 24 -4.69 -2.74 9.60
C THR A 24 -3.57 -3.77 9.81
N ASN A 25 -2.33 -3.35 9.62
CA ASN A 25 -1.13 -4.06 10.06
C ASN A 25 -0.90 -5.37 9.31
N PHE A 26 -1.55 -5.52 8.15
CA PHE A 26 -1.78 -6.82 7.54
C PHE A 26 -0.55 -7.36 6.83
N THR A 27 -0.59 -8.66 6.61
CA THR A 27 0.42 -9.39 5.87
C THR A 27 0.13 -9.23 4.38
N VAL A 28 1.18 -9.32 3.54
CA VAL A 28 1.04 -9.52 2.12
C VAL A 28 1.96 -10.68 1.73
N ASP A 29 1.38 -11.68 1.08
CA ASP A 29 2.09 -12.80 0.47
C ASP A 29 2.62 -12.30 -0.87
N LEU A 30 3.94 -12.41 -1.04
CA LEU A 30 4.65 -12.25 -2.31
C LEU A 30 5.33 -13.59 -2.59
N MET A 31 4.54 -14.51 -3.15
CA MET A 31 4.66 -15.96 -3.23
C MET A 31 6.12 -16.43 -3.08
N GLU A 32 6.92 -16.38 -4.14
CA GLU A 32 8.38 -16.19 -4.11
C GLU A 32 8.74 -15.15 -5.19
N ASN A 33 10.04 -14.87 -5.34
CA ASN A 33 10.68 -14.18 -6.46
C ASN A 33 11.80 -15.08 -6.93
N ALA A 34 12.29 -14.92 -8.16
CA ALA A 34 13.64 -15.32 -8.49
C ALA A 34 14.54 -14.09 -8.34
N ALA A 35 15.82 -14.32 -8.04
CA ALA A 35 16.87 -13.32 -8.13
C ALA A 35 17.12 -12.97 -9.60
N LYS A 36 17.53 -13.98 -10.38
CA LYS A 36 18.20 -13.77 -11.68
C LYS A 36 17.35 -13.03 -12.72
N GLN A 37 16.03 -12.98 -12.55
CA GLN A 37 15.12 -12.29 -13.44
C GLN A 37 15.29 -10.77 -13.38
N PHE A 38 15.82 -10.24 -12.27
CA PHE A 38 15.94 -8.81 -12.01
C PHE A 38 17.26 -8.28 -12.56
N ASN A 39 17.58 -8.62 -13.81
CA ASN A 39 18.89 -8.38 -14.40
C ASN A 39 19.02 -7.00 -15.06
N ASN A 40 18.20 -6.04 -14.65
CA ASN A 40 18.03 -4.71 -15.25
C ASN A 40 17.00 -3.95 -14.41
N ILE A 41 16.92 -2.65 -14.63
CA ILE A 41 16.24 -1.72 -13.73
C ILE A 41 14.74 -1.63 -14.05
N GLY A 42 14.32 -1.92 -15.28
CA GLY A 42 12.90 -2.07 -15.61
C GLY A 42 12.31 -3.38 -15.08
N ALA A 43 13.14 -4.28 -14.54
CA ALA A 43 12.74 -5.64 -14.27
C ALA A 43 11.69 -5.69 -13.16
N THR A 44 10.58 -6.32 -13.48
CA THR A 44 9.36 -6.35 -12.69
C THR A 44 8.89 -7.80 -12.56
N THR A 45 8.00 -8.07 -11.62
CA THR A 45 7.45 -9.38 -11.29
C THR A 45 5.90 -9.46 -11.39
N PRO A 46 5.28 -10.66 -11.19
CA PRO A 46 3.85 -10.84 -11.45
C PRO A 46 3.02 -10.28 -10.29
N VAL A 47 2.52 -9.05 -10.47
CA VAL A 47 1.83 -8.21 -9.51
C VAL A 47 0.80 -9.02 -8.70
N VAL A 48 0.79 -8.86 -7.37
CA VAL A 48 -0.09 -9.63 -6.49
C VAL A 48 -1.28 -8.75 -6.08
N PRO A 49 -2.54 -9.24 -6.10
CA PRO A 49 -3.71 -8.47 -5.68
C PRO A 49 -3.71 -8.22 -4.17
N PHE A 50 -3.82 -6.94 -3.76
CA PHE A 50 -4.24 -6.57 -2.42
C PHE A 50 -5.13 -5.34 -2.49
N ARG A 51 -5.70 -4.90 -1.37
CA ARG A 51 -6.31 -3.58 -1.29
C ARG A 51 -6.34 -3.08 0.13
N ILE A 52 -6.80 -1.85 0.27
CA ILE A 52 -7.00 -1.19 1.55
C ILE A 52 -8.51 -1.16 1.64
N LEU A 53 -9.07 -2.11 2.37
CA LEU A 53 -10.50 -2.24 2.51
C LEU A 53 -10.89 -1.15 3.51
N LEU A 54 -11.59 -0.11 3.05
CA LEU A 54 -12.04 0.93 3.96
C LEU A 54 -13.37 0.46 4.53
N SER A 55 -13.45 0.13 5.81
CA SER A 55 -14.72 -0.10 6.48
C SER A 55 -14.58 0.17 7.99
N PRO A 56 -15.70 0.29 8.71
CA PRO A 56 -17.01 0.67 8.18
C PRO A 56 -16.99 2.13 7.69
N CYS A 57 -18.12 2.61 7.16
CA CYS A 57 -18.23 3.99 6.71
C CYS A 57 -19.69 4.43 6.65
N GLY A 58 -19.95 5.75 6.64
CA GLY A 58 -21.29 6.29 6.48
C GLY A 58 -21.55 6.68 5.04
N ASN A 59 -22.61 7.47 4.87
CA ASN A 59 -23.19 7.84 3.60
C ASN A 59 -22.60 9.14 3.04
N ALA A 60 -21.64 9.74 3.75
CA ALA A 60 -21.24 11.13 3.61
C ALA A 60 -19.72 11.20 3.41
N VAL A 61 -19.25 10.82 2.22
CA VAL A 61 -17.85 11.01 1.84
C VAL A 61 -17.79 11.32 0.34
N SER A 62 -16.59 11.65 -0.15
CA SER A 62 -16.28 11.84 -1.56
C SER A 62 -15.14 10.91 -1.98
N ALA A 63 -13.97 11.01 -1.32
CA ALA A 63 -12.79 10.22 -1.66
C ALA A 63 -11.82 10.11 -0.48
N VAL A 64 -10.87 9.19 -0.63
CA VAL A 64 -9.64 9.07 0.16
C VAL A 64 -8.47 9.70 -0.61
N LYS A 65 -7.30 9.79 0.01
CA LYS A 65 -5.97 9.89 -0.62
C LYS A 65 -5.05 9.00 0.20
N VAL A 66 -4.12 8.34 -0.46
CA VAL A 66 -3.15 7.52 0.21
C VAL A 66 -2.02 8.41 0.75
N GLY A 67 -1.26 7.85 1.69
CA GLY A 67 0.04 8.30 2.11
C GLY A 67 0.73 7.08 2.69
N PHE A 68 1.41 6.31 1.85
CA PHE A 68 2.36 5.30 2.29
C PHE A 68 3.62 6.07 2.63
N THR A 69 4.15 6.00 3.84
CA THR A 69 5.46 6.60 4.12
C THR A 69 6.36 5.55 4.78
N GLY A 70 7.67 5.76 4.72
CA GLY A 70 8.65 4.77 5.16
C GLY A 70 10.03 5.04 4.55
N VAL A 71 10.98 4.14 4.79
CA VAL A 71 12.34 4.20 4.23
C VAL A 71 12.25 3.91 2.73
N ALA A 72 12.65 4.86 1.90
CA ALA A 72 12.75 4.65 0.46
C ALA A 72 14.04 3.88 0.10
N ASP A 73 14.04 3.20 -1.05
CA ASP A 73 15.21 2.54 -1.62
C ASP A 73 16.07 3.58 -2.36
N SER A 74 17.29 3.83 -1.88
CA SER A 74 18.19 4.88 -2.40
C SER A 74 18.63 4.73 -3.87
N HIS A 75 18.17 3.70 -4.60
CA HIS A 75 18.37 3.58 -6.04
C HIS A 75 17.18 4.10 -6.84
N ASN A 76 16.04 4.36 -6.21
CA ASN A 76 14.84 4.92 -6.82
C ASN A 76 13.94 5.27 -5.64
N ALA A 77 14.11 6.49 -5.12
CA ALA A 77 13.60 6.97 -3.83
C ALA A 77 12.07 7.02 -3.72
N ASN A 78 11.36 6.46 -4.70
CA ASN A 78 9.93 6.25 -4.66
C ASN A 78 9.60 4.93 -3.96
N LEU A 79 10.37 3.87 -4.24
CA LEU A 79 10.01 2.52 -3.81
C LEU A 79 10.40 2.34 -2.35
N LEU A 80 9.66 1.47 -1.63
CA LEU A 80 9.97 1.09 -0.26
C LEU A 80 11.21 0.19 -0.28
N ALA A 81 12.07 0.37 0.73
CA ALA A 81 13.27 -0.41 0.96
C ALA A 81 12.94 -1.83 1.47
N LEU A 82 13.82 -2.41 2.30
CA LEU A 82 13.67 -3.73 2.93
C LEU A 82 13.99 -3.53 4.41
N GLU A 83 14.02 -4.61 5.20
CA GLU A 83 14.55 -4.59 6.57
C GLU A 83 16.07 -4.33 6.60
N ASN A 84 16.69 -4.09 5.44
CA ASN A 84 18.07 -3.69 5.18
C ASN A 84 19.14 -4.69 5.57
N THR A 85 18.72 -5.82 6.12
CA THR A 85 19.66 -6.69 6.81
C THR A 85 20.44 -7.50 5.76
N VAL A 86 21.52 -8.09 6.24
CA VAL A 86 22.44 -8.95 5.50
C VAL A 86 21.69 -9.94 4.61
N SER A 87 20.74 -10.66 5.21
CA SER A 87 20.00 -11.75 4.59
C SER A 87 18.72 -11.28 3.85
N ALA A 88 18.43 -9.98 3.83
CA ALA A 88 17.44 -9.42 2.91
C ALA A 88 18.16 -9.12 1.59
N ALA A 89 17.41 -9.03 0.50
CA ALA A 89 17.98 -8.81 -0.82
C ALA A 89 18.63 -7.42 -0.95
N SER A 90 19.30 -7.18 -2.08
CA SER A 90 19.88 -5.90 -2.50
C SER A 90 19.31 -5.50 -3.87
N GLY A 91 19.44 -4.22 -4.25
CA GLY A 91 19.09 -3.71 -5.58
C GLY A 91 17.65 -3.99 -5.98
N LEU A 92 16.76 -4.15 -4.99
CA LEU A 92 15.39 -4.56 -5.13
C LEU A 92 14.58 -3.72 -4.15
N GLY A 93 13.56 -3.01 -4.62
CA GLY A 93 12.67 -2.18 -3.81
C GLY A 93 11.24 -2.69 -3.91
N ILE A 94 10.55 -2.72 -2.78
CA ILE A 94 9.15 -3.06 -2.63
C ILE A 94 8.37 -2.03 -3.44
N GLN A 95 7.45 -2.49 -4.30
CA GLN A 95 6.75 -1.67 -5.28
C GLN A 95 5.25 -1.85 -5.05
N LEU A 96 4.61 -0.89 -4.38
CA LEU A 96 3.20 -0.96 -4.00
C LEU A 96 2.46 0.06 -4.83
N LEU A 97 1.85 -0.39 -5.91
CA LEU A 97 1.30 0.43 -6.96
C LEU A 97 -0.22 0.25 -7.03
N ASN A 98 -0.91 1.22 -7.61
CA ASN A 98 -2.36 1.21 -7.81
C ASN A 98 -2.73 0.34 -9.01
N GLU A 99 -4.01 0.23 -9.37
CA GLU A 99 -4.52 -0.51 -10.53
C GLU A 99 -3.66 -0.25 -11.77
N GLN A 100 -3.37 1.03 -12.02
CA GLN A 100 -2.64 1.56 -13.17
C GLN A 100 -1.14 1.25 -13.12
N GLN A 101 -0.71 0.50 -12.10
CA GLN A 101 0.63 0.00 -11.85
C GLN A 101 1.65 1.14 -11.81
N ASN A 102 1.20 2.26 -11.25
CA ASN A 102 1.90 3.52 -11.22
C ASN A 102 2.78 3.59 -9.99
N GLN A 103 4.00 4.10 -10.13
CA GLN A 103 5.07 3.96 -9.15
C GLN A 103 4.92 4.95 -7.98
N ILE A 104 3.85 4.74 -7.20
CA ILE A 104 3.48 5.37 -5.94
C ILE A 104 4.75 5.57 -5.10
N PRO A 105 5.20 6.82 -4.91
CA PRO A 105 6.31 7.13 -4.03
C PRO A 105 5.86 7.03 -2.57
N LEU A 106 6.75 6.51 -1.72
CA LEU A 106 6.60 6.56 -0.27
C LEU A 106 6.69 7.99 0.23
N ASN A 107 7.89 8.58 0.21
CA ASN A 107 8.15 9.94 0.72
C ASN A 107 7.34 11.06 0.02
N ALA A 108 6.42 10.76 -0.91
CA ALA A 108 5.51 11.76 -1.45
C ALA A 108 4.49 12.20 -0.39
N PRO A 109 3.94 13.42 -0.53
CA PRO A 109 2.73 13.82 0.18
C PRO A 109 1.48 13.33 -0.56
N SER A 110 0.34 13.28 0.15
CA SER A 110 -0.93 12.79 -0.36
C SER A 110 -1.53 13.54 -1.56
N SER A 111 -0.99 14.68 -2.03
CA SER A 111 -1.49 15.30 -3.26
C SER A 111 -0.87 14.70 -4.52
N ALA A 112 0.22 13.92 -4.39
CA ALA A 112 0.95 13.33 -5.51
C ALA A 112 0.21 12.17 -6.18
N LEU A 113 -0.95 11.77 -5.67
CA LEU A 113 -1.74 10.60 -6.05
C LEU A 113 -3.19 10.88 -5.67
N SER A 114 -4.13 9.98 -5.98
CA SER A 114 -5.55 10.14 -5.69
C SER A 114 -6.19 8.83 -5.25
N TRP A 115 -7.52 8.79 -5.13
CA TRP A 115 -8.30 7.58 -4.85
C TRP A 115 -9.54 7.56 -5.75
N THR A 116 -10.28 6.45 -5.74
CA THR A 116 -11.51 6.29 -6.50
C THR A 116 -12.72 6.78 -5.69
N THR A 117 -13.89 6.77 -6.30
CA THR A 117 -15.20 7.17 -5.78
C THR A 117 -15.60 6.25 -4.63
N LEU A 118 -15.45 6.69 -3.37
CA LEU A 118 -15.84 5.90 -2.19
C LEU A 118 -17.36 5.70 -2.20
N THR A 119 -17.79 4.46 -2.39
CA THR A 119 -19.20 4.06 -2.43
C THR A 119 -19.81 4.22 -1.03
N PRO A 120 -21.03 4.78 -0.89
CA PRO A 120 -21.62 5.06 0.41
C PRO A 120 -21.80 3.79 1.24
N GLY A 121 -21.55 3.87 2.55
CA GLY A 121 -21.99 2.87 3.53
C GLY A 121 -21.34 1.48 3.38
N LYS A 122 -20.25 1.34 2.61
CA LYS A 122 -19.82 0.05 2.04
C LYS A 122 -18.38 -0.31 2.41
N PRO A 123 -17.96 -1.57 2.18
CA PRO A 123 -16.58 -2.01 2.35
C PRO A 123 -15.78 -1.60 1.12
N ASN A 124 -15.45 -0.31 1.00
CA ASN A 124 -14.72 0.18 -0.17
C ASN A 124 -13.41 -0.56 -0.37
N THR A 125 -13.09 -0.80 -1.63
CA THR A 125 -11.87 -1.32 -2.21
C THR A 125 -11.52 -0.37 -3.35
N LEU A 126 -10.24 -0.39 -3.64
CA LEU A 126 -9.56 0.19 -4.76
C LEU A 126 -8.55 -0.90 -5.12
N ASN A 127 -8.51 -1.34 -6.38
CA ASN A 127 -7.57 -2.35 -6.86
C ASN A 127 -6.15 -1.83 -6.71
N PHE A 128 -5.37 -2.46 -5.83
CA PHE A 128 -3.96 -2.16 -5.59
C PHE A 128 -3.17 -3.45 -5.83
N TYR A 129 -1.86 -3.31 -6.03
CA TYR A 129 -0.98 -4.45 -6.18
C TYR A 129 0.32 -4.22 -5.40
N ALA A 130 1.01 -5.29 -5.02
CA ALA A 130 2.33 -5.26 -4.40
C ALA A 130 3.23 -6.14 -5.25
N ARG A 131 4.48 -5.74 -5.44
CA ARG A 131 5.45 -6.49 -6.21
C ARG A 131 6.87 -6.01 -5.92
N LEU A 132 7.85 -6.51 -6.66
CA LEU A 132 9.25 -6.18 -6.45
C LEU A 132 9.81 -5.57 -7.72
N MET A 133 10.37 -4.38 -7.55
CA MET A 133 11.03 -3.62 -8.59
C MET A 133 12.52 -3.81 -8.42
N ALA A 134 13.21 -4.25 -9.48
CA ALA A 134 14.66 -4.13 -9.54
C ALA A 134 15.05 -2.66 -9.61
N THR A 135 16.07 -2.29 -8.86
CA THR A 135 16.64 -0.97 -8.89
C THR A 135 18.16 -1.03 -9.16
N GLN A 136 18.77 -2.23 -9.09
CA GLN A 136 20.07 -2.56 -9.65
C GLN A 136 20.05 -4.02 -10.13
N VAL A 137 21.20 -4.57 -10.51
CA VAL A 137 21.37 -5.92 -11.03
C VAL A 137 22.38 -6.65 -10.10
N PRO A 138 22.18 -6.72 -8.76
CA PRO A 138 23.08 -7.46 -7.91
C PRO A 138 22.73 -8.96 -7.91
N VAL A 139 21.44 -9.25 -8.14
CA VAL A 139 20.80 -10.56 -8.05
C VAL A 139 21.26 -11.38 -6.83
N THR A 140 21.45 -10.67 -5.71
CA THR A 140 21.68 -11.16 -4.38
C THR A 140 20.32 -11.56 -3.86
N ALA A 141 20.19 -12.85 -3.58
CA ALA A 141 19.03 -13.50 -2.98
C ALA A 141 18.79 -13.00 -1.55
N GLY A 142 17.85 -13.65 -0.86
CA GLY A 142 17.47 -13.35 0.51
C GLY A 142 15.95 -13.38 0.65
N HIS A 143 15.47 -13.36 1.88
CA HIS A 143 14.05 -13.23 2.17
C HIS A 143 13.58 -11.79 1.85
N ILE A 144 12.34 -11.63 1.40
CA ILE A 144 11.67 -10.34 1.24
C ILE A 144 10.96 -10.04 2.53
N ASN A 145 11.22 -8.85 3.06
CA ASN A 145 10.77 -8.37 4.33
C ASN A 145 10.89 -6.87 4.23
N ALA A 146 9.81 -6.14 4.46
CA ALA A 146 9.85 -4.70 4.67
C ALA A 146 8.78 -4.38 5.69
N THR A 147 8.75 -3.12 6.12
CA THR A 147 7.81 -2.57 7.07
C THR A 147 7.60 -1.11 6.67
N ALA A 148 6.37 -0.61 6.85
CA ALA A 148 5.97 0.77 6.63
C ALA A 148 4.58 0.98 7.24
N THR A 149 3.98 2.15 7.07
CA THR A 149 2.59 2.42 7.43
C THR A 149 1.86 3.15 6.29
N PHE A 150 0.58 2.85 6.05
CA PHE A 150 -0.23 3.50 5.02
C PHE A 150 -1.36 4.31 5.68
N THR A 151 -1.06 5.59 5.90
CA THR A 151 -2.01 6.57 6.40
C THR A 151 -2.90 7.02 5.25
N LEU A 152 -4.21 6.84 5.36
CA LEU A 152 -5.14 7.50 4.45
C LEU A 152 -5.29 8.94 4.96
N GLU A 153 -5.23 9.89 4.05
CA GLU A 153 -6.01 11.11 4.19
C GLU A 153 -7.43 10.77 3.72
N TYR A 154 -8.39 11.51 4.23
CA TYR A 154 -9.77 11.51 3.78
C TYR A 154 -10.03 12.94 3.34
N GLN A 155 -10.99 13.18 2.44
CA GLN A 155 -11.34 14.55 2.11
C GLN A 155 -12.12 15.15 3.28
N ASP A 156 -11.41 15.69 4.27
CA ASP A 156 -11.92 16.45 5.40
C ASP A 156 -11.26 17.83 5.45
N ASN A 157 -11.71 18.66 6.38
CA ASN A 157 -11.50 20.10 6.36
C ASN A 157 -10.45 20.54 7.39
N HIS A 158 -10.05 19.63 8.28
CA HIS A 158 -8.97 19.86 9.24
C HIS A 158 -7.66 20.12 8.51
N HIS A 159 -6.72 20.79 9.18
CA HIS A 159 -5.35 20.97 8.74
C HIS A 159 -4.38 20.77 9.92
N HIS A 160 -3.06 20.84 9.67
CA HIS A 160 -2.01 20.54 10.66
C HIS A 160 -2.23 19.19 11.39
N HIS A 161 -2.89 18.23 10.75
CA HIS A 161 -3.31 16.96 11.34
C HIS A 161 -2.09 16.03 11.42
N HIS A 162 -1.15 16.33 12.32
CA HIS A 162 0.10 15.60 12.45
C HIS A 162 -0.09 14.19 13.01
N HIS A 163 -1.19 13.92 13.71
CA HIS A 163 -1.50 12.56 14.13
C HIS A 163 -1.74 11.70 12.90
N LYS A 164 -0.97 10.61 12.76
CA LYS A 164 -1.28 9.57 11.80
C LYS A 164 -2.70 9.06 12.03
N GLN A 165 -3.44 8.91 10.93
CA GLN A 165 -4.84 8.44 10.88
C GLN A 165 -5.09 7.16 11.68
N ALA A 166 -4.11 6.26 11.67
CA ALA A 166 -4.00 5.01 12.42
C ALA A 166 -2.55 4.57 12.24
N ASP A 167 -2.19 3.39 12.75
CA ASP A 167 -0.82 2.87 12.71
C ASP A 167 -0.66 1.81 11.63
N SER A 168 -1.72 1.53 10.85
CA SER A 168 -1.86 0.52 9.80
C SER A 168 -0.52 0.12 9.18
N THR A 169 0.11 -0.89 9.76
CA THR A 169 1.42 -1.36 9.38
C THR A 169 1.29 -2.18 8.09
N ILE A 170 2.40 -2.40 7.39
CA ILE A 170 2.46 -3.18 6.16
C ILE A 170 3.60 -4.17 6.40
N THR A 171 3.36 -5.48 6.32
CA THR A 171 4.41 -6.48 6.49
C THR A 171 4.32 -7.48 5.34
N ILE A 172 5.11 -7.22 4.30
CA ILE A 172 5.15 -8.06 3.12
C ILE A 172 6.18 -9.15 3.37
N ARG A 173 5.85 -10.40 3.02
CA ARG A 173 6.71 -11.57 3.14
C ARG A 173 6.92 -12.12 1.74
N GLY A 174 8.15 -12.49 1.39
CA GLY A 174 8.51 -13.12 0.12
C GLY A 174 9.84 -13.83 0.30
N TYR A 175 10.33 -14.48 -0.75
CA TYR A 175 11.56 -15.25 -0.71
C TYR A 175 12.23 -15.20 -2.07
N VAL A 176 13.45 -14.66 -2.14
CA VAL A 176 14.18 -14.65 -3.41
C VAL A 176 14.87 -16.00 -3.58
N ARG A 177 14.48 -16.71 -4.64
CA ARG A 177 15.09 -17.93 -5.13
C ARG A 177 16.31 -17.49 -5.90
N ASP A 178 17.50 -17.86 -5.46
CA ASP A 178 18.78 -17.42 -6.00
C ASP A 178 18.95 -17.68 -7.49
N ASN A 179 18.24 -18.65 -8.07
CA ASN A 179 18.31 -19.02 -9.47
C ASN A 179 16.91 -19.26 -10.01
N MET A 1 -31.14 -16.03 0.10
CA MET A 1 -30.68 -14.77 0.70
C MET A 1 -31.27 -13.59 -0.06
N ALA A 2 -31.71 -12.56 0.65
CA ALA A 2 -32.04 -11.25 0.11
C ALA A 2 -31.10 -10.25 0.77
N ASP A 3 -30.52 -9.35 0.00
CA ASP A 3 -29.61 -8.31 0.47
C ASP A 3 -30.11 -6.98 -0.06
N SER A 4 -29.60 -5.89 0.50
CA SER A 4 -29.91 -4.52 0.11
C SER A 4 -28.62 -3.70 0.07
N THR A 5 -28.69 -2.49 -0.45
CA THR A 5 -27.59 -1.55 -0.52
C THR A 5 -27.84 -0.56 0.61
N ILE A 6 -26.92 -0.43 1.57
CA ILE A 6 -26.98 0.56 2.65
C ILE A 6 -28.27 0.33 3.47
N THR A 7 -28.29 -0.75 4.26
CA THR A 7 -29.38 -1.11 5.16
C THR A 7 -28.85 -1.45 6.58
N ILE A 8 -27.54 -1.30 6.80
CA ILE A 8 -26.93 -1.52 8.12
C ILE A 8 -27.49 -0.49 9.10
N ARG A 9 -27.61 -0.90 10.37
CA ARG A 9 -28.11 -0.08 11.46
C ARG A 9 -27.03 0.88 11.93
N GLY A 10 -26.29 0.54 13.00
CA GLY A 10 -25.21 1.36 13.51
C GLY A 10 -24.06 1.39 12.50
N TYR A 11 -23.39 2.53 12.37
CA TYR A 11 -22.37 2.87 11.43
C TYR A 11 -21.45 3.77 12.23
N VAL A 12 -20.14 3.54 12.10
CA VAL A 12 -19.11 4.46 12.58
C VAL A 12 -19.39 5.84 11.96
N ARG A 13 -18.88 6.93 12.56
CA ARG A 13 -19.22 8.30 12.21
C ARG A 13 -19.49 8.53 10.71
N ASP A 14 -20.50 9.33 10.42
CA ASP A 14 -20.84 9.75 9.06
C ASP A 14 -19.70 10.51 8.40
N ASN A 15 -18.91 11.24 9.19
CA ASN A 15 -17.82 12.07 8.75
C ASN A 15 -16.53 11.23 8.54
N GLY A 16 -16.52 10.31 7.59
CA GLY A 16 -15.33 9.57 7.12
C GLY A 16 -15.49 8.04 7.18
N CYS A 17 -14.47 7.30 6.75
CA CYS A 17 -14.39 5.85 6.91
C CYS A 17 -13.31 5.48 7.93
N SER A 18 -13.31 4.21 8.34
CA SER A 18 -12.18 3.58 8.96
C SER A 18 -11.72 2.44 8.04
N VAL A 19 -10.45 2.06 8.10
CA VAL A 19 -9.94 0.82 7.53
C VAL A 19 -10.52 -0.35 8.33
N ALA A 20 -10.93 -1.41 7.63
CA ALA A 20 -11.43 -2.61 8.27
C ALA A 20 -10.28 -3.40 8.87
N ALA A 21 -10.61 -4.16 9.92
CA ALA A 21 -9.73 -5.14 10.53
C ALA A 21 -9.10 -6.04 9.49
N GLU A 22 -9.87 -6.46 8.48
CA GLU A 22 -9.44 -7.31 7.39
C GLU A 22 -8.38 -6.68 6.47
N SER A 23 -7.95 -5.45 6.76
CA SER A 23 -6.86 -4.75 6.09
C SER A 23 -5.89 -4.05 7.06
N THR A 24 -6.26 -3.72 8.30
CA THR A 24 -5.35 -3.22 9.32
C THR A 24 -4.31 -4.30 9.58
N ASN A 25 -3.05 -4.03 9.22
CA ASN A 25 -1.86 -4.81 9.58
C ASN A 25 -1.75 -6.09 8.77
N PHE A 26 -2.34 -6.13 7.57
CA PHE A 26 -2.50 -7.37 6.84
C PHE A 26 -1.18 -7.76 6.17
N THR A 27 -1.00 -9.04 5.91
CA THR A 27 0.19 -9.57 5.25
C THR A 27 -0.06 -9.62 3.74
N VAL A 28 0.96 -9.30 2.95
CA VAL A 28 0.98 -9.57 1.53
C VAL A 28 1.72 -10.89 1.34
N ASP A 29 1.08 -11.79 0.62
CA ASP A 29 1.70 -12.95 0.00
C ASP A 29 2.37 -12.41 -1.25
N LEU A 30 3.69 -12.33 -1.17
CA LEU A 30 4.54 -12.50 -2.32
C LEU A 30 5.10 -13.90 -2.18
N MET A 31 4.83 -14.72 -3.19
CA MET A 31 5.53 -15.95 -3.53
C MET A 31 7.07 -15.78 -3.51
N GLU A 32 7.79 -16.80 -3.96
CA GLU A 32 9.27 -16.77 -3.99
C GLU A 32 9.79 -16.13 -5.28
N ASN A 33 10.96 -15.51 -5.25
CA ASN A 33 11.49 -14.65 -6.32
C ASN A 33 12.94 -14.89 -6.63
N ALA A 34 13.28 -15.98 -7.32
CA ALA A 34 14.65 -16.33 -7.62
C ALA A 34 15.48 -15.14 -8.09
N ALA A 35 16.58 -14.88 -7.38
CA ALA A 35 17.37 -13.67 -7.47
C ALA A 35 17.82 -13.39 -8.91
N LYS A 36 18.05 -14.44 -9.69
CA LYS A 36 18.65 -14.35 -11.02
C LYS A 36 17.85 -13.52 -12.01
N GLN A 37 16.52 -13.42 -11.87
CA GLN A 37 15.71 -12.73 -12.88
C GLN A 37 15.89 -11.21 -12.84
N PHE A 38 16.42 -10.66 -11.75
CA PHE A 38 16.52 -9.23 -11.58
C PHE A 38 17.84 -8.77 -12.20
N ASN A 39 17.90 -8.76 -13.52
CA ASN A 39 19.13 -8.61 -14.29
C ASN A 39 19.18 -7.32 -15.11
N ASN A 40 18.38 -6.32 -14.72
CA ASN A 40 18.32 -4.93 -15.20
C ASN A 40 17.36 -4.18 -14.28
N ILE A 41 17.08 -2.91 -14.55
CA ILE A 41 16.47 -1.98 -13.60
C ILE A 41 14.98 -1.73 -13.92
N GLY A 42 14.51 -2.13 -15.11
CA GLY A 42 13.09 -2.25 -15.40
C GLY A 42 12.51 -3.58 -14.90
N ALA A 43 13.35 -4.46 -14.32
CA ALA A 43 13.00 -5.81 -13.94
C ALA A 43 11.95 -5.76 -12.84
N THR A 44 10.71 -6.00 -13.23
CA THR A 44 9.54 -6.01 -12.37
C THR A 44 9.10 -7.47 -12.24
N THR A 45 8.63 -7.86 -11.06
CA THR A 45 8.05 -9.19 -10.89
C THR A 45 6.56 -9.21 -11.27
N PRO A 46 5.98 -10.39 -11.54
CA PRO A 46 4.55 -10.56 -11.87
C PRO A 46 3.64 -10.07 -10.74
N VAL A 47 3.06 -8.89 -10.85
CA VAL A 47 2.36 -8.20 -9.78
C VAL A 47 1.29 -9.07 -9.10
N VAL A 48 0.97 -8.80 -7.83
CA VAL A 48 0.06 -9.61 -7.01
C VAL A 48 -1.00 -8.67 -6.39
N PRO A 49 -2.30 -9.05 -6.32
CA PRO A 49 -3.39 -8.12 -6.00
C PRO A 49 -3.52 -7.78 -4.51
N PHE A 50 -4.21 -6.68 -4.20
CA PHE A 50 -4.38 -6.05 -2.90
C PHE A 50 -5.52 -5.02 -2.99
N ARG A 51 -6.00 -4.53 -1.84
CA ARG A 51 -6.91 -3.40 -1.67
C ARG A 51 -6.81 -2.92 -0.22
N ILE A 52 -7.31 -1.74 0.13
CA ILE A 52 -7.39 -1.32 1.53
C ILE A 52 -8.85 -1.22 1.88
N LEU A 53 -9.44 -2.30 2.38
CA LEU A 53 -10.87 -2.37 2.64
C LEU A 53 -11.24 -1.28 3.67
N LEU A 54 -12.06 -0.28 3.31
CA LEU A 54 -12.47 0.79 4.22
C LEU A 54 -13.90 0.52 4.68
N SER A 55 -14.04 -0.11 5.85
CA SER A 55 -15.32 -0.29 6.52
C SER A 55 -15.07 -0.49 8.02
N PRO A 56 -16.01 -0.19 8.93
CA PRO A 56 -17.24 0.53 8.64
C PRO A 56 -16.94 1.95 8.12
N CYS A 57 -17.91 2.56 7.46
CA CYS A 57 -17.78 3.88 6.89
C CYS A 57 -19.12 4.62 7.02
N GLY A 58 -19.02 5.93 7.20
CA GLY A 58 -20.10 6.85 7.31
C GLY A 58 -20.92 6.99 6.04
N ASN A 59 -21.93 7.86 6.13
CA ASN A 59 -22.78 8.21 5.01
C ASN A 59 -22.43 9.55 4.37
N ALA A 60 -21.56 10.37 4.97
CA ALA A 60 -21.35 11.74 4.52
C ALA A 60 -19.89 11.98 4.12
N VAL A 61 -19.25 11.00 3.51
CA VAL A 61 -17.87 11.11 3.03
C VAL A 61 -17.93 11.44 1.52
N SER A 62 -16.79 11.64 0.86
CA SER A 62 -16.75 11.86 -0.59
C SER A 62 -15.48 11.27 -1.21
N ALA A 63 -14.32 11.84 -0.88
CA ALA A 63 -13.03 11.41 -1.38
C ALA A 63 -11.98 11.45 -0.26
N VAL A 64 -10.82 10.88 -0.53
CA VAL A 64 -9.75 10.62 0.43
C VAL A 64 -8.40 10.94 -0.24
N LYS A 65 -7.33 11.02 0.58
CA LYS A 65 -5.97 11.38 0.14
C LYS A 65 -4.96 10.48 0.85
N VAL A 66 -4.49 9.44 0.17
CA VAL A 66 -3.66 8.38 0.76
C VAL A 66 -2.21 8.81 0.90
N GLY A 67 -1.56 8.39 1.98
CA GLY A 67 -0.14 8.48 2.25
C GLY A 67 0.41 7.08 2.49
N PHE A 68 0.97 6.45 1.46
CA PHE A 68 1.84 5.29 1.62
C PHE A 68 3.21 5.83 2.03
N THR A 69 3.67 5.53 3.24
CA THR A 69 5.00 5.95 3.69
C THR A 69 5.71 4.86 4.48
N GLY A 70 7.05 4.84 4.41
CA GLY A 70 7.86 3.68 4.78
C GLY A 70 9.32 4.10 4.96
N VAL A 71 10.18 3.84 3.97
CA VAL A 71 11.57 4.27 3.91
C VAL A 71 11.94 4.41 2.42
N ALA A 72 12.47 5.56 2.00
CA ALA A 72 12.83 5.77 0.60
C ALA A 72 14.16 5.07 0.32
N ASP A 73 14.24 4.33 -0.79
CA ASP A 73 15.46 3.62 -1.16
C ASP A 73 16.56 4.60 -1.57
N SER A 74 17.82 4.15 -1.58
CA SER A 74 18.97 4.91 -2.04
C SER A 74 19.02 4.98 -3.56
N HIS A 75 18.81 3.86 -4.24
CA HIS A 75 18.96 3.77 -5.70
C HIS A 75 17.89 4.56 -6.42
N ASN A 76 16.67 4.49 -5.91
CA ASN A 76 15.47 4.92 -6.59
C ASN A 76 14.54 5.33 -5.47
N ALA A 77 14.67 6.56 -4.97
CA ALA A 77 13.95 7.05 -3.80
C ALA A 77 12.42 6.94 -3.93
N ASN A 78 11.90 6.80 -5.15
CA ASN A 78 10.48 6.54 -5.39
C ASN A 78 10.08 5.16 -4.83
N LEU A 79 10.95 4.15 -4.92
CA LEU A 79 10.73 2.78 -4.45
C LEU A 79 10.95 2.69 -2.93
N LEU A 80 10.33 1.68 -2.31
CA LEU A 80 10.41 1.42 -0.86
C LEU A 80 11.64 0.54 -0.60
N ALA A 81 12.42 0.88 0.43
CA ALA A 81 13.54 0.08 0.93
C ALA A 81 13.05 -1.19 1.65
N LEU A 82 13.96 -1.94 2.26
CA LEU A 82 13.73 -3.23 2.89
C LEU A 82 14.11 -3.13 4.36
N GLU A 83 14.18 -4.27 5.06
CA GLU A 83 14.91 -4.41 6.32
C GLU A 83 16.41 -4.11 6.13
N ASN A 84 16.85 -3.92 4.88
CA ASN A 84 18.08 -3.25 4.45
C ASN A 84 19.34 -4.00 4.89
N THR A 85 19.21 -5.29 5.20
CA THR A 85 20.21 -6.11 5.86
C THR A 85 20.78 -7.17 4.93
N VAL A 86 21.89 -7.79 5.33
CA VAL A 86 22.64 -8.75 4.54
C VAL A 86 21.82 -9.98 4.17
N SER A 87 20.99 -10.47 5.09
CA SER A 87 20.12 -11.62 4.93
C SER A 87 18.87 -11.28 4.10
N ALA A 88 18.59 -9.99 3.86
CA ALA A 88 17.65 -9.54 2.85
C ALA A 88 18.36 -9.55 1.50
N ALA A 89 17.60 -9.33 0.44
CA ALA A 89 18.19 -9.14 -0.87
C ALA A 89 18.84 -7.76 -0.96
N SER A 90 19.77 -7.63 -1.89
CA SER A 90 20.36 -6.36 -2.34
C SER A 90 19.88 -6.09 -3.77
N GLY A 91 19.98 -4.83 -4.19
CA GLY A 91 19.58 -4.35 -5.52
C GLY A 91 18.12 -4.62 -5.86
N LEU A 92 17.26 -4.86 -4.86
CA LEU A 92 15.83 -5.05 -5.04
C LEU A 92 15.12 -4.00 -4.21
N GLY A 93 14.19 -3.26 -4.79
CA GLY A 93 13.28 -2.37 -4.09
C GLY A 93 11.94 -3.05 -3.95
N ILE A 94 11.18 -2.63 -2.94
CA ILE A 94 9.80 -3.01 -2.74
C ILE A 94 8.95 -2.06 -3.60
N GLN A 95 7.96 -2.63 -4.30
CA GLN A 95 7.15 -1.92 -5.27
C GLN A 95 5.67 -2.06 -4.92
N LEU A 96 5.06 -0.92 -4.58
CA LEU A 96 3.64 -0.73 -4.37
C LEU A 96 3.17 0.28 -5.42
N LEU A 97 1.99 0.09 -6.01
CA LEU A 97 1.52 0.86 -7.16
C LEU A 97 0.07 1.29 -6.93
N ASN A 98 -0.53 2.13 -7.78
CA ASN A 98 -2.00 2.36 -7.81
C ASN A 98 -2.66 1.41 -8.83
N GLU A 99 -3.97 1.47 -9.05
CA GLU A 99 -4.73 0.55 -9.90
C GLU A 99 -4.15 0.45 -11.32
N GLN A 100 -3.81 1.60 -11.91
CA GLN A 100 -3.19 1.73 -13.23
C GLN A 100 -1.76 1.19 -13.28
N GLN A 101 -1.30 0.65 -12.16
CA GLN A 101 0.00 0.00 -11.98
C GLN A 101 1.11 1.02 -12.18
N ASN A 102 0.82 2.28 -11.82
CA ASN A 102 1.71 3.40 -12.01
C ASN A 102 2.70 3.45 -10.84
N GLN A 103 3.95 3.84 -11.10
CA GLN A 103 5.02 3.89 -10.12
C GLN A 103 4.75 4.98 -9.08
N ILE A 104 4.03 4.63 -8.01
CA ILE A 104 3.82 5.44 -6.82
C ILE A 104 5.20 5.86 -6.30
N PRO A 105 5.51 7.16 -6.17
CA PRO A 105 6.63 7.64 -5.39
C PRO A 105 6.31 7.52 -3.90
N LEU A 106 7.36 7.32 -3.09
CA LEU A 106 7.27 7.41 -1.64
C LEU A 106 7.10 8.86 -1.20
N ASN A 107 6.73 9.04 0.08
CA ASN A 107 6.57 10.32 0.78
C ASN A 107 5.67 11.31 0.02
N ALA A 108 4.75 10.79 -0.78
CA ALA A 108 3.99 11.51 -1.76
C ALA A 108 3.04 12.48 -1.05
N PRO A 109 2.86 13.70 -1.58
CA PRO A 109 1.77 14.56 -1.20
C PRO A 109 0.49 14.05 -1.85
N SER A 110 -0.64 14.62 -1.45
CA SER A 110 -1.93 14.38 -2.08
C SER A 110 -1.95 14.75 -3.55
N SER A 111 -1.11 15.67 -4.01
CA SER A 111 -1.04 16.10 -5.40
C SER A 111 -0.34 15.09 -6.32
N ALA A 112 0.08 13.92 -5.81
CA ALA A 112 0.84 12.94 -6.58
C ALA A 112 0.10 11.60 -6.74
N LEU A 113 -1.11 11.46 -6.21
CA LEU A 113 -1.99 10.31 -6.36
C LEU A 113 -3.43 10.83 -6.33
N SER A 114 -4.41 9.98 -6.64
CA SER A 114 -5.80 10.39 -6.69
C SER A 114 -6.72 9.23 -6.37
N TRP A 115 -7.32 9.27 -5.19
CA TRP A 115 -8.33 8.32 -4.73
C TRP A 115 -9.64 8.52 -5.51
N THR A 116 -10.66 7.75 -5.16
CA THR A 116 -11.92 7.61 -5.88
C THR A 116 -13.11 8.10 -5.03
N THR A 117 -14.32 8.02 -5.58
CA THR A 117 -15.59 8.20 -4.90
C THR A 117 -15.76 7.11 -3.84
N LEU A 118 -15.53 7.48 -2.57
CA LEU A 118 -16.00 6.72 -1.41
C LEU A 118 -17.53 6.73 -1.45
N THR A 119 -18.15 5.58 -1.69
CA THR A 119 -19.58 5.38 -1.56
C THR A 119 -19.94 5.28 -0.07
N PRO A 120 -21.12 5.77 0.35
CA PRO A 120 -21.53 5.74 1.74
C PRO A 120 -21.77 4.31 2.19
N GLY A 121 -21.57 4.02 3.47
CA GLY A 121 -22.00 2.77 4.10
C GLY A 121 -21.57 1.51 3.35
N LYS A 122 -20.40 1.50 2.72
CA LYS A 122 -19.91 0.38 1.91
C LYS A 122 -18.43 0.11 2.23
N PRO A 123 -17.89 -1.06 1.83
CA PRO A 123 -16.54 -1.47 2.18
C PRO A 123 -15.45 -0.82 1.31
N ASN A 124 -15.86 -0.02 0.32
CA ASN A 124 -15.02 0.89 -0.47
C ASN A 124 -13.74 0.20 -0.94
N THR A 125 -13.93 -0.96 -1.54
CA THR A 125 -12.91 -1.77 -2.17
C THR A 125 -12.33 -1.00 -3.38
N LEU A 126 -11.00 -1.00 -3.47
CA LEU A 126 -10.15 -0.47 -4.53
C LEU A 126 -9.53 -1.67 -5.25
N ASN A 127 -8.68 -1.44 -6.24
CA ASN A 127 -7.85 -2.46 -6.86
C ASN A 127 -6.43 -1.97 -6.79
N PHE A 128 -5.56 -2.65 -6.04
CA PHE A 128 -4.14 -2.33 -5.95
C PHE A 128 -3.33 -3.61 -6.10
N TYR A 129 -2.01 -3.44 -6.19
CA TYR A 129 -1.03 -4.48 -6.44
C TYR A 129 0.24 -4.14 -5.65
N ALA A 130 1.04 -5.16 -5.32
CA ALA A 130 2.38 -5.05 -4.76
C ALA A 130 3.26 -6.08 -5.44
N ARG A 131 4.57 -5.83 -5.48
CA ARG A 131 5.55 -6.81 -5.91
C ARG A 131 6.97 -6.38 -5.53
N LEU A 132 7.99 -7.09 -6.05
CA LEU A 132 9.39 -6.71 -5.98
C LEU A 132 9.80 -6.15 -7.34
N MET A 133 10.96 -5.55 -7.36
CA MET A 133 11.36 -4.65 -8.41
C MET A 133 12.88 -4.55 -8.26
N ALA A 134 13.63 -4.58 -9.34
CA ALA A 134 15.05 -4.33 -9.25
C ALA A 134 15.32 -2.85 -9.07
N THR A 135 16.42 -2.58 -8.38
CA THR A 135 17.12 -1.32 -8.40
C THR A 135 18.51 -1.53 -9.00
N GLN A 136 19.12 -2.71 -8.86
CA GLN A 136 20.36 -3.11 -9.52
C GLN A 136 20.33 -4.61 -9.86
N VAL A 137 21.43 -5.10 -10.40
CA VAL A 137 21.61 -6.48 -10.85
C VAL A 137 22.67 -7.19 -9.97
N PRO A 138 22.56 -7.20 -8.62
CA PRO A 138 23.52 -7.92 -7.81
C PRO A 138 23.22 -9.41 -7.77
N VAL A 139 21.93 -9.77 -7.97
CA VAL A 139 21.33 -11.12 -7.92
C VAL A 139 21.74 -11.87 -6.65
N THR A 140 21.45 -11.21 -5.53
CA THR A 140 21.70 -11.64 -4.18
C THR A 140 20.43 -12.30 -3.64
N ALA A 141 20.55 -13.58 -3.25
CA ALA A 141 19.53 -14.29 -2.49
C ALA A 141 19.23 -13.59 -1.15
N GLY A 142 18.05 -13.85 -0.57
CA GLY A 142 17.61 -13.29 0.69
C GLY A 142 16.11 -13.45 0.90
N HIS A 143 15.59 -13.10 2.07
CA HIS A 143 14.16 -12.93 2.32
C HIS A 143 13.71 -11.55 1.86
N ILE A 144 12.43 -11.43 1.51
CA ILE A 144 11.73 -10.16 1.35
C ILE A 144 11.15 -9.88 2.72
N ASN A 145 11.49 -8.71 3.25
CA ASN A 145 11.01 -8.18 4.51
C ASN A 145 11.20 -6.67 4.41
N ALA A 146 10.18 -5.90 4.75
CA ALA A 146 10.11 -4.45 4.74
C ALA A 146 9.01 -4.04 5.70
N THR A 147 8.55 -2.80 5.61
CA THR A 147 7.55 -2.23 6.48
C THR A 147 7.10 -0.91 5.83
N ALA A 148 5.81 -0.61 5.93
CA ALA A 148 5.25 0.69 5.61
C ALA A 148 3.89 0.82 6.31
N THR A 149 3.28 2.00 6.17
CA THR A 149 1.97 2.32 6.68
C THR A 149 1.22 3.02 5.56
N PHE A 150 0.11 2.44 5.10
CA PHE A 150 -0.86 3.11 4.25
C PHE A 150 -1.81 3.85 5.18
N THR A 151 -1.76 5.17 5.19
CA THR A 151 -2.57 6.01 6.05
C THR A 151 -3.40 6.89 5.13
N LEU A 152 -4.71 6.71 5.18
CA LEU A 152 -5.66 7.56 4.49
C LEU A 152 -5.81 8.80 5.35
N GLU A 153 -5.50 9.98 4.82
CA GLU A 153 -6.05 11.21 5.38
C GLU A 153 -7.33 11.45 4.57
N TYR A 154 -8.40 11.84 5.25
CA TYR A 154 -9.74 11.88 4.65
C TYR A 154 -10.02 13.33 4.23
N GLN A 155 -11.19 13.62 3.68
CA GLN A 155 -11.57 15.01 3.45
C GLN A 155 -11.97 15.65 4.78
N ASP A 156 -11.06 16.38 5.44
CA ASP A 156 -11.31 17.11 6.68
C ASP A 156 -10.43 18.37 6.65
N ASN A 157 -10.82 19.42 7.37
CA ASN A 157 -10.20 20.75 7.25
C ASN A 157 -9.24 21.00 8.40
N HIS A 158 -9.74 21.08 9.62
CA HIS A 158 -8.97 21.31 10.84
C HIS A 158 -9.21 20.16 11.81
N HIS A 159 -10.47 19.74 11.99
CA HIS A 159 -10.83 18.55 12.74
C HIS A 159 -10.25 17.31 12.06
N HIS A 160 -10.22 16.17 12.75
CA HIS A 160 -9.69 14.87 12.31
C HIS A 160 -8.25 14.83 11.78
N HIS A 161 -7.55 15.95 11.57
CA HIS A 161 -6.24 15.94 10.91
C HIS A 161 -5.27 15.01 11.64
N HIS A 162 -4.79 13.98 10.95
CA HIS A 162 -3.88 12.97 11.45
C HIS A 162 -3.11 12.33 10.31
N HIS A 163 -1.81 12.62 10.17
CA HIS A 163 -0.96 11.96 9.17
C HIS A 163 -0.76 10.46 9.41
N LYS A 164 -1.31 9.87 10.48
CA LYS A 164 -1.40 8.42 10.61
C LYS A 164 -2.84 8.08 10.98
N GLN A 165 -3.34 6.97 10.43
CA GLN A 165 -4.61 6.36 10.78
C GLN A 165 -4.31 4.92 11.16
N ALA A 166 -4.76 4.46 12.32
CA ALA A 166 -4.82 3.06 12.75
C ALA A 166 -3.49 2.32 12.92
N ASP A 167 -2.42 2.83 12.32
CA ASP A 167 -1.11 2.25 12.16
C ASP A 167 -1.10 0.98 11.29
N SER A 168 -2.13 0.78 10.45
CA SER A 168 -2.29 -0.31 9.47
C SER A 168 -0.95 -0.66 8.79
N THR A 169 -0.24 -1.65 9.32
CA THR A 169 1.09 -2.03 8.87
C THR A 169 0.99 -2.78 7.52
N ILE A 170 2.10 -2.81 6.77
CA ILE A 170 2.27 -3.59 5.56
C ILE A 170 3.50 -4.49 5.79
N THR A 171 3.30 -5.81 5.76
CA THR A 171 4.38 -6.79 5.78
C THR A 171 4.22 -7.61 4.51
N ILE A 172 5.00 -7.30 3.49
CA ILE A 172 5.15 -8.16 2.34
C ILE A 172 6.13 -9.28 2.72
N ARG A 173 5.68 -10.53 2.71
CA ARG A 173 6.55 -11.70 2.94
C ARG A 173 7.09 -12.16 1.59
N GLY A 174 8.14 -12.97 1.55
CA GLY A 174 8.64 -13.60 0.33
C GLY A 174 10.10 -14.03 0.53
N TYR A 175 10.70 -14.68 -0.47
CA TYR A 175 12.10 -15.12 -0.41
C TYR A 175 12.67 -15.21 -1.82
N VAL A 176 13.78 -14.48 -2.09
CA VAL A 176 14.49 -14.65 -3.35
C VAL A 176 15.44 -15.86 -3.22
N ARG A 177 15.20 -16.87 -4.07
CA ARG A 177 15.97 -18.10 -4.15
C ARG A 177 17.24 -17.80 -4.94
N ASP A 178 18.40 -18.33 -4.56
CA ASP A 178 19.65 -18.05 -5.24
C ASP A 178 19.71 -18.59 -6.68
N ASN A 179 18.84 -19.51 -7.08
CA ASN A 179 18.70 -19.98 -8.45
C ASN A 179 17.22 -20.11 -8.77
N MET A 1 -27.51 3.72 -6.90
CA MET A 1 -28.58 4.70 -7.13
C MET A 1 -28.94 5.43 -5.86
N ALA A 2 -29.52 4.76 -4.84
CA ALA A 2 -29.83 5.44 -3.57
C ALA A 2 -28.56 5.96 -2.88
N ASP A 3 -27.45 5.22 -3.04
CA ASP A 3 -26.10 5.58 -2.60
C ASP A 3 -26.10 6.02 -1.12
N SER A 4 -26.97 5.37 -0.35
CA SER A 4 -27.29 5.61 1.05
C SER A 4 -28.16 4.44 1.52
N THR A 5 -28.40 4.34 2.83
CA THR A 5 -29.08 3.18 3.43
C THR A 5 -28.37 1.87 3.03
N ILE A 6 -27.14 1.72 3.52
CA ILE A 6 -26.35 0.49 3.39
C ILE A 6 -26.51 -0.33 4.69
N THR A 7 -27.55 -0.07 5.49
CA THR A 7 -27.97 -0.87 6.65
C THR A 7 -26.92 -0.95 7.78
N ILE A 8 -25.80 -0.24 7.65
CA ILE A 8 -24.70 -0.11 8.62
C ILE A 8 -25.30 0.36 9.96
N ARG A 9 -25.25 -0.48 11.01
CA ARG A 9 -25.95 -0.24 12.26
C ARG A 9 -25.28 0.85 13.09
N GLY A 10 -23.95 0.78 13.25
CA GLY A 10 -23.17 1.84 13.87
C GLY A 10 -22.98 2.98 12.87
N TYR A 11 -22.14 3.97 13.17
CA TYR A 11 -21.83 5.03 12.23
C TYR A 11 -20.39 5.49 12.50
N VAL A 12 -19.58 5.36 11.45
CA VAL A 12 -18.28 6.02 11.28
C VAL A 12 -18.55 7.38 10.61
N ARG A 13 -17.59 8.31 10.72
CA ARG A 13 -17.63 9.62 10.06
C ARG A 13 -17.98 9.41 8.59
N ASP A 14 -18.93 10.20 8.08
CA ASP A 14 -19.38 10.05 6.71
C ASP A 14 -18.27 10.38 5.74
N ASN A 15 -17.50 11.43 6.04
CA ASN A 15 -16.57 12.02 5.08
C ASN A 15 -15.23 11.27 5.01
N GLY A 16 -14.99 10.23 5.83
CA GLY A 16 -13.70 9.58 5.96
C GLY A 16 -13.82 8.33 6.81
N CYS A 17 -13.55 7.18 6.18
CA CYS A 17 -13.85 5.85 6.68
C CYS A 17 -12.79 5.37 7.67
N SER A 18 -13.12 4.37 8.48
CA SER A 18 -12.12 3.60 9.23
C SER A 18 -11.31 2.70 8.28
N VAL A 19 -10.41 1.90 8.84
CA VAL A 19 -9.67 0.86 8.16
C VAL A 19 -9.98 -0.40 8.96
N ALA A 20 -10.24 -1.49 8.24
CA ALA A 20 -10.75 -2.69 8.90
C ALA A 20 -9.69 -3.30 9.81
N ALA A 21 -10.13 -3.95 10.89
CA ALA A 21 -9.26 -4.64 11.85
C ALA A 21 -8.52 -5.85 11.24
N GLU A 22 -8.89 -6.26 10.03
CA GLU A 22 -8.18 -7.27 9.25
C GLU A 22 -7.04 -6.67 8.41
N SER A 23 -6.95 -5.35 8.35
CA SER A 23 -6.03 -4.59 7.52
C SER A 23 -5.02 -3.86 8.39
N THR A 24 -5.46 -3.11 9.41
CA THR A 24 -4.53 -2.58 10.38
C THR A 24 -3.95 -3.78 11.13
N ASN A 25 -2.62 -3.92 11.10
CA ASN A 25 -1.89 -5.15 11.45
C ASN A 25 -2.36 -6.30 10.56
N PHE A 26 -1.78 -6.39 9.37
CA PHE A 26 -1.95 -7.53 8.48
C PHE A 26 -0.60 -7.87 7.84
N THR A 27 -0.55 -8.96 7.08
CA THR A 27 0.62 -9.36 6.32
C THR A 27 0.23 -9.56 4.84
N VAL A 28 1.16 -9.18 3.95
CA VAL A 28 1.10 -9.46 2.54
C VAL A 28 1.97 -10.69 2.29
N ASP A 29 1.31 -11.73 1.79
CA ASP A 29 1.94 -12.94 1.29
C ASP A 29 2.48 -12.62 -0.10
N LEU A 30 3.80 -12.80 -0.26
CA LEU A 30 4.48 -12.66 -1.53
C LEU A 30 5.04 -14.02 -1.91
N MET A 31 4.17 -14.80 -2.56
CA MET A 31 4.27 -16.21 -2.92
C MET A 31 5.72 -16.71 -3.03
N GLU A 32 6.50 -16.07 -3.90
CA GLU A 32 7.94 -16.05 -3.99
C GLU A 32 8.28 -14.96 -5.02
N ASN A 33 9.56 -14.74 -5.26
CA ASN A 33 10.13 -13.85 -6.26
C ASN A 33 11.11 -14.68 -7.08
N ALA A 34 11.87 -14.08 -7.98
CA ALA A 34 12.74 -14.80 -8.90
C ALA A 34 13.82 -13.83 -9.36
N ALA A 35 15.05 -14.31 -9.48
CA ALA A 35 16.23 -13.56 -9.90
C ALA A 35 16.11 -12.98 -11.32
N LYS A 36 15.80 -13.80 -12.33
CA LYS A 36 16.06 -13.40 -13.73
C LYS A 36 15.21 -12.24 -14.22
N GLN A 37 14.08 -11.97 -13.58
CA GLN A 37 13.21 -10.83 -13.86
C GLN A 37 13.82 -9.49 -13.39
N PHE A 38 15.04 -9.53 -12.85
CA PHE A 38 15.77 -8.35 -12.42
C PHE A 38 16.81 -8.01 -13.48
N ASN A 39 18.04 -7.58 -13.11
CA ASN A 39 19.21 -7.27 -13.96
C ASN A 39 19.27 -5.81 -14.43
N ASN A 40 18.43 -4.93 -13.91
CA ASN A 40 18.07 -3.64 -14.52
C ASN A 40 17.04 -2.97 -13.63
N ILE A 41 16.72 -1.71 -13.88
CA ILE A 41 15.89 -0.86 -13.00
C ILE A 41 14.45 -0.75 -13.52
N GLY A 42 14.13 -1.39 -14.65
CA GLY A 42 12.76 -1.66 -15.12
C GLY A 42 12.24 -3.03 -14.67
N ALA A 43 13.07 -3.72 -13.90
CA ALA A 43 12.90 -5.04 -13.34
C ALA A 43 11.58 -5.15 -12.58
N THR A 44 10.65 -5.92 -13.13
CA THR A 44 9.29 -6.02 -12.61
C THR A 44 8.86 -7.50 -12.53
N THR A 45 8.23 -7.82 -11.41
CA THR A 45 7.76 -9.13 -10.97
C THR A 45 6.28 -9.40 -11.34
N PRO A 46 5.73 -10.62 -11.11
CA PRO A 46 4.32 -10.94 -11.38
C PRO A 46 3.43 -10.37 -10.27
N VAL A 47 3.05 -9.10 -10.36
CA VAL A 47 2.33 -8.39 -9.30
C VAL A 47 1.04 -9.09 -8.89
N VAL A 48 0.60 -8.86 -7.65
CA VAL A 48 -0.54 -9.54 -7.05
C VAL A 48 -1.58 -8.50 -6.68
N PRO A 49 -2.88 -8.78 -6.84
CA PRO A 49 -3.91 -7.86 -6.44
C PRO A 49 -3.95 -7.76 -4.91
N PHE A 50 -4.21 -6.55 -4.44
CA PHE A 50 -4.25 -6.15 -3.05
C PHE A 50 -5.39 -5.13 -2.91
N ARG A 51 -5.70 -4.72 -1.68
CA ARG A 51 -6.68 -3.71 -1.27
C ARG A 51 -6.39 -3.40 0.17
N ILE A 52 -6.56 -2.15 0.55
CA ILE A 52 -6.43 -1.80 1.97
C ILE A 52 -7.70 -2.25 2.72
N LEU A 53 -8.89 -2.19 2.10
CA LEU A 53 -10.19 -2.48 2.70
C LEU A 53 -10.52 -1.44 3.78
N LEU A 54 -11.35 -0.47 3.44
CA LEU A 54 -11.69 0.65 4.32
C LEU A 54 -13.16 0.58 4.65
N SER A 55 -13.51 0.20 5.88
CA SER A 55 -14.90 0.07 6.29
C SER A 55 -15.03 0.05 7.82
N PRO A 56 -16.24 0.23 8.37
CA PRO A 56 -17.40 0.82 7.71
C PRO A 56 -17.20 2.32 7.47
N CYS A 57 -18.21 2.97 6.90
CA CYS A 57 -18.19 4.39 6.58
C CYS A 57 -19.63 4.90 6.53
N GLY A 58 -19.82 6.22 6.53
CA GLY A 58 -21.14 6.83 6.35
C GLY A 58 -21.48 6.97 4.87
N ASN A 59 -22.26 7.98 4.48
CA ASN A 59 -22.93 8.02 3.17
C ASN A 59 -22.51 9.22 2.33
N ALA A 60 -21.67 10.14 2.83
CA ALA A 60 -21.36 11.41 2.16
C ALA A 60 -19.84 11.61 1.99
N VAL A 61 -19.26 11.05 0.94
CA VAL A 61 -17.83 11.00 0.68
C VAL A 61 -17.64 11.04 -0.84
N SER A 62 -16.62 11.77 -1.34
CA SER A 62 -16.30 11.87 -2.77
C SER A 62 -14.97 11.21 -3.15
N ALA A 63 -14.00 11.13 -2.22
CA ALA A 63 -12.67 10.60 -2.48
C ALA A 63 -11.86 10.50 -1.18
N VAL A 64 -10.59 10.13 -1.33
CA VAL A 64 -9.55 10.15 -0.32
C VAL A 64 -8.23 10.50 -1.04
N LYS A 65 -7.21 10.85 -0.25
CA LYS A 65 -5.82 10.97 -0.66
C LYS A 65 -5.01 9.99 0.18
N VAL A 66 -3.84 9.56 -0.25
CA VAL A 66 -3.17 8.38 0.32
C VAL A 66 -1.75 8.77 0.75
N GLY A 67 -1.25 8.19 1.83
CA GLY A 67 0.10 8.46 2.32
C GLY A 67 0.77 7.17 2.75
N PHE A 68 1.42 6.49 1.80
CA PHE A 68 2.29 5.35 2.07
C PHE A 68 3.59 5.95 2.58
N THR A 69 3.93 5.63 3.83
CA THR A 69 5.03 6.26 4.53
C THR A 69 5.74 5.20 5.36
N GLY A 70 7.03 5.07 5.15
CA GLY A 70 7.91 4.17 5.85
C GLY A 70 9.33 4.64 5.59
N VAL A 71 10.30 3.73 5.73
CA VAL A 71 11.67 3.95 5.31
C VAL A 71 11.71 4.14 3.78
N ALA A 72 12.16 5.32 3.35
CA ALA A 72 12.50 5.59 1.96
C ALA A 72 13.87 4.99 1.64
N ASP A 73 14.08 4.64 0.37
CA ASP A 73 15.27 3.95 -0.10
C ASP A 73 16.40 4.95 -0.35
N SER A 74 17.61 4.42 -0.36
CA SER A 74 18.82 5.11 -0.79
C SER A 74 18.69 5.51 -2.26
N HIS A 75 18.31 4.57 -3.13
CA HIS A 75 18.51 4.68 -4.56
C HIS A 75 17.35 5.38 -5.20
N ASN A 76 16.16 4.77 -5.15
CA ASN A 76 14.97 5.33 -5.74
C ASN A 76 14.00 5.36 -4.58
N ALA A 77 13.94 6.50 -3.88
CA ALA A 77 13.10 6.70 -2.71
C ALA A 77 11.61 6.49 -3.04
N ASN A 78 11.26 6.41 -4.33
CA ASN A 78 9.94 6.07 -4.85
C ASN A 78 9.51 4.62 -4.58
N LEU A 79 10.31 3.83 -3.86
CA LEU A 79 9.98 2.46 -3.46
C LEU A 79 9.77 2.44 -1.94
N LEU A 80 9.61 1.26 -1.35
CA LEU A 80 9.55 0.99 0.09
C LEU A 80 10.74 0.05 0.34
N ALA A 81 11.62 0.39 1.28
CA ALA A 81 12.88 -0.30 1.48
C ALA A 81 12.70 -1.55 2.36
N LEU A 82 13.74 -2.35 2.46
CA LEU A 82 13.66 -3.69 3.06
C LEU A 82 14.06 -3.64 4.54
N GLU A 83 14.11 -4.81 5.19
CA GLU A 83 14.75 -5.09 6.48
C GLU A 83 16.23 -4.64 6.56
N ASN A 84 16.82 -4.27 5.42
CA ASN A 84 18.16 -3.71 5.21
C ASN A 84 19.30 -4.68 5.50
N THR A 85 18.98 -5.92 5.89
CA THR A 85 19.95 -6.93 6.32
C THR A 85 20.62 -7.60 5.09
N VAL A 86 21.72 -8.31 5.32
CA VAL A 86 22.47 -9.05 4.28
C VAL A 86 21.60 -10.12 3.60
N SER A 87 20.80 -10.85 4.37
CA SER A 87 19.91 -11.91 3.95
C SER A 87 18.64 -11.36 3.28
N ALA A 88 18.49 -10.04 3.18
CA ALA A 88 17.41 -9.43 2.41
C ALA A 88 17.70 -9.60 0.94
N ALA A 89 16.68 -9.49 0.11
CA ALA A 89 16.82 -9.19 -1.31
C ALA A 89 17.57 -7.85 -1.43
N SER A 90 18.80 -7.86 -1.93
CA SER A 90 19.57 -6.62 -2.08
C SER A 90 19.07 -5.88 -3.31
N GLY A 91 19.25 -4.55 -3.34
CA GLY A 91 18.91 -3.64 -4.42
C GLY A 91 17.56 -3.87 -5.08
N LEU A 92 16.64 -4.36 -4.27
CA LEU A 92 15.31 -4.83 -4.67
C LEU A 92 14.26 -4.12 -3.83
N GLY A 93 13.86 -2.90 -4.22
CA GLY A 93 12.84 -2.16 -3.49
C GLY A 93 11.48 -2.81 -3.64
N ILE A 94 10.64 -2.72 -2.60
CA ILE A 94 9.25 -3.14 -2.62
C ILE A 94 8.48 -2.10 -3.45
N GLN A 95 7.55 -2.52 -4.31
CA GLN A 95 6.80 -1.69 -5.25
C GLN A 95 5.30 -1.92 -4.98
N LEU A 96 4.57 -0.87 -4.57
CA LEU A 96 3.19 -0.95 -4.08
C LEU A 96 2.28 -0.09 -4.94
N LEU A 97 1.94 -0.56 -6.14
CA LEU A 97 1.26 0.26 -7.14
C LEU A 97 -0.23 0.33 -6.80
N ASN A 98 -0.88 1.42 -7.20
CA ASN A 98 -2.34 1.54 -7.29
C ASN A 98 -2.83 0.88 -8.59
N GLU A 99 -4.14 0.88 -8.82
CA GLU A 99 -4.77 0.25 -10.00
C GLU A 99 -4.10 0.64 -11.32
N GLN A 100 -3.62 1.88 -11.44
CA GLN A 100 -2.98 2.42 -12.63
C GLN A 100 -1.59 1.84 -12.89
N GLN A 101 -1.15 0.86 -12.09
CA GLN A 101 0.11 0.13 -12.22
C GLN A 101 1.29 1.10 -12.29
N ASN A 102 1.22 2.13 -11.45
CA ASN A 102 2.05 3.31 -11.44
C ASN A 102 2.88 3.27 -10.16
N GLN A 103 4.19 3.55 -10.24
CA GLN A 103 5.10 3.47 -9.09
C GLN A 103 4.65 4.49 -8.04
N ILE A 104 4.10 4.01 -6.92
CA ILE A 104 3.68 4.85 -5.81
C ILE A 104 4.93 5.16 -4.97
N PRO A 105 5.41 6.42 -4.92
CA PRO A 105 6.47 6.82 -4.00
C PRO A 105 6.00 6.82 -2.54
N LEU A 106 6.95 6.65 -1.63
CA LEU A 106 6.77 6.86 -0.19
C LEU A 106 6.93 8.35 0.13
N ASN A 107 6.34 8.74 1.26
CA ASN A 107 6.42 10.09 1.85
C ASN A 107 6.17 11.21 0.84
N ALA A 108 5.27 10.99 -0.12
CA ALA A 108 5.05 11.81 -1.30
C ALA A 108 3.65 12.43 -1.31
N PRO A 109 3.38 13.44 -2.17
CA PRO A 109 2.06 14.05 -2.29
C PRO A 109 1.18 13.26 -3.29
N SER A 110 -0.15 13.42 -3.19
CA SER A 110 -1.06 12.54 -3.91
C SER A 110 -1.15 12.76 -5.43
N SER A 111 -0.54 13.83 -5.95
CA SER A 111 -0.34 13.98 -7.40
C SER A 111 0.38 12.76 -8.00
N ALA A 112 1.21 12.07 -7.21
CA ALA A 112 1.98 10.91 -7.59
C ALA A 112 1.18 9.61 -7.64
N LEU A 113 -0.12 9.64 -7.31
CA LEU A 113 -0.91 8.45 -6.96
C LEU A 113 -2.33 8.61 -7.52
N SER A 114 -3.27 7.76 -7.11
CA SER A 114 -4.69 7.91 -7.37
C SER A 114 -5.51 7.55 -6.12
N TRP A 115 -6.83 7.72 -6.19
CA TRP A 115 -7.78 7.01 -5.35
C TRP A 115 -9.09 6.89 -6.13
N THR A 116 -10.05 6.16 -5.58
CA THR A 116 -11.26 5.77 -6.28
C THR A 116 -12.46 6.51 -5.71
N THR A 117 -13.59 6.43 -6.41
CA THR A 117 -14.88 6.86 -5.94
C THR A 117 -15.24 5.92 -4.78
N LEU A 118 -14.99 6.36 -3.56
CA LEU A 118 -15.28 5.70 -2.30
C LEU A 118 -16.79 5.48 -2.22
N THR A 119 -17.21 4.24 -2.52
CA THR A 119 -18.59 3.80 -2.42
C THR A 119 -19.12 4.06 -1.01
N PRO A 120 -20.40 4.43 -0.83
CA PRO A 120 -20.93 4.72 0.49
C PRO A 120 -20.99 3.41 1.30
N GLY A 121 -20.50 3.46 2.54
CA GLY A 121 -20.55 2.41 3.55
C GLY A 121 -20.15 1.00 3.09
N LYS A 122 -19.06 0.84 2.32
CA LYS A 122 -18.70 -0.43 1.67
C LYS A 122 -17.28 -0.90 2.01
N PRO A 123 -16.80 -2.08 1.58
CA PRO A 123 -15.46 -2.55 1.96
C PRO A 123 -14.36 -1.72 1.32
N ASN A 124 -14.65 -0.92 0.28
CA ASN A 124 -13.66 -0.13 -0.45
C ASN A 124 -12.42 -0.93 -0.81
N THR A 125 -12.65 -2.05 -1.49
CA THR A 125 -11.65 -2.79 -2.21
C THR A 125 -11.14 -1.94 -3.39
N LEU A 126 -10.04 -1.25 -3.11
CA LEU A 126 -9.20 -0.57 -4.10
C LEU A 126 -8.34 -1.66 -4.72
N ASN A 127 -8.29 -1.73 -6.05
CA ASN A 127 -7.50 -2.75 -6.73
C ASN A 127 -6.06 -2.25 -6.74
N PHE A 128 -5.28 -2.52 -5.70
CA PHE A 128 -3.86 -2.17 -5.63
C PHE A 128 -3.03 -3.40 -6.01
N TYR A 129 -1.72 -3.24 -6.14
CA TYR A 129 -0.80 -4.29 -6.52
C TYR A 129 0.50 -4.18 -5.71
N ALA A 130 0.73 -5.07 -4.73
CA ALA A 130 2.01 -5.12 -3.99
C ALA A 130 2.89 -6.18 -4.61
N ARG A 131 4.17 -5.86 -4.86
CA ARG A 131 5.20 -6.82 -5.26
C ARG A 131 6.58 -6.22 -5.05
N LEU A 132 7.60 -6.67 -5.79
CA LEU A 132 8.99 -6.25 -5.64
C LEU A 132 9.43 -5.64 -6.96
N MET A 133 10.53 -4.89 -6.94
CA MET A 133 11.19 -4.28 -8.08
C MET A 133 12.68 -4.43 -7.88
N ALA A 134 13.48 -4.08 -8.88
CA ALA A 134 14.90 -3.83 -8.68
C ALA A 134 15.20 -2.35 -8.85
N THR A 135 15.90 -1.81 -7.86
CA THR A 135 16.47 -0.48 -7.87
C THR A 135 17.95 -0.55 -8.30
N GLN A 136 18.57 -1.74 -8.36
CA GLN A 136 19.91 -1.99 -8.89
C GLN A 136 19.98 -3.36 -9.57
N VAL A 137 21.18 -3.80 -9.93
CA VAL A 137 21.45 -5.09 -10.54
C VAL A 137 22.37 -5.89 -9.59
N PRO A 138 22.02 -6.10 -8.29
CA PRO A 138 22.87 -6.88 -7.39
C PRO A 138 22.56 -8.38 -7.49
N VAL A 139 21.41 -8.74 -8.07
CA VAL A 139 20.83 -10.07 -8.24
C VAL A 139 21.22 -11.06 -7.13
N THR A 140 20.92 -10.66 -5.90
CA THR A 140 21.24 -11.37 -4.68
C THR A 140 19.91 -11.95 -4.14
N ALA A 141 19.73 -13.27 -4.29
CA ALA A 141 18.70 -14.04 -3.63
C ALA A 141 18.73 -13.85 -2.10
N GLY A 142 17.73 -13.15 -1.57
CA GLY A 142 17.44 -13.04 -0.14
C GLY A 142 15.92 -12.95 0.04
N HIS A 143 15.45 -13.07 1.27
CA HIS A 143 14.03 -12.97 1.58
C HIS A 143 13.56 -11.53 1.49
N ILE A 144 12.24 -11.42 1.36
CA ILE A 144 11.53 -10.17 1.52
C ILE A 144 10.99 -10.20 2.95
N ASN A 145 11.26 -9.13 3.67
CA ASN A 145 10.67 -8.67 4.91
C ASN A 145 10.87 -7.16 4.86
N ALA A 146 9.79 -6.38 4.87
CA ALA A 146 9.82 -4.91 4.81
C ALA A 146 8.67 -4.37 5.64
N THR A 147 8.71 -3.07 5.96
CA THR A 147 7.82 -2.44 6.92
C THR A 147 7.59 -0.99 6.51
N ALA A 148 6.32 -0.58 6.46
CA ALA A 148 5.87 0.81 6.31
C ALA A 148 4.44 0.92 6.87
N THR A 149 3.83 2.08 6.73
CA THR A 149 2.54 2.42 7.29
C THR A 149 1.73 3.21 6.24
N PHE A 150 0.56 2.68 5.87
CA PHE A 150 -0.31 3.12 4.80
C PHE A 150 -1.40 4.04 5.38
N THR A 151 -1.06 5.30 5.56
CA THR A 151 -1.97 6.30 6.11
C THR A 151 -2.91 6.75 4.98
N LEU A 152 -4.00 7.40 5.35
CA LEU A 152 -4.99 8.01 4.49
C LEU A 152 -5.06 9.47 4.92
N GLU A 153 -5.39 10.32 3.97
CA GLU A 153 -5.64 11.73 4.18
C GLU A 153 -6.97 12.04 3.48
N TYR A 154 -8.05 11.99 4.25
CA TYR A 154 -9.40 12.26 3.76
C TYR A 154 -9.52 13.74 3.41
N GLN A 155 -10.42 14.04 2.47
CA GLN A 155 -10.70 15.36 1.91
C GLN A 155 -10.62 16.44 3.01
N ASP A 156 -11.48 16.31 4.01
CA ASP A 156 -11.35 16.99 5.29
C ASP A 156 -11.94 16.03 6.32
N ASN A 157 -11.25 15.78 7.44
CA ASN A 157 -11.78 14.97 8.54
C ASN A 157 -11.83 15.74 9.84
N HIS A 158 -10.70 16.35 10.24
CA HIS A 158 -10.59 17.25 11.38
C HIS A 158 -9.32 18.09 11.21
N HIS A 159 -9.17 19.17 11.97
CA HIS A 159 -8.27 20.31 11.74
C HIS A 159 -6.81 20.02 11.42
N HIS A 160 -6.25 18.87 11.79
CA HIS A 160 -5.03 18.33 11.20
C HIS A 160 -4.97 16.88 11.62
N HIS A 161 -4.67 15.95 10.70
CA HIS A 161 -4.50 14.56 11.12
C HIS A 161 -3.23 14.43 11.97
N HIS A 162 -3.15 13.40 12.81
CA HIS A 162 -2.00 13.10 13.67
C HIS A 162 -1.83 11.58 13.73
N HIS A 163 -0.91 11.06 14.57
CA HIS A 163 -0.60 9.62 14.68
C HIS A 163 -0.43 8.92 13.32
N LYS A 164 0.01 9.65 12.29
CA LYS A 164 0.11 9.12 10.94
C LYS A 164 -1.23 8.54 10.47
N GLN A 165 -2.38 9.17 10.76
CA GLN A 165 -3.72 8.58 10.86
C GLN A 165 -3.78 7.45 11.90
N ALA A 166 -2.93 6.43 11.75
CA ALA A 166 -2.85 5.24 12.56
C ALA A 166 -1.47 4.57 12.39
N ASP A 167 -1.31 3.37 12.96
CA ASP A 167 -0.03 2.65 13.02
C ASP A 167 -0.02 1.43 12.08
N SER A 168 -1.12 1.16 11.37
CA SER A 168 -1.40 0.04 10.46
C SER A 168 -0.14 -0.52 9.76
N THR A 169 0.37 -1.65 10.23
CA THR A 169 1.57 -2.27 9.71
C THR A 169 1.34 -2.83 8.30
N ILE A 170 2.03 -2.28 7.28
CA ILE A 170 2.32 -2.99 6.04
C ILE A 170 3.55 -3.87 6.34
N THR A 171 3.47 -5.14 5.98
CA THR A 171 4.39 -6.21 6.38
C THR A 171 4.45 -7.21 5.22
N ILE A 172 5.46 -7.15 4.37
CA ILE A 172 5.47 -7.91 3.10
C ILE A 172 6.56 -8.98 3.16
N ARG A 173 6.20 -10.25 2.92
CA ARG A 173 7.07 -11.41 3.15
C ARG A 173 7.11 -12.32 1.93
N GLY A 174 8.31 -12.71 1.48
CA GLY A 174 8.56 -13.46 0.26
C GLY A 174 10.01 -13.95 0.20
N TYR A 175 10.45 -14.50 -0.93
CA TYR A 175 11.76 -15.12 -1.08
C TYR A 175 12.25 -14.97 -2.53
N VAL A 176 13.44 -14.41 -2.75
CA VAL A 176 14.01 -14.37 -4.10
C VAL A 176 14.62 -15.73 -4.39
N ARG A 177 14.04 -16.39 -5.40
CA ARG A 177 14.59 -17.62 -5.97
C ARG A 177 15.71 -17.19 -6.91
N ASP A 178 16.67 -18.06 -7.13
CA ASP A 178 17.86 -17.76 -7.95
C ASP A 178 17.59 -17.85 -9.48
N ASN A 179 16.35 -18.09 -9.90
CA ASN A 179 15.98 -18.44 -11.27
C ASN A 179 15.21 -17.36 -12.00
N MET A 1 -27.90 10.71 12.49
CA MET A 1 -28.50 9.48 13.03
C MET A 1 -29.93 9.35 12.57
N ALA A 2 -30.23 8.22 11.93
CA ALA A 2 -31.55 7.72 11.53
C ALA A 2 -31.34 6.21 11.25
N ASP A 3 -32.34 5.53 10.69
CA ASP A 3 -32.05 4.30 9.92
C ASP A 3 -31.27 4.69 8.66
N SER A 4 -30.77 3.75 7.85
CA SER A 4 -29.91 4.11 6.72
C SER A 4 -30.05 3.11 5.57
N THR A 5 -30.07 3.66 4.35
CA THR A 5 -30.28 2.98 3.06
C THR A 5 -29.27 1.86 2.79
N ILE A 6 -28.10 1.91 3.43
CA ILE A 6 -26.97 1.02 3.25
C ILE A 6 -26.87 0.05 4.46
N THR A 7 -27.90 0.00 5.32
CA THR A 7 -28.10 -0.86 6.49
C THR A 7 -27.05 -0.73 7.61
N ILE A 8 -26.02 0.09 7.41
CA ILE A 8 -25.05 0.39 8.44
C ILE A 8 -25.75 1.16 9.55
N ARG A 9 -25.71 0.63 10.76
CA ARG A 9 -26.12 1.34 11.97
C ARG A 9 -24.93 1.95 12.69
N GLY A 10 -23.75 1.33 12.60
CA GLY A 10 -22.58 1.74 13.35
C GLY A 10 -21.43 2.04 12.42
N TYR A 11 -20.75 3.16 12.66
CA TYR A 11 -19.80 3.79 11.79
C TYR A 11 -18.94 4.61 12.74
N VAL A 12 -17.63 4.51 12.60
CA VAL A 12 -16.68 5.19 13.47
C VAL A 12 -16.77 6.72 13.31
N ARG A 13 -17.18 7.22 12.14
CA ARG A 13 -17.23 8.63 11.78
C ARG A 13 -18.11 8.74 10.53
N ASP A 14 -18.66 9.90 10.20
CA ASP A 14 -19.43 10.04 8.96
C ASP A 14 -18.44 10.56 7.92
N ASN A 15 -17.81 11.71 8.22
CA ASN A 15 -16.69 12.27 7.47
C ASN A 15 -15.40 11.49 7.75
N GLY A 16 -15.42 10.17 7.60
CA GLY A 16 -14.25 9.32 7.87
C GLY A 16 -14.70 7.87 7.96
N CYS A 17 -13.81 6.94 7.62
CA CYS A 17 -14.09 5.52 7.47
C CYS A 17 -12.83 4.84 7.98
N SER A 18 -12.95 3.86 8.88
CA SER A 18 -11.74 3.16 9.29
C SER A 18 -11.29 2.25 8.16
N VAL A 19 -10.00 1.94 8.14
CA VAL A 19 -9.56 0.74 7.47
C VAL A 19 -10.04 -0.45 8.31
N ALA A 20 -10.34 -1.58 7.65
CA ALA A 20 -10.91 -2.72 8.35
C ALA A 20 -9.91 -3.39 9.29
N ALA A 21 -10.43 -4.20 10.21
CA ALA A 21 -9.67 -5.14 11.01
C ALA A 21 -8.82 -6.07 10.14
N GLU A 22 -9.30 -6.39 8.93
CA GLU A 22 -8.59 -7.22 7.94
C GLU A 22 -7.68 -6.41 7.02
N SER A 23 -7.34 -5.17 7.39
CA SER A 23 -6.45 -4.30 6.64
C SER A 23 -5.66 -3.34 7.57
N THR A 24 -5.48 -3.69 8.85
CA THR A 24 -4.75 -2.92 9.86
C THR A 24 -3.41 -3.57 10.17
N ASN A 25 -3.31 -4.89 10.06
CA ASN A 25 -2.12 -5.64 10.42
C ASN A 25 -2.32 -6.98 9.76
N PHE A 26 -1.77 -7.15 8.56
CA PHE A 26 -1.85 -8.43 7.88
C PHE A 26 -0.53 -8.67 7.18
N THR A 27 -0.33 -9.89 6.73
CA THR A 27 0.80 -10.19 5.88
C THR A 27 0.27 -10.42 4.47
N VAL A 28 1.02 -9.94 3.49
CA VAL A 28 0.78 -10.12 2.08
C VAL A 28 2.03 -10.79 1.56
N ASP A 29 1.92 -12.09 1.40
CA ASP A 29 2.87 -12.87 0.63
C ASP A 29 2.43 -12.76 -0.83
N LEU A 30 3.40 -12.71 -1.72
CA LEU A 30 3.22 -12.40 -3.12
C LEU A 30 3.41 -13.70 -3.90
N MET A 31 4.56 -14.36 -3.71
CA MET A 31 5.13 -15.46 -4.48
C MET A 31 6.55 -15.73 -3.97
N GLU A 32 7.27 -16.64 -4.62
CA GLU A 32 8.70 -16.81 -4.39
C GLU A 32 9.46 -16.25 -5.59
N ASN A 33 10.60 -15.61 -5.36
CA ASN A 33 11.40 -14.96 -6.40
C ASN A 33 12.58 -15.87 -6.68
N ALA A 34 13.08 -15.94 -7.91
CA ALA A 34 14.48 -16.24 -8.13
C ALA A 34 15.28 -14.94 -8.17
N ALA A 35 16.54 -15.02 -7.79
CA ALA A 35 17.58 -14.05 -8.07
C ALA A 35 17.72 -13.88 -9.58
N LYS A 36 17.76 -15.01 -10.32
CA LYS A 36 18.11 -15.08 -11.74
C LYS A 36 16.93 -14.69 -12.65
N GLN A 37 16.29 -13.58 -12.32
CA GLN A 37 15.55 -12.73 -13.23
C GLN A 37 16.03 -11.28 -13.08
N PHE A 38 16.46 -10.88 -11.88
CA PHE A 38 16.74 -9.50 -11.51
C PHE A 38 18.16 -9.12 -11.94
N ASN A 39 18.39 -9.16 -13.24
CA ASN A 39 19.69 -9.02 -13.87
C ASN A 39 19.79 -7.72 -14.66
N ASN A 40 18.94 -6.76 -14.31
CA ASN A 40 18.70 -5.45 -14.89
C ASN A 40 17.64 -4.76 -14.04
N ILE A 41 17.52 -3.47 -14.27
CA ILE A 41 16.75 -2.51 -13.47
C ILE A 41 15.31 -2.47 -14.00
N GLY A 42 15.06 -2.93 -15.23
CA GLY A 42 13.73 -3.05 -15.80
C GLY A 42 13.02 -4.36 -15.44
N ALA A 43 13.60 -5.18 -14.56
CA ALA A 43 13.03 -6.45 -14.13
C ALA A 43 11.82 -6.20 -13.20
N THR A 44 10.69 -5.81 -13.79
CA THR A 44 9.40 -5.66 -13.14
C THR A 44 8.75 -7.04 -13.00
N THR A 45 8.88 -7.64 -11.82
CA THR A 45 8.21 -8.88 -11.46
C THR A 45 6.68 -8.80 -11.62
N PRO A 46 5.97 -9.94 -11.70
CA PRO A 46 4.53 -9.99 -11.98
C PRO A 46 3.69 -9.40 -10.83
N VAL A 47 3.38 -8.10 -10.89
CA VAL A 47 2.71 -7.33 -9.84
C VAL A 47 1.45 -8.03 -9.32
N VAL A 48 1.44 -8.43 -8.03
CA VAL A 48 0.36 -9.23 -7.44
C VAL A 48 -0.84 -8.31 -7.18
N PRO A 49 -2.09 -8.77 -7.36
CA PRO A 49 -3.27 -8.00 -7.01
C PRO A 49 -3.35 -7.77 -5.50
N PHE A 50 -3.56 -6.51 -5.11
CA PHE A 50 -3.69 -6.02 -3.75
C PHE A 50 -4.93 -5.11 -3.71
N ARG A 51 -5.43 -4.75 -2.53
CA ARG A 51 -6.46 -3.74 -2.34
C ARG A 51 -6.38 -3.28 -0.90
N ILE A 52 -6.96 -2.13 -0.57
CA ILE A 52 -7.19 -1.79 0.84
C ILE A 52 -8.70 -1.83 1.06
N LEU A 53 -9.14 -2.58 2.08
CA LEU A 53 -10.55 -2.71 2.45
C LEU A 53 -10.84 -1.65 3.50
N LEU A 54 -11.72 -0.70 3.18
CA LEU A 54 -12.13 0.33 4.12
C LEU A 54 -13.52 -0.02 4.66
N SER A 55 -13.64 -0.40 5.93
CA SER A 55 -14.92 -0.56 6.62
C SER A 55 -14.79 -0.31 8.13
N PRO A 56 -15.91 -0.03 8.82
CA PRO A 56 -17.14 0.54 8.26
C PRO A 56 -16.86 1.92 7.64
N CYS A 57 -17.87 2.50 7.01
CA CYS A 57 -17.77 3.82 6.43
C CYS A 57 -18.98 4.65 6.82
N GLY A 58 -18.85 5.94 6.62
CA GLY A 58 -19.80 6.95 7.01
C GLY A 58 -20.84 7.20 5.94
N ASN A 59 -21.70 8.17 6.21
CA ASN A 59 -22.85 8.56 5.39
C ASN A 59 -22.69 9.95 4.78
N ALA A 60 -21.63 10.68 5.13
CA ALA A 60 -21.29 11.99 4.60
C ALA A 60 -19.80 11.96 4.24
N VAL A 61 -19.51 11.53 3.02
CA VAL A 61 -18.18 11.24 2.53
C VAL A 61 -18.18 11.59 1.03
N SER A 62 -17.00 11.84 0.47
CA SER A 62 -16.78 12.16 -0.94
C SER A 62 -15.68 11.24 -1.48
N ALA A 63 -14.43 11.53 -1.10
CA ALA A 63 -13.22 10.87 -1.56
C ALA A 63 -12.27 10.74 -0.37
N VAL A 64 -10.98 10.52 -0.62
CA VAL A 64 -9.93 10.43 0.39
C VAL A 64 -8.65 11.00 -0.23
N LYS A 65 -7.67 11.31 0.61
CA LYS A 65 -6.33 11.71 0.22
C LYS A 65 -5.38 10.61 0.70
N VAL A 66 -4.95 9.75 -0.20
CA VAL A 66 -4.15 8.58 0.11
C VAL A 66 -2.71 9.04 0.34
N GLY A 67 -1.96 8.38 1.22
CA GLY A 67 -0.63 8.80 1.64
C GLY A 67 0.22 7.59 2.00
N PHE A 68 0.94 7.06 1.01
CA PHE A 68 1.88 5.97 1.18
C PHE A 68 3.16 6.57 1.77
N THR A 69 3.48 6.22 3.01
CA THR A 69 4.68 6.67 3.68
C THR A 69 5.37 5.47 4.35
N GLY A 70 6.65 5.60 4.65
CA GLY A 70 7.56 4.50 4.92
C GLY A 70 8.96 4.93 4.52
N VAL A 71 9.88 3.98 4.41
CA VAL A 71 11.26 4.23 4.03
C VAL A 71 11.36 4.22 2.51
N ALA A 72 11.89 5.29 1.92
CA ALA A 72 12.28 5.32 0.52
C ALA A 72 13.63 4.62 0.37
N ASP A 73 13.77 3.78 -0.66
CA ASP A 73 15.01 3.07 -0.95
C ASP A 73 16.08 4.05 -1.46
N SER A 74 17.35 3.64 -1.41
CA SER A 74 18.47 4.38 -1.95
C SER A 74 18.36 4.56 -3.47
N HIS A 75 18.19 3.46 -4.21
CA HIS A 75 18.49 3.45 -5.64
C HIS A 75 17.52 4.29 -6.45
N ASN A 76 16.23 4.11 -6.18
CA ASN A 76 15.08 4.74 -6.80
C ASN A 76 14.16 4.94 -5.61
N ALA A 77 14.21 6.13 -5.00
CA ALA A 77 13.52 6.47 -3.76
C ALA A 77 11.99 6.41 -3.92
N ASN A 78 11.51 6.33 -5.16
CA ASN A 78 10.12 6.12 -5.52
C ASN A 78 9.65 4.72 -5.06
N LEU A 79 10.57 3.81 -4.72
CA LEU A 79 10.30 2.44 -4.33
C LEU A 79 10.57 2.32 -2.83
N LEU A 80 9.77 1.49 -2.16
CA LEU A 80 9.86 1.21 -0.72
C LEU A 80 11.12 0.38 -0.46
N ALA A 81 11.89 0.74 0.56
CA ALA A 81 13.05 -0.03 0.99
C ALA A 81 12.64 -1.33 1.71
N LEU A 82 13.59 -2.25 1.84
CA LEU A 82 13.43 -3.50 2.61
C LEU A 82 13.88 -3.28 4.06
N GLU A 83 13.87 -4.35 4.86
CA GLU A 83 14.38 -4.47 6.24
C GLU A 83 15.86 -4.06 6.43
N ASN A 84 16.54 -3.72 5.33
CA ASN A 84 17.91 -3.23 5.23
C ASN A 84 18.85 -3.96 6.17
N THR A 85 18.93 -5.28 5.99
CA THR A 85 19.78 -6.16 6.75
C THR A 85 20.54 -7.05 5.78
N VAL A 86 21.67 -7.59 6.22
CA VAL A 86 22.55 -8.44 5.42
C VAL A 86 21.84 -9.67 4.88
N SER A 87 20.96 -10.27 5.67
CA SER A 87 20.18 -11.45 5.33
C SER A 87 18.92 -11.12 4.51
N ALA A 88 18.67 -9.84 4.21
CA ALA A 88 17.67 -9.44 3.23
C ALA A 88 18.18 -9.77 1.83
N ALA A 89 17.37 -9.50 0.82
CA ALA A 89 17.89 -9.35 -0.54
C ALA A 89 18.36 -7.90 -0.73
N SER A 90 19.07 -7.63 -1.82
CA SER A 90 19.73 -6.36 -2.10
C SER A 90 19.47 -5.94 -3.55
N GLY A 91 19.58 -4.65 -3.89
CA GLY A 91 19.31 -4.12 -5.24
C GLY A 91 17.88 -4.34 -5.73
N LEU A 92 16.95 -4.57 -4.81
CA LEU A 92 15.56 -4.98 -5.07
C LEU A 92 14.65 -4.17 -4.17
N GLY A 93 14.19 -2.99 -4.61
CA GLY A 93 13.21 -2.28 -3.81
C GLY A 93 11.85 -2.94 -3.91
N ILE A 94 10.96 -2.65 -2.97
CA ILE A 94 9.55 -3.01 -3.01
C ILE A 94 8.84 -1.97 -3.86
N GLN A 95 7.85 -2.41 -4.64
CA GLN A 95 7.10 -1.60 -5.57
C GLN A 95 5.63 -1.76 -5.27
N LEU A 96 4.99 -0.71 -4.77
CA LEU A 96 3.55 -0.70 -4.55
C LEU A 96 2.97 0.23 -5.60
N LEU A 97 1.85 -0.16 -6.20
CA LEU A 97 1.30 0.55 -7.34
C LEU A 97 -0.14 0.95 -7.02
N ASN A 98 -0.64 1.89 -7.81
CA ASN A 98 -2.06 2.22 -7.90
C ASN A 98 -2.77 1.18 -8.78
N GLU A 99 -4.07 1.33 -9.00
CA GLU A 99 -4.89 0.44 -9.82
C GLU A 99 -4.35 0.32 -11.26
N GLN A 100 -3.71 1.37 -11.77
CA GLN A 100 -3.12 1.40 -13.10
C GLN A 100 -1.76 0.70 -13.16
N GLN A 101 -1.27 0.14 -12.05
CA GLN A 101 0.06 -0.49 -11.92
C GLN A 101 1.21 0.51 -12.13
N ASN A 102 0.88 1.80 -12.16
CA ASN A 102 1.81 2.90 -12.28
C ASN A 102 2.39 3.25 -10.90
N GLN A 103 3.63 3.76 -10.88
CA GLN A 103 4.44 4.06 -9.72
C GLN A 103 3.67 4.93 -8.71
N ILE A 104 3.58 4.48 -7.46
CA ILE A 104 3.26 5.33 -6.31
C ILE A 104 4.61 5.71 -5.68
N PRO A 105 4.99 6.99 -5.64
CA PRO A 105 6.11 7.44 -4.81
C PRO A 105 5.72 7.42 -3.33
N LEU A 106 6.73 7.35 -2.47
CA LEU A 106 6.60 7.48 -1.02
C LEU A 106 6.79 8.94 -0.64
N ASN A 107 6.57 9.24 0.65
CA ASN A 107 6.83 10.54 1.28
C ASN A 107 6.02 11.68 0.63
N ALA A 108 5.03 11.31 -0.18
CA ALA A 108 4.44 12.16 -1.20
C ALA A 108 3.47 13.17 -0.57
N PRO A 109 3.14 14.30 -1.24
CA PRO A 109 2.00 15.12 -0.86
C PRO A 109 0.72 14.42 -1.34
N SER A 110 -0.42 14.82 -0.76
CA SER A 110 -1.75 14.41 -1.19
C SER A 110 -2.12 14.79 -2.63
N SER A 111 -1.23 15.43 -3.38
CA SER A 111 -1.43 15.90 -4.74
C SER A 111 -0.59 15.11 -5.76
N ALA A 112 0.08 14.04 -5.33
CA ALA A 112 0.87 13.15 -6.20
C ALA A 112 0.12 11.85 -6.53
N LEU A 113 -1.13 11.74 -6.12
CA LEU A 113 -1.99 10.55 -6.06
C LEU A 113 -3.43 11.05 -5.81
N SER A 114 -4.45 10.24 -6.13
CA SER A 114 -5.86 10.61 -6.00
C SER A 114 -6.68 9.35 -5.72
N TRP A 115 -7.68 9.46 -4.84
CA TRP A 115 -8.62 8.38 -4.54
C TRP A 115 -9.80 8.41 -5.54
N THR A 116 -10.83 7.61 -5.29
CA THR A 116 -12.08 7.54 -6.03
C THR A 116 -13.25 8.06 -5.15
N THR A 117 -14.49 7.95 -5.60
CA THR A 117 -15.70 8.14 -4.80
C THR A 117 -15.80 7.02 -3.76
N LEU A 118 -15.44 7.32 -2.49
CA LEU A 118 -15.78 6.48 -1.35
C LEU A 118 -17.29 6.39 -1.26
N THR A 119 -17.83 5.23 -1.60
CA THR A 119 -19.24 4.92 -1.47
C THR A 119 -19.62 4.92 0.02
N PRO A 120 -20.82 5.37 0.42
CA PRO A 120 -21.19 5.51 1.82
C PRO A 120 -21.42 4.12 2.40
N GLY A 121 -21.14 3.96 3.69
CA GLY A 121 -21.33 2.74 4.49
C GLY A 121 -20.94 1.43 3.77
N LYS A 122 -19.98 1.49 2.86
CA LYS A 122 -19.61 0.38 2.00
C LYS A 122 -18.27 -0.15 2.49
N PRO A 123 -18.02 -1.48 2.42
CA PRO A 123 -16.68 -1.99 2.53
C PRO A 123 -15.96 -1.66 1.23
N ASN A 124 -15.60 -0.38 1.04
CA ASN A 124 -14.91 0.07 -0.16
C ASN A 124 -13.61 -0.70 -0.28
N THR A 125 -13.15 -0.85 -1.51
CA THR A 125 -12.07 -1.72 -1.92
C THR A 125 -11.57 -1.15 -3.24
N LEU A 126 -10.47 -0.41 -3.14
CA LEU A 126 -9.76 0.05 -4.30
C LEU A 126 -8.75 -1.02 -4.67
N ASN A 127 -8.79 -1.44 -5.91
CA ASN A 127 -7.89 -2.43 -6.48
C ASN A 127 -6.53 -1.77 -6.69
N PHE A 128 -5.46 -2.48 -6.32
CA PHE A 128 -4.07 -2.02 -6.30
C PHE A 128 -3.16 -3.20 -6.65
N TYR A 129 -1.84 -2.98 -6.60
CA TYR A 129 -0.86 -4.05 -6.76
C TYR A 129 0.34 -3.81 -5.86
N ALA A 130 1.12 -4.88 -5.63
CA ALA A 130 2.41 -4.80 -4.95
C ALA A 130 3.38 -5.82 -5.58
N ARG A 131 4.70 -5.57 -5.48
CA ARG A 131 5.76 -6.44 -5.97
C ARG A 131 7.15 -5.97 -5.51
N LEU A 132 8.22 -6.49 -6.11
CA LEU A 132 9.54 -5.87 -6.12
C LEU A 132 9.69 -5.08 -7.42
N MET A 133 10.71 -4.23 -7.44
CA MET A 133 11.32 -3.60 -8.59
C MET A 133 12.82 -3.77 -8.37
N ALA A 134 13.49 -4.52 -9.24
CA ALA A 134 14.95 -4.49 -9.22
C ALA A 134 15.41 -3.09 -9.55
N THR A 135 16.45 -2.65 -8.87
CA THR A 135 17.07 -1.38 -9.11
C THR A 135 18.58 -1.52 -9.28
N GLN A 136 19.18 -2.68 -8.95
CA GLN A 136 20.51 -3.12 -9.39
C GLN A 136 20.50 -4.61 -9.69
N VAL A 137 21.66 -5.13 -10.08
CA VAL A 137 21.90 -6.52 -10.42
C VAL A 137 22.90 -7.10 -9.39
N PRO A 138 22.68 -7.01 -8.05
CA PRO A 138 23.64 -7.58 -7.11
C PRO A 138 23.41 -9.10 -6.94
N VAL A 139 22.21 -9.57 -7.28
CA VAL A 139 21.71 -10.94 -7.20
C VAL A 139 22.13 -11.60 -5.88
N THR A 140 21.53 -11.10 -4.81
CA THR A 140 21.73 -11.54 -3.45
C THR A 140 20.42 -12.24 -3.01
N ALA A 141 20.46 -13.57 -2.91
CA ALA A 141 19.42 -14.38 -2.30
C ALA A 141 19.18 -13.94 -0.84
N GLY A 142 17.92 -13.87 -0.42
CA GLY A 142 17.51 -13.44 0.90
C GLY A 142 16.00 -13.35 1.03
N HIS A 143 15.49 -13.43 2.25
CA HIS A 143 14.08 -13.19 2.54
C HIS A 143 13.75 -11.74 2.25
N ILE A 144 12.58 -11.49 1.65
CA ILE A 144 11.98 -10.18 1.61
C ILE A 144 11.22 -10.04 2.91
N ASN A 145 11.52 -8.96 3.62
CA ASN A 145 10.80 -8.45 4.77
C ASN A 145 10.88 -6.95 4.53
N ALA A 146 9.74 -6.28 4.52
CA ALA A 146 9.63 -4.84 4.34
C ALA A 146 8.35 -4.37 5.01
N THR A 147 8.23 -3.06 5.21
CA THR A 147 7.21 -2.47 6.05
C THR A 147 7.04 -1.01 5.66
N ALA A 148 5.82 -0.51 5.70
CA ALA A 148 5.41 0.85 5.44
C ALA A 148 4.00 1.03 6.02
N THR A 149 3.46 2.24 5.95
CA THR A 149 2.12 2.53 6.43
C THR A 149 1.34 3.33 5.38
N PHE A 150 0.21 2.77 4.97
CA PHE A 150 -0.65 3.27 3.92
C PHE A 150 -1.81 4.02 4.59
N THR A 151 -1.53 5.24 5.01
CA THR A 151 -2.51 6.09 5.68
C THR A 151 -3.43 6.70 4.61
N LEU A 152 -4.65 7.03 5.00
CA LEU A 152 -5.63 7.75 4.20
C LEU A 152 -6.02 8.94 5.06
N GLU A 153 -5.71 10.15 4.63
CA GLU A 153 -6.39 11.31 5.21
C GLU A 153 -7.76 11.44 4.55
N TYR A 154 -8.74 11.90 5.32
CA TYR A 154 -10.10 12.13 4.86
C TYR A 154 -10.22 13.58 4.39
N GLN A 155 -11.43 14.00 4.03
CA GLN A 155 -11.68 15.43 3.85
C GLN A 155 -11.57 16.10 5.22
N ASP A 156 -10.75 17.16 5.31
CA ASP A 156 -10.59 18.00 6.49
C ASP A 156 -10.01 19.36 6.08
N ASN A 157 -9.93 20.30 7.03
CA ASN A 157 -9.21 21.57 6.86
C ASN A 157 -7.77 21.51 7.39
N HIS A 158 -7.38 20.43 8.07
CA HIS A 158 -6.19 20.41 8.91
C HIS A 158 -4.98 19.97 8.11
N HIS A 159 -4.71 20.65 6.99
CA HIS A 159 -3.68 20.32 6.01
C HIS A 159 -2.35 19.87 6.63
N HIS A 160 -1.85 20.60 7.63
CA HIS A 160 -0.66 20.20 8.37
C HIS A 160 -0.85 18.80 8.96
N HIS A 161 -0.01 17.86 8.53
CA HIS A 161 0.14 16.48 9.01
C HIS A 161 -0.31 16.33 10.45
N HIS A 162 -1.52 15.80 10.69
CA HIS A 162 -1.85 15.17 11.96
C HIS A 162 -3.04 14.22 11.77
N HIS A 163 -3.53 13.63 12.86
CA HIS A 163 -4.80 12.89 12.89
C HIS A 163 -4.79 11.67 11.96
N LYS A 164 -3.64 10.98 11.87
CA LYS A 164 -3.46 9.76 11.08
C LYS A 164 -4.65 8.82 11.17
N GLN A 165 -4.99 8.19 10.05
CA GLN A 165 -6.01 7.16 9.95
C GLN A 165 -5.75 6.09 11.03
N ALA A 166 -4.55 5.51 11.05
CA ALA A 166 -4.17 4.31 11.77
C ALA A 166 -2.65 4.14 11.69
N ASP A 167 -2.16 2.94 12.05
CA ASP A 167 -0.77 2.49 12.04
C ASP A 167 -0.58 1.28 11.12
N SER A 168 -1.45 1.11 10.13
CA SER A 168 -1.62 -0.04 9.25
C SER A 168 -0.31 -0.46 8.58
N THR A 169 0.43 -1.39 9.18
CA THR A 169 1.66 -1.87 8.59
C THR A 169 1.33 -2.70 7.35
N ILE A 170 2.17 -2.58 6.33
CA ILE A 170 2.13 -3.33 5.08
C ILE A 170 3.27 -4.37 5.14
N THR A 171 3.08 -5.53 5.77
CA THR A 171 4.12 -6.57 5.77
C THR A 171 4.05 -7.30 4.44
N ILE A 172 5.01 -7.01 3.55
CA ILE A 172 5.23 -7.79 2.35
C ILE A 172 6.28 -8.87 2.66
N ARG A 173 6.08 -10.06 2.10
CA ARG A 173 7.03 -11.18 2.13
C ARG A 173 7.56 -11.44 0.73
N GLY A 174 8.49 -12.37 0.65
CA GLY A 174 9.06 -12.97 -0.53
C GLY A 174 10.32 -13.68 -0.08
N TYR A 175 10.95 -14.42 -0.99
CA TYR A 175 12.20 -15.08 -0.72
C TYR A 175 12.91 -15.15 -2.05
N VAL A 176 14.12 -14.62 -2.11
CA VAL A 176 14.94 -14.64 -3.31
C VAL A 176 15.75 -15.93 -3.26
N ARG A 177 15.35 -16.86 -4.10
CA ARG A 177 16.00 -18.15 -4.34
C ARG A 177 17.17 -17.87 -5.25
N ASP A 178 18.31 -18.50 -5.06
CA ASP A 178 19.46 -18.35 -5.95
C ASP A 178 19.16 -18.81 -7.38
N ASN A 179 18.17 -19.68 -7.60
CA ASN A 179 17.90 -20.32 -8.89
C ASN A 179 16.41 -20.41 -9.13
N MET A 1 -24.93 -3.37 -6.05
CA MET A 1 -26.10 -4.05 -5.46
C MET A 1 -27.17 -3.02 -5.14
N ALA A 2 -28.44 -3.38 -5.36
CA ALA A 2 -29.56 -2.67 -4.75
C ALA A 2 -29.42 -2.84 -3.25
N ASP A 3 -29.49 -1.75 -2.47
CA ASP A 3 -29.46 -1.81 -1.02
C ASP A 3 -30.05 -0.53 -0.44
N SER A 4 -30.89 -0.67 0.59
CA SER A 4 -31.74 0.40 1.11
C SER A 4 -31.33 0.85 2.53
N THR A 5 -30.17 0.46 3.05
CA THR A 5 -29.71 0.89 4.37
C THR A 5 -28.27 1.39 4.21
N ILE A 6 -28.02 2.68 4.44
CA ILE A 6 -26.68 3.27 4.43
C ILE A 6 -26.61 4.24 5.61
N THR A 7 -25.44 4.37 6.22
CA THR A 7 -25.17 5.23 7.39
C THR A 7 -26.18 5.05 8.55
N ILE A 8 -26.81 3.87 8.67
CA ILE A 8 -27.95 3.66 9.55
C ILE A 8 -27.55 2.82 10.78
N ARG A 9 -26.93 1.65 10.57
CA ARG A 9 -26.41 0.82 11.66
C ARG A 9 -25.01 0.40 11.29
N GLY A 10 -24.14 0.35 12.28
CA GLY A 10 -22.77 -0.07 12.10
C GLY A 10 -22.06 0.93 11.21
N TYR A 11 -22.04 2.19 11.63
CA TYR A 11 -21.54 3.30 10.87
C TYR A 11 -20.83 4.15 11.91
N VAL A 12 -19.54 4.38 11.68
CA VAL A 12 -18.68 5.28 12.44
C VAL A 12 -19.09 6.73 12.18
N ARG A 13 -18.16 7.67 12.07
CA ARG A 13 -18.54 9.02 11.69
C ARG A 13 -19.00 8.99 10.23
N ASP A 14 -20.02 9.77 9.92
CA ASP A 14 -20.73 9.80 8.63
C ASP A 14 -19.77 10.10 7.49
N ASN A 15 -18.82 11.00 7.77
CA ASN A 15 -17.62 11.30 7.02
C ASN A 15 -16.49 10.72 7.87
N GLY A 16 -15.80 9.67 7.40
CA GLY A 16 -14.56 9.19 8.00
C GLY A 16 -14.60 7.70 8.35
N CYS A 17 -14.81 6.87 7.33
CA CYS A 17 -14.94 5.42 7.35
C CYS A 17 -13.70 4.76 7.94
N SER A 18 -13.85 3.77 8.81
CA SER A 18 -12.70 3.05 9.35
C SER A 18 -12.16 2.06 8.31
N VAL A 19 -10.88 1.73 8.44
CA VAL A 19 -10.26 0.57 7.81
C VAL A 19 -10.85 -0.70 8.45
N ALA A 20 -10.89 -1.81 7.70
CA ALA A 20 -11.24 -3.11 8.27
C ALA A 20 -10.00 -3.80 8.83
N ALA A 21 -10.24 -4.86 9.62
CA ALA A 21 -9.25 -5.72 10.25
C ALA A 21 -8.41 -6.55 9.26
N GLU A 22 -8.65 -6.41 7.96
CA GLU A 22 -8.03 -7.13 6.84
C GLU A 22 -7.28 -6.15 5.93
N SER A 23 -6.75 -5.05 6.50
CA SER A 23 -6.15 -3.99 5.72
C SER A 23 -5.08 -3.28 6.53
N THR A 24 -5.43 -2.52 7.57
CA THR A 24 -4.45 -2.22 8.60
C THR A 24 -4.14 -3.57 9.25
N ASN A 25 -2.84 -3.87 9.43
CA ASN A 25 -2.35 -5.03 10.16
C ASN A 25 -2.67 -6.34 9.45
N PHE A 26 -2.72 -6.33 8.11
CA PHE A 26 -2.79 -7.56 7.33
C PHE A 26 -1.36 -8.07 7.10
N THR A 27 -1.12 -8.86 6.06
CA THR A 27 0.20 -9.13 5.53
C THR A 27 0.07 -9.28 4.01
N VAL A 28 1.01 -8.73 3.24
CA VAL A 28 1.15 -9.11 1.83
C VAL A 28 2.01 -10.36 1.82
N ASP A 29 1.47 -11.44 1.25
CA ASP A 29 2.26 -12.60 0.90
C ASP A 29 2.93 -12.38 -0.44
N LEU A 30 4.26 -12.49 -0.48
CA LEU A 30 5.04 -12.50 -1.69
C LEU A 30 5.50 -13.95 -1.90
N MET A 31 4.68 -14.68 -2.66
CA MET A 31 5.06 -15.93 -3.32
C MET A 31 6.43 -15.77 -4.01
N GLU A 32 7.09 -16.89 -4.31
CA GLU A 32 8.55 -16.93 -4.48
C GLU A 32 9.02 -16.02 -5.64
N ASN A 33 10.19 -15.43 -5.46
CA ASN A 33 10.92 -14.67 -6.47
C ASN A 33 12.16 -15.46 -6.86
N ALA A 34 12.68 -15.24 -8.07
CA ALA A 34 13.87 -15.92 -8.57
C ALA A 34 14.81 -14.91 -9.21
N ALA A 35 16.11 -15.09 -9.02
CA ALA A 35 17.12 -14.19 -9.60
C ALA A 35 16.92 -13.93 -11.11
N LYS A 36 16.40 -14.94 -11.81
CA LYS A 36 16.26 -14.95 -13.27
C LYS A 36 15.23 -13.96 -13.81
N GLN A 37 14.25 -13.52 -13.03
CA GLN A 37 13.29 -12.53 -13.51
C GLN A 37 13.84 -11.10 -13.36
N PHE A 38 15.05 -10.95 -12.80
CA PHE A 38 15.68 -9.67 -12.62
C PHE A 38 16.82 -9.54 -13.63
N ASN A 39 17.90 -8.86 -13.25
CA ASN A 39 19.11 -8.65 -14.05
C ASN A 39 18.94 -7.46 -15.01
N ASN A 40 18.24 -6.42 -14.54
CA ASN A 40 18.07 -5.09 -15.15
C ASN A 40 17.34 -4.22 -14.11
N ILE A 41 16.84 -3.04 -14.48
CA ILE A 41 15.94 -2.20 -13.67
C ILE A 41 14.52 -2.30 -14.24
N GLY A 42 14.36 -2.58 -15.54
CA GLY A 42 13.10 -3.02 -16.16
C GLY A 42 12.62 -4.40 -15.67
N ALA A 43 13.24 -4.89 -14.60
CA ALA A 43 13.17 -6.21 -14.02
C ALA A 43 12.02 -6.20 -13.01
N THR A 44 10.81 -6.16 -13.53
CA THR A 44 9.60 -6.21 -12.73
C THR A 44 9.19 -7.66 -12.49
N THR A 45 8.52 -7.89 -11.37
CA THR A 45 7.96 -9.15 -10.92
C THR A 45 6.48 -9.29 -11.33
N PRO A 46 5.94 -10.53 -11.36
CA PRO A 46 4.51 -10.82 -11.47
C PRO A 46 3.86 -10.27 -10.22
N VAL A 47 3.07 -9.19 -10.33
CA VAL A 47 2.56 -8.48 -9.19
C VAL A 47 1.59 -9.35 -8.35
N VAL A 48 1.14 -8.85 -7.19
CA VAL A 48 0.13 -9.52 -6.36
C VAL A 48 -0.95 -8.48 -6.00
N PRO A 49 -2.25 -8.82 -6.07
CA PRO A 49 -3.36 -7.91 -5.80
C PRO A 49 -3.53 -7.65 -4.31
N PHE A 50 -3.71 -6.39 -3.93
CA PHE A 50 -3.91 -5.93 -2.56
C PHE A 50 -4.94 -4.80 -2.59
N ARG A 51 -5.74 -4.63 -1.53
CA ARG A 51 -6.63 -3.49 -1.37
C ARG A 51 -6.77 -3.10 0.09
N ILE A 52 -7.15 -1.85 0.34
CA ILE A 52 -7.33 -1.31 1.68
C ILE A 52 -8.83 -1.30 1.89
N LEU A 53 -9.40 -2.37 2.43
CA LEU A 53 -10.83 -2.50 2.66
C LEU A 53 -11.22 -1.46 3.73
N LEU A 54 -12.14 -0.53 3.43
CA LEU A 54 -12.64 0.40 4.44
C LEU A 54 -14.04 -0.07 4.81
N SER A 55 -14.22 -0.49 6.05
CA SER A 55 -15.53 -0.74 6.64
C SER A 55 -15.35 -0.67 8.16
N PRO A 56 -16.36 -0.20 8.93
CA PRO A 56 -17.59 0.44 8.49
C PRO A 56 -17.35 1.84 7.89
N CYS A 57 -18.35 2.34 7.19
CA CYS A 57 -18.36 3.62 6.50
C CYS A 57 -19.71 4.32 6.71
N GLY A 58 -19.78 5.60 6.37
CA GLY A 58 -20.96 6.45 6.51
C GLY A 58 -21.43 6.90 5.13
N ASN A 59 -22.28 7.93 5.06
CA ASN A 59 -22.83 8.43 3.80
C ASN A 59 -22.13 9.71 3.29
N ALA A 60 -21.52 10.49 4.19
CA ALA A 60 -21.06 11.83 3.88
C ALA A 60 -19.64 11.82 3.32
N VAL A 61 -19.43 11.04 2.26
CA VAL A 61 -18.11 10.58 1.85
C VAL A 61 -17.98 10.82 0.33
N SER A 62 -17.27 11.88 -0.08
CA SER A 62 -17.05 12.22 -1.47
C SER A 62 -15.82 11.50 -2.02
N ALA A 63 -14.62 11.81 -1.52
CA ALA A 63 -13.35 11.24 -1.94
C ALA A 63 -12.35 11.39 -0.80
N VAL A 64 -11.19 10.74 -0.89
CA VAL A 64 -10.14 10.82 0.13
C VAL A 64 -8.79 11.04 -0.56
N LYS A 65 -7.70 11.10 0.21
CA LYS A 65 -6.34 10.91 -0.32
C LYS A 65 -5.80 9.61 0.27
N VAL A 66 -4.64 9.17 -0.20
CA VAL A 66 -3.89 8.07 0.36
C VAL A 66 -2.45 8.53 0.52
N GLY A 67 -1.76 8.10 1.58
CA GLY A 67 -0.39 8.51 1.87
C GLY A 67 0.46 7.32 2.28
N PHE A 68 1.25 6.75 1.36
CA PHE A 68 2.21 5.70 1.68
C PHE A 68 3.51 6.35 2.17
N THR A 69 3.83 6.20 3.46
CA THR A 69 5.14 6.55 3.98
C THR A 69 5.75 5.38 4.73
N GLY A 70 7.07 5.32 4.71
CA GLY A 70 7.89 4.24 5.19
C GLY A 70 9.35 4.56 4.88
N VAL A 71 10.21 3.57 5.05
CA VAL A 71 11.64 3.65 4.78
C VAL A 71 11.85 3.90 3.28
N ALA A 72 12.43 5.04 2.90
CA ALA A 72 12.69 5.34 1.49
C ALA A 72 13.94 4.56 1.04
N ASP A 73 13.88 4.07 -0.20
CA ASP A 73 14.89 3.20 -0.80
C ASP A 73 16.19 3.95 -1.14
N SER A 74 17.29 3.19 -1.17
CA SER A 74 18.65 3.64 -1.35
C SER A 74 19.01 4.12 -2.76
N HIS A 75 18.22 3.85 -3.80
CA HIS A 75 18.59 4.12 -5.20
C HIS A 75 17.52 4.94 -5.90
N ASN A 76 16.24 4.63 -5.71
CA ASN A 76 15.13 5.48 -6.12
C ASN A 76 14.25 5.57 -4.89
N ALA A 77 14.34 6.66 -4.13
CA ALA A 77 13.64 6.89 -2.86
C ALA A 77 12.13 6.66 -2.96
N ASN A 78 11.59 6.69 -4.18
CA ASN A 78 10.25 6.29 -4.57
C ASN A 78 9.90 4.91 -3.99
N LEU A 79 10.84 3.97 -3.97
CA LEU A 79 10.68 2.58 -3.57
C LEU A 79 10.85 2.46 -2.05
N LEU A 80 10.42 1.32 -1.49
CA LEU A 80 10.43 1.07 -0.05
C LEU A 80 11.62 0.17 0.28
N ALA A 81 12.52 0.64 1.15
CA ALA A 81 13.65 -0.14 1.62
C ALA A 81 13.18 -1.32 2.48
N LEU A 82 14.04 -2.34 2.58
CA LEU A 82 13.79 -3.58 3.31
C LEU A 82 14.18 -3.38 4.77
N GLU A 83 14.16 -4.45 5.54
CA GLU A 83 14.78 -4.53 6.85
C GLU A 83 16.30 -4.28 6.78
N ASN A 84 16.86 -4.46 5.59
CA ASN A 84 18.23 -4.28 5.15
C ASN A 84 19.23 -4.87 6.14
N THR A 85 19.03 -6.16 6.45
CA THR A 85 19.95 -6.94 7.26
C THR A 85 20.98 -7.64 6.38
N VAL A 86 21.92 -8.32 7.01
CA VAL A 86 22.95 -9.16 6.43
C VAL A 86 22.48 -9.99 5.23
N SER A 87 21.29 -10.61 5.31
CA SER A 87 20.82 -11.60 4.33
C SER A 87 19.59 -11.12 3.56
N ALA A 88 19.39 -9.80 3.49
CA ALA A 88 18.41 -9.23 2.59
C ALA A 88 18.86 -9.44 1.14
N ALA A 89 17.90 -9.40 0.22
CA ALA A 89 18.21 -9.36 -1.20
C ALA A 89 18.62 -7.92 -1.56
N SER A 90 19.73 -7.73 -2.28
CA SER A 90 20.29 -6.42 -2.61
C SER A 90 19.62 -5.86 -3.86
N GLY A 91 19.81 -4.55 -4.15
CA GLY A 91 19.40 -3.88 -5.39
C GLY A 91 17.95 -4.17 -5.76
N LEU A 92 17.14 -4.31 -4.73
CA LEU A 92 15.73 -4.66 -4.75
C LEU A 92 15.07 -3.69 -3.78
N GLY A 93 14.00 -3.02 -4.20
CA GLY A 93 13.25 -2.03 -3.43
C GLY A 93 11.75 -2.24 -3.64
N ILE A 94 11.00 -2.41 -2.55
CA ILE A 94 9.61 -2.84 -2.54
C ILE A 94 8.75 -1.83 -3.34
N GLN A 95 7.84 -2.33 -4.19
CA GLN A 95 7.07 -1.58 -5.19
C GLN A 95 5.56 -1.83 -5.07
N LEU A 96 4.84 -0.87 -4.50
CA LEU A 96 3.42 -0.95 -4.19
C LEU A 96 2.76 0.04 -5.12
N LEU A 97 1.82 -0.39 -5.95
CA LEU A 97 1.33 0.36 -7.11
C LEU A 97 -0.19 0.50 -7.03
N ASN A 98 -0.76 1.49 -7.73
CA ASN A 98 -2.21 1.54 -7.93
C ASN A 98 -2.65 0.59 -9.04
N GLU A 99 -3.96 0.49 -9.32
CA GLU A 99 -4.49 -0.40 -10.36
C GLU A 99 -3.88 -0.12 -11.74
N GLN A 100 -3.37 1.09 -11.94
CA GLN A 100 -2.70 1.56 -13.15
C GLN A 100 -1.22 1.15 -13.17
N GLN A 101 -0.79 0.39 -12.18
CA GLN A 101 0.52 -0.23 -12.02
C GLN A 101 1.65 0.80 -12.17
N ASN A 102 1.38 2.04 -11.74
CA ASN A 102 2.33 3.13 -11.75
C ASN A 102 3.10 3.14 -10.42
N GLN A 103 4.41 3.44 -10.44
CA GLN A 103 5.29 3.48 -9.27
C GLN A 103 4.85 4.62 -8.34
N ILE A 104 4.00 4.31 -7.37
CA ILE A 104 3.64 5.24 -6.30
C ILE A 104 4.91 5.57 -5.50
N PRO A 105 5.39 6.82 -5.48
CA PRO A 105 6.58 7.19 -4.72
C PRO A 105 6.24 7.31 -3.23
N LEU A 106 7.12 6.80 -2.38
CA LEU A 106 7.09 7.08 -0.94
C LEU A 106 7.32 8.57 -0.69
N ASN A 107 6.89 9.02 0.49
CA ASN A 107 7.15 10.35 1.07
C ASN A 107 6.76 11.49 0.13
N ALA A 108 5.77 11.23 -0.71
CA ALA A 108 5.14 12.16 -1.64
C ALA A 108 4.08 13.03 -0.93
N PRO A 109 3.57 14.08 -1.59
CA PRO A 109 2.40 14.81 -1.17
C PRO A 109 1.13 14.18 -1.78
N SER A 110 -0.02 14.74 -1.43
CA SER A 110 -1.36 14.30 -1.79
C SER A 110 -1.67 14.31 -3.30
N SER A 111 -0.75 14.68 -4.19
CA SER A 111 -1.02 14.81 -5.61
C SER A 111 -0.12 13.95 -6.50
N ALA A 112 0.74 13.08 -5.94
CA ALA A 112 1.31 11.97 -6.72
C ALA A 112 0.36 10.75 -6.74
N LEU A 113 -0.82 10.87 -6.13
CA LEU A 113 -1.88 9.90 -6.00
C LEU A 113 -3.18 10.68 -5.74
N SER A 114 -4.33 10.00 -5.75
CA SER A 114 -5.60 10.55 -5.24
C SER A 114 -6.47 9.38 -4.77
N TRP A 115 -7.80 9.54 -4.71
CA TRP A 115 -8.74 8.43 -4.54
C TRP A 115 -10.00 8.72 -5.36
N THR A 116 -10.84 7.70 -5.48
CA THR A 116 -12.07 7.68 -6.23
C THR A 116 -13.26 8.23 -5.40
N THR A 117 -14.45 8.22 -5.99
CA THR A 117 -15.72 8.33 -5.31
C THR A 117 -15.84 7.28 -4.20
N LEU A 118 -15.64 7.73 -2.97
CA LEU A 118 -15.83 6.95 -1.75
C LEU A 118 -17.30 6.48 -1.71
N THR A 119 -17.55 5.20 -1.95
CA THR A 119 -18.90 4.64 -1.94
C THR A 119 -19.45 4.70 -0.50
N PRO A 120 -20.70 5.11 -0.27
CA PRO A 120 -21.24 5.27 1.07
C PRO A 120 -21.48 3.89 1.69
N GLY A 121 -21.19 3.74 2.97
CA GLY A 121 -21.53 2.57 3.79
C GLY A 121 -21.22 1.23 3.14
N LYS A 122 -20.12 1.12 2.39
CA LYS A 122 -19.76 -0.02 1.54
C LYS A 122 -18.35 -0.50 1.93
N PRO A 123 -17.83 -1.59 1.34
CA PRO A 123 -16.49 -2.11 1.67
C PRO A 123 -15.36 -1.27 1.07
N ASN A 124 -15.68 -0.28 0.24
CA ASN A 124 -14.72 0.62 -0.41
C ASN A 124 -13.55 -0.15 -1.01
N THR A 125 -13.85 -1.30 -1.61
CA THR A 125 -12.90 -2.12 -2.30
C THR A 125 -12.25 -1.29 -3.41
N LEU A 126 -10.95 -1.49 -3.56
CA LEU A 126 -10.07 -0.83 -4.52
C LEU A 126 -9.26 -1.93 -5.21
N ASN A 127 -8.36 -1.53 -6.10
CA ASN A 127 -7.35 -2.40 -6.69
C ASN A 127 -6.03 -1.67 -6.54
N PHE A 128 -5.13 -2.23 -5.75
CA PHE A 128 -3.72 -1.86 -5.67
C PHE A 128 -2.91 -3.15 -5.86
N TYR A 129 -1.59 -3.04 -5.92
CA TYR A 129 -0.70 -4.18 -6.08
C TYR A 129 0.52 -4.00 -5.19
N ALA A 130 1.22 -5.08 -4.85
CA ALA A 130 2.50 -5.04 -4.16
C ALA A 130 3.41 -6.14 -4.70
N ARG A 131 4.62 -5.79 -5.13
CA ARG A 131 5.67 -6.73 -5.51
C ARG A 131 7.02 -6.01 -5.51
N LEU A 132 8.11 -6.62 -5.97
CA LEU A 132 9.44 -6.03 -5.79
C LEU A 132 10.00 -5.46 -7.09
N MET A 133 10.57 -4.25 -7.05
CA MET A 133 11.30 -3.61 -8.15
C MET A 133 12.78 -3.95 -8.01
N ALA A 134 13.46 -4.24 -9.13
CA ALA A 134 14.90 -4.21 -9.19
C ALA A 134 15.40 -2.79 -9.37
N THR A 135 16.20 -2.30 -8.44
CA THR A 135 16.85 -1.01 -8.54
C THR A 135 18.28 -1.14 -9.12
N GLN A 136 18.88 -2.34 -9.12
CA GLN A 136 20.16 -2.65 -9.77
C GLN A 136 20.17 -4.11 -10.24
N VAL A 137 21.28 -4.53 -10.86
CA VAL A 137 21.68 -5.92 -11.02
C VAL A 137 22.78 -6.24 -9.97
N PRO A 138 22.43 -6.55 -8.71
CA PRO A 138 23.28 -7.38 -7.87
C PRO A 138 22.88 -8.86 -8.00
N VAL A 139 21.62 -9.11 -8.39
CA VAL A 139 20.92 -10.40 -8.48
C VAL A 139 21.42 -11.36 -7.41
N THR A 140 20.97 -11.08 -6.19
CA THR A 140 21.42 -11.70 -4.96
C THR A 140 20.20 -12.27 -4.21
N ALA A 141 20.18 -13.59 -4.02
CA ALA A 141 19.17 -14.30 -3.25
C ALA A 141 19.15 -13.82 -1.80
N GLY A 142 17.98 -13.84 -1.17
CA GLY A 142 17.74 -13.35 0.18
C GLY A 142 16.25 -13.27 0.44
N HIS A 143 15.86 -13.22 1.72
CA HIS A 143 14.47 -12.99 2.11
C HIS A 143 14.03 -11.59 1.72
N ILE A 144 12.71 -11.38 1.74
CA ILE A 144 12.02 -10.09 1.69
C ILE A 144 11.38 -9.88 3.04
N ASN A 145 11.41 -8.64 3.51
CA ASN A 145 10.85 -8.09 4.74
C ASN A 145 10.98 -6.56 4.58
N ALA A 146 9.97 -5.77 4.90
CA ALA A 146 10.01 -4.31 4.89
C ALA A 146 8.87 -3.83 5.80
N THR A 147 8.73 -2.52 6.01
CA THR A 147 7.71 -1.97 6.90
C THR A 147 7.40 -0.54 6.45
N ALA A 148 6.12 -0.17 6.48
CA ALA A 148 5.59 1.15 6.12
C ALA A 148 4.14 1.22 6.60
N THR A 149 3.51 2.39 6.46
CA THR A 149 2.25 2.77 7.09
C THR A 149 1.43 3.64 6.12
N PHE A 150 0.42 3.08 5.43
CA PHE A 150 -0.44 3.81 4.50
C PHE A 150 -1.50 4.59 5.31
N THR A 151 -1.71 5.87 5.03
CA THR A 151 -2.69 6.68 5.72
C THR A 151 -3.77 7.09 4.71
N LEU A 152 -4.96 7.43 5.18
CA LEU A 152 -6.06 7.90 4.35
C LEU A 152 -6.56 9.14 5.07
N GLU A 153 -6.06 10.31 4.68
CA GLU A 153 -6.50 11.54 5.32
C GLU A 153 -7.83 11.94 4.66
N TYR A 154 -8.92 11.42 5.21
CA TYR A 154 -10.25 11.52 4.63
C TYR A 154 -10.69 12.97 4.43
N GLN A 155 -11.66 13.19 3.53
CA GLN A 155 -12.33 14.47 3.44
C GLN A 155 -13.08 14.72 4.75
N ASP A 156 -12.54 15.63 5.56
CA ASP A 156 -13.10 16.02 6.84
C ASP A 156 -13.08 17.54 6.80
N ASN A 157 -14.24 18.18 6.56
CA ASN A 157 -14.35 19.64 6.44
C ASN A 157 -13.81 20.39 7.66
N HIS A 158 -13.73 19.71 8.81
CA HIS A 158 -13.16 20.16 10.07
C HIS A 158 -12.15 19.11 10.49
N HIS A 159 -10.85 19.45 10.47
CA HIS A 159 -9.75 18.55 10.83
C HIS A 159 -9.89 17.92 12.22
N HIS A 160 -10.58 18.57 13.16
CA HIS A 160 -10.68 18.05 14.52
C HIS A 160 -11.45 16.73 14.51
N HIS A 161 -11.22 15.88 15.52
CA HIS A 161 -11.83 14.56 15.69
C HIS A 161 -11.21 13.50 14.77
N HIS A 162 -9.98 13.74 14.29
CA HIS A 162 -9.25 12.84 13.40
C HIS A 162 -9.11 11.46 14.04
N HIS A 163 -9.04 10.41 13.23
CA HIS A 163 -8.81 9.02 13.61
C HIS A 163 -7.52 8.66 12.90
N LYS A 164 -6.39 8.58 13.63
CA LYS A 164 -5.10 8.24 13.06
C LYS A 164 -5.24 6.95 12.25
N GLN A 165 -5.21 7.10 10.93
CA GLN A 165 -5.06 6.01 9.97
C GLN A 165 -3.57 5.65 9.88
N ALA A 166 -2.67 6.56 10.26
CA ALA A 166 -1.23 6.43 10.16
C ALA A 166 -0.65 5.46 11.19
N ASP A 167 -1.10 4.21 11.15
CA ASP A 167 -0.72 3.17 12.10
C ASP A 167 -0.80 1.77 11.47
N SER A 168 -1.16 1.70 10.19
CA SER A 168 -1.38 0.47 9.45
C SER A 168 -0.05 -0.27 9.30
N THR A 169 0.17 -1.43 9.94
CA THR A 169 1.34 -2.21 9.53
C THR A 169 1.06 -2.68 8.10
N ILE A 170 1.93 -2.25 7.20
CA ILE A 170 2.20 -2.90 5.93
C ILE A 170 3.45 -3.73 6.19
N THR A 171 3.38 -5.03 5.98
CA THR A 171 4.48 -5.95 6.11
C THR A 171 4.33 -6.96 4.98
N ILE A 172 5.43 -7.19 4.27
CA ILE A 172 5.48 -7.97 3.05
C ILE A 172 6.54 -9.06 3.26
N ARG A 173 6.17 -10.33 3.10
CA ARG A 173 7.01 -11.51 3.41
C ARG A 173 7.31 -12.20 2.09
N GLY A 174 8.55 -12.58 1.81
CA GLY A 174 8.89 -13.23 0.54
C GLY A 174 10.30 -13.79 0.56
N TYR A 175 10.72 -14.40 -0.55
CA TYR A 175 12.05 -14.97 -0.70
C TYR A 175 12.54 -14.85 -2.14
N VAL A 176 13.80 -14.47 -2.34
CA VAL A 176 14.48 -14.47 -3.63
C VAL A 176 15.37 -15.70 -3.67
N ARG A 177 15.07 -16.58 -4.62
CA ARG A 177 15.90 -17.71 -5.00
C ARG A 177 16.99 -17.18 -5.88
N ASP A 178 18.09 -17.93 -5.91
CA ASP A 178 19.22 -17.68 -6.77
C ASP A 178 19.07 -18.43 -8.09
N ASN A 179 17.81 -18.71 -8.50
CA ASN A 179 17.29 -19.41 -9.68
C ASN A 179 17.02 -20.83 -9.25
N MET A 1 -25.83 13.22 -1.15
CA MET A 1 -26.28 12.31 -2.21
C MET A 1 -26.29 10.90 -1.66
N ALA A 2 -27.15 10.03 -2.20
CA ALA A 2 -27.32 8.63 -1.85
C ALA A 2 -27.75 8.38 -0.40
N ASP A 3 -28.21 9.42 0.31
CA ASP A 3 -28.52 9.47 1.75
C ASP A 3 -29.65 8.50 2.19
N SER A 4 -30.16 7.69 1.27
CA SER A 4 -31.03 6.56 1.53
C SER A 4 -30.40 5.58 2.52
N THR A 5 -31.24 4.69 3.05
CA THR A 5 -30.87 3.55 3.86
C THR A 5 -29.72 2.80 3.19
N ILE A 6 -28.64 2.55 3.92
CA ILE A 6 -27.55 1.66 3.54
C ILE A 6 -27.11 0.94 4.81
N THR A 7 -26.27 -0.07 4.71
CA THR A 7 -25.87 -0.85 5.86
C THR A 7 -25.04 -0.02 6.83
N ILE A 8 -25.69 0.39 7.92
CA ILE A 8 -25.14 1.08 9.08
C ILE A 8 -25.89 0.48 10.28
N ARG A 9 -25.22 0.27 11.43
CA ARG A 9 -25.89 -0.27 12.62
C ARG A 9 -26.81 0.73 13.34
N GLY A 10 -26.75 2.00 12.95
CA GLY A 10 -27.47 3.10 13.56
C GLY A 10 -27.11 4.34 12.75
N TYR A 11 -26.33 5.26 13.32
CA TYR A 11 -25.81 6.44 12.65
C TYR A 11 -24.43 6.70 13.24
N VAL A 12 -23.37 6.36 12.52
CA VAL A 12 -22.00 6.73 12.89
C VAL A 12 -21.75 8.16 12.38
N ARG A 13 -20.54 8.74 12.51
CA ARG A 13 -20.31 10.06 11.92
C ARG A 13 -20.35 10.03 10.39
N ASP A 14 -20.06 8.86 9.81
CA ASP A 14 -20.38 8.48 8.45
C ASP A 14 -19.72 9.33 7.36
N ASN A 15 -18.71 10.12 7.73
CA ASN A 15 -17.97 11.04 6.84
C ASN A 15 -16.51 10.61 6.62
N GLY A 16 -16.10 9.50 7.21
CA GLY A 16 -14.83 8.82 7.05
C GLY A 16 -15.01 7.38 7.50
N CYS A 17 -14.33 6.43 6.86
CA CYS A 17 -14.43 5.02 7.19
C CYS A 17 -13.56 4.69 8.42
N SER A 18 -13.68 3.47 8.94
CA SER A 18 -12.84 2.99 10.05
C SER A 18 -11.48 2.48 9.56
N VAL A 19 -11.36 2.03 8.30
CA VAL A 19 -10.41 1.04 7.80
C VAL A 19 -10.77 -0.32 8.44
N ALA A 20 -11.05 -1.33 7.60
CA ALA A 20 -11.41 -2.65 8.14
C ALA A 20 -10.13 -3.42 8.43
N ALA A 21 -10.19 -4.38 9.35
CA ALA A 21 -9.05 -5.24 9.72
C ALA A 21 -8.47 -6.03 8.56
N GLU A 22 -9.25 -6.20 7.49
CA GLU A 22 -8.77 -6.75 6.23
C GLU A 22 -7.61 -5.93 5.63
N SER A 23 -7.48 -4.68 6.08
CA SER A 23 -6.45 -3.73 5.75
C SER A 23 -5.66 -3.37 7.00
N THR A 24 -6.28 -2.83 8.06
CA THR A 24 -5.62 -2.51 9.31
C THR A 24 -5.04 -3.78 9.92
N ASN A 25 -3.71 -3.90 9.85
CA ASN A 25 -2.89 -5.01 10.33
C ASN A 25 -3.15 -6.30 9.55
N PHE A 26 -2.93 -6.26 8.24
CA PHE A 26 -3.10 -7.40 7.32
C PHE A 26 -1.71 -7.85 6.82
N THR A 27 -1.63 -8.67 5.77
CA THR A 27 -0.37 -9.08 5.15
C THR A 27 -0.55 -9.11 3.62
N VAL A 28 0.55 -9.02 2.87
CA VAL A 28 0.59 -9.26 1.43
C VAL A 28 1.61 -10.37 1.23
N ASP A 29 1.18 -11.48 0.63
CA ASP A 29 2.06 -12.51 0.11
C ASP A 29 2.57 -12.02 -1.24
N LEU A 30 3.88 -11.96 -1.40
CA LEU A 30 4.53 -11.62 -2.65
C LEU A 30 4.99 -12.88 -3.41
N MET A 31 4.62 -14.07 -2.97
CA MET A 31 5.06 -15.36 -3.50
C MET A 31 6.55 -15.56 -3.22
N GLU A 32 7.17 -16.54 -3.89
CA GLU A 32 8.57 -16.91 -3.70
C GLU A 32 9.26 -16.81 -5.06
N ASN A 33 9.93 -15.69 -5.28
CA ASN A 33 10.53 -15.34 -6.57
C ASN A 33 11.91 -15.95 -6.59
N ALA A 34 12.45 -16.22 -7.78
CA ALA A 34 13.87 -16.48 -7.89
C ALA A 34 14.68 -15.19 -7.83
N ALA A 35 15.93 -15.29 -7.39
CA ALA A 35 16.93 -14.25 -7.47
C ALA A 35 17.25 -13.94 -8.93
N LYS A 36 17.40 -14.99 -9.76
CA LYS A 36 18.18 -14.87 -10.98
C LYS A 36 17.44 -14.14 -12.10
N GLN A 37 16.13 -13.94 -11.97
CA GLN A 37 15.34 -13.19 -12.93
C GLN A 37 15.59 -11.68 -12.85
N PHE A 38 16.17 -11.21 -11.75
CA PHE A 38 16.35 -9.79 -11.53
C PHE A 38 17.69 -9.41 -12.13
N ASN A 39 17.72 -9.47 -13.47
CA ASN A 39 18.89 -9.40 -14.33
C ASN A 39 18.82 -8.15 -15.21
N ASN A 40 18.18 -7.09 -14.72
CA ASN A 40 18.03 -5.75 -15.30
C ASN A 40 16.97 -4.97 -14.54
N ILE A 41 17.07 -3.64 -14.60
CA ILE A 41 16.22 -2.67 -13.92
C ILE A 41 14.79 -2.64 -14.50
N GLY A 42 14.54 -3.34 -15.60
CA GLY A 42 13.21 -3.52 -16.14
C GLY A 42 12.53 -4.79 -15.63
N ALA A 43 13.20 -5.59 -14.80
CA ALA A 43 12.63 -6.77 -14.17
C ALA A 43 11.56 -6.30 -13.19
N THR A 44 10.31 -6.36 -13.64
CA THR A 44 9.15 -5.94 -12.90
C THR A 44 8.31 -7.22 -12.80
N THR A 45 8.28 -7.83 -11.61
CA THR A 45 7.65 -9.13 -11.41
C THR A 45 6.12 -9.06 -11.62
N PRO A 46 5.40 -10.20 -11.68
CA PRO A 46 3.95 -10.21 -11.91
C PRO A 46 3.19 -9.62 -10.70
N VAL A 47 2.77 -8.36 -10.83
CA VAL A 47 2.23 -7.50 -9.77
C VAL A 47 1.07 -8.20 -9.04
N VAL A 48 1.25 -8.50 -7.75
CA VAL A 48 0.28 -9.26 -6.96
C VAL A 48 -0.90 -8.33 -6.64
N PRO A 49 -2.15 -8.83 -6.66
CA PRO A 49 -3.30 -8.03 -6.26
C PRO A 49 -3.28 -7.77 -4.75
N PHE A 50 -3.52 -6.53 -4.35
CA PHE A 50 -3.62 -6.06 -2.98
C PHE A 50 -4.50 -4.81 -3.03
N ARG A 51 -5.49 -4.68 -2.16
CA ARG A 51 -6.30 -3.47 -2.06
C ARG A 51 -6.21 -2.87 -0.67
N ILE A 52 -6.53 -1.59 -0.52
CA ILE A 52 -6.89 -1.01 0.76
C ILE A 52 -8.39 -1.33 0.92
N LEU A 53 -8.84 -2.02 1.97
CA LEU A 53 -10.27 -2.26 2.23
C LEU A 53 -10.71 -1.26 3.30
N LEU A 54 -11.80 -0.51 3.10
CA LEU A 54 -12.31 0.43 4.09
C LEU A 54 -13.71 0.01 4.54
N SER A 55 -13.87 -0.37 5.81
CA SER A 55 -15.16 -0.54 6.47
C SER A 55 -14.97 -0.52 7.99
N PRO A 56 -16.04 -0.37 8.81
CA PRO A 56 -17.33 0.16 8.41
C PRO A 56 -17.16 1.55 7.82
N CYS A 57 -18.14 2.01 7.05
CA CYS A 57 -18.10 3.34 6.45
C CYS A 57 -19.51 3.89 6.37
N GLY A 58 -19.62 5.17 6.02
CA GLY A 58 -20.85 5.92 6.00
C GLY A 58 -21.26 6.30 4.60
N ASN A 59 -22.22 7.22 4.50
CA ASN A 59 -22.75 7.65 3.21
C ASN A 59 -22.06 8.91 2.66
N ALA A 60 -21.60 9.82 3.52
CA ALA A 60 -21.16 11.16 3.14
C ALA A 60 -19.73 11.17 2.59
N VAL A 61 -19.39 10.16 1.80
CA VAL A 61 -18.05 9.85 1.36
C VAL A 61 -18.09 9.66 -0.16
N SER A 62 -17.01 10.03 -0.86
CA SER A 62 -16.86 9.85 -2.30
C SER A 62 -15.47 9.30 -2.62
N ALA A 63 -14.44 9.94 -2.07
CA ALA A 63 -13.03 9.80 -2.37
C ALA A 63 -12.24 10.62 -1.36
N VAL A 64 -11.11 10.08 -0.86
CA VAL A 64 -10.24 10.70 0.15
C VAL A 64 -8.80 10.87 -0.37
N LYS A 65 -7.84 11.12 0.53
CA LYS A 65 -6.40 11.15 0.25
C LYS A 65 -5.77 9.94 0.95
N VAL A 66 -4.59 9.50 0.50
CA VAL A 66 -4.11 8.14 0.68
C VAL A 66 -2.59 8.15 0.46
N GLY A 67 -1.80 8.23 1.54
CA GLY A 67 -0.34 8.44 1.49
C GLY A 67 0.44 7.30 2.14
N PHE A 68 1.28 6.61 1.36
CA PHE A 68 2.22 5.59 1.82
C PHE A 68 3.53 6.28 2.22
N THR A 69 3.93 6.14 3.49
CA THR A 69 5.23 6.61 3.95
C THR A 69 5.93 5.52 4.78
N GLY A 70 7.25 5.41 4.59
CA GLY A 70 8.13 4.48 5.26
C GLY A 70 9.56 4.96 5.02
N VAL A 71 10.29 4.30 4.12
CA VAL A 71 11.70 4.61 3.84
C VAL A 71 11.90 4.51 2.33
N ALA A 72 12.51 5.51 1.71
CA ALA A 72 12.88 5.43 0.31
C ALA A 72 14.17 4.64 0.12
N ASP A 73 14.20 3.78 -0.89
CA ASP A 73 15.39 3.03 -1.28
C ASP A 73 16.46 3.96 -1.87
N SER A 74 17.70 3.50 -1.90
CA SER A 74 18.86 4.27 -2.32
C SER A 74 19.04 4.31 -3.85
N HIS A 75 18.42 3.39 -4.60
CA HIS A 75 18.49 3.36 -6.05
C HIS A 75 17.36 4.24 -6.58
N ASN A 76 16.20 3.64 -6.87
CA ASN A 76 15.00 4.35 -7.31
C ASN A 76 14.32 4.69 -6.00
N ALA A 77 14.53 5.92 -5.53
CA ALA A 77 13.98 6.42 -4.27
C ALA A 77 12.45 6.53 -4.30
N ASN A 78 11.81 6.19 -5.42
CA ASN A 78 10.37 6.03 -5.55
C ASN A 78 9.89 4.75 -4.86
N LEU A 79 10.77 3.75 -4.76
CA LEU A 79 10.44 2.41 -4.28
C LEU A 79 10.86 2.30 -2.82
N LEU A 80 10.15 1.44 -2.10
CA LEU A 80 10.23 1.27 -0.65
C LEU A 80 11.48 0.45 -0.34
N ALA A 81 12.32 0.97 0.56
CA ALA A 81 13.45 0.23 1.09
C ALA A 81 12.96 -1.01 1.83
N LEU A 82 13.81 -2.02 1.90
CA LEU A 82 13.53 -3.29 2.59
C LEU A 82 13.89 -3.11 4.08
N GLU A 83 14.11 -4.21 4.78
CA GLU A 83 14.86 -4.27 6.03
C GLU A 83 16.28 -3.69 5.88
N ASN A 84 16.73 -3.46 4.64
CA ASN A 84 17.96 -2.78 4.25
C ASN A 84 19.17 -3.37 4.99
N THR A 85 19.34 -4.69 4.88
CA THR A 85 20.35 -5.45 5.62
C THR A 85 20.99 -6.48 4.68
N VAL A 86 22.10 -7.11 5.08
CA VAL A 86 22.81 -8.10 4.28
C VAL A 86 21.97 -9.36 3.98
N SER A 87 21.09 -9.80 4.88
CA SER A 87 20.21 -10.96 4.69
C SER A 87 19.02 -10.65 3.77
N ALA A 88 18.83 -9.38 3.43
CA ALA A 88 17.84 -8.97 2.44
C ALA A 88 18.38 -9.29 1.05
N ALA A 89 17.57 -8.95 0.06
CA ALA A 89 18.06 -8.65 -1.27
C ALA A 89 19.04 -7.45 -1.25
N SER A 90 19.71 -7.15 -2.38
CA SER A 90 20.67 -6.05 -2.47
C SER A 90 20.29 -4.93 -3.46
N GLY A 91 19.44 -5.21 -4.44
CA GLY A 91 19.00 -4.26 -5.46
C GLY A 91 17.55 -4.48 -5.81
N LEU A 92 16.77 -4.98 -4.84
CA LEU A 92 15.38 -5.37 -5.06
C LEU A 92 14.42 -4.55 -4.20
N GLY A 93 14.19 -3.28 -4.53
CA GLY A 93 13.32 -2.45 -3.71
C GLY A 93 11.89 -2.97 -3.78
N ILE A 94 11.14 -2.78 -2.69
CA ILE A 94 9.73 -3.12 -2.63
C ILE A 94 9.01 -2.12 -3.53
N GLN A 95 8.02 -2.58 -4.28
CA GLN A 95 7.26 -1.79 -5.22
C GLN A 95 5.81 -1.97 -4.81
N LEU A 96 5.05 -0.89 -4.69
CA LEU A 96 3.61 -0.96 -4.64
C LEU A 96 3.10 0.05 -5.63
N LEU A 97 2.02 -0.28 -6.34
CA LEU A 97 1.48 0.54 -7.39
C LEU A 97 0.00 0.71 -7.13
N ASN A 98 -0.55 1.81 -7.60
CA ASN A 98 -1.98 2.10 -7.68
C ASN A 98 -2.56 1.36 -8.89
N GLU A 99 -3.87 1.46 -9.08
CA GLU A 99 -4.68 0.85 -10.13
C GLU A 99 -3.98 0.75 -11.49
N GLN A 100 -3.44 1.84 -12.02
CA GLN A 100 -2.91 1.86 -13.39
C GLN A 100 -1.48 1.31 -13.45
N GLN A 101 -0.90 0.98 -12.30
CA GLN A 101 0.42 0.40 -12.09
C GLN A 101 1.54 1.47 -12.21
N ASN A 102 1.17 2.73 -11.98
CA ASN A 102 2.05 3.89 -12.05
C ASN A 102 2.90 3.99 -10.78
N GLN A 103 4.05 4.66 -10.87
CA GLN A 103 5.02 4.79 -9.79
C GLN A 103 4.45 5.73 -8.72
N ILE A 104 3.82 5.19 -7.66
CA ILE A 104 3.36 6.03 -6.56
C ILE A 104 4.59 6.57 -5.83
N PRO A 105 4.75 7.90 -5.64
CA PRO A 105 5.85 8.43 -4.86
C PRO A 105 5.61 8.11 -3.38
N LEU A 106 6.72 7.95 -2.64
CA LEU A 106 6.72 7.61 -1.23
C LEU A 106 7.16 8.81 -0.44
N ASN A 107 6.76 8.86 0.84
CA ASN A 107 7.24 9.84 1.81
C ASN A 107 6.87 11.27 1.37
N ALA A 108 5.89 11.39 0.47
CA ALA A 108 5.62 12.56 -0.36
C ALA A 108 4.62 13.51 0.33
N PRO A 109 4.24 14.65 -0.27
CA PRO A 109 3.16 15.49 0.22
C PRO A 109 1.80 14.93 -0.20
N SER A 110 0.74 15.30 0.53
CA SER A 110 -0.63 14.84 0.29
C SER A 110 -1.18 15.31 -1.07
N SER A 111 -0.49 16.23 -1.74
CA SER A 111 -0.82 16.78 -3.04
C SER A 111 -0.55 15.77 -4.17
N ALA A 112 0.34 14.78 -3.99
CA ALA A 112 0.78 13.98 -5.12
C ALA A 112 -0.02 12.69 -5.26
N LEU A 113 -0.80 12.32 -4.24
CA LEU A 113 -1.53 11.07 -4.14
C LEU A 113 -2.88 11.36 -3.52
N SER A 114 -3.88 11.49 -4.38
CA SER A 114 -5.25 11.30 -3.93
C SER A 114 -6.17 10.85 -5.04
N TRP A 115 -6.78 9.72 -4.78
CA TRP A 115 -7.98 9.21 -5.40
C TRP A 115 -8.55 8.22 -4.38
N THR A 116 -9.82 7.85 -4.46
CA THR A 116 -10.36 6.66 -3.81
C THR A 116 -11.78 6.40 -4.33
N THR A 117 -12.21 5.15 -4.43
CA THR A 117 -13.62 4.80 -4.39
C THR A 117 -14.04 4.63 -2.92
N LEU A 118 -14.68 5.64 -2.32
CA LEU A 118 -15.60 5.36 -1.21
C LEU A 118 -16.99 5.31 -1.83
N THR A 119 -17.85 4.53 -1.20
CA THR A 119 -19.21 4.23 -1.61
C THR A 119 -19.96 3.91 -0.31
N PRO A 120 -21.27 4.14 -0.24
CA PRO A 120 -21.94 4.22 1.04
C PRO A 120 -22.03 2.85 1.72
N GLY A 121 -21.76 2.84 3.03
CA GLY A 121 -22.11 1.76 3.95
C GLY A 121 -21.43 0.41 3.69
N LYS A 122 -20.40 0.34 2.85
CA LYS A 122 -19.91 -0.91 2.28
C LYS A 122 -18.46 -1.23 2.69
N PRO A 123 -18.00 -2.49 2.59
CA PRO A 123 -16.58 -2.82 2.52
C PRO A 123 -16.03 -2.30 1.18
N ASN A 124 -15.59 -1.04 1.18
CA ASN A 124 -15.02 -0.36 0.02
C ASN A 124 -13.63 -0.93 -0.26
N THR A 125 -13.10 -0.71 -1.46
CA THR A 125 -11.83 -1.27 -1.90
C THR A 125 -11.15 -0.27 -2.83
N LEU A 126 -9.84 -0.04 -2.60
CA LEU A 126 -8.99 0.83 -3.39
C LEU A 126 -8.03 -0.04 -4.16
N ASN A 127 -8.04 0.09 -5.48
CA ASN A 127 -7.18 -0.68 -6.38
C ASN A 127 -5.72 -0.29 -6.19
N PHE A 128 -4.91 -1.21 -5.63
CA PHE A 128 -3.46 -1.18 -5.65
C PHE A 128 -2.96 -2.55 -6.16
N TYR A 129 -1.65 -2.72 -6.21
CA TYR A 129 -0.89 -3.92 -6.46
C TYR A 129 0.41 -3.82 -5.66
N ALA A 130 1.14 -4.92 -5.45
CA ALA A 130 2.48 -4.87 -4.89
C ALA A 130 3.41 -5.89 -5.53
N ARG A 131 4.71 -5.65 -5.43
CA ARG A 131 5.72 -6.38 -6.18
C ARG A 131 7.13 -6.02 -5.72
N LEU A 132 8.15 -6.55 -6.39
CA LEU A 132 9.55 -6.36 -6.09
C LEU A 132 10.19 -5.82 -7.35
N MET A 133 10.66 -4.58 -7.34
CA MET A 133 11.26 -3.93 -8.50
C MET A 133 12.77 -4.16 -8.43
N ALA A 134 13.39 -4.61 -9.53
CA ALA A 134 14.85 -4.61 -9.59
C ALA A 134 15.31 -3.21 -9.91
N THR A 135 16.41 -2.84 -9.27
CA THR A 135 17.11 -1.59 -9.53
C THR A 135 18.57 -1.84 -9.85
N GLN A 136 19.06 -3.08 -9.70
CA GLN A 136 20.39 -3.51 -10.08
C GLN A 136 20.29 -4.97 -10.58
N VAL A 137 21.44 -5.61 -10.84
CA VAL A 137 21.56 -7.03 -11.12
C VAL A 137 22.39 -7.67 -10.00
N PRO A 138 21.91 -7.67 -8.74
CA PRO A 138 22.67 -8.19 -7.61
C PRO A 138 22.65 -9.72 -7.58
N VAL A 139 21.51 -10.29 -7.95
CA VAL A 139 21.09 -11.69 -7.81
C VAL A 139 21.49 -12.36 -6.49
N THR A 140 21.56 -11.55 -5.45
CA THR A 140 21.77 -11.89 -4.08
C THR A 140 20.42 -12.39 -3.56
N ALA A 141 20.35 -13.68 -3.28
CA ALA A 141 19.23 -14.29 -2.58
C ALA A 141 19.13 -13.71 -1.15
N GLY A 142 17.95 -13.84 -0.54
CA GLY A 142 17.61 -13.23 0.73
C GLY A 142 16.11 -13.40 0.97
N HIS A 143 15.61 -12.97 2.12
CA HIS A 143 14.18 -12.81 2.36
C HIS A 143 13.74 -11.42 1.95
N ILE A 144 12.43 -11.25 1.75
CA ILE A 144 11.79 -9.95 1.59
C ILE A 144 11.09 -9.69 2.91
N ASN A 145 11.47 -8.59 3.53
CA ASN A 145 10.93 -8.05 4.75
C ASN A 145 11.07 -6.54 4.60
N ALA A 146 10.00 -5.82 4.86
CA ALA A 146 9.90 -4.36 4.79
C ALA A 146 8.71 -3.93 5.63
N THR A 147 8.42 -2.64 5.63
CA THR A 147 7.36 -2.05 6.42
C THR A 147 7.02 -0.66 5.87
N ALA A 148 5.79 -0.19 6.06
CA ALA A 148 5.34 1.17 5.77
C ALA A 148 3.97 1.41 6.40
N THR A 149 3.46 2.65 6.40
CA THR A 149 2.12 3.01 6.90
C THR A 149 1.37 3.75 5.79
N PHE A 150 0.25 3.22 5.30
CA PHE A 150 -0.71 3.92 4.46
C PHE A 150 -1.60 4.79 5.35
N THR A 151 -1.36 6.09 5.41
CA THR A 151 -2.18 7.03 6.15
C THR A 151 -3.28 7.58 5.22
N LEU A 152 -4.54 7.27 5.53
CA LEU A 152 -5.69 7.90 4.87
C LEU A 152 -5.84 9.27 5.52
N GLU A 153 -6.08 10.29 4.70
CA GLU A 153 -6.50 11.60 5.17
C GLU A 153 -7.89 11.87 4.57
N TYR A 154 -8.92 11.71 5.40
CA TYR A 154 -10.32 11.81 5.01
C TYR A 154 -10.67 13.22 4.56
N GLN A 155 -11.01 13.37 3.29
CA GLN A 155 -11.41 14.62 2.66
C GLN A 155 -12.92 14.79 2.87
N ASP A 156 -13.31 15.04 4.12
CA ASP A 156 -14.63 15.57 4.42
C ASP A 156 -14.59 17.09 4.24
N ASN A 157 -15.76 17.67 3.99
CA ASN A 157 -15.94 19.07 3.62
C ASN A 157 -15.38 20.03 4.66
N HIS A 158 -15.36 19.64 5.95
CA HIS A 158 -14.82 20.46 7.02
C HIS A 158 -13.49 19.87 7.45
N HIS A 159 -12.42 20.43 6.90
CA HIS A 159 -11.06 19.96 7.12
C HIS A 159 -10.74 19.93 8.62
N HIS A 160 -9.89 18.99 9.01
CA HIS A 160 -9.31 18.83 10.34
C HIS A 160 -7.80 18.56 10.17
N HIS A 161 -7.02 18.62 11.25
CA HIS A 161 -5.61 18.21 11.23
C HIS A 161 -5.40 16.99 12.12
N HIS A 162 -4.38 16.22 11.80
CA HIS A 162 -3.82 15.08 12.52
C HIS A 162 -2.36 14.96 12.06
N HIS A 163 -1.61 13.95 12.50
CA HIS A 163 -0.30 13.61 11.93
C HIS A 163 -0.32 12.14 11.52
N LYS A 164 -0.41 11.20 12.47
CA LYS A 164 -0.77 9.82 12.17
C LYS A 164 -2.25 9.78 11.74
N GLN A 165 -2.75 8.63 11.27
CA GLN A 165 -4.18 8.32 11.20
C GLN A 165 -4.45 6.97 11.90
N ALA A 166 -3.60 5.98 11.62
CA ALA A 166 -3.60 4.62 12.12
C ALA A 166 -2.15 4.12 12.10
N ASP A 167 -1.95 2.95 12.66
CA ASP A 167 -0.77 2.10 12.46
C ASP A 167 -1.21 0.96 11.55
N SER A 168 -1.88 1.32 10.44
CA SER A 168 -2.20 0.46 9.32
C SER A 168 -0.90 0.14 8.58
N THR A 169 -0.02 -0.66 9.19
CA THR A 169 1.27 -1.00 8.63
C THR A 169 1.09 -1.94 7.41
N ILE A 170 2.12 -2.17 6.60
CA ILE A 170 2.12 -3.10 5.48
C ILE A 170 3.31 -4.03 5.73
N THR A 171 3.16 -5.34 5.52
CA THR A 171 4.24 -6.30 5.65
C THR A 171 4.16 -7.16 4.40
N ILE A 172 5.13 -6.99 3.49
CA ILE A 172 5.16 -7.72 2.24
C ILE A 172 6.07 -8.92 2.45
N ARG A 173 5.47 -10.10 2.65
CA ARG A 173 6.20 -11.34 2.84
C ARG A 173 6.64 -11.88 1.50
N GLY A 174 7.93 -11.98 1.27
CA GLY A 174 8.49 -12.68 0.13
C GLY A 174 9.78 -13.38 0.55
N TYR A 175 10.36 -14.15 -0.37
CA TYR A 175 11.62 -14.81 -0.21
C TYR A 175 12.23 -14.96 -1.60
N VAL A 176 13.54 -14.77 -1.68
CA VAL A 176 14.26 -14.76 -2.94
C VAL A 176 15.05 -16.06 -3.03
N ARG A 177 14.59 -16.96 -3.89
CA ARG A 177 15.15 -18.30 -4.06
C ARG A 177 16.41 -18.12 -4.88
N ASP A 178 17.54 -18.66 -4.46
CA ASP A 178 18.81 -18.56 -5.18
C ASP A 178 18.77 -19.20 -6.59
N ASN A 179 17.70 -19.95 -6.90
CA ASN A 179 17.33 -20.47 -8.19
C ASN A 179 15.82 -20.54 -8.19
N MET A 1 -40.13 4.09 6.51
CA MET A 1 -38.68 3.86 6.35
C MET A 1 -38.37 2.42 6.74
N ALA A 2 -37.18 1.94 6.42
CA ALA A 2 -36.64 0.68 6.89
C ALA A 2 -35.18 0.95 7.29
N ASP A 3 -34.51 -0.07 7.82
CA ASP A 3 -33.13 0.03 8.30
C ASP A 3 -32.16 0.16 7.13
N SER A 4 -30.98 0.75 7.34
CA SER A 4 -29.91 0.89 6.36
C SER A 4 -28.60 1.16 7.10
N THR A 5 -27.47 0.90 6.45
CA THR A 5 -26.12 1.24 6.93
C THR A 5 -25.69 2.62 6.39
N ILE A 6 -26.64 3.39 5.86
CA ILE A 6 -26.50 4.70 5.25
C ILE A 6 -27.64 5.51 5.88
N THR A 7 -27.43 6.82 6.13
CA THR A 7 -28.39 7.79 6.67
C THR A 7 -28.81 7.52 8.12
N ILE A 8 -28.18 6.58 8.82
CA ILE A 8 -28.19 6.54 10.27
C ILE A 8 -27.62 7.87 10.79
N ARG A 9 -27.83 8.20 12.07
CA ARG A 9 -27.21 9.33 12.76
C ARG A 9 -26.53 8.77 14.01
N GLY A 10 -25.57 9.48 14.58
CA GLY A 10 -24.81 9.03 15.75
C GLY A 10 -23.74 7.98 15.44
N TYR A 11 -23.83 7.33 14.28
CA TYR A 11 -23.08 6.25 13.68
C TYR A 11 -21.64 6.05 14.18
N VAL A 12 -20.68 6.44 13.35
CA VAL A 12 -19.25 6.40 13.55
C VAL A 12 -18.69 7.40 12.55
N ARG A 13 -18.61 8.67 12.96
CA ARG A 13 -17.85 9.73 12.29
C ARG A 13 -18.01 9.66 10.77
N ASP A 14 -19.22 9.91 10.28
CA ASP A 14 -19.56 9.67 8.87
C ASP A 14 -18.79 10.53 7.86
N ASN A 15 -17.99 11.50 8.32
CA ASN A 15 -17.16 12.38 7.51
C ASN A 15 -15.99 11.64 6.83
N GLY A 16 -15.62 10.43 7.29
CA GLY A 16 -14.62 9.61 6.62
C GLY A 16 -14.73 8.17 7.09
N CYS A 17 -14.57 7.22 6.17
CA CYS A 17 -14.54 5.78 6.46
C CYS A 17 -13.42 5.46 7.45
N SER A 18 -13.45 4.26 8.02
CA SER A 18 -12.34 3.69 8.76
C SER A 18 -11.67 2.63 7.87
N VAL A 19 -10.44 2.25 8.22
CA VAL A 19 -9.82 1.02 7.73
C VAL A 19 -10.37 -0.10 8.60
N ALA A 20 -10.62 -1.26 7.99
CA ALA A 20 -11.05 -2.42 8.73
C ALA A 20 -9.86 -3.03 9.46
N ALA A 21 -10.13 -3.81 10.52
CA ALA A 21 -9.10 -4.57 11.22
C ALA A 21 -8.41 -5.49 10.23
N GLU A 22 -9.20 -6.13 9.36
CA GLU A 22 -8.72 -7.08 8.37
C GLU A 22 -7.84 -6.49 7.28
N SER A 23 -7.72 -5.16 7.19
CA SER A 23 -6.95 -4.50 6.16
C SER A 23 -5.90 -3.57 6.73
N THR A 24 -6.06 -3.07 7.96
CA THR A 24 -5.01 -2.37 8.66
C THR A 24 -3.95 -3.43 9.01
N ASN A 25 -4.39 -4.64 9.40
CA ASN A 25 -3.54 -5.60 10.06
C ASN A 25 -3.62 -6.95 9.34
N PHE A 26 -2.87 -7.08 8.25
CA PHE A 26 -2.89 -8.25 7.39
C PHE A 26 -1.48 -8.54 6.88
N THR A 27 -1.35 -9.46 5.92
CA THR A 27 -0.09 -9.91 5.34
C THR A 27 -0.28 -9.92 3.82
N VAL A 28 0.73 -9.47 3.06
CA VAL A 28 0.80 -9.77 1.64
C VAL A 28 1.73 -10.98 1.51
N ASP A 29 1.20 -12.05 0.91
CA ASP A 29 2.01 -13.19 0.50
C ASP A 29 2.71 -12.79 -0.80
N LEU A 30 4.03 -12.87 -0.77
CA LEU A 30 4.86 -12.69 -1.94
C LEU A 30 5.51 -14.04 -2.20
N MET A 31 4.77 -14.89 -2.92
CA MET A 31 4.97 -16.33 -3.12
C MET A 31 6.43 -16.76 -3.02
N GLU A 32 7.24 -16.52 -4.05
CA GLU A 32 8.67 -16.35 -3.92
C GLU A 32 9.17 -15.57 -5.14
N ASN A 33 10.41 -15.12 -5.09
CA ASN A 33 11.08 -14.38 -6.16
C ASN A 33 12.29 -15.20 -6.56
N ALA A 34 12.75 -15.06 -7.80
CA ALA A 34 14.10 -15.42 -8.16
C ALA A 34 14.99 -14.19 -7.98
N ALA A 35 16.28 -14.39 -7.73
CA ALA A 35 17.31 -13.37 -7.86
C ALA A 35 17.56 -13.08 -9.34
N LYS A 36 17.84 -14.13 -10.12
CA LYS A 36 18.53 -14.00 -11.40
C LYS A 36 17.70 -13.31 -12.46
N GLN A 37 16.38 -13.30 -12.27
CA GLN A 37 15.40 -12.64 -13.13
C GLN A 37 15.50 -11.11 -13.09
N PHE A 38 16.35 -10.54 -12.24
CA PHE A 38 16.41 -9.10 -11.98
C PHE A 38 17.75 -8.56 -12.48
N ASN A 39 17.84 -8.29 -13.78
CA ASN A 39 19.09 -7.98 -14.47
C ASN A 39 19.01 -6.68 -15.27
N ASN A 40 18.20 -5.73 -14.81
CA ASN A 40 17.93 -4.39 -15.30
C ASN A 40 16.74 -3.82 -14.55
N ILE A 41 16.55 -2.50 -14.63
CA ILE A 41 15.61 -1.77 -13.79
C ILE A 41 14.17 -1.93 -14.32
N GLY A 42 13.97 -2.35 -15.57
CA GLY A 42 12.67 -2.78 -16.07
C GLY A 42 12.28 -4.18 -15.59
N ALA A 43 13.11 -4.85 -14.77
CA ALA A 43 12.81 -6.18 -14.27
C ALA A 43 11.73 -6.09 -13.20
N THR A 44 10.49 -6.26 -13.64
CA THR A 44 9.28 -6.13 -12.84
C THR A 44 8.60 -7.50 -12.89
N THR A 45 8.45 -8.14 -11.73
CA THR A 45 7.93 -9.48 -11.50
C THR A 45 6.44 -9.60 -11.88
N PRO A 46 5.80 -10.79 -11.76
CA PRO A 46 4.36 -10.90 -11.88
C PRO A 46 3.78 -10.24 -10.63
N VAL A 47 3.14 -9.08 -10.76
CA VAL A 47 2.64 -8.39 -9.59
C VAL A 47 1.56 -9.23 -8.90
N VAL A 48 1.31 -8.98 -7.62
CA VAL A 48 0.23 -9.59 -6.85
C VAL A 48 -0.82 -8.52 -6.59
N PRO A 49 -2.13 -8.86 -6.58
CA PRO A 49 -3.17 -7.90 -6.26
C PRO A 49 -3.12 -7.55 -4.77
N PHE A 50 -3.53 -6.33 -4.43
CA PHE A 50 -3.60 -5.80 -3.08
C PHE A 50 -4.84 -4.91 -3.01
N ARG A 51 -5.44 -4.77 -1.84
CA ARG A 51 -6.38 -3.70 -1.57
C ARG A 51 -6.36 -3.35 -0.10
N ILE A 52 -6.99 -2.24 0.24
CA ILE A 52 -7.37 -1.92 1.59
C ILE A 52 -8.89 -2.00 1.57
N LEU A 53 -9.49 -2.90 2.35
CA LEU A 53 -10.95 -2.96 2.52
C LEU A 53 -11.29 -1.82 3.48
N LEU A 54 -12.16 -0.89 3.11
CA LEU A 54 -12.54 0.21 4.02
C LEU A 54 -13.94 -0.05 4.55
N SER A 55 -14.05 -0.32 5.84
CA SER A 55 -15.30 -0.36 6.56
C SER A 55 -15.02 -0.19 8.07
N PRO A 56 -16.00 0.22 8.90
CA PRO A 56 -17.27 0.79 8.47
C PRO A 56 -17.03 2.11 7.75
N CYS A 57 -18.06 2.61 7.07
CA CYS A 57 -18.11 3.95 6.54
C CYS A 57 -19.47 4.55 6.89
N GLY A 58 -19.62 5.84 6.65
CA GLY A 58 -20.86 6.58 6.80
C GLY A 58 -21.17 7.23 5.47
N ASN A 59 -22.01 8.27 5.48
CA ASN A 59 -22.66 8.82 4.30
C ASN A 59 -22.33 10.29 4.05
N ALA A 60 -21.16 10.79 4.45
CA ALA A 60 -20.75 12.15 4.16
C ALA A 60 -19.25 12.20 3.82
N VAL A 61 -18.83 11.60 2.70
CA VAL A 61 -17.41 11.59 2.34
C VAL A 61 -17.18 12.08 0.90
N SER A 62 -16.14 12.90 0.70
CA SER A 62 -15.58 13.19 -0.63
C SER A 62 -14.67 12.03 -1.04
N ALA A 63 -13.40 12.05 -0.65
CA ALA A 63 -12.41 11.00 -0.90
C ALA A 63 -11.32 11.04 0.17
N VAL A 64 -10.33 10.16 0.04
CA VAL A 64 -9.10 10.19 0.84
C VAL A 64 -7.93 10.60 -0.05
N LYS A 65 -6.73 10.63 0.52
CA LYS A 65 -5.50 10.43 -0.25
C LYS A 65 -4.74 9.30 0.43
N VAL A 66 -4.04 8.44 -0.31
CA VAL A 66 -3.37 7.26 0.26
C VAL A 66 -1.86 7.54 0.38
N GLY A 67 -1.47 8.36 1.35
CA GLY A 67 -0.08 8.71 1.58
C GLY A 67 0.66 7.51 2.16
N PHE A 68 1.31 6.72 1.31
CA PHE A 68 2.13 5.58 1.74
C PHE A 68 3.48 6.12 2.19
N THR A 69 3.87 5.83 3.43
CA THR A 69 5.20 6.16 3.92
C THR A 69 5.79 4.95 4.64
N GLY A 70 7.12 4.86 4.66
CA GLY A 70 7.86 3.82 5.35
C GLY A 70 9.33 4.24 5.31
N VAL A 71 10.15 3.50 4.57
CA VAL A 71 11.55 3.79 4.35
C VAL A 71 11.76 3.68 2.84
N ALA A 72 12.38 4.69 2.22
CA ALA A 72 12.63 4.80 0.80
C ALA A 72 14.03 4.25 0.45
N ASP A 73 14.12 3.36 -0.56
CA ASP A 73 15.40 2.74 -0.94
C ASP A 73 16.42 3.79 -1.41
N SER A 74 17.66 3.61 -0.99
CA SER A 74 18.77 4.49 -1.32
C SER A 74 19.04 4.56 -2.83
N HIS A 75 18.76 3.49 -3.62
CA HIS A 75 18.95 3.57 -5.07
C HIS A 75 17.80 4.36 -5.68
N ASN A 76 16.56 3.92 -5.47
CA ASN A 76 15.36 4.46 -6.09
C ASN A 76 14.39 4.71 -4.94
N ALA A 77 14.35 5.92 -4.42
CA ALA A 77 13.58 6.29 -3.24
C ALA A 77 12.07 6.04 -3.46
N ASN A 78 11.63 6.04 -4.72
CA ASN A 78 10.28 5.69 -5.13
C ASN A 78 9.88 4.25 -4.74
N LEU A 79 10.81 3.40 -4.32
CA LEU A 79 10.55 2.02 -3.95
C LEU A 79 10.81 1.87 -2.45
N LEU A 80 9.97 1.04 -1.82
CA LEU A 80 9.96 0.82 -0.38
C LEU A 80 11.16 -0.08 -0.04
N ALA A 81 12.03 0.41 0.83
CA ALA A 81 13.15 -0.34 1.41
C ALA A 81 12.61 -1.42 2.34
N LEU A 82 12.90 -2.66 1.98
CA LEU A 82 12.96 -3.78 2.91
C LEU A 82 13.89 -3.47 4.09
N GLU A 83 14.01 -4.44 4.99
CA GLU A 83 14.74 -4.43 6.25
C GLU A 83 16.21 -3.98 6.10
N ASN A 84 16.73 -3.96 4.87
CA ASN A 84 18.04 -3.48 4.45
C ASN A 84 19.16 -4.14 5.27
N THR A 85 19.06 -5.46 5.47
CA THR A 85 20.01 -6.23 6.26
C THR A 85 20.88 -7.07 5.33
N VAL A 86 21.99 -7.62 5.83
CA VAL A 86 22.92 -8.50 5.12
C VAL A 86 22.19 -9.63 4.40
N SER A 87 21.31 -10.34 5.12
CA SER A 87 20.55 -11.47 4.64
C SER A 87 19.26 -11.07 3.90
N ALA A 88 19.04 -9.77 3.65
CA ALA A 88 18.04 -9.32 2.69
C ALA A 88 18.71 -9.15 1.35
N ALA A 89 17.92 -9.17 0.28
CA ALA A 89 18.47 -8.97 -1.04
C ALA A 89 18.88 -7.50 -1.21
N SER A 90 19.91 -7.25 -2.02
CA SER A 90 20.24 -5.90 -2.48
C SER A 90 19.39 -5.56 -3.70
N GLY A 91 19.37 -4.26 -4.05
CA GLY A 91 18.84 -3.71 -5.29
C GLY A 91 17.43 -4.19 -5.63
N LEU A 92 16.66 -4.60 -4.63
CA LEU A 92 15.31 -5.09 -4.77
C LEU A 92 14.48 -4.28 -3.77
N GLY A 93 13.79 -3.25 -4.26
CA GLY A 93 12.90 -2.42 -3.46
C GLY A 93 11.46 -2.81 -3.77
N ILE A 94 10.64 -2.88 -2.72
CA ILE A 94 9.24 -3.28 -2.75
C ILE A 94 8.45 -2.24 -3.56
N GLN A 95 7.60 -2.71 -4.49
CA GLN A 95 6.85 -1.88 -5.43
C GLN A 95 5.36 -2.11 -5.19
N LEU A 96 4.64 -1.03 -4.88
CA LEU A 96 3.25 -1.01 -4.38
C LEU A 96 2.52 -0.02 -5.27
N LEU A 97 1.72 -0.48 -6.23
CA LEU A 97 1.16 0.34 -7.29
C LEU A 97 -0.34 0.49 -7.11
N ASN A 98 -0.90 1.53 -7.71
CA ASN A 98 -2.33 1.70 -7.95
C ASN A 98 -2.75 0.88 -9.17
N GLU A 99 -4.06 0.83 -9.46
CA GLU A 99 -4.65 -0.02 -10.50
C GLU A 99 -4.07 0.26 -11.89
N GLN A 100 -3.49 1.45 -12.07
CA GLN A 100 -2.79 1.93 -13.26
C GLN A 100 -1.45 1.23 -13.47
N GLN A 101 -0.94 0.53 -12.46
CA GLN A 101 0.39 -0.07 -12.41
C GLN A 101 1.49 1.02 -12.52
N ASN A 102 1.15 2.26 -12.21
CA ASN A 102 2.11 3.36 -12.11
C ASN A 102 2.83 3.25 -10.77
N GLN A 103 4.16 3.39 -10.78
CA GLN A 103 5.05 3.37 -9.62
C GLN A 103 4.68 4.51 -8.68
N ILE A 104 3.90 4.17 -7.65
CA ILE A 104 3.52 5.07 -6.58
C ILE A 104 4.78 5.43 -5.79
N PRO A 105 5.01 6.71 -5.48
CA PRO A 105 6.13 7.19 -4.66
C PRO A 105 5.92 6.93 -3.17
N LEU A 106 6.99 7.12 -2.40
CA LEU A 106 7.01 7.10 -0.95
C LEU A 106 7.18 8.51 -0.41
N ASN A 107 6.73 8.74 0.83
CA ASN A 107 6.96 9.99 1.58
C ASN A 107 6.48 11.23 0.80
N ALA A 108 5.55 11.04 -0.14
CA ALA A 108 5.29 11.95 -1.23
C ALA A 108 4.50 13.18 -0.76
N PRO A 109 4.26 14.19 -1.63
CA PRO A 109 3.10 15.09 -1.49
C PRO A 109 1.79 14.26 -1.61
N SER A 110 0.63 14.90 -1.64
CA SER A 110 -0.67 14.19 -1.68
C SER A 110 -1.43 14.33 -3.00
N SER A 111 -0.92 15.05 -4.01
CA SER A 111 -1.56 15.10 -5.33
C SER A 111 -0.93 14.13 -6.34
N ALA A 112 0.18 13.45 -6.02
CA ALA A 112 0.90 12.60 -6.97
C ALA A 112 0.16 11.28 -7.23
N LEU A 113 -0.84 10.95 -6.42
CA LEU A 113 -1.75 9.83 -6.63
C LEU A 113 -3.18 10.34 -6.44
N SER A 114 -4.17 9.55 -6.86
CA SER A 114 -5.59 9.86 -6.86
C SER A 114 -6.32 8.86 -5.95
N TRP A 115 -7.60 9.13 -5.70
CA TRP A 115 -8.55 8.20 -5.12
C TRP A 115 -9.94 8.53 -5.68
N THR A 116 -10.94 7.74 -5.30
CA THR A 116 -12.28 7.74 -5.85
C THR A 116 -13.31 8.22 -4.82
N THR A 117 -14.55 8.35 -5.26
CA THR A 117 -15.75 8.42 -4.43
C THR A 117 -15.84 7.18 -3.53
N LEU A 118 -15.47 7.32 -2.25
CA LEU A 118 -15.80 6.34 -1.23
C LEU A 118 -17.34 6.24 -1.19
N THR A 119 -17.92 5.08 -1.55
CA THR A 119 -19.36 4.86 -1.51
C THR A 119 -19.84 5.03 -0.05
N PRO A 120 -21.06 5.52 0.21
CA PRO A 120 -21.55 5.65 1.56
C PRO A 120 -21.81 4.28 2.19
N GLY A 121 -21.43 4.13 3.47
CA GLY A 121 -21.83 3.02 4.34
C GLY A 121 -21.58 1.62 3.78
N LYS A 122 -20.51 1.42 3.01
CA LYS A 122 -20.28 0.21 2.22
C LYS A 122 -18.85 -0.28 2.36
N PRO A 123 -18.58 -1.57 2.03
CA PRO A 123 -17.26 -2.18 2.06
C PRO A 123 -16.44 -1.75 0.84
N ASN A 124 -16.12 -0.46 0.78
CA ASN A 124 -15.23 0.18 -0.17
C ASN A 124 -13.94 -0.60 -0.40
N THR A 125 -13.83 -1.26 -1.54
CA THR A 125 -12.65 -1.99 -2.01
C THR A 125 -12.28 -1.51 -3.41
N LEU A 126 -11.05 -1.01 -3.54
CA LEU A 126 -10.41 -0.69 -4.81
C LEU A 126 -9.48 -1.84 -5.19
N ASN A 127 -8.74 -1.69 -6.28
CA ASN A 127 -7.68 -2.61 -6.68
C ASN A 127 -6.38 -1.83 -6.71
N PHE A 128 -5.34 -2.43 -6.14
CA PHE A 128 -3.96 -1.99 -6.14
C PHE A 128 -3.12 -3.24 -6.38
N TYR A 129 -1.80 -3.10 -6.45
CA TYR A 129 -0.91 -4.24 -6.64
C TYR A 129 0.31 -4.07 -5.74
N ALA A 130 0.96 -5.16 -5.34
CA ALA A 130 2.20 -5.15 -4.58
C ALA A 130 3.08 -6.31 -5.02
N ARG A 131 4.38 -6.05 -5.21
CA ARG A 131 5.43 -7.01 -5.56
C ARG A 131 6.76 -6.25 -5.40
N LEU A 132 7.73 -6.43 -6.30
CA LEU A 132 9.11 -5.97 -6.14
C LEU A 132 9.57 -5.31 -7.45
N MET A 133 10.42 -4.29 -7.37
CA MET A 133 11.05 -3.62 -8.52
C MET A 133 12.56 -3.63 -8.37
N ALA A 134 13.26 -4.15 -9.40
CA ALA A 134 14.70 -4.14 -9.45
C ALA A 134 15.17 -2.70 -9.54
N THR A 135 15.94 -2.26 -8.56
CA THR A 135 16.54 -0.94 -8.57
C THR A 135 17.97 -1.01 -9.12
N GLN A 136 18.59 -2.21 -9.21
CA GLN A 136 19.95 -2.43 -9.72
C GLN A 136 20.02 -3.82 -10.37
N VAL A 137 21.23 -4.36 -10.54
CA VAL A 137 21.49 -5.73 -10.97
C VAL A 137 22.49 -6.37 -9.99
N PRO A 138 22.15 -6.55 -8.70
CA PRO A 138 23.03 -7.21 -7.75
C PRO A 138 22.87 -8.74 -7.76
N VAL A 139 21.67 -9.23 -8.07
CA VAL A 139 21.23 -10.64 -8.03
C VAL A 139 21.73 -11.45 -6.83
N THR A 140 21.93 -10.71 -5.74
CA THR A 140 22.25 -11.09 -4.40
C THR A 140 20.93 -11.53 -3.76
N ALA A 141 20.80 -12.83 -3.50
CA ALA A 141 19.70 -13.42 -2.73
C ALA A 141 19.57 -12.80 -1.34
N GLY A 142 18.50 -13.16 -0.64
CA GLY A 142 18.14 -12.70 0.68
C GLY A 142 16.62 -12.77 0.82
N HIS A 143 16.16 -12.93 2.06
CA HIS A 143 14.74 -12.86 2.38
C HIS A 143 14.20 -11.46 2.11
N ILE A 144 12.88 -11.37 2.00
CA ILE A 144 12.15 -10.13 1.90
C ILE A 144 11.34 -10.04 3.19
N ASN A 145 11.66 -9.02 3.97
CA ASN A 145 10.91 -8.51 5.10
C ASN A 145 11.00 -7.01 4.91
N ALA A 146 9.87 -6.33 4.78
CA ALA A 146 9.77 -4.87 4.67
C ALA A 146 8.61 -4.42 5.54
N THR A 147 8.36 -3.12 5.60
CA THR A 147 7.27 -2.52 6.34
C THR A 147 7.05 -1.08 5.86
N ALA A 148 5.80 -0.64 5.96
CA ALA A 148 5.31 0.71 5.69
C ALA A 148 3.90 0.83 6.25
N THR A 149 3.33 2.04 6.13
CA THR A 149 2.05 2.43 6.70
C THR A 149 1.33 3.31 5.67
N PHE A 150 0.19 2.85 5.11
CA PHE A 150 -0.61 3.72 4.23
C PHE A 150 -1.46 4.66 5.09
N THR A 151 -1.47 5.96 4.79
CA THR A 151 -2.13 6.97 5.61
C THR A 151 -3.18 7.72 4.79
N LEU A 152 -4.44 7.47 5.16
CA LEU A 152 -5.63 7.93 4.49
C LEU A 152 -5.93 9.34 4.99
N GLU A 153 -5.68 10.32 4.14
CA GLU A 153 -5.92 11.72 4.45
C GLU A 153 -7.40 12.02 4.14
N TYR A 154 -8.24 11.57 5.05
CA TYR A 154 -9.70 11.68 5.04
C TYR A 154 -10.12 13.13 4.94
N GLN A 155 -10.51 13.57 3.74
CA GLN A 155 -10.82 14.95 3.34
C GLN A 155 -9.67 15.97 3.57
N ASP A 156 -8.65 15.65 4.37
CA ASP A 156 -7.56 16.54 4.76
C ASP A 156 -6.67 16.92 3.58
N ASN A 157 -6.11 18.12 3.58
CA ASN A 157 -5.28 18.66 2.50
C ASN A 157 -3.85 19.03 2.92
N HIS A 158 -3.54 19.01 4.22
CA HIS A 158 -2.24 19.49 4.71
C HIS A 158 -1.13 18.48 4.38
N HIS A 159 0.13 18.90 4.54
CA HIS A 159 1.30 18.06 4.43
C HIS A 159 2.26 18.44 5.57
N HIS A 160 1.86 18.16 6.81
CA HIS A 160 2.71 18.19 8.00
C HIS A 160 2.25 17.00 8.85
N HIS A 161 3.19 16.19 9.34
CA HIS A 161 2.89 14.89 9.94
C HIS A 161 1.92 14.99 11.12
N HIS A 162 0.94 14.10 11.17
CA HIS A 162 -0.03 13.91 12.24
C HIS A 162 -0.15 12.42 12.59
N HIS A 163 -0.78 12.15 13.74
CA HIS A 163 -0.92 10.83 14.36
C HIS A 163 -1.54 9.79 13.41
N LYS A 164 -1.39 8.53 13.81
CA LYS A 164 -1.92 7.35 13.12
C LYS A 164 -3.41 7.46 12.79
N GLN A 165 -3.69 7.64 11.50
CA GLN A 165 -4.99 7.37 10.91
C GLN A 165 -5.35 5.88 11.05
N ALA A 166 -4.38 4.98 10.96
CA ALA A 166 -4.59 3.54 10.86
C ALA A 166 -3.52 2.70 11.55
N ASP A 167 -2.26 3.17 11.58
CA ASP A 167 -1.09 2.40 12.01
C ASP A 167 -1.02 1.03 11.34
N SER A 168 -1.52 0.94 10.09
CA SER A 168 -1.63 -0.29 9.34
C SER A 168 -0.23 -0.86 9.10
N THR A 169 0.18 -1.95 9.75
CA THR A 169 1.49 -2.53 9.50
C THR A 169 1.42 -3.26 8.16
N ILE A 170 1.98 -2.70 7.07
CA ILE A 170 2.05 -3.43 5.80
C ILE A 170 3.23 -4.37 5.95
N THR A 171 3.03 -5.68 5.84
CA THR A 171 4.11 -6.66 5.91
C THR A 171 3.94 -7.56 4.68
N ILE A 172 4.83 -7.36 3.72
CA ILE A 172 4.97 -8.19 2.53
C ILE A 172 6.06 -9.21 2.85
N ARG A 173 5.74 -10.51 2.75
CA ARG A 173 6.65 -11.62 3.06
C ARG A 173 7.11 -12.25 1.74
N GLY A 174 8.40 -12.20 1.44
CA GLY A 174 8.97 -12.84 0.24
C GLY A 174 10.32 -13.47 0.54
N TYR A 175 10.96 -14.06 -0.46
CA TYR A 175 12.30 -14.63 -0.38
C TYR A 175 12.88 -14.61 -1.79
N VAL A 176 14.20 -14.51 -1.92
CA VAL A 176 14.84 -14.37 -3.23
C VAL A 176 15.70 -15.60 -3.50
N ARG A 177 15.30 -16.41 -4.47
CA ARG A 177 15.93 -17.67 -4.80
C ARG A 177 17.17 -17.35 -5.63
N ASP A 178 18.36 -17.64 -5.12
CA ASP A 178 19.65 -17.36 -5.76
C ASP A 178 19.72 -17.90 -7.20
N ASN A 179 19.11 -19.05 -7.45
CA ASN A 179 18.57 -19.40 -8.75
C ASN A 179 17.15 -19.83 -8.49
N MET A 1 -30.62 7.96 11.62
CA MET A 1 -30.89 8.90 10.50
C MET A 1 -30.17 8.33 9.29
N ALA A 2 -30.87 8.17 8.17
CA ALA A 2 -30.36 7.76 6.88
C ALA A 2 -31.51 7.97 5.88
N ASP A 3 -31.21 7.76 4.60
CA ASP A 3 -32.14 7.67 3.48
C ASP A 3 -31.77 6.39 2.74
N SER A 4 -30.61 6.41 2.09
CA SER A 4 -30.16 5.29 1.31
C SER A 4 -29.79 4.16 2.27
N THR A 5 -29.96 2.94 1.82
CA THR A 5 -30.22 1.78 2.65
C THR A 5 -29.06 0.80 2.42
N ILE A 6 -27.91 1.12 3.02
CA ILE A 6 -26.67 0.39 2.79
C ILE A 6 -26.61 -0.89 3.65
N THR A 7 -27.47 -1.05 4.68
CA THR A 7 -27.60 -2.12 5.68
C THR A 7 -26.91 -1.82 7.01
N ILE A 8 -26.24 -0.68 7.13
CA ILE A 8 -25.22 -0.38 8.13
C ILE A 8 -25.71 -0.70 9.53
N ARG A 9 -24.81 -1.26 10.35
CA ARG A 9 -25.09 -1.72 11.69
C ARG A 9 -24.31 -0.96 12.75
N GLY A 10 -23.12 -0.42 12.43
CA GLY A 10 -22.36 0.39 13.36
C GLY A 10 -21.75 1.61 12.66
N TYR A 11 -21.72 2.75 13.33
CA TYR A 11 -21.55 4.07 12.74
C TYR A 11 -20.60 4.88 13.65
N VAL A 12 -19.30 4.65 13.46
CA VAL A 12 -18.25 5.23 14.27
C VAL A 12 -17.95 6.70 13.89
N ARG A 13 -18.25 7.09 12.64
CA ARG A 13 -18.10 8.43 12.07
C ARG A 13 -18.85 8.41 10.73
N ASP A 14 -19.34 9.54 10.19
CA ASP A 14 -19.99 9.56 8.88
C ASP A 14 -18.99 9.67 7.73
N ASN A 15 -17.93 10.44 7.99
CA ASN A 15 -17.07 11.09 7.01
C ASN A 15 -15.70 10.43 7.08
N GLY A 16 -15.30 9.77 6.00
CA GLY A 16 -14.12 8.94 5.92
C GLY A 16 -14.42 7.53 6.43
N CYS A 17 -13.49 6.61 6.23
CA CYS A 17 -13.66 5.20 6.56
C CYS A 17 -12.48 4.76 7.42
N SER A 18 -12.73 3.93 8.42
CA SER A 18 -11.67 3.27 9.17
C SER A 18 -11.06 2.17 8.30
N VAL A 19 -9.80 1.85 8.54
CA VAL A 19 -9.08 0.74 7.92
C VAL A 19 -9.43 -0.54 8.69
N ALA A 20 -9.53 -1.67 7.98
CA ALA A 20 -9.88 -2.96 8.57
C ALA A 20 -8.73 -3.57 9.36
N ALA A 21 -9.05 -4.62 10.11
CA ALA A 21 -8.08 -5.46 10.80
C ALA A 21 -7.18 -6.20 9.79
N GLU A 22 -7.64 -6.38 8.55
CA GLU A 22 -6.85 -6.99 7.47
C GLU A 22 -5.91 -5.96 6.80
N SER A 23 -5.51 -4.91 7.52
CA SER A 23 -4.50 -3.95 7.07
C SER A 23 -3.57 -3.47 8.19
N THR A 24 -4.06 -3.13 9.38
CA THR A 24 -3.13 -2.93 10.48
C THR A 24 -2.56 -4.32 10.76
N ASN A 25 -1.24 -4.47 10.76
CA ASN A 25 -0.57 -5.61 11.42
C ASN A 25 -0.83 -6.92 10.67
N PHE A 26 -1.21 -6.81 9.40
CA PHE A 26 -1.62 -7.91 8.54
C PHE A 26 -0.44 -8.45 7.74
N THR A 27 -0.72 -9.32 6.78
CA THR A 27 0.23 -9.73 5.77
C THR A 27 -0.35 -9.48 4.37
N VAL A 28 0.52 -9.16 3.42
CA VAL A 28 0.26 -9.27 2.01
C VAL A 28 1.19 -10.35 1.49
N ASP A 29 0.62 -11.37 0.88
CA ASP A 29 1.28 -12.62 0.55
C ASP A 29 1.06 -12.79 -0.94
N LEU A 30 2.11 -12.48 -1.71
CA LEU A 30 2.05 -12.31 -3.14
C LEU A 30 2.22 -13.69 -3.77
N MET A 31 3.45 -14.17 -3.74
CA MET A 31 4.03 -15.17 -4.61
C MET A 31 5.53 -14.93 -4.55
N GLU A 32 6.28 -15.95 -4.94
CA GLU A 32 7.71 -15.96 -4.72
C GLU A 32 8.39 -15.10 -5.79
N ASN A 33 9.63 -14.78 -5.50
CA ASN A 33 10.48 -13.84 -6.21
C ASN A 33 11.71 -14.62 -6.66
N ALA A 34 12.60 -14.00 -7.43
CA ALA A 34 13.78 -14.71 -7.89
C ALA A 34 14.93 -13.74 -7.95
N ALA A 35 16.01 -14.04 -7.23
CA ALA A 35 17.26 -13.30 -7.42
C ALA A 35 17.61 -13.25 -8.91
N LYS A 36 17.41 -14.36 -9.63
CA LYS A 36 17.92 -14.51 -11.01
C LYS A 36 17.14 -13.73 -12.07
N GLN A 37 16.09 -13.00 -11.71
CA GLN A 37 15.35 -12.21 -12.68
C GLN A 37 15.68 -10.71 -12.57
N PHE A 38 16.33 -10.30 -11.49
CA PHE A 38 16.46 -8.89 -11.12
C PHE A 38 17.88 -8.40 -11.42
N ASN A 39 18.41 -8.86 -12.54
CA ASN A 39 19.75 -8.58 -13.04
C ASN A 39 19.85 -7.24 -13.76
N ASN A 40 18.93 -6.31 -13.48
CA ASN A 40 18.65 -5.08 -14.23
C ASN A 40 17.39 -4.45 -13.69
N ILE A 41 17.28 -3.14 -13.90
CA ILE A 41 16.25 -2.26 -13.36
C ILE A 41 14.97 -2.34 -14.21
N GLY A 42 15.05 -2.88 -15.43
CA GLY A 42 13.87 -3.16 -16.25
C GLY A 42 13.10 -4.40 -15.80
N ALA A 43 13.53 -5.11 -14.74
CA ALA A 43 12.88 -6.32 -14.26
C ALA A 43 11.60 -6.04 -13.43
N THR A 44 10.56 -5.47 -14.05
CA THR A 44 9.24 -5.25 -13.44
C THR A 44 8.45 -6.58 -13.45
N THR A 45 8.25 -7.17 -12.26
CA THR A 45 7.60 -8.45 -12.06
C THR A 45 6.11 -8.45 -12.47
N PRO A 46 5.47 -9.64 -12.56
CA PRO A 46 4.04 -9.74 -12.74
C PRO A 46 3.34 -9.22 -11.49
N VAL A 47 2.77 -8.01 -11.54
CA VAL A 47 2.12 -7.43 -10.39
C VAL A 47 0.89 -8.21 -9.97
N VAL A 48 0.69 -8.28 -8.65
CA VAL A 48 -0.33 -9.06 -7.99
C VAL A 48 -1.31 -8.07 -7.37
N PRO A 49 -2.62 -8.32 -7.42
CA PRO A 49 -3.61 -7.44 -6.84
C PRO A 49 -3.48 -7.41 -5.32
N PHE A 50 -3.50 -6.22 -4.73
CA PHE A 50 -3.77 -5.99 -3.31
C PHE A 50 -4.61 -4.72 -3.23
N ARG A 51 -5.05 -4.34 -2.03
CA ARG A 51 -5.85 -3.15 -1.81
C ARG A 51 -5.90 -2.88 -0.33
N ILE A 52 -6.43 -1.73 0.07
CA ILE A 52 -6.61 -1.37 1.47
C ILE A 52 -8.10 -1.46 1.74
N LEU A 53 -8.61 -2.60 2.20
CA LEU A 53 -9.99 -2.77 2.64
C LEU A 53 -10.28 -1.74 3.72
N LEU A 54 -11.17 -0.77 3.46
CA LEU A 54 -11.62 0.18 4.47
C LEU A 54 -12.96 -0.31 4.99
N SER A 55 -12.99 -0.72 6.26
CA SER A 55 -14.17 -1.14 6.96
C SER A 55 -13.91 -0.81 8.44
N PRO A 56 -14.93 -0.40 9.21
CA PRO A 56 -16.22 0.08 8.71
C PRO A 56 -16.07 1.48 8.11
N CYS A 57 -17.12 1.95 7.43
CA CYS A 57 -17.24 3.33 6.98
C CYS A 57 -18.58 3.90 7.40
N GLY A 58 -18.69 5.22 7.34
CA GLY A 58 -19.92 5.97 7.51
C GLY A 58 -20.69 6.06 6.20
N ASN A 59 -21.63 7.01 6.16
CA ASN A 59 -22.63 7.13 5.11
C ASN A 59 -22.40 8.35 4.20
N ALA A 60 -21.40 9.21 4.47
CA ALA A 60 -21.27 10.52 3.83
C ALA A 60 -19.81 10.74 3.39
N VAL A 61 -19.47 10.24 2.20
CA VAL A 61 -18.11 10.19 1.69
C VAL A 61 -18.04 10.40 0.17
N SER A 62 -16.85 10.73 -0.35
CA SER A 62 -16.58 10.97 -1.77
C SER A 62 -15.17 10.47 -2.16
N ALA A 63 -14.13 10.65 -1.33
CA ALA A 63 -12.74 10.26 -1.61
C ALA A 63 -11.89 10.16 -0.35
N VAL A 64 -10.93 9.24 -0.34
CA VAL A 64 -9.73 9.26 0.53
C VAL A 64 -8.61 10.01 -0.20
N LYS A 65 -7.53 10.36 0.52
CA LYS A 65 -6.21 10.65 -0.07
C LYS A 65 -5.24 9.66 0.55
N VAL A 66 -4.60 8.82 -0.25
CA VAL A 66 -3.65 7.84 0.27
C VAL A 66 -2.31 8.54 0.56
N GLY A 67 -1.55 7.99 1.50
CA GLY A 67 -0.16 8.34 1.75
C GLY A 67 0.61 7.07 2.09
N PHE A 68 1.32 6.50 1.12
CA PHE A 68 2.27 5.42 1.36
C PHE A 68 3.58 6.04 1.84
N THR A 69 3.95 5.79 3.10
CA THR A 69 5.14 6.39 3.71
C THR A 69 6.00 5.30 4.33
N GLY A 70 7.27 5.57 4.59
CA GLY A 70 8.24 4.56 5.00
C GLY A 70 9.60 4.89 4.41
N VAL A 71 10.58 4.04 4.70
CA VAL A 71 11.93 4.15 4.17
C VAL A 71 11.90 4.07 2.63
N ALA A 72 12.35 5.15 1.98
CA ALA A 72 12.56 5.16 0.55
C ALA A 72 13.90 4.46 0.23
N ASP A 73 13.93 3.74 -0.88
CA ASP A 73 15.12 3.01 -1.35
C ASP A 73 16.25 3.98 -1.68
N SER A 74 17.49 3.53 -1.54
CA SER A 74 18.68 4.31 -1.87
C SER A 74 18.72 4.66 -3.37
N HIS A 75 18.27 3.76 -4.23
CA HIS A 75 18.66 3.74 -5.63
C HIS A 75 17.52 4.24 -6.50
N ASN A 76 16.27 3.82 -6.24
CA ASN A 76 15.08 4.42 -6.85
C ASN A 76 14.16 4.81 -5.70
N ALA A 77 14.36 6.01 -5.17
CA ALA A 77 13.77 6.48 -3.92
C ALA A 77 12.24 6.63 -3.98
N ASN A 78 11.62 6.41 -5.14
CA ASN A 78 10.18 6.29 -5.27
C ASN A 78 9.68 5.05 -4.51
N LEU A 79 10.51 4.00 -4.44
CA LEU A 79 10.12 2.65 -4.00
C LEU A 79 10.53 2.40 -2.55
N LEU A 80 9.94 1.35 -1.96
CA LEU A 80 9.97 1.03 -0.53
C LEU A 80 11.20 0.15 -0.25
N ALA A 81 12.12 0.60 0.59
CA ALA A 81 13.36 -0.13 0.91
C ALA A 81 13.08 -1.33 1.83
N LEU A 82 13.92 -2.38 1.81
CA LEU A 82 13.72 -3.55 2.68
C LEU A 82 14.18 -3.26 4.11
N GLU A 83 13.99 -4.27 5.00
CA GLU A 83 14.43 -4.33 6.38
C GLU A 83 15.96 -4.16 6.58
N ASN A 84 16.75 -3.95 5.51
CA ASN A 84 18.15 -3.54 5.54
C ASN A 84 19.01 -4.49 6.38
N THR A 85 18.94 -5.79 6.10
CA THR A 85 19.63 -6.79 6.89
C THR A 85 19.99 -8.00 6.02
N VAL A 86 20.96 -8.78 6.49
CA VAL A 86 21.55 -9.94 5.82
C VAL A 86 20.52 -11.04 5.51
N SER A 87 19.45 -11.13 6.30
CA SER A 87 18.35 -12.05 6.10
C SER A 87 17.49 -11.65 4.89
N ALA A 88 17.63 -10.43 4.39
CA ALA A 88 16.66 -9.82 3.51
C ALA A 88 17.21 -9.58 2.12
N ALA A 89 16.29 -9.43 1.17
CA ALA A 89 16.62 -9.03 -0.17
C ALA A 89 17.29 -7.65 -0.15
N SER A 90 17.91 -7.28 -1.25
CA SER A 90 18.56 -6.00 -1.44
C SER A 90 18.45 -5.61 -2.90
N GLY A 91 18.58 -4.31 -3.18
CA GLY A 91 18.36 -3.74 -4.49
C GLY A 91 17.00 -4.09 -5.07
N LEU A 92 16.03 -4.48 -4.24
CA LEU A 92 14.70 -4.96 -4.61
C LEU A 92 13.70 -4.20 -3.75
N GLY A 93 13.43 -2.94 -4.07
CA GLY A 93 12.45 -2.19 -3.30
C GLY A 93 11.05 -2.64 -3.71
N ILE A 94 10.09 -2.56 -2.78
CA ILE A 94 8.72 -2.95 -3.07
C ILE A 94 8.08 -1.80 -3.86
N GLN A 95 7.24 -2.17 -4.82
CA GLN A 95 6.63 -1.27 -5.80
C GLN A 95 5.11 -1.47 -5.71
N LEU A 96 4.39 -0.49 -5.13
CA LEU A 96 2.97 -0.59 -4.74
C LEU A 96 2.16 0.49 -5.44
N LEU A 97 1.98 0.28 -6.73
CA LEU A 97 1.39 1.25 -7.63
C LEU A 97 -0.13 1.25 -7.51
N ASN A 98 -0.74 2.26 -8.14
CA ASN A 98 -2.18 2.33 -8.31
C ASN A 98 -2.58 1.39 -9.45
N GLU A 99 -3.89 1.34 -9.71
CA GLU A 99 -4.55 0.53 -10.74
C GLU A 99 -3.88 0.66 -12.11
N GLN A 100 -3.45 1.87 -12.48
CA GLN A 100 -2.75 2.19 -13.73
C GLN A 100 -1.33 1.62 -13.80
N GLN A 101 -0.93 0.84 -12.80
CA GLN A 101 0.37 0.19 -12.67
C GLN A 101 1.51 1.23 -12.75
N ASN A 102 1.22 2.45 -12.28
CA ASN A 102 2.06 3.62 -12.38
C ASN A 102 2.71 3.88 -11.03
N GLN A 103 4.01 4.20 -11.04
CA GLN A 103 4.88 4.27 -9.87
C GLN A 103 4.34 5.25 -8.81
N ILE A 104 3.75 4.75 -7.74
CA ILE A 104 3.37 5.54 -6.57
C ILE A 104 4.65 5.97 -5.84
N PRO A 105 4.89 7.28 -5.64
CA PRO A 105 6.02 7.80 -4.88
C PRO A 105 5.76 7.81 -3.35
N LEU A 106 6.66 7.20 -2.57
CA LEU A 106 6.67 7.25 -1.11
C LEU A 106 6.79 8.70 -0.60
N ASN A 107 6.13 8.98 0.53
CA ASN A 107 6.16 10.23 1.28
C ASN A 107 5.70 11.48 0.49
N ALA A 108 5.17 11.30 -0.73
CA ALA A 108 4.79 12.38 -1.63
C ALA A 108 3.59 13.18 -1.10
N PRO A 109 3.40 14.43 -1.55
CA PRO A 109 2.22 15.24 -1.23
C PRO A 109 0.97 14.73 -1.95
N SER A 110 -0.17 15.21 -1.47
CA SER A 110 -1.52 14.78 -1.82
C SER A 110 -1.91 14.80 -3.31
N SER A 111 -1.14 15.43 -4.20
CA SER A 111 -1.54 15.54 -5.60
C SER A 111 -1.16 14.32 -6.44
N ALA A 112 -0.07 13.61 -6.11
CA ALA A 112 0.56 12.68 -7.07
C ALA A 112 -0.26 11.39 -7.19
N LEU A 113 -1.10 11.14 -6.19
CA LEU A 113 -1.94 9.99 -6.02
C LEU A 113 -3.38 10.49 -5.95
N SER A 114 -4.31 9.60 -6.27
CA SER A 114 -5.74 9.86 -6.30
C SER A 114 -6.47 8.65 -5.69
N TRP A 115 -7.79 8.66 -5.71
CA TRP A 115 -8.59 7.58 -5.16
C TRP A 115 -9.81 7.30 -6.03
N THR A 116 -10.55 6.27 -5.64
CA THR A 116 -11.81 5.89 -6.26
C THR A 116 -12.95 6.67 -5.58
N THR A 117 -14.16 6.58 -6.10
CA THR A 117 -15.37 7.07 -5.46
C THR A 117 -15.55 6.32 -4.13
N LEU A 118 -15.17 6.96 -3.02
CA LEU A 118 -15.24 6.38 -1.68
C LEU A 118 -16.71 6.11 -1.38
N THR A 119 -17.10 4.85 -1.42
CA THR A 119 -18.49 4.39 -1.41
C THR A 119 -18.91 4.21 0.06
N PRO A 120 -20.09 4.67 0.50
CA PRO A 120 -20.48 4.59 1.90
C PRO A 120 -20.72 3.14 2.29
N GLY A 121 -20.53 2.80 3.56
CA GLY A 121 -20.70 1.46 4.15
C GLY A 121 -20.41 0.30 3.20
N LYS A 122 -19.23 0.28 2.58
CA LYS A 122 -18.75 -0.82 1.76
C LYS A 122 -17.26 -0.94 2.01
N PRO A 123 -16.60 -2.02 1.55
CA PRO A 123 -15.24 -2.36 1.95
C PRO A 123 -14.18 -1.54 1.20
N ASN A 124 -14.61 -0.60 0.35
CA ASN A 124 -13.82 0.27 -0.54
C ASN A 124 -12.59 -0.43 -1.12
N THR A 125 -12.76 -1.68 -1.56
CA THR A 125 -11.75 -2.46 -2.23
C THR A 125 -11.37 -1.77 -3.55
N LEU A 126 -10.12 -1.29 -3.61
CA LEU A 126 -9.47 -0.69 -4.77
C LEU A 126 -8.99 -1.78 -5.71
N ASN A 127 -8.60 -1.38 -6.93
CA ASN A 127 -8.10 -2.28 -7.97
C ASN A 127 -6.58 -2.06 -8.13
N PHE A 128 -5.87 -1.82 -7.02
CA PHE A 128 -4.44 -1.55 -7.03
C PHE A 128 -3.65 -2.86 -7.05
N TYR A 129 -2.31 -2.77 -7.13
CA TYR A 129 -1.44 -3.93 -7.23
C TYR A 129 -0.17 -3.70 -6.42
N ALA A 130 0.61 -4.76 -6.19
CA ALA A 130 1.89 -4.76 -5.51
C ALA A 130 2.79 -5.73 -6.23
N ARG A 131 4.09 -5.42 -6.31
CA ARG A 131 5.14 -6.39 -6.58
C ARG A 131 6.50 -5.76 -6.28
N LEU A 132 7.54 -6.15 -7.01
CA LEU A 132 8.90 -6.05 -6.56
C LEU A 132 9.74 -5.51 -7.71
N MET A 133 10.31 -4.33 -7.52
CA MET A 133 11.05 -3.62 -8.55
C MET A 133 12.53 -3.72 -8.20
N ALA A 134 13.35 -4.27 -9.08
CA ALA A 134 14.79 -4.18 -8.87
C ALA A 134 15.23 -2.75 -9.12
N THR A 135 15.90 -2.17 -8.13
CA THR A 135 16.58 -0.90 -8.28
C THR A 135 18.07 -1.16 -8.53
N GLN A 136 18.62 -2.33 -8.17
CA GLN A 136 20.00 -2.76 -8.44
C GLN A 136 20.06 -4.25 -8.72
N VAL A 137 21.27 -4.76 -8.95
CA VAL A 137 21.56 -6.13 -9.34
C VAL A 137 22.44 -6.77 -8.22
N PRO A 138 22.05 -6.73 -6.92
CA PRO A 138 22.84 -7.39 -5.90
C PRO A 138 22.50 -8.90 -5.82
N VAL A 139 21.43 -9.32 -6.50
CA VAL A 139 20.90 -10.67 -6.68
C VAL A 139 21.10 -11.56 -5.46
N THR A 140 20.67 -11.02 -4.32
CA THR A 140 20.85 -11.50 -2.98
C THR A 140 19.62 -12.32 -2.61
N ALA A 141 19.81 -13.61 -2.36
CA ALA A 141 18.79 -14.47 -1.80
C ALA A 141 18.51 -14.07 -0.35
N GLY A 142 17.44 -13.30 -0.12
CA GLY A 142 16.97 -12.90 1.21
C GLY A 142 15.46 -12.68 1.19
N HIS A 143 14.72 -13.31 2.11
CA HIS A 143 13.27 -13.13 2.25
C HIS A 143 12.89 -11.66 2.24
N ILE A 144 11.79 -11.35 1.59
CA ILE A 144 11.23 -10.01 1.57
C ILE A 144 10.49 -9.85 2.89
N ASN A 145 10.91 -8.87 3.68
CA ASN A 145 10.45 -8.63 5.04
C ASN A 145 10.20 -7.14 5.23
N ALA A 146 9.92 -6.41 4.15
CA ALA A 146 9.87 -4.96 4.23
C ALA A 146 8.68 -4.56 5.10
N THR A 147 8.69 -3.31 5.54
CA THR A 147 7.76 -2.76 6.50
C THR A 147 7.61 -1.27 6.19
N ALA A 148 6.38 -0.77 6.24
CA ALA A 148 6.04 0.61 5.91
C ALA A 148 4.68 0.94 6.54
N THR A 149 4.17 2.14 6.30
CA THR A 149 2.95 2.66 6.89
C THR A 149 2.13 3.30 5.77
N PHE A 150 0.81 3.15 5.80
CA PHE A 150 -0.09 3.67 4.77
C PHE A 150 -1.21 4.42 5.50
N THR A 151 -1.18 5.74 5.43
CA THR A 151 -1.92 6.63 6.31
C THR A 151 -2.92 7.40 5.43
N LEU A 152 -4.19 6.98 5.45
CA LEU A 152 -5.24 7.55 4.63
C LEU A 152 -5.72 8.83 5.32
N GLU A 153 -5.64 9.94 4.58
CA GLU A 153 -6.31 11.20 4.87
C GLU A 153 -7.67 11.24 4.17
N TYR A 154 -8.49 12.26 4.49
CA TYR A 154 -9.90 12.35 4.10
C TYR A 154 -10.17 13.74 3.50
N GLN A 155 -11.39 14.00 3.03
CA GLN A 155 -11.75 15.26 2.38
C GLN A 155 -12.19 16.28 3.44
N ASP A 156 -11.34 16.49 4.43
CA ASP A 156 -11.52 17.43 5.53
C ASP A 156 -11.50 18.88 5.03
N ASN A 157 -12.47 19.68 5.46
CA ASN A 157 -12.62 21.10 5.15
C ASN A 157 -11.36 21.90 5.49
N HIS A 158 -10.82 21.74 6.71
CA HIS A 158 -9.62 22.49 7.13
C HIS A 158 -8.37 22.08 6.34
N HIS A 159 -8.39 20.96 5.60
CA HIS A 159 -7.30 20.42 4.76
C HIS A 159 -5.92 20.43 5.43
N HIS A 160 -5.86 20.35 6.76
CA HIS A 160 -4.64 20.26 7.54
C HIS A 160 -4.88 19.10 8.48
N HIS A 161 -3.98 18.12 8.47
CA HIS A 161 -3.83 17.21 9.61
C HIS A 161 -2.73 17.75 10.51
N HIS A 162 -2.60 17.18 11.69
CA HIS A 162 -1.59 17.53 12.68
C HIS A 162 -0.83 16.26 13.04
N HIS A 163 -1.55 15.20 13.43
CA HIS A 163 -1.02 13.87 13.59
C HIS A 163 -0.94 13.21 12.20
N LYS A 164 -0.49 11.95 12.14
CA LYS A 164 -0.75 11.06 11.01
C LYS A 164 -2.09 10.38 11.27
N GLN A 165 -2.58 9.59 10.31
CA GLN A 165 -3.75 8.73 10.51
C GLN A 165 -3.51 7.78 11.68
N ALA A 166 -2.63 6.79 11.49
CA ALA A 166 -2.37 5.71 12.44
C ALA A 166 -1.01 5.12 12.09
N ASP A 167 -0.70 3.94 12.62
CA ASP A 167 0.63 3.34 12.57
C ASP A 167 0.59 1.98 11.85
N SER A 168 -0.49 1.69 11.10
CA SER A 168 -0.79 0.46 10.39
C SER A 168 0.44 -0.05 9.63
N THR A 169 1.15 -1.03 10.18
CA THR A 169 2.31 -1.62 9.56
C THR A 169 1.83 -2.44 8.34
N ILE A 170 2.31 -2.09 7.15
CA ILE A 170 2.25 -2.90 5.95
C ILE A 170 3.39 -3.91 6.07
N THR A 171 3.17 -5.14 5.64
CA THR A 171 4.13 -6.23 5.80
C THR A 171 3.89 -7.17 4.62
N ILE A 172 4.63 -6.93 3.53
CA ILE A 172 4.49 -7.66 2.28
C ILE A 172 5.58 -8.73 2.23
N ARG A 173 5.15 -9.96 1.98
CA ARG A 173 5.99 -11.15 1.93
C ARG A 173 6.68 -11.20 0.59
N GLY A 174 7.43 -12.28 0.45
CA GLY A 174 8.12 -12.68 -0.74
C GLY A 174 9.34 -13.45 -0.30
N TYR A 175 9.88 -14.26 -1.19
CA TYR A 175 11.11 -14.96 -0.97
C TYR A 175 11.77 -15.04 -2.32
N VAL A 176 12.95 -14.45 -2.45
CA VAL A 176 13.72 -14.51 -3.69
C VAL A 176 14.41 -15.86 -3.69
N ARG A 177 14.02 -16.65 -4.67
CA ARG A 177 14.60 -17.93 -4.97
C ARG A 177 15.89 -17.60 -5.70
N ASP A 178 17.02 -18.27 -5.43
CA ASP A 178 18.22 -17.92 -6.19
C ASP A 178 18.06 -18.27 -7.68
N ASN A 179 17.13 -19.16 -8.00
CA ASN A 179 16.86 -19.75 -9.31
C ASN A 179 15.42 -19.51 -9.75
N MET A 1 -32.75 -5.32 -4.63
CA MET A 1 -31.95 -5.03 -5.83
C MET A 1 -31.24 -3.67 -5.75
N ALA A 2 -31.21 -2.99 -4.58
CA ALA A 2 -30.34 -1.84 -4.36
C ALA A 2 -28.87 -2.26 -4.45
N ASP A 3 -27.99 -1.27 -4.60
CA ASP A 3 -26.54 -1.44 -4.75
C ASP A 3 -25.92 -2.10 -3.50
N SER A 4 -26.42 -1.77 -2.32
CA SER A 4 -26.46 -2.60 -1.12
C SER A 4 -27.36 -1.91 -0.09
N THR A 5 -27.55 -2.59 1.05
CA THR A 5 -28.26 -2.09 2.20
C THR A 5 -27.25 -1.35 3.06
N ILE A 6 -27.50 -0.07 3.25
CA ILE A 6 -26.63 0.87 3.96
C ILE A 6 -27.44 1.54 5.11
N THR A 7 -28.77 1.49 5.02
CA THR A 7 -29.75 1.96 5.99
C THR A 7 -29.81 1.07 7.25
N ILE A 8 -28.95 0.05 7.35
CA ILE A 8 -28.80 -0.78 8.53
C ILE A 8 -28.53 0.13 9.74
N ARG A 9 -29.16 -0.18 10.88
CA ARG A 9 -29.11 0.64 12.09
C ARG A 9 -27.66 0.87 12.50
N GLY A 10 -26.87 -0.19 12.67
CA GLY A 10 -25.45 -0.06 12.97
C GLY A 10 -24.79 0.71 11.82
N TYR A 11 -24.18 1.85 12.10
CA TYR A 11 -23.60 2.78 11.17
C TYR A 11 -22.43 3.39 11.95
N VAL A 12 -21.24 3.39 11.34
CA VAL A 12 -20.00 3.79 12.00
C VAL A 12 -19.91 5.32 12.18
N ARG A 13 -19.62 6.07 11.13
CA ARG A 13 -19.57 7.52 11.09
C ARG A 13 -19.54 7.89 9.61
N ASP A 14 -20.20 8.99 9.27
CA ASP A 14 -20.53 9.43 7.93
C ASP A 14 -19.32 9.78 7.08
N ASN A 15 -18.32 10.43 7.69
CA ASN A 15 -17.18 11.01 7.00
C ASN A 15 -15.91 10.39 7.58
N GLY A 16 -15.23 9.57 6.80
CA GLY A 16 -13.91 9.03 7.08
C GLY A 16 -14.02 7.56 7.44
N CYS A 17 -14.09 6.70 6.42
CA CYS A 17 -14.20 5.25 6.56
C CYS A 17 -13.13 4.71 7.50
N SER A 18 -13.52 3.90 8.49
CA SER A 18 -12.58 3.12 9.26
C SER A 18 -11.76 2.22 8.32
N VAL A 19 -10.52 1.98 8.73
CA VAL A 19 -9.64 0.99 8.14
C VAL A 19 -10.04 -0.35 8.78
N ALA A 20 -10.21 -1.38 7.95
CA ALA A 20 -10.64 -2.68 8.47
C ALA A 20 -9.57 -3.33 9.37
N ALA A 21 -9.99 -4.34 10.15
CA ALA A 21 -9.07 -5.13 10.96
C ALA A 21 -8.15 -5.92 10.03
N GLU A 22 -8.69 -6.49 8.94
CA GLU A 22 -7.93 -7.07 7.82
C GLU A 22 -7.18 -6.02 6.98
N SER A 23 -6.81 -4.89 7.59
CA SER A 23 -6.01 -3.83 7.00
C SER A 23 -5.00 -3.30 8.04
N THR A 24 -5.41 -2.81 9.21
CA THR A 24 -4.48 -2.37 10.25
C THR A 24 -3.67 -3.58 10.76
N ASN A 25 -2.34 -3.53 10.61
CA ASN A 25 -1.37 -4.61 10.87
C ASN A 25 -1.80 -5.93 10.22
N PHE A 26 -2.25 -5.85 8.98
CA PHE A 26 -2.59 -7.02 8.15
C PHE A 26 -1.31 -7.62 7.55
N THR A 27 -1.39 -8.48 6.54
CA THR A 27 -0.21 -9.06 5.90
C THR A 27 -0.45 -9.20 4.40
N VAL A 28 0.36 -8.54 3.58
CA VAL A 28 0.32 -8.74 2.15
C VAL A 28 1.14 -10.01 1.79
N ASP A 29 0.52 -10.86 0.99
CA ASP A 29 1.05 -12.04 0.31
C ASP A 29 1.80 -11.62 -0.96
N LEU A 30 3.13 -11.75 -0.94
CA LEU A 30 3.95 -11.89 -2.13
C LEU A 30 4.46 -13.34 -2.18
N MET A 31 3.88 -14.13 -3.07
CA MET A 31 4.42 -15.41 -3.52
C MET A 31 5.91 -15.28 -3.92
N GLU A 32 6.53 -16.45 -4.05
CA GLU A 32 7.96 -16.63 -4.28
C GLU A 32 8.31 -16.11 -5.67
N ASN A 33 9.19 -15.11 -5.76
CA ASN A 33 9.60 -14.51 -7.04
C ASN A 33 11.10 -14.65 -7.21
N ALA A 34 11.54 -15.19 -8.35
CA ALA A 34 12.93 -15.53 -8.59
C ALA A 34 13.84 -14.31 -8.52
N ALA A 35 15.07 -14.51 -8.03
CA ALA A 35 16.16 -13.55 -8.18
C ALA A 35 16.42 -13.20 -9.66
N LYS A 36 16.66 -14.20 -10.51
CA LYS A 36 17.41 -13.99 -11.76
C LYS A 36 16.69 -13.15 -12.80
N GLN A 37 15.37 -13.00 -12.68
CA GLN A 37 14.59 -12.10 -13.53
C GLN A 37 14.93 -10.63 -13.28
N PHE A 38 15.47 -10.29 -12.11
CA PHE A 38 15.78 -8.91 -11.72
C PHE A 38 17.17 -8.53 -12.23
N ASN A 39 17.44 -8.76 -13.51
CA ASN A 39 18.74 -8.64 -14.15
C ASN A 39 18.82 -7.38 -15.01
N ASN A 40 18.11 -6.33 -14.61
CA ASN A 40 18.15 -4.94 -15.05
C ASN A 40 17.11 -4.18 -14.24
N ILE A 41 17.03 -2.87 -14.45
CA ILE A 41 16.26 -1.92 -13.68
C ILE A 41 14.89 -1.68 -14.36
N GLY A 42 14.60 -2.34 -15.48
CA GLY A 42 13.28 -2.41 -16.10
C GLY A 42 12.52 -3.68 -15.70
N ALA A 43 13.10 -4.51 -14.82
CA ALA A 43 12.56 -5.81 -14.42
C ALA A 43 11.52 -5.61 -13.31
N THR A 44 10.27 -5.39 -13.72
CA THR A 44 9.12 -5.17 -12.85
C THR A 44 8.38 -6.52 -12.69
N THR A 45 8.48 -7.18 -11.53
CA THR A 45 7.76 -8.44 -11.28
C THR A 45 6.23 -8.36 -11.52
N PRO A 46 5.53 -9.50 -11.69
CA PRO A 46 4.16 -9.64 -12.22
C PRO A 46 2.96 -8.99 -11.48
N VAL A 47 3.18 -8.05 -10.55
CA VAL A 47 2.17 -7.19 -9.90
C VAL A 47 0.88 -7.92 -9.49
N VAL A 48 0.93 -8.54 -8.31
CA VAL A 48 -0.23 -9.14 -7.67
C VAL A 48 -1.17 -8.00 -7.23
N PRO A 49 -2.49 -8.21 -7.23
CA PRO A 49 -3.43 -7.23 -6.73
C PRO A 49 -3.36 -7.23 -5.20
N PHE A 50 -3.14 -6.06 -4.60
CA PHE A 50 -3.28 -5.85 -3.15
C PHE A 50 -4.20 -4.65 -2.93
N ARG A 51 -4.75 -4.51 -1.74
CA ARG A 51 -5.71 -3.48 -1.40
C ARG A 51 -5.52 -3.11 0.04
N ILE A 52 -5.83 -1.86 0.38
CA ILE A 52 -6.02 -1.41 1.74
C ILE A 52 -7.16 -2.24 2.35
N LEU A 53 -8.41 -2.00 1.94
CA LEU A 53 -9.71 -2.45 2.48
C LEU A 53 -10.23 -1.34 3.40
N LEU A 54 -11.25 -0.60 2.95
CA LEU A 54 -11.80 0.48 3.75
C LEU A 54 -13.23 0.12 4.16
N SER A 55 -13.37 -0.36 5.38
CA SER A 55 -14.66 -0.63 6.02
C SER A 55 -14.42 -0.76 7.52
N PRO A 56 -15.45 -0.52 8.35
CA PRO A 56 -16.75 0.01 7.96
C PRO A 56 -16.64 1.46 7.47
N CYS A 57 -17.66 1.96 6.78
CA CYS A 57 -17.66 3.33 6.28
C CYS A 57 -19.06 3.91 6.42
N GLY A 58 -19.17 5.24 6.43
CA GLY A 58 -20.45 5.93 6.38
C GLY A 58 -21.01 5.94 4.97
N ASN A 59 -21.99 6.81 4.79
CA ASN A 59 -22.73 7.01 3.55
C ASN A 59 -22.45 8.39 2.94
N ALA A 60 -22.09 9.40 3.74
CA ALA A 60 -21.84 10.76 3.25
C ALA A 60 -20.36 10.88 2.85
N VAL A 61 -19.93 10.13 1.84
CA VAL A 61 -18.54 10.00 1.44
C VAL A 61 -18.45 10.13 -0.08
N SER A 62 -17.71 11.13 -0.54
CA SER A 62 -17.25 11.21 -1.92
C SER A 62 -16.01 10.30 -2.09
N ALA A 63 -14.86 10.75 -1.59
CA ALA A 63 -13.57 10.10 -1.77
C ALA A 63 -12.68 10.43 -0.58
N VAL A 64 -11.54 9.72 -0.52
CA VAL A 64 -10.45 9.91 0.42
C VAL A 64 -9.14 10.15 -0.37
N LYS A 65 -7.98 10.28 0.28
CA LYS A 65 -6.63 10.53 -0.28
C LYS A 65 -5.66 9.60 0.45
N VAL A 66 -4.41 9.45 0.01
CA VAL A 66 -3.53 8.39 0.50
C VAL A 66 -2.09 8.87 0.68
N GLY A 67 -1.49 8.55 1.83
CA GLY A 67 -0.08 8.77 2.13
C GLY A 67 0.60 7.50 2.64
N PHE A 68 1.36 6.81 1.78
CA PHE A 68 2.33 5.80 2.17
C PHE A 68 3.59 6.50 2.64
N THR A 69 3.96 6.32 3.92
CA THR A 69 5.18 6.89 4.46
C THR A 69 5.95 5.83 5.24
N GLY A 70 7.27 5.88 5.14
CA GLY A 70 8.17 4.81 5.50
C GLY A 70 9.51 5.05 4.80
N VAL A 71 10.38 4.04 4.83
CA VAL A 71 11.77 4.15 4.41
C VAL A 71 11.87 4.13 2.89
N ALA A 72 12.41 5.20 2.30
CA ALA A 72 12.83 5.23 0.91
C ALA A 72 14.18 4.52 0.76
N ASP A 73 14.40 3.81 -0.34
CA ASP A 73 15.70 3.23 -0.67
C ASP A 73 16.70 4.35 -1.06
N SER A 74 17.99 4.05 -1.17
CA SER A 74 18.99 4.97 -1.73
C SER A 74 18.92 4.98 -3.26
N HIS A 75 18.88 3.79 -3.87
CA HIS A 75 19.11 3.61 -5.30
C HIS A 75 18.05 4.33 -6.13
N ASN A 76 16.78 4.19 -5.73
CA ASN A 76 15.64 4.81 -6.40
C ASN A 76 14.69 5.16 -5.26
N ALA A 77 14.82 6.36 -4.70
CA ALA A 77 14.15 6.77 -3.46
C ALA A 77 12.62 6.79 -3.53
N ASN A 78 12.01 6.49 -4.68
CA ASN A 78 10.59 6.24 -4.80
C ASN A 78 10.21 4.88 -4.21
N LEU A 79 11.14 3.93 -4.20
CA LEU A 79 10.90 2.53 -3.90
C LEU A 79 11.15 2.29 -2.42
N LEU A 80 10.38 1.37 -1.83
CA LEU A 80 10.33 1.14 -0.40
C LEU A 80 11.51 0.24 -0.01
N ALA A 81 12.37 0.68 0.92
CA ALA A 81 13.56 -0.04 1.36
C ALA A 81 13.18 -1.30 2.15
N LEU A 82 14.04 -2.32 2.14
CA LEU A 82 13.76 -3.59 2.81
C LEU A 82 14.09 -3.45 4.29
N GLU A 83 13.99 -4.56 5.05
CA GLU A 83 14.70 -4.69 6.32
C GLU A 83 16.22 -4.49 6.14
N ASN A 84 16.70 -4.51 4.88
CA ASN A 84 18.05 -4.18 4.44
C ASN A 84 19.13 -4.96 5.20
N THR A 85 18.77 -6.12 5.74
CA THR A 85 19.70 -6.93 6.52
C THR A 85 20.63 -7.66 5.55
N VAL A 86 21.62 -8.39 6.07
CA VAL A 86 22.61 -9.12 5.28
C VAL A 86 21.91 -9.98 4.22
N SER A 87 21.08 -10.92 4.67
CA SER A 87 20.27 -11.83 3.86
C SER A 87 18.96 -11.19 3.40
N ALA A 88 18.84 -9.86 3.32
CA ALA A 88 17.75 -9.25 2.55
C ALA A 88 18.07 -9.39 1.07
N ALA A 89 17.04 -9.37 0.24
CA ALA A 89 17.19 -9.09 -1.18
C ALA A 89 17.86 -7.73 -1.37
N SER A 90 19.09 -7.73 -1.87
CA SER A 90 19.75 -6.48 -2.20
C SER A 90 19.22 -6.00 -3.54
N GLY A 91 19.35 -4.71 -3.81
CA GLY A 91 18.98 -4.10 -5.08
C GLY A 91 17.51 -4.32 -5.46
N LEU A 92 16.65 -4.63 -4.48
CA LEU A 92 15.28 -5.07 -4.72
C LEU A 92 14.34 -4.37 -3.75
N GLY A 93 14.07 -3.09 -4.00
CA GLY A 93 13.03 -2.40 -3.23
C GLY A 93 11.66 -3.00 -3.56
N ILE A 94 10.76 -2.82 -2.60
CA ILE A 94 9.35 -3.17 -2.72
C ILE A 94 8.70 -2.05 -3.54
N GLN A 95 7.74 -2.41 -4.42
CA GLN A 95 7.04 -1.48 -5.29
C GLN A 95 5.54 -1.71 -5.12
N LEU A 96 4.84 -0.73 -4.51
CA LEU A 96 3.41 -0.79 -4.24
C LEU A 96 2.76 0.25 -5.12
N LEU A 97 2.13 -0.18 -6.22
CA LEU A 97 1.59 0.73 -7.22
C LEU A 97 0.11 0.93 -6.96
N ASN A 98 -0.44 2.01 -7.51
CA ASN A 98 -1.88 2.16 -7.62
C ASN A 98 -2.40 1.36 -8.81
N GLU A 99 -3.71 1.37 -9.01
CA GLU A 99 -4.45 0.66 -10.07
C GLU A 99 -4.04 1.08 -11.50
N GLN A 100 -3.18 2.07 -11.62
CA GLN A 100 -2.65 2.67 -12.85
C GLN A 100 -1.17 2.36 -13.00
N GLN A 101 -0.65 1.51 -12.11
CA GLN A 101 0.70 1.00 -12.11
C GLN A 101 1.73 2.13 -12.02
N ASN A 102 1.35 3.23 -11.36
CA ASN A 102 2.22 4.37 -11.22
C ASN A 102 3.22 4.11 -10.11
N GLN A 103 4.47 4.50 -10.33
CA GLN A 103 5.53 4.44 -9.33
C GLN A 103 5.29 5.52 -8.28
N ILE A 104 4.37 5.21 -7.36
CA ILE A 104 4.09 5.89 -6.09
C ILE A 104 5.43 6.16 -5.41
N PRO A 105 5.86 7.40 -5.21
CA PRO A 105 6.85 7.69 -4.18
C PRO A 105 6.20 7.50 -2.81
N LEU A 106 7.00 7.00 -1.87
CA LEU A 106 6.79 7.18 -0.43
C LEU A 106 6.95 8.66 -0.12
N ASN A 107 6.36 9.12 0.99
CA ASN A 107 6.62 10.43 1.57
C ASN A 107 6.38 11.56 0.53
N ALA A 108 5.26 11.48 -0.19
CA ALA A 108 4.98 12.17 -1.45
C ALA A 108 3.85 13.20 -1.34
N PRO A 109 3.75 14.18 -2.25
CA PRO A 109 2.65 15.13 -2.27
C PRO A 109 1.38 14.48 -2.81
N SER A 110 0.21 15.03 -2.45
CA SER A 110 -1.06 14.34 -2.62
C SER A 110 -1.54 14.17 -4.07
N SER A 111 -0.86 14.77 -5.06
CA SER A 111 -1.12 14.55 -6.48
C SER A 111 -0.44 13.30 -7.03
N ALA A 112 0.65 12.83 -6.40
CA ALA A 112 1.52 11.77 -6.93
C ALA A 112 0.92 10.37 -6.79
N LEU A 113 -0.30 10.31 -6.25
CA LEU A 113 -1.10 9.14 -5.97
C LEU A 113 -2.56 9.57 -6.18
N SER A 114 -3.48 8.61 -6.23
CA SER A 114 -4.87 8.89 -6.57
C SER A 114 -5.80 7.89 -5.91
N TRP A 115 -7.04 8.30 -5.69
CA TRP A 115 -8.06 7.58 -4.92
C TRP A 115 -9.38 7.58 -5.68
N THR A 116 -10.41 6.93 -5.14
CA THR A 116 -11.63 6.60 -5.87
C THR A 116 -12.87 7.11 -5.13
N THR A 117 -14.00 7.06 -5.83
CA THR A 117 -15.33 7.29 -5.29
C THR A 117 -15.65 6.11 -4.35
N LEU A 118 -15.48 6.34 -3.05
CA LEU A 118 -15.68 5.36 -2.00
C LEU A 118 -17.17 4.99 -1.96
N THR A 119 -17.48 3.76 -2.36
CA THR A 119 -18.81 3.17 -2.26
C THR A 119 -19.27 3.26 -0.80
N PRO A 120 -20.53 3.63 -0.53
CA PRO A 120 -20.98 3.84 0.83
C PRO A 120 -21.04 2.50 1.56
N GLY A 121 -20.83 2.55 2.88
CA GLY A 121 -20.99 1.48 3.85
C GLY A 121 -20.76 0.04 3.38
N LYS A 122 -19.68 -0.23 2.64
CA LYS A 122 -19.28 -1.58 2.23
C LYS A 122 -17.77 -1.75 2.39
N PRO A 123 -17.25 -2.99 2.39
CA PRO A 123 -15.82 -3.28 2.28
C PRO A 123 -15.32 -2.90 0.89
N ASN A 124 -15.01 -1.62 0.74
CA ASN A 124 -14.30 -1.09 -0.42
C ASN A 124 -12.92 -1.71 -0.45
N THR A 125 -12.44 -1.92 -1.66
CA THR A 125 -11.13 -2.40 -2.04
C THR A 125 -10.55 -1.38 -3.02
N LEU A 126 -9.25 -1.52 -3.27
CA LEU A 126 -8.46 -0.73 -4.20
C LEU A 126 -7.95 -1.73 -5.22
N ASN A 127 -7.97 -1.37 -6.49
CA ASN A 127 -7.40 -2.16 -7.59
C ASN A 127 -5.86 -2.08 -7.61
N PHE A 128 -5.22 -1.86 -6.45
CA PHE A 128 -3.79 -1.55 -6.37
C PHE A 128 -2.97 -2.84 -6.50
N TYR A 129 -1.64 -2.71 -6.57
CA TYR A 129 -0.75 -3.84 -6.80
C TYR A 129 0.46 -3.77 -5.87
N ALA A 130 0.98 -4.93 -5.42
CA ALA A 130 2.18 -5.03 -4.60
C ALA A 130 3.11 -6.06 -5.22
N ARG A 131 4.36 -5.68 -5.46
CA ARG A 131 5.41 -6.57 -5.94
C ARG A 131 6.77 -5.96 -5.57
N LEU A 132 7.85 -6.37 -6.22
CA LEU A 132 9.17 -5.74 -6.11
C LEU A 132 9.57 -5.10 -7.42
N MET A 133 10.62 -4.28 -7.36
CA MET A 133 11.24 -3.60 -8.47
C MET A 133 12.74 -3.76 -8.29
N ALA A 134 13.45 -4.13 -9.35
CA ALA A 134 14.91 -4.10 -9.35
C ALA A 134 15.40 -2.66 -9.37
N THR A 135 16.25 -2.28 -8.42
CA THR A 135 17.07 -1.08 -8.50
C THR A 135 18.46 -1.43 -9.04
N GLN A 136 18.94 -2.66 -8.83
CA GLN A 136 20.22 -3.16 -9.31
C GLN A 136 20.06 -4.61 -9.75
N VAL A 137 21.16 -5.24 -10.19
CA VAL A 137 21.16 -6.63 -10.61
C VAL A 137 22.08 -7.46 -9.71
N PRO A 138 21.95 -7.42 -8.36
CA PRO A 138 22.73 -8.27 -7.48
C PRO A 138 22.24 -9.72 -7.54
N VAL A 139 20.96 -9.90 -7.88
CA VAL A 139 20.21 -11.14 -7.96
C VAL A 139 20.51 -12.10 -6.79
N THR A 140 20.37 -11.57 -5.58
CA THR A 140 20.67 -12.23 -4.32
C THR A 140 19.37 -12.66 -3.65
N ALA A 141 19.25 -13.97 -3.44
CA ALA A 141 18.29 -14.62 -2.56
C ALA A 141 18.46 -14.16 -1.10
N GLY A 142 17.56 -14.59 -0.22
CA GLY A 142 17.38 -13.97 1.07
C GLY A 142 15.93 -14.09 1.47
N HIS A 143 15.17 -13.00 1.46
CA HIS A 143 13.72 -12.99 1.76
C HIS A 143 13.11 -11.63 1.39
N ILE A 144 11.78 -11.53 1.53
CA ILE A 144 11.02 -10.29 1.52
C ILE A 144 10.61 -10.05 2.97
N ASN A 145 11.03 -8.90 3.50
CA ASN A 145 10.60 -8.30 4.75
C ASN A 145 10.91 -6.82 4.60
N ALA A 146 9.93 -5.97 4.84
CA ALA A 146 9.93 -4.52 4.73
C ALA A 146 8.87 -3.99 5.70
N THR A 147 8.65 -2.68 5.70
CA THR A 147 7.77 -2.00 6.63
C THR A 147 7.53 -0.58 6.12
N ALA A 148 6.40 -0.01 6.54
CA ALA A 148 5.94 1.36 6.35
C ALA A 148 4.62 1.52 7.10
N THR A 149 4.01 2.70 7.00
CA THR A 149 2.69 3.01 7.51
C THR A 149 1.89 3.64 6.37
N PHE A 150 0.69 3.12 6.07
CA PHE A 150 -0.20 3.75 5.11
C PHE A 150 -1.23 4.56 5.91
N THR A 151 -1.38 5.82 5.55
CA THR A 151 -2.15 6.79 6.31
C THR A 151 -3.04 7.49 5.31
N LEU A 152 -4.36 7.28 5.36
CA LEU A 152 -5.24 7.94 4.41
C LEU A 152 -5.47 9.37 4.88
N GLU A 153 -6.03 10.19 4.00
CA GLU A 153 -6.46 11.56 4.27
C GLU A 153 -7.95 11.65 3.99
N TYR A 154 -8.75 11.58 5.05
CA TYR A 154 -10.20 11.70 4.97
C TYR A 154 -10.56 13.12 4.54
N GLN A 155 -11.01 13.25 3.28
CA GLN A 155 -11.53 14.48 2.70
C GLN A 155 -12.60 15.03 3.65
N ASP A 156 -12.36 16.23 4.16
CA ASP A 156 -12.98 16.81 5.33
C ASP A 156 -12.80 18.32 5.26
N ASN A 157 -13.87 19.07 5.52
CA ASN A 157 -13.83 20.53 5.61
C ASN A 157 -12.82 20.98 6.65
N HIS A 158 -12.75 20.31 7.80
CA HIS A 158 -11.90 20.67 8.92
C HIS A 158 -10.46 20.30 8.58
N HIS A 159 -9.66 21.25 8.08
CA HIS A 159 -8.21 21.08 7.90
C HIS A 159 -7.42 21.38 9.18
N HIS A 160 -8.05 21.94 10.21
CA HIS A 160 -7.54 21.80 11.56
C HIS A 160 -7.47 20.31 11.91
N HIS A 161 -6.88 19.93 13.06
CA HIS A 161 -6.74 18.53 13.49
C HIS A 161 -5.88 17.64 12.57
N HIS A 162 -5.10 18.20 11.65
CA HIS A 162 -4.20 17.43 10.76
C HIS A 162 -3.18 16.64 11.58
N HIS A 163 -3.16 15.31 11.45
CA HIS A 163 -2.12 14.41 11.95
C HIS A 163 -2.15 13.13 11.10
N LYS A 164 -1.13 12.25 11.19
CA LYS A 164 -1.17 10.92 10.57
C LYS A 164 -2.50 10.26 10.92
N GLN A 165 -3.15 9.56 9.99
CA GLN A 165 -4.40 8.88 10.28
C GLN A 165 -4.27 7.96 11.49
N ALA A 166 -3.52 6.85 11.34
CA ALA A 166 -3.37 5.80 12.33
C ALA A 166 -2.03 5.11 12.10
N ASP A 167 -1.69 4.09 12.89
CA ASP A 167 -0.36 3.45 12.90
C ASP A 167 -0.26 2.26 11.95
N SER A 168 -1.39 1.84 11.35
CA SER A 168 -1.63 0.76 10.39
C SER A 168 -0.37 0.38 9.59
N THR A 169 0.39 -0.53 10.18
CA THR A 169 1.75 -0.82 9.82
C THR A 169 1.77 -1.91 8.75
N ILE A 170 2.36 -1.61 7.60
CA ILE A 170 2.37 -2.48 6.43
C ILE A 170 3.44 -3.54 6.65
N THR A 171 3.17 -4.77 6.27
CA THR A 171 4.08 -5.89 6.31
C THR A 171 3.76 -6.70 5.06
N ILE A 172 4.79 -7.03 4.27
CA ILE A 172 4.66 -7.88 3.09
C ILE A 172 5.59 -9.09 3.29
N ARG A 173 5.08 -10.31 3.10
CA ARG A 173 5.86 -11.55 3.26
C ARG A 173 6.33 -12.03 1.90
N GLY A 174 7.40 -12.80 1.82
CA GLY A 174 7.74 -13.57 0.62
C GLY A 174 9.19 -14.03 0.60
N TYR A 175 9.61 -14.69 -0.48
CA TYR A 175 10.99 -15.15 -0.68
C TYR A 175 11.50 -14.89 -2.09
N VAL A 176 12.82 -14.66 -2.23
CA VAL A 176 13.52 -14.52 -3.51
C VAL A 176 14.25 -15.82 -3.83
N ARG A 177 13.91 -16.49 -4.95
CA ARG A 177 14.53 -17.78 -5.28
C ARG A 177 15.90 -17.53 -5.89
N ASP A 178 16.96 -18.17 -5.46
CA ASP A 178 18.29 -17.95 -6.05
C ASP A 178 18.42 -18.42 -7.50
N ASN A 179 17.53 -19.29 -8.00
CA ASN A 179 17.50 -19.65 -9.42
C ASN A 179 16.05 -19.79 -9.87
N MET A 1 -33.17 7.69 -2.57
CA MET A 1 -33.55 7.87 -1.16
C MET A 1 -32.31 8.28 -0.36
N ALA A 2 -32.49 8.95 0.78
CA ALA A 2 -31.41 9.26 1.71
C ALA A 2 -31.89 8.91 3.12
N ASP A 3 -30.96 8.43 3.96
CA ASP A 3 -31.16 8.07 5.37
C ASP A 3 -29.79 7.94 6.07
N SER A 4 -28.68 8.34 5.43
CA SER A 4 -27.29 7.94 5.70
C SER A 4 -27.02 6.48 5.39
N THR A 5 -27.95 5.64 5.77
CA THR A 5 -27.86 4.22 5.67
C THR A 5 -27.74 3.81 4.21
N ILE A 6 -26.98 2.75 3.99
CA ILE A 6 -26.93 1.98 2.76
C ILE A 6 -26.65 0.57 3.24
N THR A 7 -25.44 0.30 3.75
CA THR A 7 -25.21 -0.93 4.48
C THR A 7 -25.76 -0.79 5.90
N ILE A 8 -25.37 0.25 6.65
CA ILE A 8 -25.51 0.23 8.11
C ILE A 8 -25.96 1.59 8.63
N ARG A 9 -26.75 1.59 9.72
CA ARG A 9 -27.34 2.79 10.29
C ARG A 9 -26.29 3.74 10.86
N GLY A 10 -25.50 3.31 11.86
CA GLY A 10 -24.57 4.22 12.52
C GLY A 10 -23.68 3.54 13.52
N TYR A 11 -22.78 2.69 13.03
CA TYR A 11 -21.70 2.02 13.76
C TYR A 11 -20.86 3.01 14.58
N VAL A 12 -20.07 3.83 13.89
CA VAL A 12 -19.33 4.98 14.42
C VAL A 12 -20.06 6.17 13.82
N ARG A 13 -19.77 6.51 12.56
CA ARG A 13 -20.35 7.64 11.88
C ARG A 13 -20.26 7.40 10.38
N ASP A 14 -20.71 8.39 9.63
CA ASP A 14 -20.84 8.38 8.19
C ASP A 14 -20.02 9.51 7.55
N ASN A 15 -18.94 9.93 8.21
CA ASN A 15 -18.12 11.08 7.81
C ASN A 15 -16.65 10.75 7.58
N GLY A 16 -16.24 9.52 7.89
CA GLY A 16 -14.92 8.98 7.61
C GLY A 16 -15.06 7.51 7.22
N CYS A 17 -13.99 6.94 6.67
CA CYS A 17 -14.00 5.57 6.16
C CYS A 17 -12.81 4.81 6.69
N SER A 18 -12.98 4.35 7.91
CA SER A 18 -12.01 3.58 8.66
C SER A 18 -11.59 2.35 7.87
N VAL A 19 -10.28 2.13 7.77
CA VAL A 19 -9.74 0.86 7.34
C VAL A 19 -10.26 -0.21 8.29
N ALA A 20 -10.78 -1.30 7.72
CA ALA A 20 -11.26 -2.43 8.51
C ALA A 20 -10.10 -3.03 9.29
N ALA A 21 -10.44 -3.70 10.38
CA ALA A 21 -9.49 -4.46 11.19
C ALA A 21 -8.72 -5.47 10.36
N GLU A 22 -9.36 -5.96 9.30
CA GLU A 22 -8.83 -6.92 8.33
C GLU A 22 -7.64 -6.40 7.54
N SER A 23 -7.51 -5.08 7.48
CA SER A 23 -6.76 -4.37 6.46
C SER A 23 -5.83 -3.31 7.07
N THR A 24 -5.74 -3.20 8.39
CA THR A 24 -4.60 -2.67 9.11
C THR A 24 -3.88 -3.93 9.63
N ASN A 25 -2.59 -3.84 9.97
CA ASN A 25 -1.83 -4.89 10.69
C ASN A 25 -1.77 -6.24 9.97
N PHE A 26 -2.18 -6.28 8.69
CA PHE A 26 -2.38 -7.50 7.92
C PHE A 26 -1.02 -8.00 7.41
N THR A 27 -0.97 -9.04 6.58
CA THR A 27 0.30 -9.52 5.99
C THR A 27 0.09 -9.81 4.50
N VAL A 28 1.19 -9.81 3.74
CA VAL A 28 1.21 -10.09 2.31
C VAL A 28 2.16 -11.26 2.08
N ASP A 29 1.66 -12.30 1.42
CA ASP A 29 2.44 -13.36 0.79
C ASP A 29 2.94 -12.84 -0.55
N LEU A 30 4.25 -12.87 -0.79
CA LEU A 30 4.85 -12.82 -2.12
C LEU A 30 5.54 -14.16 -2.37
N MET A 31 4.79 -15.09 -2.97
CA MET A 31 5.04 -16.53 -3.17
C MET A 31 6.53 -16.85 -3.11
N GLU A 32 7.26 -16.60 -4.20
CA GLU A 32 8.66 -16.22 -4.12
C GLU A 32 8.93 -15.17 -5.21
N ASN A 33 10.13 -14.60 -5.23
CA ASN A 33 10.57 -13.58 -6.17
C ASN A 33 11.98 -13.91 -6.65
N ALA A 34 12.13 -14.79 -7.65
CA ALA A 34 13.38 -15.29 -8.18
C ALA A 34 14.41 -14.18 -8.42
N ALA A 35 15.69 -14.45 -8.16
CA ALA A 35 16.78 -13.52 -8.43
C ALA A 35 16.93 -13.32 -9.94
N LYS A 36 17.02 -14.38 -10.74
CA LYS A 36 17.71 -14.21 -12.03
C LYS A 36 16.88 -13.46 -13.07
N GLN A 37 15.60 -13.22 -12.78
CA GLN A 37 14.74 -12.34 -13.56
C GLN A 37 15.09 -10.85 -13.38
N PHE A 38 15.93 -10.46 -12.40
CA PHE A 38 16.21 -9.08 -12.04
C PHE A 38 17.60 -8.64 -12.54
N ASN A 39 17.79 -8.64 -13.86
CA ASN A 39 19.05 -8.26 -14.50
C ASN A 39 19.05 -6.79 -14.95
N ASN A 40 18.26 -5.95 -14.30
CA ASN A 40 17.86 -4.60 -14.71
C ASN A 40 16.87 -4.04 -13.73
N ILE A 41 16.74 -2.72 -13.73
CA ILE A 41 15.86 -1.97 -12.84
C ILE A 41 14.41 -2.21 -13.26
N GLY A 42 14.11 -2.13 -14.55
CA GLY A 42 12.78 -2.35 -15.09
C GLY A 42 12.31 -3.81 -15.02
N ALA A 43 12.98 -4.66 -14.24
CA ALA A 43 12.64 -6.06 -14.02
C ALA A 43 11.49 -6.15 -13.04
N THR A 44 10.30 -5.79 -13.50
CA THR A 44 9.10 -5.80 -12.68
C THR A 44 8.63 -7.26 -12.62
N THR A 45 8.40 -7.77 -11.40
CA THR A 45 7.82 -9.09 -11.18
C THR A 45 6.33 -9.11 -11.55
N PRO A 46 5.72 -10.30 -11.67
CA PRO A 46 4.27 -10.44 -11.88
C PRO A 46 3.55 -9.84 -10.67
N VAL A 47 3.07 -8.60 -10.75
CA VAL A 47 2.49 -7.93 -9.59
C VAL A 47 1.25 -8.70 -9.10
N VAL A 48 1.04 -8.78 -7.79
CA VAL A 48 -0.01 -9.64 -7.20
C VAL A 48 -1.20 -8.76 -6.79
N PRO A 49 -2.45 -9.29 -6.82
CA PRO A 49 -3.64 -8.54 -6.45
C PRO A 49 -3.64 -8.23 -4.96
N PHE A 50 -3.86 -6.97 -4.59
CA PHE A 50 -3.91 -6.52 -3.20
C PHE A 50 -4.96 -5.40 -3.09
N ARG A 51 -5.63 -5.25 -1.94
CA ARG A 51 -6.54 -4.13 -1.70
C ARG A 51 -6.57 -3.75 -0.24
N ILE A 52 -7.02 -2.53 0.01
CA ILE A 52 -7.37 -2.03 1.31
C ILE A 52 -8.90 -2.11 1.40
N LEU A 53 -9.42 -2.57 2.53
CA LEU A 53 -10.84 -2.73 2.84
C LEU A 53 -11.18 -1.58 3.78
N LEU A 54 -12.10 -0.70 3.40
CA LEU A 54 -12.50 0.44 4.21
C LEU A 54 -13.91 0.15 4.69
N SER A 55 -14.04 -0.44 5.86
CA SER A 55 -15.30 -0.42 6.58
C SER A 55 -14.99 -0.19 8.05
N PRO A 56 -15.83 0.55 8.79
CA PRO A 56 -17.00 1.31 8.35
C PRO A 56 -16.64 2.44 7.38
N CYS A 57 -17.63 2.91 6.62
CA CYS A 57 -17.52 4.08 5.74
C CYS A 57 -18.76 4.93 5.95
N GLY A 58 -18.89 6.02 5.20
CA GLY A 58 -19.93 6.99 5.38
C GLY A 58 -20.53 7.39 4.06
N ASN A 59 -21.46 8.35 4.10
CA ASN A 59 -22.04 8.96 2.91
C ASN A 59 -21.69 10.44 2.81
N ALA A 60 -21.22 11.06 3.89
CA ALA A 60 -20.70 12.41 3.91
C ALA A 60 -19.25 12.40 3.39
N VAL A 61 -18.98 11.70 2.28
CA VAL A 61 -17.62 11.46 1.80
C VAL A 61 -17.68 11.43 0.25
N SER A 62 -16.73 12.10 -0.41
CA SER A 62 -16.61 12.09 -1.86
C SER A 62 -15.58 11.05 -2.28
N ALA A 63 -14.36 11.25 -1.80
CA ALA A 63 -13.19 10.40 -1.88
C ALA A 63 -12.27 10.86 -0.75
N VAL A 64 -11.45 9.94 -0.30
CA VAL A 64 -10.42 10.14 0.73
C VAL A 64 -9.09 10.49 0.04
N LYS A 65 -8.00 10.61 0.81
CA LYS A 65 -6.65 10.94 0.35
C LYS A 65 -5.71 9.96 1.05
N VAL A 66 -4.60 9.59 0.41
CA VAL A 66 -3.81 8.43 0.82
C VAL A 66 -2.35 8.85 1.04
N GLY A 67 -1.72 8.27 2.06
CA GLY A 67 -0.30 8.40 2.33
C GLY A 67 0.39 7.05 2.50
N PHE A 68 1.01 6.55 1.43
CA PHE A 68 1.96 5.45 1.51
C PHE A 68 3.29 6.02 1.98
N THR A 69 3.74 5.66 3.17
CA THR A 69 4.87 6.29 3.85
C THR A 69 5.75 5.23 4.51
N GLY A 70 7.06 5.46 4.57
CA GLY A 70 8.05 4.46 5.00
C GLY A 70 9.46 4.89 4.61
N VAL A 71 10.41 3.97 4.78
CA VAL A 71 11.81 4.13 4.41
C VAL A 71 11.97 4.10 2.87
N ALA A 72 12.40 5.20 2.26
CA ALA A 72 12.64 5.27 0.82
C ALA A 72 13.98 4.61 0.47
N ASP A 73 14.10 3.97 -0.70
CA ASP A 73 15.32 3.32 -1.18
C ASP A 73 16.34 4.33 -1.74
N SER A 74 17.63 4.13 -1.49
CA SER A 74 18.70 5.07 -1.85
C SER A 74 18.89 5.27 -3.36
N HIS A 75 18.53 4.29 -4.20
CA HIS A 75 18.66 4.37 -5.67
C HIS A 75 17.36 4.91 -6.23
N ASN A 76 16.24 4.40 -5.74
CA ASN A 76 14.92 4.62 -6.30
C ASN A 76 13.98 4.99 -5.16
N ALA A 77 14.17 6.21 -4.63
CA ALA A 77 13.55 6.72 -3.41
C ALA A 77 12.01 6.78 -3.48
N ASN A 78 11.42 6.62 -4.66
CA ASN A 78 9.98 6.49 -4.81
C ASN A 78 9.51 5.17 -4.19
N LEU A 79 10.32 4.11 -4.29
CA LEU A 79 9.99 2.77 -3.86
C LEU A 79 10.27 2.66 -2.36
N LEU A 80 9.53 1.76 -1.71
CA LEU A 80 9.78 1.38 -0.34
C LEU A 80 11.05 0.52 -0.36
N ALA A 81 11.99 0.81 0.54
CA ALA A 81 13.10 -0.06 0.85
C ALA A 81 12.62 -1.23 1.69
N LEU A 82 13.59 -1.97 2.18
CA LEU A 82 13.44 -3.18 2.96
C LEU A 82 14.26 -3.03 4.23
N GLU A 83 14.31 -4.08 5.03
CA GLU A 83 15.12 -4.06 6.23
C GLU A 83 16.62 -3.88 5.90
N ASN A 84 16.96 -3.93 4.60
CA ASN A 84 18.22 -3.54 4.00
C ASN A 84 19.38 -4.34 4.56
N THR A 85 19.10 -5.62 4.86
CA THR A 85 20.08 -6.49 5.48
C THR A 85 20.75 -7.38 4.42
N VAL A 86 21.83 -8.07 4.80
CA VAL A 86 22.58 -8.99 3.94
C VAL A 86 21.74 -10.20 3.51
N SER A 87 20.95 -10.76 4.43
CA SER A 87 20.02 -11.83 4.13
C SER A 87 18.79 -11.31 3.40
N ALA A 88 18.67 -10.01 3.13
CA ALA A 88 17.73 -9.44 2.18
C ALA A 88 18.51 -9.05 0.92
N ALA A 89 17.81 -8.75 -0.17
CA ALA A 89 18.41 -8.49 -1.46
C ALA A 89 19.33 -7.26 -1.49
N SER A 90 20.31 -7.26 -2.40
CA SER A 90 21.31 -6.20 -2.51
C SER A 90 20.84 -4.95 -3.27
N GLY A 91 19.81 -5.11 -4.11
CA GLY A 91 19.32 -4.11 -5.05
C GLY A 91 17.98 -4.56 -5.59
N LEU A 92 17.22 -5.21 -4.73
CA LEU A 92 15.79 -5.34 -4.85
C LEU A 92 15.25 -4.60 -3.64
N GLY A 93 14.43 -3.58 -3.87
CA GLY A 93 13.76 -2.84 -2.81
C GLY A 93 12.47 -3.59 -2.47
N ILE A 94 11.34 -2.94 -2.69
CA ILE A 94 9.99 -3.49 -2.62
C ILE A 94 9.22 -2.82 -3.77
N GLN A 95 8.09 -3.40 -4.19
CA GLN A 95 7.17 -2.80 -5.14
C GLN A 95 5.81 -2.68 -4.46
N LEU A 96 5.34 -1.45 -4.30
CA LEU A 96 4.07 -1.06 -3.72
C LEU A 96 3.46 -0.03 -4.69
N LEU A 97 2.38 -0.38 -5.41
CA LEU A 97 1.72 0.56 -6.33
C LEU A 97 0.21 0.37 -6.34
N ASN A 98 -0.49 1.36 -6.89
CA ASN A 98 -1.93 1.42 -7.17
C ASN A 98 -2.29 0.66 -8.45
N GLU A 99 -3.60 0.57 -8.73
CA GLU A 99 -4.31 0.10 -9.93
C GLU A 99 -3.60 0.43 -11.24
N GLN A 100 -2.97 1.60 -11.29
CA GLN A 100 -2.42 2.16 -12.51
C GLN A 100 -1.01 1.63 -12.76
N GLN A 101 -0.49 0.86 -11.80
CA GLN A 101 0.89 0.37 -11.72
C GLN A 101 1.89 1.52 -11.87
N ASN A 102 1.40 2.72 -11.54
CA ASN A 102 2.14 3.95 -11.55
C ASN A 102 2.93 3.96 -10.27
N GLN A 103 4.22 4.27 -10.39
CA GLN A 103 5.18 4.16 -9.32
C GLN A 103 4.85 5.17 -8.22
N ILE A 104 4.01 4.75 -7.28
CA ILE A 104 3.46 5.57 -6.22
C ILE A 104 4.64 6.05 -5.37
N PRO A 105 4.91 7.36 -5.30
CA PRO A 105 6.04 7.89 -4.57
C PRO A 105 5.75 7.88 -3.07
N LEU A 106 6.60 7.21 -2.28
CA LEU A 106 6.59 7.27 -0.82
C LEU A 106 6.76 8.71 -0.35
N ASN A 107 6.07 9.07 0.74
CA ASN A 107 6.28 10.30 1.50
C ASN A 107 6.09 11.59 0.67
N ALA A 108 5.36 11.53 -0.44
CA ALA A 108 5.26 12.58 -1.45
C ALA A 108 3.91 13.31 -1.38
N PRO A 109 3.49 14.15 -2.34
CA PRO A 109 2.33 15.02 -2.17
C PRO A 109 1.02 14.27 -2.43
N SER A 110 -0.09 14.84 -1.94
CA SER A 110 -1.42 14.39 -2.34
C SER A 110 -1.65 14.52 -3.86
N SER A 111 -0.80 15.25 -4.58
CA SER A 111 -0.97 15.51 -5.99
C SER A 111 -0.43 14.39 -6.89
N ALA A 112 0.28 13.40 -6.34
CA ALA A 112 0.93 12.32 -7.07
C ALA A 112 0.16 10.99 -7.04
N LEU A 113 -0.91 10.93 -6.24
CA LEU A 113 -1.74 9.76 -6.00
C LEU A 113 -3.19 10.21 -5.94
N SER A 114 -4.11 9.27 -6.03
CA SER A 114 -5.54 9.45 -5.91
C SER A 114 -6.08 8.47 -4.87
N TRP A 115 -7.34 8.63 -4.54
CA TRP A 115 -8.20 7.58 -4.02
C TRP A 115 -9.41 7.56 -4.96
N THR A 116 -10.38 6.69 -4.70
CA THR A 116 -11.52 6.51 -5.59
C THR A 116 -12.76 7.13 -4.95
N THR A 117 -13.85 7.24 -5.71
CA THR A 117 -15.15 7.67 -5.20
C THR A 117 -15.62 6.65 -4.18
N LEU A 118 -15.47 7.01 -2.89
CA LEU A 118 -15.99 6.23 -1.79
C LEU A 118 -17.51 6.28 -1.88
N THR A 119 -18.07 5.33 -2.64
CA THR A 119 -19.48 4.96 -2.66
C THR A 119 -19.98 4.89 -1.23
N PRO A 120 -21.18 5.44 -0.94
CA PRO A 120 -21.58 5.65 0.41
C PRO A 120 -21.70 4.31 1.14
N GLY A 121 -21.17 4.31 2.36
CA GLY A 121 -21.22 3.24 3.35
C GLY A 121 -21.17 1.83 2.76
N LYS A 122 -20.12 1.48 2.00
CA LYS A 122 -19.90 0.14 1.45
C LYS A 122 -18.53 -0.38 1.96
N PRO A 123 -17.97 -1.54 1.55
CA PRO A 123 -16.62 -1.97 1.98
C PRO A 123 -15.49 -1.26 1.21
N ASN A 124 -15.84 -0.60 0.10
CA ASN A 124 -15.05 0.40 -0.62
C ASN A 124 -13.67 -0.08 -1.09
N THR A 125 -13.52 -1.39 -1.29
CA THR A 125 -12.38 -2.06 -1.90
C THR A 125 -11.82 -1.24 -3.07
N LEU A 126 -10.53 -0.94 -3.01
CA LEU A 126 -9.80 -0.30 -4.11
C LEU A 126 -8.92 -1.35 -4.79
N ASN A 127 -8.10 -0.92 -5.74
CA ASN A 127 -7.31 -1.76 -6.62
C ASN A 127 -5.87 -1.32 -6.45
N PHE A 128 -5.03 -2.15 -5.84
CA PHE A 128 -3.60 -1.92 -5.64
C PHE A 128 -2.86 -3.22 -5.92
N TYR A 129 -1.54 -3.17 -5.96
CA TYR A 129 -0.68 -4.32 -6.18
C TYR A 129 0.55 -4.21 -5.28
N ALA A 130 1.21 -5.34 -5.03
CA ALA A 130 2.53 -5.38 -4.41
C ALA A 130 3.34 -6.53 -5.00
N ARG A 131 4.67 -6.40 -5.03
CA ARG A 131 5.62 -7.41 -5.52
C ARG A 131 7.05 -6.95 -5.16
N LEU A 132 8.09 -7.42 -5.86
CA LEU A 132 9.46 -6.95 -5.67
C LEU A 132 9.82 -5.99 -6.80
N MET A 133 10.65 -4.99 -6.51
CA MET A 133 11.16 -4.06 -7.52
C MET A 133 12.68 -4.15 -7.50
N ALA A 134 13.30 -4.22 -8.68
CA ALA A 134 14.74 -4.04 -8.78
C ALA A 134 15.09 -2.57 -8.72
N THR A 135 16.30 -2.31 -8.25
CA THR A 135 16.94 -1.02 -8.20
C THR A 135 18.36 -1.13 -8.81
N GLN A 136 18.88 -2.35 -8.99
CA GLN A 136 20.19 -2.70 -9.52
C GLN A 136 20.13 -4.09 -10.17
N VAL A 137 21.29 -4.67 -10.51
CA VAL A 137 21.48 -6.02 -11.04
C VAL A 137 22.43 -6.81 -10.11
N PRO A 138 22.12 -7.00 -8.81
CA PRO A 138 23.00 -7.78 -7.95
C PRO A 138 22.70 -9.28 -8.02
N VAL A 139 21.45 -9.63 -8.32
CA VAL A 139 20.88 -10.98 -8.41
C VAL A 139 21.39 -11.88 -7.28
N THR A 140 21.02 -11.52 -6.06
CA THR A 140 21.46 -12.10 -4.82
C THR A 140 20.22 -12.61 -4.10
N ALA A 141 20.15 -13.92 -3.82
CA ALA A 141 19.12 -14.54 -3.00
C ALA A 141 19.06 -13.95 -1.58
N GLY A 142 17.95 -14.17 -0.88
CA GLY A 142 17.63 -13.56 0.40
C GLY A 142 16.15 -13.71 0.69
N HIS A 143 15.68 -13.12 1.79
CA HIS A 143 14.28 -13.06 2.21
C HIS A 143 13.80 -11.62 2.12
N ILE A 144 12.54 -11.41 1.78
CA ILE A 144 11.93 -10.08 1.78
C ILE A 144 11.47 -9.84 3.21
N ASN A 145 11.82 -8.67 3.74
CA ASN A 145 11.37 -8.17 5.04
C ASN A 145 11.42 -6.68 4.89
N ALA A 146 10.29 -6.02 5.06
CA ALA A 146 10.18 -4.58 5.05
C ALA A 146 9.01 -4.23 5.96
N THR A 147 8.76 -2.94 6.12
CA THR A 147 7.73 -2.34 6.93
C THR A 147 7.42 -0.95 6.34
N ALA A 148 6.16 -0.51 6.45
CA ALA A 148 5.67 0.79 6.01
C ALA A 148 4.29 1.02 6.61
N THR A 149 3.69 2.17 6.32
CA THR A 149 2.35 2.57 6.75
C THR A 149 1.58 3.17 5.58
N PHE A 150 0.36 2.67 5.32
CA PHE A 150 -0.54 3.16 4.28
C PHE A 150 -1.73 3.83 4.94
N THR A 151 -1.53 5.08 5.35
CA THR A 151 -2.42 5.80 6.24
C THR A 151 -3.22 6.78 5.39
N LEU A 152 -4.54 6.58 5.37
CA LEU A 152 -5.47 7.47 4.72
C LEU A 152 -5.72 8.69 5.62
N GLU A 153 -6.13 9.78 5.01
CA GLU A 153 -6.59 11.02 5.63
C GLU A 153 -7.91 11.39 4.97
N TYR A 154 -9.04 11.21 5.66
CA TYR A 154 -10.38 11.53 5.15
C TYR A 154 -10.53 13.04 5.02
N GLN A 155 -11.33 13.50 4.05
CA GLN A 155 -11.47 14.92 3.74
C GLN A 155 -12.46 15.56 4.70
N ASP A 156 -12.15 16.75 5.23
CA ASP A 156 -12.69 17.30 6.50
C ASP A 156 -12.83 18.82 6.38
N ASN A 157 -13.89 19.42 6.96
CA ASN A 157 -14.14 20.86 6.98
C ASN A 157 -13.38 21.60 8.06
N HIS A 158 -13.01 20.94 9.16
CA HIS A 158 -12.35 21.58 10.29
C HIS A 158 -10.87 21.71 9.93
N HIS A 159 -10.22 22.82 10.32
CA HIS A 159 -8.80 23.03 10.06
C HIS A 159 -8.01 21.84 10.62
N HIS A 160 -7.18 21.25 9.76
CA HIS A 160 -6.60 19.93 9.97
C HIS A 160 -5.67 19.90 11.19
N HIS A 161 -5.25 18.68 11.59
CA HIS A 161 -4.18 18.48 12.57
C HIS A 161 -3.02 17.66 12.02
N HIS A 162 -3.04 17.26 10.73
CA HIS A 162 -2.19 16.18 10.20
C HIS A 162 -2.38 14.91 11.05
N HIS A 163 -3.58 14.64 11.56
CA HIS A 163 -3.85 13.34 12.15
C HIS A 163 -3.98 12.37 10.99
N LYS A 164 -3.07 11.41 10.89
CA LYS A 164 -3.30 10.25 10.03
C LYS A 164 -4.36 9.36 10.71
N GLN A 165 -4.80 8.33 10.00
CA GLN A 165 -5.58 7.22 10.56
C GLN A 165 -4.78 6.42 11.61
N ALA A 166 -5.31 5.26 11.99
CA ALA A 166 -4.59 4.17 12.63
C ALA A 166 -3.31 3.84 11.88
N ASP A 167 -2.25 3.49 12.60
CA ASP A 167 -1.01 2.98 12.03
C ASP A 167 -1.28 1.62 11.37
N SER A 168 -1.54 1.63 10.08
CA SER A 168 -1.73 0.48 9.21
C SER A 168 -0.36 -0.05 8.81
N THR A 169 0.29 -0.74 9.74
CA THR A 169 1.54 -1.43 9.52
C THR A 169 1.38 -2.42 8.35
N ILE A 170 2.32 -2.41 7.39
CA ILE A 170 2.38 -3.35 6.26
C ILE A 170 3.60 -4.26 6.48
N THR A 171 3.48 -5.55 6.23
CA THR A 171 4.54 -6.55 6.39
C THR A 171 4.44 -7.53 5.22
N ILE A 172 5.17 -7.26 4.16
CA ILE A 172 5.29 -8.19 3.05
C ILE A 172 6.32 -9.26 3.41
N ARG A 173 5.98 -10.53 3.18
CA ARG A 173 6.85 -11.69 3.32
C ARG A 173 7.13 -12.20 1.91
N GLY A 174 8.23 -12.91 1.70
CA GLY A 174 8.57 -13.51 0.41
C GLY A 174 10.05 -13.89 0.42
N TYR A 175 10.55 -14.51 -0.65
CA TYR A 175 11.94 -14.99 -0.68
C TYR A 175 12.47 -14.94 -2.11
N VAL A 176 13.74 -14.59 -2.25
CA VAL A 176 14.48 -14.54 -3.50
C VAL A 176 15.23 -15.84 -3.63
N ARG A 177 14.80 -16.63 -4.62
CA ARG A 177 15.51 -17.82 -5.05
C ARG A 177 16.67 -17.32 -5.91
N ASP A 178 17.54 -18.22 -6.34
CA ASP A 178 18.66 -17.97 -7.27
C ASP A 178 18.56 -18.82 -8.54
N ASN A 179 17.36 -19.34 -8.78
CA ASN A 179 16.90 -19.89 -10.04
C ASN A 179 16.93 -18.84 -11.15
N MET A 1 -34.39 -8.87 -2.34
CA MET A 1 -33.76 -9.69 -1.29
C MET A 1 -32.31 -9.22 -1.12
N ALA A 2 -31.64 -9.63 -0.03
CA ALA A 2 -30.27 -9.22 0.32
C ALA A 2 -30.09 -7.71 0.21
N ASP A 3 -31.07 -6.92 0.63
CA ASP A 3 -30.95 -5.46 0.69
C ASP A 3 -29.83 -5.09 1.68
N SER A 4 -29.11 -4.00 1.39
CA SER A 4 -27.85 -3.63 2.04
C SER A 4 -28.05 -3.11 3.48
N THR A 5 -26.98 -2.54 4.05
CA THR A 5 -26.97 -1.87 5.33
C THR A 5 -26.44 -0.45 5.06
N ILE A 6 -27.35 0.49 4.81
CA ILE A 6 -27.09 1.92 4.67
C ILE A 6 -28.09 2.61 5.60
N THR A 7 -27.72 3.72 6.24
CA THR A 7 -28.60 4.49 7.13
C THR A 7 -29.06 3.75 8.41
N ILE A 8 -28.64 2.52 8.61
CA ILE A 8 -28.93 1.75 9.79
C ILE A 8 -27.99 2.23 10.90
N ARG A 9 -28.47 2.15 12.14
CA ARG A 9 -27.87 2.73 13.34
C ARG A 9 -26.43 2.31 13.59
N GLY A 10 -25.97 1.20 13.01
CA GLY A 10 -24.60 0.72 13.12
C GLY A 10 -23.65 1.54 12.26
N TYR A 11 -23.81 2.86 12.17
CA TYR A 11 -23.08 3.73 11.26
C TYR A 11 -21.70 4.09 11.74
N VAL A 12 -21.26 3.50 12.85
CA VAL A 12 -20.12 3.85 13.67
C VAL A 12 -19.03 4.59 12.87
N ARG A 13 -19.06 5.92 13.08
CA ARG A 13 -18.34 6.97 12.40
C ARG A 13 -18.96 7.29 11.03
N ASP A 14 -19.80 8.33 10.98
CA ASP A 14 -20.56 8.69 9.79
C ASP A 14 -19.68 9.05 8.60
N ASN A 15 -18.71 9.93 8.83
CA ASN A 15 -17.88 10.60 7.83
C ASN A 15 -16.42 10.25 8.11
N GLY A 16 -16.00 9.03 7.77
CA GLY A 16 -14.62 8.61 7.88
C GLY A 16 -14.57 7.16 8.34
N CYS A 17 -14.69 6.23 7.39
CA CYS A 17 -14.61 4.78 7.61
C CYS A 17 -13.35 4.43 8.38
N SER A 18 -13.41 3.39 9.19
CA SER A 18 -12.18 2.81 9.71
C SER A 18 -11.43 2.14 8.55
N VAL A 19 -10.13 1.91 8.72
CA VAL A 19 -9.43 0.90 7.96
C VAL A 19 -9.89 -0.43 8.55
N ALA A 20 -10.13 -1.42 7.69
CA ALA A 20 -10.56 -2.73 8.13
C ALA A 20 -9.39 -3.51 8.71
N ALA A 21 -9.70 -4.55 9.50
CA ALA A 21 -8.70 -5.48 10.03
C ALA A 21 -7.96 -6.20 8.89
N GLU A 22 -8.65 -6.48 7.80
CA GLU A 22 -8.09 -7.06 6.58
C GLU A 22 -7.25 -6.04 5.77
N SER A 23 -6.86 -4.92 6.38
CA SER A 23 -5.99 -3.89 5.83
C SER A 23 -4.99 -3.38 6.87
N THR A 24 -5.43 -3.06 8.10
CA THR A 24 -4.53 -2.56 9.14
C THR A 24 -3.87 -3.76 9.81
N ASN A 25 -2.53 -3.76 9.83
CA ASN A 25 -1.72 -4.71 10.61
C ASN A 25 -1.81 -6.14 10.05
N PHE A 26 -2.20 -6.28 8.78
CA PHE A 26 -2.22 -7.52 8.03
C PHE A 26 -0.84 -7.84 7.46
N THR A 27 -0.71 -8.97 6.77
CA THR A 27 0.50 -9.36 6.06
C THR A 27 0.12 -9.74 4.61
N VAL A 28 1.05 -9.57 3.67
CA VAL A 28 0.84 -9.77 2.24
C VAL A 28 1.98 -10.58 1.69
N ASP A 29 1.65 -11.83 1.51
CA ASP A 29 2.54 -12.90 1.15
C ASP A 29 2.34 -13.09 -0.34
N LEU A 30 3.41 -12.91 -1.14
CA LEU A 30 3.25 -12.80 -2.59
C LEU A 30 3.61 -14.08 -3.32
N MET A 31 4.71 -14.72 -2.95
CA MET A 31 5.38 -15.82 -3.64
C MET A 31 6.83 -15.89 -3.18
N GLU A 32 7.55 -16.87 -3.73
CA GLU A 32 8.99 -16.83 -3.84
C GLU A 32 9.35 -16.04 -5.09
N ASN A 33 10.56 -15.51 -5.17
CA ASN A 33 11.16 -15.02 -6.41
C ASN A 33 12.43 -15.83 -6.60
N ALA A 34 12.99 -15.86 -7.81
CA ALA A 34 14.37 -16.32 -7.98
C ALA A 34 15.27 -15.08 -8.07
N ALA A 35 16.50 -15.19 -7.57
CA ALA A 35 17.52 -14.17 -7.73
C ALA A 35 17.81 -13.92 -9.21
N LYS A 36 17.79 -14.97 -10.03
CA LYS A 36 18.42 -14.93 -11.34
C LYS A 36 17.54 -14.33 -12.43
N GLN A 37 16.40 -13.74 -12.10
CA GLN A 37 15.65 -12.89 -13.03
C GLN A 37 15.99 -11.40 -12.86
N PHE A 38 16.75 -11.05 -11.82
CA PHE A 38 16.99 -9.66 -11.44
C PHE A 38 18.36 -9.20 -11.93
N ASN A 39 18.57 -9.37 -13.22
CA ASN A 39 19.84 -9.19 -13.90
C ASN A 39 19.92 -7.87 -14.66
N ASN A 40 19.02 -6.94 -14.38
CA ASN A 40 18.90 -5.58 -14.90
C ASN A 40 17.71 -4.92 -14.21
N ILE A 41 17.58 -3.62 -14.46
CA ILE A 41 16.74 -2.71 -13.70
C ILE A 41 15.30 -2.68 -14.24
N GLY A 42 15.07 -3.25 -15.42
CA GLY A 42 13.75 -3.43 -16.00
C GLY A 42 13.11 -4.75 -15.57
N ALA A 43 13.80 -5.57 -14.76
CA ALA A 43 13.24 -6.79 -14.24
C ALA A 43 12.13 -6.45 -13.24
N THR A 44 10.88 -6.52 -13.72
CA THR A 44 9.68 -6.07 -13.04
C THR A 44 8.75 -7.28 -12.98
N THR A 45 8.58 -7.85 -11.78
CA THR A 45 7.82 -9.08 -11.57
C THR A 45 6.34 -8.90 -11.89
N PRO A 46 5.61 -10.02 -12.13
CA PRO A 46 4.17 -10.00 -12.35
C PRO A 46 3.43 -9.40 -11.13
N VAL A 47 3.06 -8.13 -11.16
CA VAL A 47 2.44 -7.43 -10.03
C VAL A 47 1.22 -8.15 -9.45
N VAL A 48 1.04 -8.12 -8.13
CA VAL A 48 -0.12 -8.73 -7.48
C VAL A 48 -1.28 -7.74 -7.59
N PRO A 49 -2.51 -8.18 -7.90
CA PRO A 49 -3.66 -7.34 -7.71
C PRO A 49 -3.88 -7.16 -6.20
N PHE A 50 -3.88 -5.92 -5.73
CA PHE A 50 -4.00 -5.58 -4.31
C PHE A 50 -5.12 -4.55 -4.12
N ARG A 51 -5.64 -4.38 -2.90
CA ARG A 51 -6.59 -3.34 -2.55
C ARG A 51 -6.45 -3.04 -1.07
N ILE A 52 -6.39 -1.78 -0.67
CA ILE A 52 -6.79 -1.42 0.67
C ILE A 52 -8.33 -1.58 0.72
N LEU A 53 -8.84 -1.95 1.88
CA LEU A 53 -10.26 -2.06 2.22
C LEU A 53 -10.51 -1.13 3.40
N LEU A 54 -11.48 -0.23 3.27
CA LEU A 54 -11.92 0.65 4.36
C LEU A 54 -13.33 0.25 4.73
N SER A 55 -13.52 -0.17 5.96
CA SER A 55 -14.78 -0.42 6.61
C SER A 55 -14.55 -0.56 8.11
N PRO A 56 -15.60 -0.50 8.92
CA PRO A 56 -16.96 -0.13 8.54
C PRO A 56 -17.07 1.39 8.35
N CYS A 57 -18.18 1.86 7.76
CA CYS A 57 -18.43 3.25 7.42
C CYS A 57 -19.83 3.63 7.92
N GLY A 58 -20.13 4.92 7.90
CA GLY A 58 -21.50 5.41 7.84
C GLY A 58 -21.82 5.87 6.43
N ASN A 59 -22.65 6.91 6.33
CA ASN A 59 -23.24 7.38 5.07
C ASN A 59 -22.45 8.53 4.46
N ALA A 60 -22.01 9.47 5.29
CA ALA A 60 -21.59 10.80 4.87
C ALA A 60 -20.12 10.78 4.44
N VAL A 61 -19.79 10.09 3.37
CA VAL A 61 -18.40 9.79 3.02
C VAL A 61 -18.12 10.39 1.65
N SER A 62 -17.33 11.46 1.57
CA SER A 62 -16.95 12.12 0.32
C SER A 62 -15.84 11.34 -0.39
N ALA A 63 -14.58 11.59 -0.04
CA ALA A 63 -13.37 11.12 -0.70
C ALA A 63 -12.21 11.26 0.29
N VAL A 64 -11.11 10.54 0.05
CA VAL A 64 -9.90 10.58 0.86
C VAL A 64 -8.67 10.82 -0.03
N LYS A 65 -7.50 11.08 0.58
CA LYS A 65 -6.21 11.06 -0.13
C LYS A 65 -5.33 9.98 0.50
N VAL A 66 -4.29 9.54 -0.20
CA VAL A 66 -3.69 8.23 0.01
C VAL A 66 -2.15 8.31 -0.09
N GLY A 67 -1.50 8.97 0.87
CA GLY A 67 -0.06 9.14 0.87
C GLY A 67 0.65 7.94 1.50
N PHE A 68 1.32 7.11 0.69
CA PHE A 68 2.11 5.96 1.11
C PHE A 68 3.46 6.45 1.62
N THR A 69 3.91 6.00 2.80
CA THR A 69 5.17 6.44 3.40
C THR A 69 5.93 5.24 3.98
N GLY A 70 7.26 5.23 3.84
CA GLY A 70 8.15 4.18 4.32
C GLY A 70 9.59 4.54 3.94
N VAL A 71 10.56 3.70 4.34
CA VAL A 71 11.97 3.89 4.03
C VAL A 71 12.18 3.60 2.54
N ALA A 72 12.66 4.59 1.79
CA ALA A 72 12.91 4.51 0.36
C ALA A 72 14.22 3.78 0.02
N ASP A 73 14.31 3.17 -1.17
CA ASP A 73 15.53 2.56 -1.70
C ASP A 73 16.37 3.63 -2.42
N SER A 74 17.64 3.78 -2.05
CA SER A 74 18.52 4.83 -2.55
C SER A 74 18.62 4.90 -4.07
N HIS A 75 18.46 3.78 -4.77
CA HIS A 75 18.68 3.73 -6.20
C HIS A 75 17.49 4.35 -6.93
N ASN A 76 16.28 4.23 -6.40
CA ASN A 76 15.06 4.76 -7.00
C ASN A 76 14.08 4.93 -5.85
N ALA A 77 14.07 6.11 -5.24
CA ALA A 77 13.51 6.36 -3.91
C ALA A 77 11.98 6.34 -3.87
N ASN A 78 11.35 6.04 -5.01
CA ASN A 78 9.92 5.75 -5.11
C ASN A 78 9.63 4.27 -4.91
N LEU A 79 10.65 3.42 -4.82
CA LEU A 79 10.51 2.04 -4.38
C LEU A 79 10.85 1.99 -2.90
N LEU A 80 10.10 1.15 -2.19
CA LEU A 80 10.20 0.95 -0.76
C LEU A 80 11.34 -0.02 -0.51
N ALA A 81 12.34 0.36 0.28
CA ALA A 81 13.45 -0.51 0.66
C ALA A 81 12.98 -1.64 1.56
N LEU A 82 13.86 -2.58 1.88
CA LEU A 82 13.62 -3.74 2.74
C LEU A 82 14.16 -3.46 4.14
N GLU A 83 13.99 -4.43 5.04
CA GLU A 83 14.51 -4.54 6.40
C GLU A 83 16.02 -4.30 6.53
N ASN A 84 16.75 -4.31 5.41
CA ASN A 84 18.13 -3.87 5.28
C ASN A 84 19.15 -4.75 6.01
N THR A 85 18.72 -5.90 6.52
CA THR A 85 19.50 -6.76 7.39
C THR A 85 20.50 -7.61 6.58
N VAL A 86 21.40 -8.30 7.27
CA VAL A 86 22.48 -9.17 6.80
C VAL A 86 22.05 -10.26 5.79
N SER A 87 20.75 -10.57 5.75
CA SER A 87 20.18 -11.59 4.89
C SER A 87 18.88 -11.11 4.22
N ALA A 88 18.69 -9.79 4.15
CA ALA A 88 17.76 -9.18 3.22
C ALA A 88 18.38 -9.17 1.83
N ALA A 89 17.54 -8.88 0.83
CA ALA A 89 18.01 -8.63 -0.51
C ALA A 89 18.80 -7.32 -0.58
N SER A 90 19.74 -7.28 -1.52
CA SER A 90 20.24 -6.04 -2.08
C SER A 90 19.39 -5.71 -3.30
N GLY A 91 19.19 -4.43 -3.61
CA GLY A 91 18.71 -3.97 -4.91
C GLY A 91 17.39 -4.58 -5.39
N LEU A 92 16.54 -5.04 -4.46
CA LEU A 92 15.22 -5.62 -4.74
C LEU A 92 14.17 -4.91 -3.91
N GLY A 93 14.02 -3.61 -4.10
CA GLY A 93 13.04 -2.82 -3.39
C GLY A 93 11.64 -3.34 -3.74
N ILE A 94 10.75 -3.21 -2.78
CA ILE A 94 9.33 -3.44 -2.87
C ILE A 94 8.78 -2.34 -3.80
N GLN A 95 7.86 -2.71 -4.69
CA GLN A 95 7.22 -1.80 -5.65
C GLN A 95 5.72 -1.86 -5.49
N LEU A 96 5.12 -0.76 -4.99
CA LEU A 96 3.68 -0.65 -4.73
C LEU A 96 3.14 0.42 -5.65
N LEU A 97 1.99 0.17 -6.29
CA LEU A 97 1.40 1.03 -7.31
C LEU A 97 -0.07 1.27 -6.98
N ASN A 98 -0.63 2.39 -7.44
CA ASN A 98 -2.09 2.54 -7.64
C ASN A 98 -2.51 1.87 -8.95
N GLU A 99 -3.81 1.74 -9.15
CA GLU A 99 -4.57 1.24 -10.31
C GLU A 99 -3.86 1.40 -11.66
N GLN A 100 -3.33 2.59 -11.99
CA GLN A 100 -2.63 2.85 -13.26
C GLN A 100 -1.28 2.15 -13.38
N GLN A 101 -0.93 1.34 -12.39
CA GLN A 101 0.33 0.66 -12.16
C GLN A 101 1.48 1.67 -12.14
N ASN A 102 1.20 2.91 -11.77
CA ASN A 102 2.14 4.00 -11.84
C ASN A 102 2.91 4.07 -10.53
N GLN A 103 4.19 4.40 -10.61
CA GLN A 103 5.15 4.31 -9.52
C GLN A 103 4.91 5.39 -8.47
N ILE A 104 3.90 5.16 -7.63
CA ILE A 104 3.42 6.11 -6.66
C ILE A 104 4.56 6.46 -5.69
N PRO A 105 5.01 7.72 -5.65
CA PRO A 105 6.16 8.12 -4.85
C PRO A 105 5.88 7.94 -3.36
N LEU A 106 6.91 7.51 -2.64
CA LEU A 106 6.95 7.54 -1.18
C LEU A 106 6.95 9.00 -0.75
N ASN A 107 6.45 9.25 0.46
CA ASN A 107 6.67 10.49 1.20
C ASN A 107 6.27 11.71 0.36
N ALA A 108 5.18 11.59 -0.40
CA ALA A 108 4.86 12.44 -1.53
C ALA A 108 3.77 13.48 -1.20
N PRO A 109 3.66 14.57 -1.98
CA PRO A 109 2.59 15.54 -1.86
C PRO A 109 1.33 14.98 -2.52
N SER A 110 0.18 15.24 -1.91
CA SER A 110 -1.14 14.74 -2.29
C SER A 110 -1.44 14.94 -3.78
N SER A 111 -0.87 15.98 -4.40
CA SER A 111 -0.92 16.25 -5.84
C SER A 111 -0.59 15.05 -6.75
N ALA A 112 0.10 14.02 -6.26
CA ALA A 112 0.53 12.90 -7.08
C ALA A 112 -0.45 11.73 -7.04
N LEU A 113 -1.46 11.72 -6.17
CA LEU A 113 -2.31 10.57 -5.89
C LEU A 113 -3.74 10.99 -5.52
N SER A 114 -4.75 10.10 -5.56
CA SER A 114 -6.15 10.41 -5.25
C SER A 114 -6.99 9.14 -4.98
N TRP A 115 -8.24 9.35 -4.56
CA TRP A 115 -9.26 8.33 -4.33
C TRP A 115 -10.50 8.68 -5.18
N THR A 116 -11.72 8.56 -4.63
CA THR A 116 -12.98 8.73 -5.34
C THR A 116 -14.13 8.84 -4.33
N THR A 117 -15.37 8.95 -4.83
CA THR A 117 -16.63 8.89 -4.10
C THR A 117 -16.65 7.64 -3.21
N LEU A 118 -16.40 7.80 -1.91
CA LEU A 118 -16.45 6.70 -0.96
C LEU A 118 -17.89 6.21 -0.84
N THR A 119 -18.17 5.04 -1.43
CA THR A 119 -19.42 4.30 -1.27
C THR A 119 -19.77 4.23 0.23
N PRO A 120 -20.98 4.62 0.65
CA PRO A 120 -21.39 4.51 2.05
C PRO A 120 -21.39 3.04 2.47
N GLY A 121 -21.23 2.79 3.78
CA GLY A 121 -21.40 1.50 4.43
C GLY A 121 -20.80 0.26 3.73
N LYS A 122 -19.71 0.39 2.94
CA LYS A 122 -19.21 -0.68 2.08
C LYS A 122 -17.70 -0.80 2.16
N PRO A 123 -17.10 -1.90 1.65
CA PRO A 123 -15.67 -2.19 1.75
C PRO A 123 -14.76 -1.25 0.93
N ASN A 124 -15.32 -0.21 0.29
CA ASN A 124 -14.59 0.92 -0.32
C ASN A 124 -13.48 0.50 -1.28
N THR A 125 -13.57 -0.71 -1.80
CA THR A 125 -12.47 -1.40 -2.41
C THR A 125 -12.05 -0.71 -3.69
N LEU A 126 -10.76 -0.44 -3.72
CA LEU A 126 -10.07 0.31 -4.74
C LEU A 126 -9.26 -0.66 -5.58
N ASN A 127 -8.47 -0.12 -6.49
CA ASN A 127 -7.61 -0.82 -7.40
C ASN A 127 -6.19 -0.37 -7.09
N PHE A 128 -5.34 -1.30 -6.65
CA PHE A 128 -3.94 -1.10 -6.34
C PHE A 128 -3.16 -2.33 -6.80
N TYR A 129 -1.83 -2.26 -6.76
CA TYR A 129 -0.94 -3.38 -7.01
C TYR A 129 0.26 -3.35 -6.05
N ALA A 130 0.98 -4.47 -5.93
CA ALA A 130 2.23 -4.59 -5.17
C ALA A 130 3.07 -5.72 -5.76
N ARG A 131 4.41 -5.62 -5.78
CA ARG A 131 5.35 -6.73 -5.92
C ARG A 131 6.77 -6.25 -5.60
N LEU A 132 7.80 -6.85 -6.20
CA LEU A 132 9.21 -6.50 -6.08
C LEU A 132 9.64 -5.78 -7.35
N MET A 133 10.76 -5.07 -7.31
CA MET A 133 11.40 -4.43 -8.48
C MET A 133 12.90 -4.58 -8.32
N ALA A 134 13.61 -5.03 -9.36
CA ALA A 134 15.06 -4.93 -9.37
C ALA A 134 15.45 -3.47 -9.56
N THR A 135 15.98 -2.84 -8.51
CA THR A 135 16.64 -1.56 -8.67
C THR A 135 18.07 -1.73 -9.18
N GLN A 136 18.70 -2.92 -9.02
CA GLN A 136 20.08 -3.21 -9.39
C GLN A 136 20.23 -4.70 -9.76
N VAL A 137 21.44 -5.13 -10.12
CA VAL A 137 21.82 -6.50 -10.46
C VAL A 137 22.79 -7.07 -9.38
N PRO A 138 22.46 -7.05 -8.07
CA PRO A 138 23.38 -7.56 -7.06
C PRO A 138 23.33 -9.09 -6.98
N VAL A 139 22.16 -9.66 -7.33
CA VAL A 139 21.80 -11.07 -7.33
C VAL A 139 22.40 -11.82 -6.13
N THR A 140 22.02 -11.34 -4.95
CA THR A 140 22.20 -12.04 -3.69
C THR A 140 20.80 -12.55 -3.33
N ALA A 141 20.68 -13.83 -2.98
CA ALA A 141 19.49 -14.39 -2.35
C ALA A 141 19.25 -13.75 -0.97
N GLY A 142 18.01 -13.77 -0.49
CA GLY A 142 17.59 -13.18 0.76
C GLY A 142 16.09 -13.40 0.97
N HIS A 143 15.60 -13.29 2.20
CA HIS A 143 14.16 -13.22 2.47
C HIS A 143 13.66 -11.84 2.09
N ILE A 144 12.36 -11.72 1.83
CA ILE A 144 11.66 -10.47 1.53
C ILE A 144 10.85 -10.13 2.76
N ASN A 145 11.15 -9.00 3.38
CA ASN A 145 10.48 -8.44 4.54
C ASN A 145 10.69 -6.95 4.43
N ALA A 146 9.61 -6.16 4.48
CA ALA A 146 9.69 -4.71 4.57
C ALA A 146 8.53 -4.21 5.42
N THR A 147 8.50 -2.91 5.68
CA THR A 147 7.49 -2.24 6.48
C THR A 147 7.25 -0.84 5.88
N ALA A 148 6.02 -0.32 6.02
CA ALA A 148 5.55 1.00 5.62
C ALA A 148 4.17 1.22 6.22
N THR A 149 3.56 2.39 5.98
CA THR A 149 2.14 2.61 6.22
C THR A 149 1.52 3.34 5.02
N PHE A 150 0.29 2.95 4.67
CA PHE A 150 -0.55 3.65 3.71
C PHE A 150 -1.37 4.67 4.49
N THR A 151 -0.94 5.94 4.54
CA THR A 151 -1.68 6.93 5.31
C THR A 151 -2.89 7.40 4.48
N LEU A 152 -3.95 7.81 5.16
CA LEU A 152 -5.27 8.08 4.59
C LEU A 152 -5.80 9.37 5.21
N GLU A 153 -5.70 10.45 4.46
CA GLU A 153 -6.25 11.74 4.81
C GLU A 153 -7.75 11.72 4.50
N TYR A 154 -8.55 11.40 5.51
CA TYR A 154 -9.99 11.59 5.46
C TYR A 154 -10.32 13.07 5.60
N GLN A 155 -11.47 13.51 5.08
CA GLN A 155 -11.80 14.93 5.09
C GLN A 155 -11.78 15.51 6.51
N ASP A 156 -12.26 14.75 7.50
CA ASP A 156 -12.42 15.19 8.87
C ASP A 156 -11.34 14.57 9.76
N ASN A 157 -10.17 15.20 9.71
CA ASN A 157 -9.08 14.97 10.64
C ASN A 157 -9.40 15.55 12.03
N HIS A 158 -10.16 16.63 12.10
CA HIS A 158 -10.42 17.32 13.37
C HIS A 158 -11.20 16.43 14.35
N HIS A 159 -12.39 15.95 13.99
CA HIS A 159 -13.11 14.88 14.69
C HIS A 159 -12.46 13.50 14.48
N HIS A 160 -11.16 13.32 14.20
CA HIS A 160 -10.61 11.96 14.24
C HIS A 160 -10.79 11.36 15.64
N HIS A 161 -10.91 10.04 15.72
CA HIS A 161 -11.03 9.29 16.97
C HIS A 161 -9.66 9.12 17.61
N HIS A 162 -8.80 8.20 17.13
CA HIS A 162 -7.46 7.98 17.68
C HIS A 162 -6.46 9.11 17.39
N HIS A 163 -6.85 10.15 16.64
CA HIS A 163 -5.99 11.30 16.32
C HIS A 163 -4.68 10.92 15.62
N LYS A 164 -4.64 9.79 14.89
CA LYS A 164 -3.62 9.55 13.87
C LYS A 164 -4.31 8.92 12.66
N GLN A 165 -3.53 8.55 11.66
CA GLN A 165 -3.89 7.69 10.54
C GLN A 165 -4.71 6.48 10.98
N ALA A 166 -5.28 5.83 9.99
CA ALA A 166 -5.36 4.37 9.84
C ALA A 166 -4.27 3.49 10.50
N ASP A 167 -3.09 4.02 10.80
CA ASP A 167 -1.91 3.39 11.40
C ASP A 167 -1.68 1.94 10.96
N SER A 168 -1.84 1.74 9.66
CA SER A 168 -1.96 0.47 9.01
C SER A 168 -0.60 -0.05 8.58
N THR A 169 -0.01 -0.86 9.46
CA THR A 169 1.22 -1.59 9.25
C THR A 169 1.07 -2.45 7.98
N ILE A 170 1.71 -2.05 6.88
CA ILE A 170 1.88 -2.92 5.71
C ILE A 170 3.04 -3.87 6.05
N THR A 171 2.98 -5.13 5.64
CA THR A 171 4.06 -6.10 5.84
C THR A 171 4.00 -7.07 4.66
N ILE A 172 4.76 -6.79 3.61
CA ILE A 172 4.86 -7.64 2.44
C ILE A 172 5.99 -8.66 2.69
N ARG A 173 5.81 -9.88 2.20
CA ARG A 173 6.66 -11.04 2.47
C ARG A 173 6.94 -11.81 1.19
N GLY A 174 7.94 -12.68 1.26
CA GLY A 174 8.32 -13.63 0.23
C GLY A 174 9.73 -14.14 0.54
N TYR A 175 10.31 -14.92 -0.37
CA TYR A 175 11.66 -15.45 -0.23
C TYR A 175 12.33 -15.42 -1.60
N VAL A 176 13.53 -14.84 -1.70
CA VAL A 176 14.32 -14.92 -2.92
C VAL A 176 15.12 -16.21 -2.84
N ARG A 177 14.87 -17.06 -3.82
CA ARG A 177 15.57 -18.31 -4.07
C ARG A 177 16.86 -17.86 -4.74
N ASP A 178 17.99 -18.48 -4.50
CA ASP A 178 19.25 -18.07 -5.13
C ASP A 178 19.32 -18.45 -6.61
N ASN A 179 18.41 -19.30 -7.10
CA ASN A 179 18.43 -19.83 -8.44
C ASN A 179 17.03 -20.04 -8.99
N MET A 1 -34.99 2.41 -2.01
CA MET A 1 -35.28 1.50 -3.11
C MET A 1 -34.09 1.52 -4.06
N ALA A 2 -33.97 2.57 -4.88
CA ALA A 2 -32.78 2.83 -5.68
C ALA A 2 -31.55 2.82 -4.76
N ASP A 3 -30.54 2.08 -5.19
CA ASP A 3 -29.40 1.66 -4.36
C ASP A 3 -28.44 2.81 -4.04
N SER A 4 -28.67 4.00 -4.59
CA SER A 4 -27.97 5.23 -4.24
C SER A 4 -28.26 5.67 -2.79
N THR A 5 -29.14 4.99 -2.06
CA THR A 5 -29.28 5.15 -0.63
C THR A 5 -29.49 3.77 -0.01
N ILE A 6 -28.83 3.55 1.12
CA ILE A 6 -28.66 2.27 1.80
C ILE A 6 -28.75 2.54 3.31
N THR A 7 -29.14 1.54 4.10
CA THR A 7 -29.54 1.75 5.49
C THR A 7 -28.35 1.97 6.43
N ILE A 8 -27.13 1.98 5.90
CA ILE A 8 -25.91 2.09 6.68
C ILE A 8 -25.87 3.37 7.52
N ARG A 9 -26.54 4.45 7.09
CA ARG A 9 -26.51 5.74 7.78
C ARG A 9 -26.86 5.55 9.26
N GLY A 10 -26.06 6.12 10.14
CA GLY A 10 -26.14 5.86 11.56
C GLY A 10 -25.33 4.61 11.82
N TYR A 11 -24.01 4.76 11.81
CA TYR A 11 -23.07 3.65 11.97
C TYR A 11 -22.10 3.95 13.10
N VAL A 12 -21.16 4.87 12.91
CA VAL A 12 -20.08 5.17 13.84
C VAL A 12 -19.78 6.64 13.62
N ARG A 13 -19.17 7.00 12.49
CA ARG A 13 -19.02 8.38 12.11
C ARG A 13 -19.28 8.51 10.63
N ASP A 14 -20.53 8.85 10.27
CA ASP A 14 -21.03 8.75 8.90
C ASP A 14 -20.15 9.47 7.87
N ASN A 15 -19.49 10.55 8.29
CA ASN A 15 -18.39 11.16 7.55
C ASN A 15 -17.08 10.49 7.96
N GLY A 16 -16.64 9.49 7.20
CA GLY A 16 -15.25 9.07 7.17
C GLY A 16 -15.07 7.64 7.62
N CYS A 17 -14.92 6.74 6.65
CA CYS A 17 -14.69 5.31 6.82
C CYS A 17 -13.56 5.03 7.80
N SER A 18 -13.76 4.07 8.69
CA SER A 18 -12.64 3.36 9.26
C SER A 18 -12.04 2.45 8.18
N VAL A 19 -10.74 2.27 8.27
CA VAL A 19 -10.02 1.18 7.62
C VAL A 19 -10.42 -0.12 8.32
N ALA A 20 -10.39 -1.26 7.61
CA ALA A 20 -10.66 -2.53 8.24
C ALA A 20 -9.44 -3.06 8.98
N ALA A 21 -9.71 -4.01 9.87
CA ALA A 21 -8.74 -4.88 10.50
C ALA A 21 -8.04 -5.80 9.50
N GLU A 22 -8.53 -5.92 8.27
CA GLU A 22 -7.84 -6.62 7.17
C GLU A 22 -7.03 -5.62 6.33
N SER A 23 -6.56 -4.53 6.94
CA SER A 23 -5.59 -3.63 6.37
C SER A 23 -4.62 -3.11 7.44
N THR A 24 -5.09 -2.56 8.56
CA THR A 24 -4.16 -2.32 9.66
C THR A 24 -3.80 -3.69 10.26
N ASN A 25 -2.57 -3.82 10.75
CA ASN A 25 -2.06 -5.03 11.44
C ASN A 25 -2.40 -6.29 10.63
N PHE A 26 -1.89 -6.40 9.40
CA PHE A 26 -2.12 -7.54 8.53
C PHE A 26 -0.81 -7.92 7.85
N THR A 27 -0.76 -9.04 7.14
CA THR A 27 0.35 -9.38 6.26
C THR A 27 -0.10 -9.22 4.82
N VAL A 28 0.79 -8.68 3.97
CA VAL A 28 0.67 -8.85 2.54
C VAL A 28 1.58 -10.04 2.19
N ASP A 29 0.94 -11.16 1.84
CA ASP A 29 1.66 -12.25 1.18
C ASP A 29 1.81 -11.80 -0.26
N LEU A 30 2.99 -12.03 -0.82
CA LEU A 30 3.34 -11.64 -2.17
C LEU A 30 4.09 -12.74 -2.92
N MET A 31 4.04 -13.98 -2.44
CA MET A 31 4.66 -15.17 -3.02
C MET A 31 6.21 -15.06 -3.13
N GLU A 32 6.86 -16.11 -3.60
CA GLU A 32 8.29 -16.11 -3.89
C GLU A 32 8.58 -15.32 -5.17
N ASN A 33 9.86 -15.06 -5.45
CA ASN A 33 10.34 -14.65 -6.76
C ASN A 33 11.71 -15.28 -7.00
N ALA A 34 12.21 -15.21 -8.23
CA ALA A 34 13.56 -15.62 -8.55
C ALA A 34 14.51 -14.43 -8.41
N ALA A 35 15.73 -14.69 -7.98
CA ALA A 35 16.86 -13.79 -8.16
C ALA A 35 17.17 -13.63 -9.64
N LYS A 36 16.99 -14.68 -10.46
CA LYS A 36 17.81 -14.81 -11.67
C LYS A 36 17.18 -14.10 -12.87
N GLN A 37 15.87 -13.86 -12.82
CA GLN A 37 15.12 -13.02 -13.76
C GLN A 37 15.61 -11.56 -13.73
N PHE A 38 16.17 -11.13 -12.60
CA PHE A 38 16.66 -9.77 -12.40
C PHE A 38 18.06 -9.64 -13.01
N ASN A 39 18.24 -8.80 -14.02
CA ASN A 39 19.56 -8.45 -14.55
C ASN A 39 19.63 -7.04 -15.12
N ASN A 40 18.80 -6.13 -14.61
CA ASN A 40 18.55 -4.77 -15.08
C ASN A 40 17.52 -4.10 -14.18
N ILE A 41 17.29 -2.82 -14.43
CA ILE A 41 16.53 -1.95 -13.55
C ILE A 41 15.09 -1.78 -14.07
N GLY A 42 14.76 -2.33 -15.25
CA GLY A 42 13.37 -2.52 -15.66
C GLY A 42 12.74 -3.76 -15.02
N ALA A 43 13.58 -4.66 -14.47
CA ALA A 43 13.23 -6.01 -14.13
C ALA A 43 12.18 -6.03 -13.02
N THR A 44 10.97 -6.40 -13.40
CA THR A 44 9.77 -6.30 -12.59
C THR A 44 9.12 -7.67 -12.50
N THR A 45 8.81 -8.09 -11.29
CA THR A 45 8.09 -9.33 -11.01
C THR A 45 6.59 -9.20 -11.34
N PRO A 46 5.88 -10.34 -11.52
CA PRO A 46 4.46 -10.34 -11.81
C PRO A 46 3.70 -9.80 -10.61
N VAL A 47 3.19 -8.57 -10.73
CA VAL A 47 2.36 -7.89 -9.76
C VAL A 47 1.23 -8.80 -9.24
N VAL A 48 0.91 -8.62 -7.96
CA VAL A 48 -0.06 -9.39 -7.20
C VAL A 48 -1.20 -8.45 -6.77
N PRO A 49 -2.48 -8.88 -6.86
CA PRO A 49 -3.63 -8.08 -6.49
C PRO A 49 -3.62 -7.80 -4.99
N PHE A 50 -4.23 -6.69 -4.59
CA PHE A 50 -4.30 -6.19 -3.23
C PHE A 50 -5.30 -5.04 -3.19
N ARG A 51 -5.67 -4.55 -2.00
CA ARG A 51 -6.48 -3.34 -1.80
C ARG A 51 -6.29 -2.82 -0.41
N ILE A 52 -6.68 -1.57 -0.20
CA ILE A 52 -7.08 -1.14 1.13
C ILE A 52 -8.59 -1.35 1.17
N LEU A 53 -9.03 -2.06 2.20
CA LEU A 53 -10.43 -2.32 2.53
C LEU A 53 -10.82 -1.26 3.57
N LEU A 54 -11.89 -0.50 3.31
CA LEU A 54 -12.42 0.46 4.25
C LEU A 54 -13.79 -0.04 4.69
N SER A 55 -13.85 -0.63 5.88
CA SER A 55 -15.09 -0.88 6.58
C SER A 55 -14.74 -0.86 8.07
N PRO A 56 -15.64 -0.45 8.97
CA PRO A 56 -16.97 0.04 8.66
C PRO A 56 -16.93 1.50 8.15
N CYS A 57 -17.80 1.82 7.20
CA CYS A 57 -17.99 3.15 6.63
C CYS A 57 -19.47 3.55 6.69
N GLY A 58 -19.76 4.82 6.37
CA GLY A 58 -21.06 5.46 6.44
C GLY A 58 -21.49 5.95 5.07
N ASN A 59 -22.66 6.58 5.02
CA ASN A 59 -23.30 6.97 3.76
C ASN A 59 -22.85 8.34 3.25
N ALA A 60 -22.07 9.11 4.01
CA ALA A 60 -21.83 10.53 3.75
C ALA A 60 -20.34 10.76 3.54
N VAL A 61 -19.86 10.26 2.41
CA VAL A 61 -18.46 10.25 2.02
C VAL A 61 -18.33 10.65 0.55
N SER A 62 -17.11 10.89 0.07
CA SER A 62 -16.85 11.42 -1.26
C SER A 62 -15.55 10.83 -1.83
N ALA A 63 -14.41 11.11 -1.19
CA ALA A 63 -13.08 10.60 -1.54
C ALA A 63 -12.12 10.81 -0.35
N VAL A 64 -10.89 10.31 -0.46
CA VAL A 64 -9.83 10.44 0.55
C VAL A 64 -8.52 10.89 -0.10
N LYS A 65 -7.50 11.14 0.71
CA LYS A 65 -6.16 11.54 0.31
C LYS A 65 -5.17 10.56 0.91
N VAL A 66 -4.57 9.74 0.05
CA VAL A 66 -3.66 8.68 0.45
C VAL A 66 -2.28 9.28 0.77
N GLY A 67 -1.68 8.84 1.87
CA GLY A 67 -0.34 9.21 2.28
C GLY A 67 0.49 7.96 2.46
N PHE A 68 1.10 7.45 1.39
CA PHE A 68 1.91 6.25 1.49
C PHE A 68 3.26 6.69 2.07
N THR A 69 3.56 6.30 3.31
CA THR A 69 4.81 6.64 3.96
C THR A 69 5.46 5.36 4.48
N GLY A 70 6.79 5.35 4.54
CA GLY A 70 7.61 4.16 4.77
C GLY A 70 9.07 4.50 4.49
N VAL A 71 9.97 3.56 4.75
CA VAL A 71 11.38 3.68 4.44
C VAL A 71 11.56 3.62 2.92
N ALA A 72 12.03 4.71 2.30
CA ALA A 72 12.32 4.76 0.87
C ALA A 72 13.67 4.09 0.58
N ASP A 73 13.85 3.55 -0.62
CA ASP A 73 15.13 2.97 -1.03
C ASP A 73 16.19 4.05 -1.28
N SER A 74 17.46 3.65 -1.40
CA SER A 74 18.60 4.49 -1.70
C SER A 74 18.63 4.88 -3.18
N HIS A 75 18.42 3.90 -4.06
CA HIS A 75 18.65 4.03 -5.51
C HIS A 75 17.46 4.69 -6.18
N ASN A 76 16.26 4.42 -5.68
CA ASN A 76 15.00 4.89 -6.22
C ASN A 76 14.10 5.08 -5.02
N ALA A 77 14.21 6.25 -4.38
CA ALA A 77 13.47 6.60 -3.15
C ALA A 77 11.95 6.62 -3.35
N ASN A 78 11.51 6.52 -4.60
CA ASN A 78 10.15 6.36 -5.05
C ASN A 78 9.58 5.07 -4.47
N LEU A 79 10.39 4.00 -4.44
CA LEU A 79 9.96 2.67 -4.03
C LEU A 79 10.29 2.44 -2.54
N LEU A 80 9.61 1.48 -1.92
CA LEU A 80 9.91 1.00 -0.58
C LEU A 80 11.29 0.36 -0.63
N ALA A 81 12.05 0.49 0.47
CA ALA A 81 13.21 -0.34 0.72
C ALA A 81 12.79 -1.76 1.12
N LEU A 82 13.43 -2.29 2.17
CA LEU A 82 13.51 -3.65 2.61
C LEU A 82 14.17 -3.63 4.01
N GLU A 83 14.33 -4.77 4.70
CA GLU A 83 14.91 -4.89 6.05
C GLU A 83 16.40 -4.49 6.12
N ASN A 84 17.07 -4.40 4.98
CA ASN A 84 18.47 -4.00 4.80
C ASN A 84 19.53 -4.89 5.41
N THR A 85 19.11 -6.07 5.77
CA THR A 85 19.83 -7.07 6.50
C THR A 85 20.80 -7.81 5.57
N VAL A 86 21.84 -8.45 6.09
CA VAL A 86 22.78 -9.21 5.26
C VAL A 86 22.08 -10.35 4.50
N SER A 87 21.04 -10.95 5.09
CA SER A 87 20.24 -12.03 4.50
C SER A 87 19.04 -11.51 3.70
N ALA A 88 18.99 -10.20 3.47
CA ALA A 88 17.98 -9.57 2.64
C ALA A 88 18.26 -9.86 1.17
N ALA A 89 17.35 -9.41 0.31
CA ALA A 89 17.75 -9.02 -1.03
C ALA A 89 18.64 -7.77 -0.93
N SER A 90 19.67 -7.72 -1.77
CA SER A 90 20.54 -6.56 -1.92
C SER A 90 19.86 -5.54 -2.84
N GLY A 91 19.68 -5.85 -4.12
CA GLY A 91 19.40 -4.87 -5.17
C GLY A 91 17.95 -4.92 -5.61
N LEU A 92 17.06 -5.11 -4.64
CA LEU A 92 15.63 -5.23 -4.84
C LEU A 92 14.99 -4.34 -3.77
N GLY A 93 13.82 -3.79 -4.04
CA GLY A 93 13.00 -3.11 -3.05
C GLY A 93 11.53 -3.23 -3.46
N ILE A 94 10.60 -2.88 -2.57
CA ILE A 94 9.19 -3.22 -2.80
C ILE A 94 8.51 -2.05 -3.51
N GLN A 95 8.09 -2.31 -4.73
CA GLN A 95 7.36 -1.43 -5.59
C GLN A 95 5.87 -1.59 -5.24
N LEU A 96 5.28 -0.62 -4.54
CA LEU A 96 3.85 -0.63 -4.21
C LEU A 96 3.14 0.31 -5.18
N LEU A 97 2.09 -0.17 -5.83
CA LEU A 97 1.41 0.56 -6.91
C LEU A 97 -0.09 0.63 -6.66
N ASN A 98 -0.74 1.49 -7.41
CA ASN A 98 -2.18 1.47 -7.68
C ASN A 98 -2.50 0.54 -8.87
N GLU A 99 -3.78 0.41 -9.27
CA GLU A 99 -4.22 -0.52 -10.33
C GLU A 99 -3.75 -0.13 -11.74
N GLN A 100 -3.39 1.14 -11.93
CA GLN A 100 -2.69 1.65 -13.11
C GLN A 100 -1.20 1.33 -13.05
N GLN A 101 -0.76 0.63 -12.00
CA GLN A 101 0.60 0.22 -11.73
C GLN A 101 1.57 1.40 -11.65
N ASN A 102 1.03 2.60 -11.39
CA ASN A 102 1.80 3.83 -11.46
C ASN A 102 2.62 3.96 -10.19
N GLN A 103 3.79 4.59 -10.31
CA GLN A 103 4.81 4.62 -9.28
C GLN A 103 4.37 5.56 -8.16
N ILE A 104 3.58 5.05 -7.22
CA ILE A 104 3.24 5.74 -5.99
C ILE A 104 4.55 6.08 -5.26
N PRO A 105 4.89 7.37 -5.12
CA PRO A 105 6.04 7.81 -4.36
C PRO A 105 5.71 7.76 -2.86
N LEU A 106 6.64 7.23 -2.08
CA LEU A 106 6.64 7.36 -0.64
C LEU A 106 6.88 8.81 -0.27
N ASN A 107 6.21 9.27 0.80
CA ASN A 107 6.37 10.59 1.43
C ASN A 107 6.19 11.72 0.42
N ALA A 108 5.02 11.76 -0.18
CA ALA A 108 4.61 12.62 -1.29
C ALA A 108 3.53 13.62 -0.84
N PRO A 109 3.14 14.63 -1.64
CA PRO A 109 1.97 15.43 -1.33
C PRO A 109 0.71 14.61 -1.60
N SER A 110 -0.44 15.08 -1.09
CA SER A 110 -1.73 14.46 -1.41
C SER A 110 -2.17 14.77 -2.86
N SER A 111 -1.47 15.64 -3.59
CA SER A 111 -1.72 15.93 -5.00
C SER A 111 -1.01 14.95 -5.95
N ALA A 112 -0.12 14.08 -5.46
CA ALA A 112 0.68 13.22 -6.33
C ALA A 112 -0.06 11.91 -6.68
N LEU A 113 -1.26 11.72 -6.17
CA LEU A 113 -2.11 10.54 -6.30
C LEU A 113 -3.57 10.98 -6.40
N SER A 114 -4.46 10.02 -6.59
CA SER A 114 -5.87 10.17 -6.85
C SER A 114 -6.65 9.14 -6.03
N TRP A 115 -7.96 9.34 -5.90
CA TRP A 115 -8.88 8.36 -5.36
C TRP A 115 -10.15 8.37 -6.22
N THR A 116 -11.13 7.57 -5.83
CA THR A 116 -12.40 7.44 -6.53
C THR A 116 -13.54 7.66 -5.54
N THR A 117 -14.74 7.77 -6.06
CA THR A 117 -15.99 7.95 -5.36
C THR A 117 -16.19 6.84 -4.34
N LEU A 118 -15.94 7.16 -3.07
CA LEU A 118 -16.16 6.28 -1.94
C LEU A 118 -17.64 5.90 -1.96
N THR A 119 -17.91 4.62 -2.21
CA THR A 119 -19.22 4.00 -2.20
C THR A 119 -19.87 4.30 -0.83
N PRO A 120 -21.16 4.67 -0.75
CA PRO A 120 -21.79 4.94 0.52
C PRO A 120 -21.95 3.60 1.25
N GLY A 121 -21.26 3.44 2.39
CA GLY A 121 -21.39 2.28 3.27
C GLY A 121 -21.17 0.94 2.56
N LYS A 122 -20.02 0.76 1.90
CA LYS A 122 -19.59 -0.50 1.28
C LYS A 122 -18.15 -0.77 1.72
N PRO A 123 -17.47 -1.88 1.30
CA PRO A 123 -16.09 -2.16 1.69
C PRO A 123 -15.07 -1.27 0.95
N ASN A 124 -15.53 -0.44 0.02
CA ASN A 124 -14.76 0.57 -0.70
C ASN A 124 -13.41 0.06 -1.23
N THR A 125 -13.37 -1.19 -1.69
CA THR A 125 -12.14 -1.77 -2.22
C THR A 125 -11.65 -0.94 -3.39
N LEU A 126 -10.35 -0.66 -3.33
CA LEU A 126 -9.54 0.01 -4.31
C LEU A 126 -8.53 -1.04 -4.72
N ASN A 127 -8.75 -1.69 -5.86
CA ASN A 127 -7.80 -2.69 -6.35
C ASN A 127 -6.51 -1.94 -6.62
N PHE A 128 -5.41 -2.45 -6.09
CA PHE A 128 -4.07 -1.91 -6.08
C PHE A 128 -3.12 -3.12 -6.15
N TYR A 129 -1.82 -2.88 -6.22
CA TYR A 129 -0.85 -3.96 -6.32
C TYR A 129 0.37 -3.68 -5.47
N ALA A 130 1.20 -4.69 -5.28
CA ALA A 130 2.60 -4.50 -4.98
C ALA A 130 3.38 -5.61 -5.70
N ARG A 131 4.68 -5.41 -5.89
CA ARG A 131 5.68 -6.44 -6.19
C ARG A 131 7.05 -5.86 -5.86
N LEU A 132 8.15 -6.47 -6.31
CA LEU A 132 9.47 -5.87 -6.13
C LEU A 132 9.91 -5.25 -7.44
N MET A 133 10.72 -4.20 -7.32
CA MET A 133 11.50 -3.61 -8.38
C MET A 133 12.95 -3.97 -8.11
N ALA A 134 13.67 -4.37 -9.16
CA ALA A 134 15.10 -4.50 -9.10
C ALA A 134 15.72 -3.12 -9.30
N THR A 135 16.30 -2.59 -8.25
CA THR A 135 17.04 -1.34 -8.28
C THR A 135 18.44 -1.58 -8.85
N GLN A 136 18.98 -2.81 -8.78
CA GLN A 136 20.32 -3.18 -9.25
C GLN A 136 20.36 -4.62 -9.78
N VAL A 137 21.55 -5.11 -10.14
CA VAL A 137 21.80 -6.44 -10.71
C VAL A 137 22.79 -7.19 -9.77
N PRO A 138 22.57 -7.32 -8.43
CA PRO A 138 23.51 -8.03 -7.59
C PRO A 138 23.17 -9.53 -7.49
N VAL A 139 21.89 -9.87 -7.67
CA VAL A 139 21.30 -11.23 -7.65
C VAL A 139 21.68 -12.10 -6.46
N THR A 140 21.89 -11.46 -5.30
CA THR A 140 21.97 -12.09 -4.02
C THR A 140 20.54 -12.38 -3.61
N ALA A 141 20.23 -13.67 -3.53
CA ALA A 141 19.01 -14.19 -2.93
C ALA A 141 18.98 -13.91 -1.41
N GLY A 142 17.81 -14.06 -0.81
CA GLY A 142 17.49 -13.60 0.53
C GLY A 142 15.99 -13.74 0.74
N HIS A 143 15.48 -13.27 1.88
CA HIS A 143 14.06 -13.12 2.17
C HIS A 143 13.61 -11.71 1.82
N ILE A 144 12.32 -11.57 1.50
CA ILE A 144 11.63 -10.31 1.33
C ILE A 144 11.03 -10.01 2.68
N ASN A 145 11.36 -8.84 3.23
CA ASN A 145 10.92 -8.34 4.51
C ASN A 145 11.05 -6.83 4.38
N ALA A 146 9.99 -6.07 4.60
CA ALA A 146 9.96 -4.61 4.48
C ALA A 146 8.97 -4.04 5.50
N THR A 147 8.84 -2.71 5.58
CA THR A 147 7.92 -2.04 6.49
C THR A 147 7.46 -0.71 5.91
N ALA A 148 6.16 -0.42 6.03
CA ALA A 148 5.58 0.90 5.73
C ALA A 148 4.29 1.11 6.52
N THR A 149 3.65 2.28 6.35
CA THR A 149 2.40 2.68 7.01
C THR A 149 1.60 3.55 6.02
N PHE A 150 0.49 3.04 5.48
CA PHE A 150 -0.28 3.68 4.40
C PHE A 150 -1.20 4.78 4.95
N THR A 151 -0.62 5.86 5.43
CA THR A 151 -1.19 6.87 6.32
C THR A 151 -2.08 7.88 5.56
N LEU A 152 -3.37 7.56 5.42
CA LEU A 152 -4.33 8.38 4.68
C LEU A 152 -5.21 9.24 5.59
N GLU A 153 -5.83 10.25 5.00
CA GLU A 153 -6.70 11.25 5.62
C GLU A 153 -7.85 11.56 4.67
N TYR A 154 -8.84 12.31 5.14
CA TYR A 154 -10.13 12.45 4.48
C TYR A 154 -10.33 13.89 4.05
N GLN A 155 -11.24 14.11 3.10
CA GLN A 155 -11.92 15.38 2.98
C GLN A 155 -12.97 15.42 4.09
N ASP A 156 -12.69 16.19 5.13
CA ASP A 156 -13.64 16.68 6.11
C ASP A 156 -13.33 18.16 6.35
N ASN A 157 -14.21 18.88 7.04
CA ASN A 157 -14.09 20.32 7.28
C ASN A 157 -13.74 20.66 8.73
N HIS A 158 -13.54 19.66 9.60
CA HIS A 158 -12.91 19.84 10.92
C HIS A 158 -12.12 18.57 11.18
N HIS A 159 -10.79 18.64 11.05
CA HIS A 159 -9.95 17.46 10.98
C HIS A 159 -9.90 16.81 12.36
N HIS A 160 -10.68 15.75 12.57
CA HIS A 160 -10.96 15.23 13.90
C HIS A 160 -9.70 14.74 14.61
N HIS A 161 -8.70 14.23 13.89
CA HIS A 161 -7.47 13.62 14.42
C HIS A 161 -7.67 12.41 15.34
N HIS A 162 -8.91 12.02 15.67
CA HIS A 162 -9.25 10.89 16.53
C HIS A 162 -8.78 9.53 16.02
N HIS A 163 -8.32 9.43 14.77
CA HIS A 163 -8.15 8.18 14.06
C HIS A 163 -6.69 8.05 13.67
N LYS A 164 -5.97 7.10 14.27
CA LYS A 164 -4.63 6.78 13.81
C LYS A 164 -4.74 6.03 12.51
N GLN A 165 -3.91 6.39 11.53
CA GLN A 165 -3.58 5.57 10.38
C GLN A 165 -2.07 5.55 10.12
N ALA A 166 -1.28 6.33 10.86
CA ALA A 166 0.17 6.36 10.79
C ALA A 166 0.82 5.18 11.53
N ASP A 167 0.08 4.09 11.73
CA ASP A 167 0.54 2.89 12.43
C ASP A 167 0.21 1.63 11.64
N SER A 168 -0.36 1.81 10.45
CA SER A 168 -0.99 0.80 9.62
C SER A 168 0.07 -0.13 9.01
N THR A 169 0.59 -1.00 9.87
CA THR A 169 1.77 -1.82 9.67
C THR A 169 1.60 -2.66 8.40
N ILE A 170 2.20 -2.21 7.31
CA ILE A 170 2.43 -2.96 6.09
C ILE A 170 3.74 -3.72 6.36
N THR A 171 3.72 -5.05 6.26
CA THR A 171 4.89 -5.88 6.10
C THR A 171 4.57 -6.83 4.95
N ILE A 172 5.47 -6.89 3.97
CA ILE A 172 5.27 -7.63 2.74
C ILE A 172 6.32 -8.74 2.74
N ARG A 173 5.94 -9.98 2.42
CA ARG A 173 6.78 -11.17 2.58
C ARG A 173 7.13 -11.81 1.24
N GLY A 174 7.89 -12.91 1.29
CA GLY A 174 8.27 -13.76 0.18
C GLY A 174 9.72 -14.21 0.34
N TYR A 175 10.22 -15.00 -0.61
CA TYR A 175 11.60 -15.47 -0.62
C TYR A 175 12.19 -15.29 -2.00
N VAL A 176 13.45 -14.83 -2.09
CA VAL A 176 14.17 -14.85 -3.36
C VAL A 176 14.75 -16.25 -3.55
N ARG A 177 14.36 -16.93 -4.63
CA ARG A 177 14.94 -18.17 -5.11
C ARG A 177 16.20 -17.84 -5.88
N ASP A 178 17.34 -18.41 -5.49
CA ASP A 178 18.59 -18.41 -6.26
C ASP A 178 18.51 -19.24 -7.56
N ASN A 179 17.31 -19.62 -7.99
CA ASN A 179 17.01 -20.42 -9.18
C ASN A 179 16.04 -19.65 -10.02
N MET A 1 -29.96 18.11 2.16
CA MET A 1 -29.58 16.93 2.95
C MET A 1 -30.19 15.73 2.27
N ALA A 2 -29.43 14.67 2.10
CA ALA A 2 -29.89 13.33 1.82
C ALA A 2 -29.02 12.39 2.65
N ASP A 3 -29.63 11.39 3.25
CA ASP A 3 -28.98 10.17 3.69
C ASP A 3 -29.06 9.15 2.54
N SER A 4 -28.54 7.94 2.77
CA SER A 4 -29.09 6.73 2.19
C SER A 4 -28.95 5.66 3.26
N THR A 5 -30.02 4.92 3.56
CA THR A 5 -30.00 3.78 4.45
C THR A 5 -28.90 2.82 3.97
N ILE A 6 -27.88 2.61 4.80
CA ILE A 6 -26.73 1.75 4.59
C ILE A 6 -26.40 1.17 5.97
N THR A 7 -25.58 0.13 6.05
CA THR A 7 -25.34 -0.52 7.33
C THR A 7 -24.52 0.40 8.25
N ILE A 8 -25.16 0.93 9.29
CA ILE A 8 -24.46 1.64 10.35
C ILE A 8 -24.03 0.56 11.35
N ARG A 9 -22.74 0.19 11.30
CA ARG A 9 -22.18 -0.94 12.03
C ARG A 9 -22.40 -0.78 13.54
N GLY A 10 -21.76 0.23 14.13
CA GLY A 10 -21.78 0.51 15.56
C GLY A 10 -21.74 2.01 15.72
N TYR A 11 -22.90 2.65 15.52
CA TYR A 11 -23.13 4.08 15.30
C TYR A 11 -21.89 4.75 14.70
N VAL A 12 -21.70 4.50 13.41
CA VAL A 12 -20.61 5.02 12.61
C VAL A 12 -20.93 6.48 12.31
N ARG A 13 -20.05 7.41 12.67
CA ARG A 13 -20.35 8.84 12.59
C ARG A 13 -20.23 9.43 11.18
N ASP A 14 -20.54 8.67 10.14
CA ASP A 14 -20.79 9.09 8.75
C ASP A 14 -20.10 10.41 8.40
N ASN A 15 -18.77 10.34 8.38
CA ASN A 15 -17.85 11.41 7.98
C ASN A 15 -16.51 10.78 7.65
N GLY A 16 -16.10 9.80 8.48
CA GLY A 16 -14.86 9.06 8.31
C GLY A 16 -15.14 7.59 8.06
N CYS A 17 -14.09 6.83 7.80
CA CYS A 17 -14.08 5.38 7.72
C CYS A 17 -12.84 4.95 8.48
N SER A 18 -12.91 3.89 9.28
CA SER A 18 -11.71 3.24 9.79
C SER A 18 -11.36 2.10 8.85
N VAL A 19 -10.06 1.92 8.64
CA VAL A 19 -9.49 0.83 7.87
C VAL A 19 -9.80 -0.47 8.63
N ALA A 20 -10.01 -1.58 7.91
CA ALA A 20 -10.17 -2.88 8.55
C ALA A 20 -8.83 -3.32 9.14
N ALA A 21 -8.86 -4.21 10.14
CA ALA A 21 -7.66 -4.84 10.70
C ALA A 21 -6.78 -5.43 9.60
N GLU A 22 -7.39 -6.02 8.56
CA GLU A 22 -6.73 -6.55 7.37
C GLU A 22 -6.10 -5.48 6.47
N SER A 23 -5.96 -4.25 6.94
CA SER A 23 -5.28 -3.15 6.29
C SER A 23 -4.59 -2.22 7.31
N THR A 24 -4.86 -2.28 8.62
CA THR A 24 -3.97 -1.68 9.59
C THR A 24 -2.70 -2.54 9.66
N ASN A 25 -2.77 -3.75 10.21
CA ASN A 25 -1.63 -4.67 10.36
C ASN A 25 -2.03 -6.02 9.78
N PHE A 26 -1.35 -6.43 8.71
CA PHE A 26 -1.62 -7.69 8.01
C PHE A 26 -0.46 -8.00 7.06
N THR A 27 -0.49 -9.21 6.48
CA THR A 27 0.52 -9.68 5.54
C THR A 27 -0.06 -9.80 4.12
N VAL A 28 0.78 -9.72 3.10
CA VAL A 28 0.44 -9.82 1.69
C VAL A 28 1.43 -10.78 1.04
N ASP A 29 0.92 -11.83 0.43
CA ASP A 29 1.68 -13.03 0.13
C ASP A 29 1.46 -13.30 -1.34
N LEU A 30 2.43 -12.91 -2.18
CA LEU A 30 2.19 -12.76 -3.61
C LEU A 30 2.46 -14.10 -4.28
N MET A 31 3.73 -14.52 -4.22
CA MET A 31 4.36 -15.61 -4.94
C MET A 31 5.77 -15.72 -4.37
N GLU A 32 6.60 -16.56 -4.96
CA GLU A 32 8.02 -16.66 -4.64
C GLU A 32 8.73 -16.12 -5.88
N ASN A 33 9.88 -15.46 -5.74
CA ASN A 33 10.69 -15.03 -6.90
C ASN A 33 12.08 -15.57 -6.72
N ALA A 34 12.78 -15.80 -7.83
CA ALA A 34 14.20 -16.01 -7.73
C ALA A 34 14.91 -14.66 -7.61
N ALA A 35 16.05 -14.69 -6.93
CA ALA A 35 17.07 -13.64 -7.04
C ALA A 35 17.48 -13.50 -8.50
N LYS A 36 17.63 -14.62 -9.21
CA LYS A 36 18.30 -14.68 -10.51
C LYS A 36 17.30 -14.47 -11.64
N GLN A 37 16.43 -13.48 -11.45
CA GLN A 37 15.78 -12.73 -12.52
C GLN A 37 16.06 -11.23 -12.40
N PHE A 38 16.72 -10.79 -11.32
CA PHE A 38 16.95 -9.38 -11.04
C PHE A 38 18.38 -9.02 -11.40
N ASN A 39 18.62 -9.01 -12.70
CA ASN A 39 19.93 -8.92 -13.35
C ASN A 39 20.05 -7.64 -14.19
N ASN A 40 19.18 -6.67 -13.93
CA ASN A 40 19.06 -5.30 -14.42
C ASN A 40 17.89 -4.67 -13.67
N ILE A 41 17.63 -3.38 -13.93
CA ILE A 41 16.68 -2.55 -13.21
C ILE A 41 15.27 -2.62 -13.83
N GLY A 42 15.15 -2.98 -15.11
CA GLY A 42 13.88 -3.17 -15.80
C GLY A 42 13.26 -4.55 -15.53
N ALA A 43 13.84 -5.34 -14.62
CA ALA A 43 13.32 -6.61 -14.18
C ALA A 43 12.09 -6.42 -13.27
N THR A 44 11.00 -5.91 -13.84
CA THR A 44 9.70 -5.69 -13.22
C THR A 44 8.95 -7.02 -13.23
N THR A 45 8.77 -7.65 -12.06
CA THR A 45 8.09 -8.94 -11.99
C THR A 45 6.62 -8.78 -12.38
N PRO A 46 5.95 -9.87 -12.83
CA PRO A 46 4.54 -9.84 -13.17
C PRO A 46 3.74 -9.41 -11.95
N VAL A 47 3.21 -8.19 -11.92
CA VAL A 47 2.55 -7.64 -10.75
C VAL A 47 1.42 -8.54 -10.21
N VAL A 48 1.02 -8.35 -8.95
CA VAL A 48 -0.05 -9.09 -8.31
C VAL A 48 -1.11 -8.08 -7.85
N PRO A 49 -2.39 -8.45 -7.84
CA PRO A 49 -3.46 -7.58 -7.35
C PRO A 49 -3.27 -7.33 -5.86
N PHE A 50 -3.62 -6.14 -5.41
CA PHE A 50 -3.60 -5.75 -4.00
C PHE A 50 -4.78 -4.81 -3.77
N ARG A 51 -5.16 -4.57 -2.52
CA ARG A 51 -6.16 -3.56 -2.19
C ARG A 51 -6.07 -3.18 -0.75
N ILE A 52 -6.75 -2.07 -0.46
CA ILE A 52 -7.04 -1.64 0.88
C ILE A 52 -8.55 -1.82 1.05
N LEU A 53 -8.98 -2.12 2.28
CA LEU A 53 -10.35 -2.45 2.62
C LEU A 53 -10.71 -1.53 3.78
N LEU A 54 -11.75 -0.73 3.57
CA LEU A 54 -12.12 0.37 4.45
C LEU A 54 -13.44 0.01 5.11
N SER A 55 -13.41 -0.48 6.35
CA SER A 55 -14.60 -0.68 7.13
C SER A 55 -14.26 -0.68 8.64
N PRO A 56 -15.12 -0.14 9.52
CA PRO A 56 -16.42 0.46 9.23
C PRO A 56 -16.30 1.80 8.48
N CYS A 57 -17.01 1.91 7.35
CA CYS A 57 -17.15 3.15 6.57
C CYS A 57 -18.59 3.63 6.68
N GLY A 58 -18.84 4.90 6.33
CA GLY A 58 -20.09 5.58 6.65
C GLY A 58 -20.99 5.79 5.44
N ASN A 59 -22.20 6.29 5.71
CA ASN A 59 -23.17 6.79 4.73
C ASN A 59 -22.65 8.04 4.02
N ALA A 60 -22.06 8.99 4.74
CA ALA A 60 -21.72 10.31 4.23
C ALA A 60 -20.21 10.49 4.26
N VAL A 61 -19.51 10.08 3.21
CA VAL A 61 -18.09 10.33 3.02
C VAL A 61 -17.89 10.66 1.53
N SER A 62 -16.89 11.48 1.20
CA SER A 62 -16.56 11.83 -0.19
C SER A 62 -15.43 10.92 -0.71
N ALA A 63 -14.19 11.19 -0.28
CA ALA A 63 -12.96 10.54 -0.75
C ALA A 63 -11.86 10.81 0.29
N VAL A 64 -10.64 10.37 0.02
CA VAL A 64 -9.52 10.47 0.97
C VAL A 64 -8.29 11.04 0.27
N LYS A 65 -7.26 11.36 1.04
CA LYS A 65 -5.91 11.53 0.48
C LYS A 65 -5.17 10.23 0.79
N VAL A 66 -4.21 9.81 -0.03
CA VAL A 66 -3.62 8.49 0.05
C VAL A 66 -2.10 8.63 0.13
N GLY A 67 -1.57 8.55 1.34
CA GLY A 67 -0.14 8.72 1.60
C GLY A 67 0.55 7.39 1.84
N PHE A 68 1.26 6.88 0.84
CA PHE A 68 2.18 5.77 1.05
C PHE A 68 3.45 6.37 1.65
N THR A 69 3.76 6.02 2.90
CA THR A 69 5.04 6.38 3.50
C THR A 69 5.68 5.10 4.06
N GLY A 70 7.01 5.08 4.15
CA GLY A 70 7.75 3.86 4.39
C GLY A 70 9.24 4.19 4.54
N VAL A 71 10.09 3.50 3.78
CA VAL A 71 11.49 3.82 3.59
C VAL A 71 11.71 3.94 2.09
N ALA A 72 12.12 5.11 1.62
CA ALA A 72 12.35 5.37 0.21
C ALA A 72 13.71 4.78 -0.14
N ASP A 73 13.73 3.83 -1.08
CA ASP A 73 14.95 3.16 -1.48
C ASP A 73 15.96 4.16 -2.05
N SER A 74 17.22 3.88 -1.78
CA SER A 74 18.38 4.64 -2.20
C SER A 74 18.38 4.88 -3.71
N HIS A 75 18.21 3.82 -4.50
CA HIS A 75 18.36 3.82 -5.95
C HIS A 75 17.15 4.42 -6.64
N ASN A 76 15.96 4.33 -6.04
CA ASN A 76 14.71 4.79 -6.65
C ASN A 76 13.72 4.99 -5.50
N ALA A 77 13.65 6.20 -4.98
CA ALA A 77 12.92 6.51 -3.75
C ALA A 77 11.41 6.21 -3.82
N ASN A 78 10.82 6.11 -5.02
CA ASN A 78 9.42 5.71 -5.20
C ASN A 78 9.21 4.24 -4.77
N LEU A 79 10.29 3.47 -4.64
CA LEU A 79 10.27 2.04 -4.38
C LEU A 79 10.60 1.89 -2.91
N LEU A 80 9.78 1.13 -2.19
CA LEU A 80 9.92 0.92 -0.76
C LEU A 80 11.10 -0.03 -0.52
N ALA A 81 12.12 0.36 0.25
CA ALA A 81 13.20 -0.57 0.57
C ALA A 81 12.69 -1.73 1.42
N LEU A 82 13.50 -2.79 1.50
CA LEU A 82 13.37 -3.87 2.45
C LEU A 82 13.66 -3.35 3.86
N GLU A 83 13.64 -4.25 4.84
CA GLU A 83 14.16 -4.06 6.18
C GLU A 83 15.65 -3.67 6.27
N ASN A 84 16.32 -3.49 5.13
CA ASN A 84 17.71 -3.07 4.98
C ASN A 84 18.60 -3.76 6.04
N THR A 85 18.50 -5.09 6.11
CA THR A 85 19.34 -5.90 6.97
C THR A 85 20.02 -6.96 6.09
N VAL A 86 21.09 -7.54 6.60
CA VAL A 86 21.93 -8.51 5.91
C VAL A 86 21.19 -9.83 5.64
N SER A 87 20.30 -10.24 6.54
CA SER A 87 19.43 -11.40 6.32
C SER A 87 18.44 -11.18 5.17
N ALA A 88 18.27 -9.93 4.74
CA ALA A 88 17.37 -9.55 3.67
C ALA A 88 18.16 -9.43 2.37
N ALA A 89 17.46 -9.47 1.24
CA ALA A 89 18.10 -9.35 -0.06
C ALA A 89 18.69 -7.95 -0.25
N SER A 90 19.45 -7.76 -1.33
CA SER A 90 20.09 -6.51 -1.74
C SER A 90 19.55 -6.14 -3.12
N GLY A 91 19.73 -4.89 -3.56
CA GLY A 91 19.43 -4.45 -4.94
C GLY A 91 18.00 -4.61 -5.37
N LEU A 92 17.09 -4.69 -4.41
CA LEU A 92 15.68 -4.88 -4.65
C LEU A 92 14.94 -3.84 -3.85
N GLY A 93 13.78 -3.43 -4.34
CA GLY A 93 12.84 -2.59 -3.63
C GLY A 93 11.45 -3.12 -3.94
N ILE A 94 10.48 -2.77 -3.14
CA ILE A 94 9.10 -3.16 -3.29
C ILE A 94 8.44 -2.11 -4.19
N GLN A 95 7.50 -2.56 -5.02
CA GLN A 95 6.75 -1.78 -5.97
C GLN A 95 5.26 -1.87 -5.66
N LEU A 96 4.65 -0.80 -5.15
CA LEU A 96 3.23 -0.72 -4.80
C LEU A 96 2.60 0.36 -5.64
N LEU A 97 1.60 0.00 -6.44
CA LEU A 97 1.00 0.89 -7.41
C LEU A 97 -0.48 1.10 -7.13
N ASN A 98 -0.98 2.21 -7.66
CA ASN A 98 -2.39 2.55 -7.82
C ASN A 98 -2.97 1.83 -9.02
N GLU A 99 -4.28 2.01 -9.27
CA GLU A 99 -5.04 1.36 -10.33
C GLU A 99 -4.30 1.46 -11.67
N GLN A 100 -3.86 2.67 -12.03
CA GLN A 100 -3.15 2.97 -13.28
C GLN A 100 -1.71 2.45 -13.30
N GLN A 101 -1.30 1.71 -12.27
CA GLN A 101 -0.01 1.06 -12.08
C GLN A 101 1.19 2.03 -12.07
N ASN A 102 0.91 3.32 -11.94
CA ASN A 102 1.81 4.42 -12.31
C ASN A 102 2.77 4.82 -11.17
N GLN A 103 3.70 3.92 -10.80
CA GLN A 103 4.84 4.06 -9.87
C GLN A 103 4.64 5.16 -8.83
N ILE A 104 3.80 4.90 -7.82
CA ILE A 104 3.40 5.95 -6.88
C ILE A 104 4.64 6.49 -6.15
N PRO A 105 4.78 7.80 -5.98
CA PRO A 105 5.81 8.38 -5.14
C PRO A 105 5.49 8.14 -3.67
N LEU A 106 6.47 7.62 -2.92
CA LEU A 106 6.48 7.67 -1.46
C LEU A 106 6.81 9.11 -1.05
N ASN A 107 6.49 9.45 0.20
CA ASN A 107 6.77 10.77 0.79
C ASN A 107 6.30 11.93 -0.12
N ALA A 108 5.11 11.77 -0.69
CA ALA A 108 4.57 12.66 -1.71
C ALA A 108 3.51 13.61 -1.11
N PRO A 109 3.23 14.76 -1.71
CA PRO A 109 2.14 15.62 -1.30
C PRO A 109 0.82 15.04 -1.80
N SER A 110 -0.29 15.45 -1.22
CA SER A 110 -1.62 15.05 -1.64
C SER A 110 -1.90 15.36 -3.12
N SER A 111 -1.16 16.25 -3.78
CA SER A 111 -1.40 16.55 -5.19
C SER A 111 -0.80 15.51 -6.16
N ALA A 112 0.07 14.60 -5.70
CA ALA A 112 0.71 13.64 -6.60
C ALA A 112 -0.16 12.40 -6.84
N LEU A 113 -1.31 12.30 -6.16
CA LEU A 113 -2.23 11.19 -6.16
C LEU A 113 -3.64 11.72 -5.83
N SER A 114 -4.68 10.91 -6.01
CA SER A 114 -6.01 11.17 -5.48
C SER A 114 -6.80 9.86 -5.48
N TRP A 115 -8.04 9.94 -5.02
CA TRP A 115 -8.89 8.82 -4.67
C TRP A 115 -10.30 9.05 -5.22
N THR A 116 -11.14 8.02 -5.16
CA THR A 116 -12.43 7.96 -5.82
C THR A 116 -13.57 8.24 -4.84
N THR A 117 -14.79 8.34 -5.35
CA THR A 117 -16.04 8.45 -4.58
C THR A 117 -16.19 7.18 -3.71
N LEU A 118 -15.88 7.28 -2.41
CA LEU A 118 -16.01 6.20 -1.45
C LEU A 118 -17.48 5.75 -1.47
N THR A 119 -17.71 4.47 -1.71
CA THR A 119 -19.04 3.85 -1.72
C THR A 119 -19.50 3.72 -0.27
N PRO A 120 -20.74 4.06 0.07
CA PRO A 120 -21.12 4.16 1.47
C PRO A 120 -21.21 2.78 2.10
N GLY A 121 -20.82 2.68 3.38
CA GLY A 121 -21.04 1.52 4.23
C GLY A 121 -20.66 0.17 3.61
N LYS A 122 -19.68 0.13 2.69
CA LYS A 122 -19.23 -1.06 1.97
C LYS A 122 -17.71 -1.22 2.19
N PRO A 123 -17.11 -2.38 1.83
CA PRO A 123 -15.71 -2.66 2.13
C PRO A 123 -14.73 -1.82 1.32
N ASN A 124 -15.20 -1.07 0.32
CA ASN A 124 -14.43 -0.13 -0.52
C ASN A 124 -13.12 -0.72 -1.03
N THR A 125 -13.17 -1.96 -1.48
CA THR A 125 -12.14 -2.53 -2.32
C THR A 125 -12.04 -1.70 -3.59
N LEU A 126 -10.86 -1.11 -3.75
CA LEU A 126 -10.37 -0.47 -4.95
C LEU A 126 -9.35 -1.40 -5.60
N ASN A 127 -8.86 -1.02 -6.77
CA ASN A 127 -7.99 -1.82 -7.62
C ASN A 127 -6.58 -1.27 -7.41
N PHE A 128 -5.76 -1.97 -6.63
CA PHE A 128 -4.35 -1.65 -6.45
C PHE A 128 -3.53 -2.85 -6.91
N TYR A 129 -2.21 -2.71 -6.95
CA TYR A 129 -1.30 -3.78 -7.32
C TYR A 129 -0.02 -3.67 -6.49
N ALA A 130 0.65 -4.78 -6.20
CA ALA A 130 1.95 -4.81 -5.54
C ALA A 130 2.82 -5.91 -6.15
N ARG A 131 4.13 -5.69 -6.20
CA ARG A 131 5.13 -6.73 -6.40
C ARG A 131 6.50 -6.21 -5.95
N LEU A 132 7.56 -6.95 -6.26
CA LEU A 132 8.95 -6.55 -6.12
C LEU A 132 9.37 -5.63 -7.27
N MET A 133 10.59 -5.12 -7.19
CA MET A 133 11.30 -4.34 -8.18
C MET A 133 12.79 -4.62 -8.03
N ALA A 134 13.57 -4.44 -9.09
CA ALA A 134 15.02 -4.43 -9.05
C ALA A 134 15.49 -2.99 -9.13
N THR A 135 16.59 -2.73 -8.45
CA THR A 135 17.25 -1.45 -8.36
C THR A 135 18.76 -1.63 -8.62
N GLN A 136 19.29 -2.82 -8.37
CA GLN A 136 20.65 -3.25 -8.67
C GLN A 136 20.61 -4.72 -9.06
N VAL A 137 21.77 -5.31 -9.34
CA VAL A 137 21.84 -6.69 -9.79
C VAL A 137 22.76 -7.50 -8.85
N PRO A 138 22.55 -7.48 -7.52
CA PRO A 138 23.45 -8.16 -6.60
C PRO A 138 23.09 -9.65 -6.49
N VAL A 139 21.84 -9.98 -6.80
CA VAL A 139 21.23 -11.31 -6.76
C VAL A 139 21.56 -12.11 -5.49
N THR A 140 21.60 -11.39 -4.37
CA THR A 140 21.69 -11.85 -3.01
C THR A 140 20.28 -12.27 -2.60
N ALA A 141 20.08 -13.58 -2.42
CA ALA A 141 18.87 -14.15 -1.85
C ALA A 141 18.55 -13.58 -0.46
N GLY A 142 17.35 -13.85 0.01
CA GLY A 142 16.88 -13.42 1.32
C GLY A 142 15.36 -13.56 1.40
N HIS A 143 14.84 -13.40 2.60
CA HIS A 143 13.43 -13.19 2.89
C HIS A 143 13.00 -11.77 2.49
N ILE A 144 11.68 -11.57 2.40
CA ILE A 144 11.03 -10.33 2.08
C ILE A 144 10.31 -9.88 3.36
N ASN A 145 10.72 -8.71 3.89
CA ASN A 145 10.34 -8.22 5.22
C ASN A 145 10.22 -6.69 5.23
N ALA A 146 10.01 -6.04 4.08
CA ALA A 146 9.75 -4.61 4.08
C ALA A 146 8.48 -4.35 4.89
N THR A 147 8.25 -3.09 5.22
CA THR A 147 7.19 -2.63 6.09
C THR A 147 6.94 -1.18 5.73
N ALA A 148 5.72 -0.71 5.95
CA ALA A 148 5.28 0.60 5.53
C ALA A 148 4.02 1.00 6.29
N THR A 149 3.68 2.27 6.19
CA THR A 149 2.49 2.85 6.78
C THR A 149 1.74 3.53 5.61
N PHE A 150 0.83 2.81 4.94
CA PHE A 150 -0.06 3.44 3.96
C PHE A 150 -1.17 4.08 4.80
N THR A 151 -1.20 5.41 4.80
CA THR A 151 -2.06 6.21 5.65
C THR A 151 -3.02 6.98 4.75
N LEU A 152 -4.22 7.23 5.25
CA LEU A 152 -5.31 7.80 4.47
C LEU A 152 -5.83 9.00 5.24
N GLU A 153 -6.19 10.07 4.53
CA GLU A 153 -6.63 11.34 5.13
C GLU A 153 -8.03 11.73 4.61
N TYR A 154 -9.05 11.33 5.38
CA TYR A 154 -10.48 11.47 5.09
C TYR A 154 -10.90 12.90 5.46
N GLN A 155 -12.07 13.34 4.99
CA GLN A 155 -12.48 14.75 5.03
C GLN A 155 -12.58 15.21 6.50
N ASP A 156 -11.66 16.04 6.95
CA ASP A 156 -11.61 16.59 8.31
C ASP A 156 -11.69 18.11 8.26
N ASN A 157 -12.27 18.67 9.32
CA ASN A 157 -12.31 20.09 9.56
C ASN A 157 -10.88 20.55 9.92
N HIS A 158 -10.51 20.36 11.19
CA HIS A 158 -9.14 20.34 11.68
C HIS A 158 -9.00 19.03 12.43
N HIS A 159 -7.80 18.48 12.46
CA HIS A 159 -7.27 17.64 13.52
C HIS A 159 -5.75 17.71 13.42
N HIS A 160 -4.99 17.10 14.34
CA HIS A 160 -3.54 17.03 14.22
C HIS A 160 -3.08 15.63 14.63
N HIS A 161 -2.62 14.83 13.65
CA HIS A 161 -2.27 13.42 13.77
C HIS A 161 -3.38 12.49 14.32
N HIS A 162 -4.58 12.99 14.60
CA HIS A 162 -5.66 12.25 15.27
C HIS A 162 -5.99 10.94 14.56
N HIS A 163 -6.05 10.91 13.22
CA HIS A 163 -6.37 9.67 12.51
C HIS A 163 -5.33 8.56 12.73
N LYS A 164 -4.08 8.92 13.09
CA LYS A 164 -2.84 8.15 13.18
C LYS A 164 -2.63 7.02 12.16
N GLN A 165 -3.37 6.96 11.07
CA GLN A 165 -3.29 5.98 9.99
C GLN A 165 -1.90 5.67 9.43
N ALA A 166 -0.86 6.44 9.77
CA ALA A 166 0.51 6.07 9.56
C ALA A 166 1.04 5.18 10.68
N ASP A 167 0.19 4.38 11.32
CA ASP A 167 0.60 3.34 12.26
C ASP A 167 0.19 1.93 11.79
N SER A 168 -0.44 1.85 10.62
CA SER A 168 -0.48 0.64 9.80
C SER A 168 0.93 0.07 9.68
N THR A 169 1.02 -1.25 9.63
CA THR A 169 2.23 -1.98 9.36
C THR A 169 1.85 -3.01 8.30
N ILE A 170 2.15 -2.69 7.06
CA ILE A 170 1.97 -3.58 5.92
C ILE A 170 3.17 -4.53 5.97
N THR A 171 3.01 -5.82 5.64
CA THR A 171 4.12 -6.73 5.44
C THR A 171 3.87 -7.51 4.15
N ILE A 172 4.64 -7.25 3.10
CA ILE A 172 4.61 -8.12 1.91
C ILE A 172 5.60 -9.26 2.16
N ARG A 173 5.38 -10.42 1.53
CA ARG A 173 6.24 -11.61 1.51
C ARG A 173 6.68 -11.87 0.07
N GLY A 174 7.57 -12.86 -0.11
CA GLY A 174 7.80 -13.47 -1.42
C GLY A 174 9.22 -13.96 -1.56
N TYR A 175 9.58 -14.99 -0.78
CA TYR A 175 10.94 -15.41 -0.46
C TYR A 175 11.87 -15.40 -1.69
N VAL A 176 13.08 -14.84 -1.55
CA VAL A 176 13.95 -14.68 -2.71
C VAL A 176 14.78 -15.97 -2.89
N ARG A 177 14.49 -16.71 -3.95
CA ARG A 177 15.10 -17.98 -4.32
C ARG A 177 16.44 -17.75 -5.00
N ASP A 178 17.52 -18.09 -4.32
CA ASP A 178 18.90 -17.90 -4.75
C ASP A 178 19.16 -18.33 -6.20
N ASN A 179 18.63 -19.48 -6.62
CA ASN A 179 18.65 -19.94 -8.01
C ASN A 179 17.38 -20.71 -8.29
N MET A 1 -19.72 12.11 -6.76
CA MET A 1 -20.15 11.45 -5.52
C MET A 1 -21.64 11.64 -5.31
N ALA A 2 -22.30 10.67 -4.68
CA ALA A 2 -23.64 10.84 -4.14
C ALA A 2 -23.86 9.88 -2.98
N ASP A 3 -24.84 10.22 -2.14
CA ASP A 3 -25.13 9.55 -0.87
C ASP A 3 -26.51 8.89 -1.01
N SER A 4 -26.70 7.64 -0.55
CA SER A 4 -27.98 6.91 -0.65
C SER A 4 -28.01 5.69 0.29
N THR A 5 -29.00 4.82 0.16
CA THR A 5 -29.06 3.56 0.90
C THR A 5 -28.05 2.58 0.30
N ILE A 6 -27.23 2.01 1.17
CA ILE A 6 -26.16 1.08 0.87
C ILE A 6 -26.02 0.11 2.06
N THR A 7 -25.00 -0.74 2.08
CA THR A 7 -24.84 -1.74 3.12
C THR A 7 -24.18 -1.14 4.36
N ILE A 8 -25.01 -0.71 5.32
CA ILE A 8 -24.55 -0.16 6.60
C ILE A 8 -24.05 -1.35 7.46
N ARG A 9 -24.97 -2.12 8.06
CA ARG A 9 -24.67 -3.06 9.15
C ARG A 9 -23.76 -2.40 10.20
N GLY A 10 -24.38 -1.59 11.06
CA GLY A 10 -23.69 -0.73 12.02
C GLY A 10 -23.05 0.46 11.31
N TYR A 11 -22.92 1.57 12.05
CA TYR A 11 -22.38 2.84 11.60
C TYR A 11 -21.65 3.39 12.82
N VAL A 12 -20.33 3.34 12.80
CA VAL A 12 -19.52 3.77 13.94
C VAL A 12 -18.99 5.18 13.69
N ARG A 13 -18.63 5.52 12.44
CA ARG A 13 -18.25 6.86 12.03
C ARG A 13 -18.73 7.01 10.58
N ASP A 14 -18.94 8.24 10.16
CA ASP A 14 -19.45 8.68 8.86
C ASP A 14 -18.32 9.40 8.14
N ASN A 15 -17.82 10.54 8.63
CA ASN A 15 -16.70 11.25 8.00
C ASN A 15 -15.42 10.52 8.39
N GLY A 16 -15.18 9.39 7.74
CA GLY A 16 -14.09 8.47 7.96
C GLY A 16 -14.66 7.07 8.06
N CYS A 17 -14.21 6.18 7.17
CA CYS A 17 -14.41 4.75 7.34
C CYS A 17 -13.48 4.29 8.45
N SER A 18 -14.01 3.52 9.39
CA SER A 18 -13.15 2.75 10.25
C SER A 18 -12.40 1.75 9.37
N VAL A 19 -11.11 1.61 9.66
CA VAL A 19 -10.30 0.59 9.02
C VAL A 19 -10.74 -0.76 9.59
N ALA A 20 -10.78 -1.77 8.72
CA ALA A 20 -10.88 -3.14 9.19
C ALA A 20 -9.57 -3.54 9.87
N ALA A 21 -9.69 -4.40 10.88
CA ALA A 21 -8.53 -4.97 11.56
C ALA A 21 -7.62 -5.72 10.57
N GLU A 22 -8.21 -6.50 9.66
CA GLU A 22 -7.53 -7.20 8.56
C GLU A 22 -6.93 -6.26 7.50
N SER A 23 -6.86 -4.96 7.75
CA SER A 23 -6.15 -3.97 6.96
C SER A 23 -5.21 -3.12 7.83
N THR A 24 -5.52 -2.92 9.11
CA THR A 24 -4.71 -2.08 9.98
C THR A 24 -3.34 -2.71 10.26
N ASN A 25 -3.28 -4.02 10.46
CA ASN A 25 -2.03 -4.75 10.60
C ASN A 25 -2.29 -6.13 10.05
N PHE A 26 -1.90 -6.31 8.80
CA PHE A 26 -2.17 -7.49 8.01
C PHE A 26 -0.94 -7.79 7.16
N THR A 27 -0.97 -8.91 6.47
CA THR A 27 0.19 -9.43 5.78
C THR A 27 -0.20 -9.68 4.32
N VAL A 28 0.68 -9.35 3.40
CA VAL A 28 0.46 -9.47 1.97
C VAL A 28 1.65 -10.23 1.45
N ASP A 29 1.38 -11.50 1.30
CA ASP A 29 2.12 -12.40 0.50
C ASP A 29 1.71 -12.20 -0.95
N LEU A 30 2.72 -12.28 -1.82
CA LEU A 30 2.60 -12.14 -3.25
C LEU A 30 2.88 -13.50 -3.86
N MET A 31 4.10 -14.02 -3.72
CA MET A 31 4.66 -15.15 -4.48
C MET A 31 6.14 -15.28 -4.16
N GLU A 32 6.76 -16.33 -4.69
CA GLU A 32 8.18 -16.59 -4.54
C GLU A 32 8.93 -15.95 -5.71
N ASN A 33 9.58 -14.83 -5.38
CA ASN A 33 10.60 -14.21 -6.20
C ASN A 33 11.72 -15.20 -6.49
N ALA A 34 12.60 -14.86 -7.42
CA ALA A 34 13.90 -15.48 -7.56
C ALA A 34 14.89 -14.34 -7.62
N ALA A 35 16.06 -14.54 -7.03
CA ALA A 35 17.15 -13.58 -7.06
C ALA A 35 17.58 -13.36 -8.51
N LYS A 36 17.77 -14.46 -9.26
CA LYS A 36 18.58 -14.41 -10.47
C LYS A 36 17.94 -13.67 -11.64
N GLN A 37 16.60 -13.57 -11.66
CA GLN A 37 15.89 -12.87 -12.73
C GLN A 37 16.23 -11.38 -12.78
N PHE A 38 16.50 -10.76 -11.63
CA PHE A 38 16.55 -9.33 -11.47
C PHE A 38 17.92 -8.82 -11.91
N ASN A 39 18.15 -8.83 -13.21
CA ASN A 39 19.47 -8.70 -13.82
C ASN A 39 19.58 -7.45 -14.71
N ASN A 40 18.68 -6.49 -14.49
CA ASN A 40 18.67 -5.12 -15.00
C ASN A 40 17.53 -4.36 -14.31
N ILE A 41 17.48 -3.04 -14.53
CA ILE A 41 16.65 -2.09 -13.80
C ILE A 41 15.24 -2.00 -14.40
N GLY A 42 14.98 -2.60 -15.57
CA GLY A 42 13.62 -2.77 -16.07
C GLY A 42 12.85 -3.84 -15.29
N ALA A 43 13.55 -4.73 -14.57
CA ALA A 43 12.99 -5.96 -14.02
C ALA A 43 11.84 -5.71 -13.03
N THR A 44 10.62 -5.73 -13.56
CA THR A 44 9.34 -5.52 -12.90
C THR A 44 8.64 -6.89 -12.93
N THR A 45 8.44 -7.49 -11.75
CA THR A 45 7.92 -8.85 -11.63
C THR A 45 6.42 -8.94 -12.01
N PRO A 46 5.81 -10.15 -12.11
CA PRO A 46 4.38 -10.27 -12.33
C PRO A 46 3.68 -9.75 -11.08
N VAL A 47 3.01 -8.61 -11.20
CA VAL A 47 2.34 -7.98 -10.08
C VAL A 47 1.23 -8.87 -9.52
N VAL A 48 0.88 -8.66 -8.26
CA VAL A 48 -0.16 -9.40 -7.56
C VAL A 48 -1.32 -8.46 -7.27
N PRO A 49 -2.58 -8.89 -7.41
CA PRO A 49 -3.75 -8.08 -7.11
C PRO A 49 -3.81 -7.84 -5.61
N PHE A 50 -3.96 -6.58 -5.21
CA PHE A 50 -3.90 -6.13 -3.84
C PHE A 50 -4.95 -5.04 -3.61
N ARG A 51 -5.31 -4.78 -2.35
CA ARG A 51 -6.14 -3.65 -1.94
C ARG A 51 -6.07 -3.43 -0.43
N ILE A 52 -6.36 -2.21 -0.04
CA ILE A 52 -6.78 -1.78 1.28
C ILE A 52 -8.24 -2.24 1.44
N LEU A 53 -8.67 -2.61 2.64
CA LEU A 53 -10.06 -2.90 2.99
C LEU A 53 -10.45 -1.90 4.06
N LEU A 54 -11.52 -1.15 3.83
CA LEU A 54 -12.00 -0.10 4.72
C LEU A 54 -13.48 -0.37 4.97
N SER A 55 -13.83 -0.74 6.20
CA SER A 55 -15.20 -0.93 6.63
C SER A 55 -15.18 -1.05 8.17
N PRO A 56 -16.27 -0.74 8.89
CA PRO A 56 -17.53 -0.13 8.44
C PRO A 56 -17.37 1.39 8.21
N CYS A 57 -18.41 2.03 7.68
CA CYS A 57 -18.43 3.44 7.29
C CYS A 57 -19.78 4.09 7.65
N GLY A 58 -20.05 5.27 7.09
CA GLY A 58 -21.37 5.89 6.99
C GLY A 58 -21.70 6.19 5.53
N ASN A 59 -22.73 7.01 5.31
CA ASN A 59 -23.25 7.39 4.00
C ASN A 59 -22.69 8.77 3.63
N ALA A 60 -21.36 8.78 3.55
CA ALA A 60 -20.46 9.92 3.51
C ALA A 60 -19.24 9.47 2.71
N VAL A 61 -18.11 9.90 3.21
CA VAL A 61 -16.76 9.70 2.75
C VAL A 61 -16.49 9.98 1.28
N SER A 62 -17.18 10.91 0.63
CA SER A 62 -17.25 10.98 -0.83
C SER A 62 -15.92 11.01 -1.61
N ALA A 63 -14.79 11.42 -1.01
CA ALA A 63 -13.42 11.09 -1.42
C ALA A 63 -12.46 11.47 -0.28
N VAL A 64 -11.14 11.29 -0.46
CA VAL A 64 -10.19 11.14 0.65
C VAL A 64 -8.78 11.41 0.10
N LYS A 65 -7.74 11.50 0.95
CA LYS A 65 -6.33 11.60 0.54
C LYS A 65 -5.59 10.37 1.05
N VAL A 66 -5.11 9.54 0.13
CA VAL A 66 -4.17 8.49 0.47
C VAL A 66 -2.80 9.15 0.59
N GLY A 67 -1.97 8.65 1.50
CA GLY A 67 -0.55 8.93 1.64
C GLY A 67 0.12 7.59 1.91
N PHE A 68 0.67 6.97 0.87
CA PHE A 68 1.50 5.77 0.96
C PHE A 68 2.90 6.23 1.30
N THR A 69 3.40 6.01 2.52
CA THR A 69 4.68 6.55 2.94
C THR A 69 5.49 5.46 3.65
N GLY A 70 6.75 5.28 3.28
CA GLY A 70 7.66 4.28 3.82
C GLY A 70 9.09 4.64 3.42
N VAL A 71 10.05 3.84 3.87
CA VAL A 71 11.45 4.18 3.75
C VAL A 71 11.90 4.08 2.28
N ALA A 72 12.54 5.14 1.81
CA ALA A 72 13.08 5.30 0.48
C ALA A 72 14.42 4.61 0.26
N ASP A 73 14.58 3.97 -0.90
CA ASP A 73 15.83 3.34 -1.34
C ASP A 73 16.78 4.32 -2.04
N SER A 74 18.08 4.07 -1.90
CA SER A 74 19.19 4.81 -2.49
C SER A 74 19.28 4.81 -4.02
N HIS A 75 18.59 3.92 -4.73
CA HIS A 75 18.72 3.80 -6.19
C HIS A 75 17.49 4.31 -6.88
N ASN A 76 16.33 4.22 -6.23
CA ASN A 76 15.12 4.83 -6.71
C ASN A 76 14.29 5.13 -5.48
N ALA A 77 14.35 6.36 -4.98
CA ALA A 77 13.78 6.71 -3.69
C ALA A 77 12.26 6.59 -3.65
N ASN A 78 11.58 6.45 -4.80
CA ASN A 78 10.15 6.14 -4.88
C ASN A 78 9.86 4.68 -4.55
N LEU A 79 10.87 3.80 -4.60
CA LEU A 79 10.72 2.36 -4.38
C LEU A 79 10.95 2.10 -2.90
N LEU A 80 10.03 1.36 -2.28
CA LEU A 80 10.04 1.04 -0.86
C LEU A 80 11.22 0.11 -0.60
N ALA A 81 12.20 0.55 0.20
CA ALA A 81 13.25 -0.35 0.65
C ALA A 81 12.67 -1.33 1.66
N LEU A 82 13.22 -2.52 1.63
CA LEU A 82 13.05 -3.59 2.61
C LEU A 82 13.89 -3.27 3.84
N GLU A 83 13.79 -4.12 4.86
CA GLU A 83 14.31 -3.92 6.21
C GLU A 83 15.83 -3.73 6.29
N ASN A 84 16.54 -3.85 5.16
CA ASN A 84 17.97 -3.52 5.00
C ASN A 84 18.82 -4.29 6.01
N THR A 85 18.68 -5.62 5.99
CA THR A 85 19.38 -6.55 6.87
C THR A 85 20.14 -7.55 6.02
N VAL A 86 21.02 -8.34 6.64
CA VAL A 86 21.82 -9.38 5.99
C VAL A 86 20.93 -10.36 5.21
N SER A 87 19.84 -10.81 5.83
CA SER A 87 18.99 -11.86 5.31
C SER A 87 17.92 -11.31 4.36
N ALA A 88 17.84 -9.99 4.17
CA ALA A 88 17.05 -9.37 3.11
C ALA A 88 17.92 -9.21 1.87
N ALA A 89 17.30 -9.13 0.70
CA ALA A 89 18.06 -8.95 -0.53
C ALA A 89 18.76 -7.58 -0.55
N SER A 90 19.67 -7.43 -1.50
CA SER A 90 20.17 -6.14 -1.97
C SER A 90 19.58 -5.90 -3.36
N GLY A 91 19.55 -4.63 -3.78
CA GLY A 91 19.26 -4.19 -5.13
C GLY A 91 17.81 -4.43 -5.58
N LEU A 92 16.91 -4.80 -4.66
CA LEU A 92 15.50 -5.09 -4.90
C LEU A 92 14.68 -4.21 -3.96
N GLY A 93 13.91 -3.29 -4.51
CA GLY A 93 12.91 -2.55 -3.74
C GLY A 93 11.54 -3.15 -3.98
N ILE A 94 10.65 -3.01 -3.01
CA ILE A 94 9.23 -3.24 -3.17
C ILE A 94 8.70 -2.13 -4.11
N GLN A 95 7.72 -2.46 -4.95
CA GLN A 95 7.06 -1.57 -5.89
C GLN A 95 5.56 -1.78 -5.76
N LEU A 96 4.82 -0.79 -5.24
CA LEU A 96 3.38 -0.85 -5.07
C LEU A 96 2.76 0.18 -5.99
N LEU A 97 1.61 -0.16 -6.57
CA LEU A 97 1.08 0.51 -7.74
C LEU A 97 -0.42 0.63 -7.57
N ASN A 98 -0.98 1.73 -8.07
CA ASN A 98 -2.43 1.88 -8.25
C ASN A 98 -2.80 1.09 -9.50
N GLU A 99 -4.09 0.77 -9.69
CA GLU A 99 -4.56 -0.10 -10.78
C GLU A 99 -4.17 0.39 -12.18
N GLN A 100 -3.80 1.66 -12.31
CA GLN A 100 -3.20 2.27 -13.49
C GLN A 100 -1.82 1.68 -13.85
N GLN A 101 -1.29 0.82 -12.98
CA GLN A 101 -0.02 0.13 -13.01
C GLN A 101 1.12 1.12 -13.23
N ASN A 102 1.20 2.17 -12.40
CA ASN A 102 2.32 3.10 -12.39
C ASN A 102 2.84 3.35 -10.99
N GLN A 103 4.08 3.83 -10.94
CA GLN A 103 4.89 4.06 -9.76
C GLN A 103 4.25 5.14 -8.90
N ILE A 104 3.54 4.72 -7.84
CA ILE A 104 3.24 5.60 -6.72
C ILE A 104 4.59 5.91 -6.03
N PRO A 105 4.89 7.18 -5.72
CA PRO A 105 6.00 7.52 -4.85
C PRO A 105 5.60 7.33 -3.38
N LEU A 106 6.59 7.41 -2.47
CA LEU A 106 6.40 7.15 -1.05
C LEU A 106 6.46 8.44 -0.26
N ASN A 107 7.68 8.90 -0.08
CA ASN A 107 8.15 10.09 0.64
C ASN A 107 7.77 11.34 -0.17
N ALA A 108 6.47 11.49 -0.40
CA ALA A 108 5.82 12.39 -1.34
C ALA A 108 4.75 13.21 -0.59
N PRO A 109 4.36 14.38 -1.12
CA PRO A 109 3.28 15.18 -0.55
C PRO A 109 1.93 14.59 -0.94
N SER A 110 0.86 15.08 -0.34
CA SER A 110 -0.50 14.63 -0.62
C SER A 110 -0.94 14.95 -2.06
N SER A 111 -0.17 15.79 -2.77
CA SER A 111 -0.42 16.31 -4.11
C SER A 111 0.15 15.42 -5.23
N ALA A 112 0.77 14.29 -4.91
CA ALA A 112 1.44 13.40 -5.88
C ALA A 112 0.68 12.11 -6.19
N LEU A 113 -0.36 11.80 -5.41
CA LEU A 113 -1.12 10.56 -5.45
C LEU A 113 -2.60 10.90 -5.57
N SER A 114 -3.37 9.97 -6.11
CA SER A 114 -4.75 10.17 -6.55
C SER A 114 -5.61 9.13 -5.85
N TRP A 115 -6.54 9.58 -4.99
CA TRP A 115 -7.52 8.69 -4.42
C TRP A 115 -8.67 8.48 -5.41
N THR A 116 -9.69 7.73 -4.99
CA THR A 116 -10.85 7.37 -5.76
C THR A 116 -12.04 7.38 -4.79
N THR A 117 -13.25 7.53 -5.33
CA THR A 117 -14.53 7.49 -4.63
C THR A 117 -14.56 6.37 -3.59
N LEU A 118 -14.36 6.77 -2.34
CA LEU A 118 -14.68 5.96 -1.17
C LEU A 118 -16.17 5.71 -1.26
N THR A 119 -16.54 4.46 -1.52
CA THR A 119 -17.94 4.07 -1.69
C THR A 119 -18.64 4.20 -0.33
N PRO A 120 -19.72 4.97 -0.18
CA PRO A 120 -20.45 5.03 1.08
C PRO A 120 -20.96 3.62 1.44
N GLY A 121 -21.02 3.31 2.74
CA GLY A 121 -21.39 2.02 3.32
C GLY A 121 -21.07 0.79 2.46
N LYS A 122 -19.78 0.49 2.27
CA LYS A 122 -19.30 -0.62 1.44
C LYS A 122 -18.06 -1.26 2.12
N PRO A 123 -17.41 -2.29 1.53
CA PRO A 123 -16.12 -2.84 2.01
C PRO A 123 -14.92 -2.03 1.49
N ASN A 124 -15.12 -1.03 0.64
CA ASN A 124 -14.10 -0.16 0.04
C ASN A 124 -12.86 -0.93 -0.42
N THR A 125 -13.08 -2.08 -1.04
CA THR A 125 -12.07 -2.77 -1.81
C THR A 125 -11.93 -2.00 -3.13
N LEU A 126 -10.82 -1.30 -3.30
CA LEU A 126 -10.44 -0.67 -4.57
C LEU A 126 -9.61 -1.69 -5.34
N ASN A 127 -8.84 -1.26 -6.34
CA ASN A 127 -8.01 -2.13 -7.18
C ASN A 127 -6.60 -1.56 -7.13
N PHE A 128 -5.61 -2.31 -6.64
CA PHE A 128 -4.19 -1.94 -6.61
C PHE A 128 -3.36 -3.19 -6.93
N TYR A 129 -2.04 -3.03 -7.03
CA TYR A 129 -1.12 -4.11 -7.23
C TYR A 129 0.16 -3.91 -6.40
N ALA A 130 0.91 -4.99 -6.16
CA ALA A 130 2.20 -4.97 -5.45
C ALA A 130 3.16 -5.97 -6.12
N ARG A 131 4.45 -5.64 -6.21
CA ARG A 131 5.54 -6.60 -6.40
C ARG A 131 6.92 -6.01 -6.06
N LEU A 132 8.00 -6.49 -6.69
CA LEU A 132 9.36 -6.00 -6.54
C LEU A 132 9.80 -5.35 -7.84
N MET A 133 10.68 -4.37 -7.71
CA MET A 133 11.44 -3.73 -8.77
C MET A 133 12.91 -3.94 -8.45
N ALA A 134 13.68 -4.43 -9.42
CA ALA A 134 15.13 -4.38 -9.30
C ALA A 134 15.62 -2.97 -9.58
N THR A 135 16.62 -2.54 -8.82
CA THR A 135 17.30 -1.28 -8.99
C THR A 135 18.81 -1.46 -9.09
N GLN A 136 19.33 -2.64 -8.70
CA GLN A 136 20.63 -3.16 -9.09
C GLN A 136 20.49 -4.66 -9.38
N VAL A 137 21.60 -5.29 -9.78
CA VAL A 137 21.62 -6.71 -10.15
C VAL A 137 22.61 -7.48 -9.24
N PRO A 138 22.52 -7.40 -7.90
CA PRO A 138 23.39 -8.18 -7.02
C PRO A 138 22.99 -9.66 -7.01
N VAL A 139 21.73 -9.95 -7.35
CA VAL A 139 21.11 -11.28 -7.34
C VAL A 139 21.45 -12.08 -6.05
N THR A 140 21.40 -11.40 -4.92
CA THR A 140 21.47 -11.93 -3.58
C THR A 140 20.08 -12.47 -3.27
N ALA A 141 20.04 -13.74 -2.91
CA ALA A 141 18.90 -14.32 -2.21
C ALA A 141 18.82 -13.73 -0.79
N GLY A 142 17.73 -13.03 -0.48
CA GLY A 142 17.37 -12.58 0.85
C GLY A 142 15.89 -12.22 0.88
N HIS A 143 15.13 -12.83 1.79
CA HIS A 143 13.68 -12.68 1.99
C HIS A 143 13.23 -11.23 1.86
N ILE A 144 12.09 -11.05 1.21
CA ILE A 144 11.43 -9.77 1.10
C ILE A 144 10.70 -9.59 2.43
N ASN A 145 11.14 -8.57 3.17
CA ASN A 145 10.61 -8.11 4.44
C ASN A 145 10.70 -6.60 4.34
N ALA A 146 9.59 -5.88 4.23
CA ALA A 146 9.58 -4.42 4.26
C ALA A 146 8.47 -3.97 5.19
N THR A 147 8.45 -2.68 5.50
CA THR A 147 7.47 -2.04 6.37
C THR A 147 7.23 -0.63 5.80
N ALA A 148 5.95 -0.23 5.77
CA ALA A 148 5.53 1.11 5.41
C ALA A 148 4.14 1.36 6.00
N THR A 149 3.67 2.59 5.83
CA THR A 149 2.47 3.13 6.45
C THR A 149 1.68 3.89 5.39
N PHE A 150 0.61 3.27 4.93
CA PHE A 150 -0.43 3.93 4.16
C PHE A 150 -1.34 4.63 5.16
N THR A 151 -1.84 5.80 4.81
CA THR A 151 -2.67 6.62 5.67
C THR A 151 -3.77 7.21 4.81
N LEU A 152 -5.02 7.08 5.23
CA LEU A 152 -6.17 7.61 4.53
C LEU A 152 -6.67 8.80 5.36
N GLU A 153 -6.26 10.00 5.00
CA GLU A 153 -6.73 11.22 5.63
C GLU A 153 -8.09 11.53 5.02
N TYR A 154 -9.14 10.95 5.63
CA TYR A 154 -10.53 11.25 5.34
C TYR A 154 -10.78 12.73 5.60
N GLN A 155 -11.61 13.37 4.77
CA GLN A 155 -12.10 14.70 5.07
C GLN A 155 -13.17 14.62 6.16
N ASP A 156 -13.46 15.75 6.80
CA ASP A 156 -14.40 15.95 7.88
C ASP A 156 -14.85 17.42 7.75
N ASN A 157 -16.02 17.76 8.28
CA ASN A 157 -16.51 19.14 8.30
C ASN A 157 -15.96 19.93 9.50
N HIS A 158 -15.29 19.25 10.43
CA HIS A 158 -14.52 19.80 11.53
C HIS A 158 -13.11 19.23 11.48
N HIS A 159 -12.19 19.77 12.28
CA HIS A 159 -10.78 19.41 12.23
C HIS A 159 -10.24 19.40 13.64
N HIS A 160 -9.51 18.35 14.00
CA HIS A 160 -8.91 18.15 15.33
C HIS A 160 -7.42 17.84 15.19
N HIS A 161 -6.79 18.36 14.14
CA HIS A 161 -5.35 18.34 13.89
C HIS A 161 -4.71 16.95 13.77
N HIS A 162 -5.49 15.90 13.45
CA HIS A 162 -5.01 14.51 13.31
C HIS A 162 -3.62 14.47 12.68
N HIS A 163 -2.62 13.94 13.38
CA HIS A 163 -1.25 13.89 12.87
C HIS A 163 -1.20 13.03 11.62
N LYS A 164 -1.60 11.77 11.72
CA LYS A 164 -2.04 10.95 10.59
C LYS A 164 -3.29 10.19 11.02
N GLN A 165 -3.84 9.38 10.14
CA GLN A 165 -4.90 8.41 10.43
C GLN A 165 -4.48 7.51 11.61
N ALA A 166 -3.62 6.54 11.32
CA ALA A 166 -3.14 5.50 12.22
C ALA A 166 -1.93 4.85 11.54
N ASP A 167 -1.26 3.94 12.23
CA ASP A 167 -0.21 3.10 11.66
C ASP A 167 -0.85 1.89 10.99
N SER A 168 -1.40 2.05 9.79
CA SER A 168 -1.78 0.90 8.98
C SER A 168 -0.48 0.25 8.48
N THR A 169 -0.01 -0.75 9.23
CA THR A 169 1.24 -1.44 9.03
C THR A 169 1.13 -2.31 7.77
N ILE A 170 1.81 -1.92 6.70
CA ILE A 170 2.00 -2.73 5.49
C ILE A 170 3.24 -3.59 5.76
N THR A 171 3.13 -4.92 5.69
CA THR A 171 4.23 -5.87 5.82
C THR A 171 4.11 -6.94 4.73
N ILE A 172 4.69 -6.61 3.57
CA ILE A 172 4.68 -7.44 2.39
C ILE A 172 5.76 -8.52 2.53
N ARG A 173 5.35 -9.79 2.40
CA ARG A 173 6.23 -10.95 2.44
C ARG A 173 6.77 -11.23 1.05
N GLY A 174 7.86 -11.97 0.97
CA GLY A 174 8.27 -12.67 -0.23
C GLY A 174 9.56 -13.40 0.04
N TYR A 175 10.04 -14.15 -0.95
CA TYR A 175 11.28 -14.86 -0.84
C TYR A 175 11.85 -14.91 -2.23
N VAL A 176 13.07 -14.40 -2.40
CA VAL A 176 13.86 -14.67 -3.59
C VAL A 176 14.50 -16.03 -3.36
N ARG A 177 14.21 -16.94 -4.26
CA ARG A 177 14.95 -18.19 -4.38
C ARG A 177 16.26 -17.85 -5.06
N ASP A 178 17.37 -18.43 -4.65
CA ASP A 178 18.62 -18.25 -5.41
C ASP A 178 18.57 -18.96 -6.77
N ASN A 179 17.60 -19.86 -6.97
CA ASN A 179 17.03 -20.22 -8.27
C ASN A 179 15.55 -20.54 -8.09
#